data_7BOY
#
_entry.id   7BOY
#
_entity_poly.entity_id   1
_entity_poly.type   'polypeptide(L)'
_entity_poly.pdbx_seq_one_letter_code
;MALISQSIKNLKGGISQQPDILRYPDQGSRQVNGWSSETEGLQKRPPLVFLNTLGDNGALGQAPYIHLINRDEHEQYYAV
FTGSGIRVFDLSGNEKQVRYPNGSNYIKTANPRNDLRMVTVADYTFIVNRNVVAQKNTKSVNLPNYNPNQDGLINVRGGQ
YGRELIVHINGKDVAKYKIPDGSQPEHVNNTDAQWLAEELAKQMRTNLSDWTVNVGQGFIHVTAPSGQQIDSFTTKDGYA
DQLINPVTHYAQSFSKLPPNAPNGYMVKIVGDASKSADQYYVRYDAERKVWTETLGWNTEDQVLWETMPHALVRAADGNF
DFKWLEWSPKSCGDVDTNPWPSFVGSSINDVFFFRNRLGFLSGENIILSRTAKYFNFYPASIANLSDDDPIDVAVSTNRI
AILKYAVPFSEELLIWSDEAQFVLTASGTLTSKSVELNLTTQFDVQDRARPFGIGRNVYFASPRSSFTSIHRYYAVQDVS
SVKNAEDITSHVPNYIPNGVFSICGSGTENFCSVLSHGDPSKIFMYKFLYLNEELRQQSWSHWDFGENVQVLACQSISSD
MYVILRNEFNTFLARISFTKNAIDLQGEPYRAFMDMKIRYTIPSGTYNDDTFTTSIHIPTIYGANFGRGKITVLEPDGKI
TVFEQPTAGWNSDPWLRLSGNLEGRMVYIGFNINFVYEFSKFLIKQTADDGSTSTEDIGRLQLRRAWVNYENSGTFDIYV
ENQSSNWKYTMAGARLGSNTLRAGRLNLGTGQYRFPVVGNAKFNTVYILSDETTPLNIIGCGWEGNYLRRSSGI
;
_entity_poly.pdbx_strand_id   s,t,u,v,w,x
#
# COMPACT_ATOMS: atom_id res chain seq x y z
N LEU A 3 -23.03 -52.23 -19.71
CA LEU A 3 -22.52 -52.61 -18.40
C LEU A 3 -21.41 -51.63 -18.06
N ILE A 4 -21.61 -50.81 -17.03
CA ILE A 4 -20.66 -49.76 -16.72
C ILE A 4 -19.94 -50.09 -15.43
N SER A 5 -18.92 -49.31 -15.13
CA SER A 5 -18.09 -49.50 -13.95
C SER A 5 -17.25 -48.25 -13.74
N GLN A 6 -16.96 -47.97 -12.47
CA GLN A 6 -16.07 -46.87 -12.16
C GLN A 6 -15.44 -47.11 -10.81
N SER A 7 -14.23 -46.59 -10.66
CA SER A 7 -13.47 -46.78 -9.43
C SER A 7 -13.37 -45.46 -8.69
N ILE A 8 -13.63 -45.53 -7.39
CA ILE A 8 -13.44 -44.39 -6.51
C ILE A 8 -12.00 -44.46 -6.04
N LYS A 9 -11.17 -43.50 -6.46
CA LYS A 9 -9.72 -43.66 -6.34
C LYS A 9 -9.26 -43.47 -4.91
N ASN A 10 -9.85 -42.51 -4.20
CA ASN A 10 -9.46 -42.20 -2.83
C ASN A 10 -10.62 -42.57 -1.92
N LEU A 11 -10.41 -42.43 -0.62
CA LEU A 11 -11.50 -42.48 0.34
C LEU A 11 -11.42 -41.35 1.34
N LYS A 12 -11.05 -40.16 0.90
CA LYS A 12 -10.92 -38.99 1.76
C LYS A 12 -11.99 -37.95 1.41
N GLY A 13 -13.03 -37.85 2.23
CA GLY A 13 -13.24 -38.71 3.37
C GLY A 13 -14.35 -38.24 4.27
N GLY A 14 -14.77 -39.10 5.17
CA GLY A 14 -15.58 -38.67 6.28
C GLY A 14 -17.06 -38.74 6.02
N ILE A 15 -17.80 -38.19 6.99
CA ILE A 15 -19.25 -38.19 6.94
C ILE A 15 -19.68 -37.24 5.83
N SER A 16 -20.84 -37.50 5.25
CA SER A 16 -21.51 -36.50 4.42
C SER A 16 -23.00 -36.70 4.62
N GLN A 17 -23.60 -35.93 5.51
CA GLN A 17 -25.03 -36.06 5.79
C GLN A 17 -25.90 -35.43 4.72
N GLN A 18 -25.28 -34.83 3.70
CA GLN A 18 -25.98 -34.47 2.47
C GLN A 18 -26.46 -35.75 1.80
N PRO A 19 -27.66 -35.75 1.20
CA PRO A 19 -28.19 -36.98 0.58
C PRO A 19 -27.37 -37.45 -0.61
N ASP A 20 -27.40 -38.76 -0.83
CA ASP A 20 -26.36 -39.46 -1.57
C ASP A 20 -26.39 -39.19 -3.07
N ILE A 21 -27.46 -38.59 -3.58
CA ILE A 21 -27.45 -38.23 -4.99
C ILE A 21 -26.82 -36.86 -5.17
N LEU A 22 -26.53 -36.17 -4.06
CA LEU A 22 -25.86 -34.88 -4.13
C LEU A 22 -24.36 -35.03 -3.87
N ARG A 23 -23.99 -35.94 -2.97
CA ARG A 23 -22.66 -35.92 -2.39
C ARG A 23 -21.62 -36.40 -3.39
N TYR A 24 -20.36 -36.10 -3.07
CA TYR A 24 -19.25 -36.51 -3.90
C TYR A 24 -18.97 -37.99 -3.69
N PRO A 25 -18.13 -38.60 -4.52
CA PRO A 25 -17.42 -39.80 -4.06
C PRO A 25 -16.34 -39.39 -3.09
N ASP A 26 -15.72 -40.41 -2.47
CA ASP A 26 -14.78 -40.41 -1.34
C ASP A 26 -15.51 -40.19 -0.02
N GLN A 27 -16.81 -39.91 -0.03
CA GLN A 27 -17.52 -39.48 1.17
C GLN A 27 -18.46 -40.61 1.60
N GLY A 28 -18.11 -41.27 2.70
CA GLY A 28 -18.97 -42.30 3.25
C GLY A 28 -20.11 -41.69 4.04
N SER A 29 -21.04 -42.56 4.46
CA SER A 29 -22.19 -42.10 5.20
C SER A 29 -21.99 -42.19 6.70
N ARG A 30 -21.16 -43.12 7.17
CA ARG A 30 -20.65 -42.99 8.52
C ARG A 30 -19.25 -43.56 8.57
N GLN A 31 -18.51 -43.12 9.59
CA GLN A 31 -17.11 -43.47 9.76
C GLN A 31 -16.70 -43.26 11.21
N VAL A 32 -16.30 -44.35 11.85
CA VAL A 32 -15.92 -44.36 13.25
C VAL A 32 -14.51 -44.94 13.33
N ASN A 33 -13.63 -44.28 14.09
CA ASN A 33 -12.25 -44.69 14.36
C ASN A 33 -11.42 -44.79 13.09
N GLY A 34 -11.77 -44.01 12.08
CA GLY A 34 -11.04 -44.02 10.83
C GLY A 34 -9.98 -42.93 10.80
N TRP A 35 -8.95 -43.15 9.99
CA TRP A 35 -7.87 -42.18 9.82
C TRP A 35 -7.54 -42.06 8.35
N SER A 36 -8.23 -41.16 7.67
CA SER A 36 -8.07 -40.96 6.23
C SER A 36 -6.78 -40.17 5.98
N SER A 37 -5.69 -40.89 5.77
CA SER A 37 -4.41 -40.23 5.54
C SER A 37 -4.32 -39.72 4.10
N GLU A 38 -3.15 -39.16 3.77
CA GLU A 38 -2.96 -38.60 2.44
C GLU A 38 -2.73 -39.70 1.41
N THR A 39 -1.70 -40.52 1.62
CA THR A 39 -1.37 -41.56 0.66
C THR A 39 -2.18 -42.83 0.89
N GLU A 40 -2.04 -43.43 2.07
CA GLU A 40 -2.95 -44.49 2.46
C GLU A 40 -4.31 -43.88 2.76
N GLY A 41 -5.35 -44.65 2.52
CA GLY A 41 -6.69 -44.15 2.71
C GLY A 41 -7.13 -44.34 4.14
N LEU A 42 -8.22 -45.09 4.28
CA LEU A 42 -8.75 -45.43 5.59
C LEU A 42 -7.78 -46.29 6.38
N GLN A 43 -7.57 -45.92 7.63
CA GLN A 43 -6.81 -46.72 8.57
C GLN A 43 -7.57 -46.73 9.89
N LYS A 44 -7.18 -47.64 10.77
CA LYS A 44 -7.60 -47.52 12.15
C LYS A 44 -6.81 -46.42 12.82
N ARG A 45 -7.45 -45.70 13.73
CA ARG A 45 -6.73 -44.74 14.54
C ARG A 45 -5.77 -45.49 15.46
N PRO A 46 -4.58 -44.94 15.71
CA PRO A 46 -3.61 -45.64 16.55
C PRO A 46 -4.05 -45.67 18.00
N PRO A 47 -3.65 -46.69 18.76
CA PRO A 47 -4.33 -46.98 20.04
C PRO A 47 -3.93 -46.07 21.18
N LEU A 48 -4.56 -46.32 22.32
CA LEU A 48 -4.28 -45.61 23.56
C LEU A 48 -3.21 -46.37 24.36
N VAL A 49 -2.54 -45.71 25.26
CA VAL A 49 -1.64 -46.43 26.10
C VAL A 49 -1.91 -45.94 27.51
N PHE A 50 -1.67 -46.76 28.51
CA PHE A 50 -2.36 -46.51 29.76
C PHE A 50 -1.62 -45.85 30.89
N LEU A 51 -0.93 -44.78 30.58
CA LEU A 51 -0.26 -44.02 31.60
C LEU A 51 -1.20 -42.93 32.00
N ASN A 52 -1.74 -42.99 33.21
CA ASN A 52 -1.86 -44.21 33.96
C ASN A 52 -3.22 -44.25 34.64
N THR A 53 -3.44 -43.47 35.67
CA THR A 53 -4.78 -43.23 36.13
C THR A 53 -4.70 -42.08 37.08
N LEU A 54 -5.79 -41.37 37.34
CA LEU A 54 -5.73 -40.31 38.34
C LEU A 54 -6.90 -40.10 39.26
N GLY A 55 -7.91 -40.93 39.21
CA GLY A 55 -9.17 -40.55 39.82
C GLY A 55 -10.29 -41.50 40.09
N ASP A 56 -11.28 -40.93 40.76
CA ASP A 56 -12.64 -41.40 40.78
C ASP A 56 -13.39 -40.33 40.02
N ASN A 57 -14.27 -40.72 39.10
CA ASN A 57 -15.25 -39.80 38.53
C ASN A 57 -15.68 -38.70 39.51
N LEU A 60 -11.61 -36.32 40.15
CA LEU A 60 -11.42 -35.14 39.32
C LEU A 60 -12.72 -34.41 39.14
N GLY A 61 -12.64 -33.18 38.66
CA GLY A 61 -13.79 -32.32 38.62
C GLY A 61 -14.78 -33.00 37.74
N GLN A 62 -16.07 -32.86 38.01
CA GLN A 62 -17.05 -33.53 37.20
C GLN A 62 -17.04 -33.03 35.76
N ALA A 63 -16.98 -31.73 35.57
CA ALA A 63 -16.71 -31.14 34.27
C ALA A 63 -15.69 -30.06 34.48
N PRO A 64 -14.40 -30.30 33.99
CA PRO A 64 -13.42 -29.31 34.41
C PRO A 64 -12.96 -28.49 33.27
N TYR A 65 -11.91 -27.71 33.50
CA TYR A 65 -11.20 -26.98 32.47
C TYR A 65 -9.75 -27.43 32.49
N ILE A 66 -9.32 -28.10 31.44
CA ILE A 66 -7.98 -28.69 31.37
C ILE A 66 -7.21 -28.02 30.23
N HIS A 67 -6.03 -27.50 30.57
CA HIS A 67 -5.18 -26.77 29.64
C HIS A 67 -3.73 -27.02 30.00
N LEU A 68 -2.93 -27.48 29.03
CA LEU A 68 -1.57 -27.90 29.32
C LEU A 68 -0.62 -26.72 29.36
N ILE A 69 0.60 -26.99 29.79
CA ILE A 69 1.72 -26.06 29.72
C ILE A 69 2.85 -26.78 29.00
N ASN A 70 3.40 -26.14 27.97
CA ASN A 70 4.42 -26.76 27.14
C ASN A 70 5.62 -25.82 27.05
N ARG A 71 6.51 -25.88 28.04
CA ARG A 71 7.65 -24.98 28.09
C ARG A 71 8.87 -25.53 27.36
N ASP A 72 9.38 -26.69 27.79
CA ASP A 72 10.54 -27.29 27.15
C ASP A 72 10.23 -28.73 26.79
N GLU A 73 11.24 -29.48 26.36
CA GLU A 73 11.05 -30.89 26.09
C GLU A 73 11.00 -31.70 27.37
N HIS A 74 11.63 -31.21 28.44
CA HIS A 74 11.60 -31.88 29.74
C HIS A 74 10.54 -31.23 30.63
N GLU A 75 9.87 -30.22 30.11
CA GLU A 75 9.02 -29.35 30.92
C GLU A 75 7.67 -29.22 30.23
N GLN A 76 6.78 -30.18 30.52
CA GLN A 76 5.50 -30.32 29.85
C GLN A 76 4.49 -30.84 30.85
N TYR A 77 3.68 -29.96 31.42
CA TYR A 77 2.74 -30.35 32.45
C TYR A 77 1.32 -29.99 32.03
N TYR A 78 0.35 -30.47 32.80
CA TYR A 78 -1.06 -30.12 32.64
C TYR A 78 -1.48 -29.04 33.62
N ALA A 79 -2.76 -28.68 33.57
CA ALA A 79 -3.42 -27.91 34.61
C ALA A 79 -4.91 -28.23 34.55
N VAL A 80 -5.41 -28.96 35.54
CA VAL A 80 -6.81 -29.37 35.61
C VAL A 80 -7.50 -28.42 36.55
N PHE A 81 -8.49 -27.68 36.07
CA PHE A 81 -9.18 -26.69 36.90
C PHE A 81 -10.54 -27.28 37.28
N THR A 82 -10.53 -28.03 38.38
CA THR A 82 -11.77 -28.64 38.83
C THR A 82 -12.66 -27.61 39.50
N GLY A 83 -13.83 -28.07 39.95
CA GLY A 83 -14.71 -27.19 40.72
C GLY A 83 -14.16 -26.87 42.09
N SER A 84 -13.32 -27.74 42.63
CA SER A 84 -12.73 -27.49 43.93
C SER A 84 -11.46 -26.66 43.82
N GLY A 85 -10.46 -27.15 43.08
CA GLY A 85 -9.21 -26.44 43.02
C GLY A 85 -8.31 -26.91 41.90
N ILE A 86 -7.09 -26.34 41.88
CA ILE A 86 -6.12 -26.64 40.83
C ILE A 86 -5.53 -28.00 41.08
N ARG A 87 -5.42 -28.80 40.03
CA ARG A 87 -4.66 -30.06 40.08
C ARG A 87 -3.81 -30.17 38.82
N VAL A 88 -2.57 -30.60 39.00
CA VAL A 88 -1.58 -30.63 37.93
C VAL A 88 -1.02 -32.03 37.80
N PHE A 89 -1.13 -32.60 36.60
CA PHE A 89 -0.46 -33.83 36.24
C PHE A 89 0.71 -33.48 35.34
N ASP A 90 1.65 -34.41 35.20
CA ASP A 90 2.67 -34.25 34.19
C ASP A 90 2.23 -34.94 32.90
N LEU A 91 3.17 -35.12 31.99
CA LEU A 91 2.90 -35.90 30.79
C LEU A 91 3.38 -37.33 30.93
N SER A 92 3.49 -37.80 32.16
CA SER A 92 3.65 -39.22 32.45
C SER A 92 2.54 -39.69 33.39
N GLY A 93 1.77 -38.77 33.93
CA GLY A 93 0.51 -39.09 34.56
C GLY A 93 0.43 -39.08 36.08
N ASN A 94 1.51 -38.77 36.78
CA ASN A 94 1.46 -38.73 38.24
C ASN A 94 1.20 -37.31 38.70
N GLU A 95 0.62 -37.18 39.89
CA GLU A 95 0.23 -35.88 40.41
C GLU A 95 1.46 -35.11 40.89
N LYS A 96 1.39 -33.80 40.76
CA LYS A 96 2.35 -32.91 41.39
C LYS A 96 1.58 -31.82 42.14
N GLN A 97 2.14 -31.41 43.26
CA GLN A 97 1.43 -30.63 44.26
C GLN A 97 1.31 -29.17 43.82
N VAL A 98 0.18 -28.56 44.15
CA VAL A 98 0.01 -27.12 44.07
C VAL A 98 -0.23 -26.62 45.47
N ARG A 99 -0.02 -25.33 45.69
CA ARG A 99 -0.18 -24.74 47.01
C ARG A 99 -1.00 -23.47 46.90
N TYR A 100 -1.76 -23.18 47.95
CA TYR A 100 -2.59 -21.99 48.02
C TYR A 100 -2.09 -21.14 49.18
N PRO A 101 -1.04 -20.34 48.96
CA PRO A 101 -0.53 -19.51 50.07
C PRO A 101 -1.42 -18.33 50.37
N ASN A 102 -2.37 -18.02 49.48
CA ASN A 102 -3.20 -16.84 49.63
C ASN A 102 -4.68 -17.17 49.57
N GLY A 103 -5.05 -18.42 49.85
CA GLY A 103 -6.42 -18.85 49.72
C GLY A 103 -6.78 -19.15 48.27
N SER A 104 -7.72 -20.06 48.06
CA SER A 104 -8.11 -20.29 46.68
C SER A 104 -9.05 -19.19 46.25
N ASN A 105 -10.30 -19.24 46.74
CA ASN A 105 -11.35 -18.22 46.63
C ASN A 105 -11.60 -17.75 45.18
N TYR A 106 -11.06 -18.43 44.17
CA TYR A 106 -11.04 -17.93 42.81
C TYR A 106 -11.34 -19.02 41.80
N ILE A 107 -11.15 -20.28 42.19
CA ILE A 107 -11.35 -21.41 41.31
C ILE A 107 -12.66 -22.11 41.64
N LYS A 108 -13.22 -21.84 42.81
CA LYS A 108 -14.48 -22.45 43.23
C LYS A 108 -15.61 -21.89 42.36
N THR A 109 -16.03 -22.69 41.39
CA THR A 109 -17.00 -22.30 40.40
C THR A 109 -17.81 -23.54 40.03
N ALA A 110 -19.12 -23.36 39.83
CA ALA A 110 -19.95 -24.47 39.38
C ALA A 110 -19.59 -24.91 37.96
N ASN A 111 -19.26 -23.96 37.08
CA ASN A 111 -18.93 -24.29 35.71
C ASN A 111 -17.54 -23.74 35.39
N PRO A 112 -16.49 -24.53 35.64
CA PRO A 112 -15.15 -24.03 35.40
C PRO A 112 -14.76 -24.02 33.92
N ARG A 113 -15.54 -24.69 33.07
CA ARG A 113 -15.31 -24.57 31.63
C ARG A 113 -15.77 -23.22 31.12
N ASN A 114 -16.96 -22.80 31.52
CA ASN A 114 -17.55 -21.58 30.99
C ASN A 114 -17.01 -20.33 31.65
N ASP A 115 -16.20 -20.45 32.69
CA ASP A 115 -15.87 -19.31 33.52
C ASP A 115 -14.40 -19.12 33.81
N LEU A 116 -13.55 -20.11 33.54
CA LEU A 116 -12.13 -19.95 33.79
C LEU A 116 -11.37 -19.91 32.47
N ARG A 117 -10.28 -19.15 32.48
CA ARG A 117 -9.42 -19.01 31.33
C ARG A 117 -7.98 -19.22 31.75
N MET A 118 -7.12 -19.52 30.78
CA MET A 118 -5.71 -19.68 31.07
C MET A 118 -4.91 -19.26 29.86
N VAL A 119 -4.22 -18.12 29.98
CA VAL A 119 -3.28 -17.68 28.98
C VAL A 119 -1.88 -17.95 29.51
N THR A 120 -1.05 -18.57 28.68
CA THR A 120 0.19 -19.16 29.18
C THR A 120 1.36 -18.75 28.30
N VAL A 121 2.38 -18.16 28.94
CA VAL A 121 3.64 -17.87 28.29
C VAL A 121 4.71 -18.53 29.16
N ALA A 122 5.98 -18.52 28.70
CA ALA A 122 7.04 -19.22 29.42
C ALA A 122 7.36 -18.56 30.75
N ASP A 123 7.09 -17.26 30.88
CA ASP A 123 7.37 -16.56 32.12
C ASP A 123 6.23 -16.62 33.12
N TYR A 124 4.99 -16.60 32.64
CA TYR A 124 3.83 -16.55 33.51
C TYR A 124 2.70 -17.38 32.94
N THR A 125 1.91 -17.97 33.83
CA THR A 125 0.76 -18.78 33.47
C THR A 125 -0.48 -18.15 34.09
N PHE A 126 -1.12 -17.26 33.35
CA PHE A 126 -2.25 -16.49 33.86
C PHE A 126 -3.46 -17.38 34.03
N ILE A 127 -4.21 -17.15 35.10
CA ILE A 127 -5.46 -17.87 35.35
C ILE A 127 -6.54 -16.83 35.64
N VAL A 128 -7.57 -16.84 34.81
CA VAL A 128 -8.57 -15.78 34.77
C VAL A 128 -9.91 -16.36 35.13
N ASN A 129 -10.53 -15.85 36.19
CA ASN A 129 -11.94 -16.12 36.42
C ASN A 129 -12.76 -15.05 35.72
N ARG A 130 -13.87 -15.46 35.13
CA ARG A 130 -14.70 -14.52 34.39
C ARG A 130 -15.89 -14.06 35.22
N ASN A 131 -16.20 -14.80 36.29
CA ASN A 131 -17.32 -14.41 37.12
C ASN A 131 -16.95 -13.26 38.05
N VAL A 132 -15.72 -13.25 38.53
CA VAL A 132 -15.33 -12.27 39.53
C VAL A 132 -15.11 -10.91 38.87
N VAL A 133 -15.47 -9.86 39.59
CA VAL A 133 -15.30 -8.49 39.13
C VAL A 133 -14.32 -7.81 40.09
N ALA A 134 -13.44 -6.99 39.53
CA ALA A 134 -12.34 -6.41 40.29
C ALA A 134 -12.66 -4.97 40.65
N GLN A 135 -12.53 -4.64 41.93
CA GLN A 135 -12.85 -3.33 42.45
C GLN A 135 -11.59 -2.65 42.95
N LYS A 136 -11.74 -1.38 43.33
CA LYS A 136 -10.75 -0.73 44.15
C LYS A 136 -11.01 -1.04 45.61
N ASN A 137 -9.95 -1.04 46.42
CA ASN A 137 -10.08 -1.27 47.85
C ASN A 137 -9.99 0.05 48.59
N THR A 138 -10.92 0.27 49.52
CA THR A 138 -11.00 1.55 50.19
C THR A 138 -10.07 1.63 51.38
N LYS A 139 -9.30 0.57 51.66
CA LYS A 139 -8.50 0.53 52.87
C LYS A 139 -7.22 1.35 52.71
N SER A 140 -6.51 1.15 51.61
CA SER A 140 -5.23 1.81 51.39
C SER A 140 -5.42 3.02 50.51
N VAL A 141 -5.46 4.21 51.12
CA VAL A 141 -5.46 5.47 50.41
C VAL A 141 -4.10 6.12 50.62
N ASN A 142 -3.87 7.24 49.95
CA ASN A 142 -2.62 7.97 50.14
C ASN A 142 -2.67 8.80 51.41
N LEU A 143 -3.59 9.75 51.49
CA LEU A 143 -3.82 10.52 52.69
C LEU A 143 -5.28 10.34 53.09
N PRO A 144 -5.56 10.23 54.40
CA PRO A 144 -6.92 9.86 54.84
C PRO A 144 -7.99 10.89 54.52
N ASN A 145 -7.82 12.13 54.99
CA ASN A 145 -8.76 13.19 54.65
C ASN A 145 -8.08 14.28 53.84
N TYR A 146 -7.04 14.90 54.42
CA TYR A 146 -6.25 15.98 53.82
C TYR A 146 -7.12 17.11 53.31
N ASN A 147 -7.73 17.83 54.23
CA ASN A 147 -8.21 19.15 53.90
C ASN A 147 -7.03 19.97 53.40
N PRO A 148 -6.99 20.33 52.10
CA PRO A 148 -5.75 20.90 51.54
C PRO A 148 -5.43 22.29 52.04
N ASN A 149 -6.31 22.89 52.84
CA ASN A 149 -5.99 24.17 53.47
C ASN A 149 -5.08 23.97 54.67
N GLN A 150 -5.08 22.77 55.27
CA GLN A 150 -4.55 22.63 56.63
C GLN A 150 -3.03 22.55 56.73
N ASP A 151 -2.32 23.40 56.00
CA ASP A 151 -0.96 23.92 56.20
C ASP A 151 -0.58 24.81 55.03
N GLY A 152 0.55 25.50 55.14
CA GLY A 152 1.08 26.26 54.03
C GLY A 152 1.54 27.65 54.42
N LEU A 153 2.44 28.18 53.60
CA LEU A 153 3.72 28.67 54.09
C LEU A 153 4.04 30.04 53.49
N ILE A 154 4.87 30.82 54.19
CA ILE A 154 5.22 32.15 53.74
C ILE A 154 6.74 32.29 53.74
N ASN A 155 7.35 32.17 52.57
CA ASN A 155 8.79 32.31 52.44
C ASN A 155 9.19 33.78 52.54
N VAL A 156 10.30 34.03 53.22
CA VAL A 156 10.81 35.37 53.45
C VAL A 156 12.14 35.53 52.72
N ARG A 157 12.29 36.68 52.05
CA ARG A 157 13.50 36.99 51.29
C ARG A 157 13.84 38.46 51.42
N GLY A 158 14.66 38.80 52.42
CA GLY A 158 15.33 40.10 52.51
C GLY A 158 14.44 41.33 52.55
N GLY A 159 13.72 41.53 53.64
CA GLY A 159 12.81 42.67 53.71
C GLY A 159 13.55 43.98 53.88
N GLN A 160 13.43 44.85 52.87
CA GLN A 160 14.12 46.12 52.96
C GLN A 160 13.30 47.14 53.74
N TYR A 161 13.82 48.36 53.78
CA TYR A 161 13.47 49.31 54.84
C TYR A 161 12.15 50.02 54.56
N GLY A 162 11.27 49.98 55.55
CA GLY A 162 10.02 50.74 55.51
C GLY A 162 8.88 50.05 54.78
N ARG A 163 8.69 48.75 55.00
CA ARG A 163 7.68 47.97 54.31
C ARG A 163 6.88 47.18 55.33
N GLU A 164 5.62 47.57 55.54
CA GLU A 164 4.78 46.89 56.51
C GLU A 164 4.39 45.51 56.02
N LEU A 165 4.84 44.50 56.74
CA LEU A 165 4.51 43.11 56.44
C LEU A 165 3.44 42.65 57.41
N ILE A 166 2.28 42.27 56.90
CA ILE A 166 1.22 41.68 57.70
C ILE A 166 0.95 40.29 57.14
N VAL A 167 0.32 39.44 57.94
CA VAL A 167 -0.19 38.15 57.48
C VAL A 167 -1.68 38.13 57.77
N HIS A 168 -2.48 37.90 56.74
CA HIS A 168 -3.92 38.14 56.81
C HIS A 168 -4.71 36.84 57.00
N ILE A 169 -4.19 35.92 57.82
CA ILE A 169 -4.88 34.66 58.10
C ILE A 169 -6.15 34.94 58.89
N ASN A 170 -7.26 34.31 58.48
CA ASN A 170 -8.56 34.30 59.13
C ASN A 170 -9.17 35.70 59.14
N GLY A 171 -8.79 36.56 58.19
CA GLY A 171 -9.31 37.90 58.07
C GLY A 171 -8.57 38.94 58.91
N LYS A 172 -7.98 38.53 60.03
CA LYS A 172 -7.39 39.46 60.99
C LYS A 172 -5.98 39.84 60.53
N ASP A 173 -5.59 41.07 60.87
CA ASP A 173 -4.24 41.51 60.60
C ASP A 173 -3.28 40.95 61.65
N VAL A 174 -2.59 39.87 61.27
CA VAL A 174 -1.72 39.15 62.18
C VAL A 174 -0.29 39.36 61.70
N ALA A 175 0.66 39.35 62.64
CA ALA A 175 2.10 39.46 62.40
C ALA A 175 2.46 40.77 61.71
N LYS A 176 2.23 41.88 62.38
CA LYS A 176 2.50 43.22 61.85
C LYS A 176 3.93 43.66 62.18
N TYR A 177 4.72 43.99 61.17
CA TYR A 177 6.02 44.61 61.36
C TYR A 177 6.46 45.31 60.09
N LYS A 178 7.08 46.47 60.23
CA LYS A 178 7.76 47.12 59.13
C LYS A 178 9.24 47.15 59.44
N ILE A 179 10.06 46.93 58.41
CA ILE A 179 11.51 46.96 58.61
C ILE A 179 11.94 48.41 58.71
N PRO A 180 12.55 48.84 59.81
CA PRO A 180 12.75 50.28 60.04
C PRO A 180 13.77 50.91 59.09
N ASP A 181 13.59 52.22 58.87
CA ASP A 181 14.41 53.07 58.01
C ASP A 181 15.88 52.99 58.43
N GLY A 182 16.76 52.92 57.43
CA GLY A 182 18.17 52.68 57.65
C GLY A 182 18.87 53.94 58.14
N SER A 183 19.17 53.96 59.43
CA SER A 183 20.11 54.91 60.01
C SER A 183 21.05 54.14 60.92
N GLN A 184 22.22 53.79 60.39
CA GLN A 184 22.43 52.45 59.85
C GLN A 184 22.52 51.22 60.77
N PRO A 185 23.27 51.21 61.92
CA PRO A 185 23.89 49.95 62.39
C PRO A 185 22.96 48.82 62.80
N GLU A 186 21.86 49.13 63.50
CA GLU A 186 20.95 48.05 63.89
C GLU A 186 20.01 47.67 62.75
N HIS A 187 19.94 48.52 61.71
CA HIS A 187 18.96 48.30 60.65
C HIS A 187 19.49 47.33 59.59
N VAL A 188 20.82 47.24 59.45
CA VAL A 188 21.37 46.39 58.41
C VAL A 188 21.39 44.93 58.88
N ASN A 189 21.45 44.73 60.19
CA ASN A 189 21.21 43.40 60.75
C ASN A 189 19.73 43.05 60.70
N ASN A 190 18.89 44.07 60.52
CA ASN A 190 17.44 43.90 60.56
C ASN A 190 16.89 43.50 59.20
N THR A 191 17.55 43.92 58.11
CA THR A 191 16.96 43.80 56.78
C THR A 191 16.95 42.37 56.25
N ASP A 192 17.54 41.43 56.99
CA ASP A 192 17.60 40.04 56.55
C ASP A 192 16.23 39.36 56.64
N ALA A 193 16.14 38.17 56.03
CA ALA A 193 14.90 37.39 56.10
C ALA A 193 14.88 36.53 57.35
N GLN A 194 16.06 36.20 57.90
CA GLN A 194 16.10 35.22 58.97
C GLN A 194 15.63 35.81 60.29
N TRP A 195 16.04 37.04 60.59
CA TRP A 195 15.59 37.67 61.83
C TRP A 195 14.10 37.97 61.79
N LEU A 196 13.58 38.27 60.60
CA LEU A 196 12.13 38.43 60.42
C LEU A 196 11.41 37.10 60.57
N ALA A 197 12.09 35.99 60.25
CA ALA A 197 11.44 34.69 60.20
C ALA A 197 11.00 34.22 61.58
N GLU A 198 11.66 34.72 62.65
CA GLU A 198 11.12 34.49 63.98
C GLU A 198 10.34 35.71 64.47
N GLU A 199 10.66 36.91 63.96
CA GLU A 199 9.96 38.11 64.40
C GLU A 199 8.52 38.12 63.89
N LEU A 200 8.31 37.68 62.66
CA LEU A 200 6.95 37.50 62.17
C LEU A 200 6.25 36.35 62.89
N ALA A 201 7.00 35.29 63.21
CA ALA A 201 6.38 34.08 63.74
C ALA A 201 6.04 34.21 65.21
N LYS A 202 6.79 35.03 65.95
CA LYS A 202 6.55 35.14 67.38
C LYS A 202 5.28 35.92 67.68
N GLN A 203 4.82 36.74 66.72
CA GLN A 203 3.54 37.40 66.90
C GLN A 203 2.39 36.48 66.51
N MET A 204 2.63 35.55 65.58
CA MET A 204 1.61 34.57 65.23
C MET A 204 1.52 33.46 66.28
N ARG A 205 2.50 33.37 67.18
CA ARG A 205 2.33 32.49 68.33
C ARG A 205 1.50 33.17 69.41
N THR A 206 1.46 34.50 69.41
CA THR A 206 0.60 35.20 70.35
C THR A 206 -0.84 35.26 69.84
N ASN A 207 -1.02 35.53 68.56
CA ASN A 207 -2.33 35.69 67.97
C ASN A 207 -2.77 34.39 67.31
N LEU A 208 -3.93 33.88 67.73
CA LEU A 208 -4.62 32.68 67.21
C LEU A 208 -3.72 31.42 67.17
N SER A 209 -2.66 31.35 68.00
CA SER A 209 -2.54 30.99 69.43
C SER A 209 -3.03 29.57 69.76
N ASP A 210 -3.41 28.77 68.78
CA ASP A 210 -3.93 27.43 69.08
C ASP A 210 -3.12 26.37 68.37
N TRP A 211 -2.10 26.77 67.63
CA TRP A 211 -1.30 25.88 66.81
C TRP A 211 0.14 26.38 66.78
N THR A 212 1.06 25.47 66.48
CA THR A 212 2.48 25.74 66.65
C THR A 212 3.15 26.14 65.33
N VAL A 213 4.22 26.93 65.44
CA VAL A 213 4.92 27.50 64.28
C VAL A 213 6.34 26.96 64.29
N ASN A 214 6.88 26.67 63.11
CA ASN A 214 8.30 26.36 62.94
C ASN A 214 8.83 26.91 61.62
N VAL A 215 10.12 27.28 61.60
CA VAL A 215 10.74 27.94 60.45
C VAL A 215 12.10 27.28 60.15
N GLY A 216 12.30 26.84 58.91
CA GLY A 216 13.67 26.53 58.53
C GLY A 216 14.16 26.97 57.16
N GLN A 217 14.98 28.04 57.16
CA GLN A 217 15.75 28.67 56.08
C GLN A 217 14.91 29.28 54.96
N GLY A 218 13.97 28.50 54.47
CA GLY A 218 12.54 28.64 54.43
C GLY A 218 11.62 29.82 54.41
N PHE A 219 10.77 29.74 55.42
CA PHE A 219 9.34 29.97 55.32
C PHE A 219 8.82 30.48 56.65
N ILE A 220 7.50 30.47 56.76
CA ILE A 220 6.78 30.34 58.03
C ILE A 220 5.71 29.28 57.83
N HIS A 221 5.89 28.10 58.43
CA HIS A 221 5.02 26.95 58.17
C HIS A 221 3.79 27.06 59.05
N VAL A 222 2.82 27.84 58.55
CA VAL A 222 1.51 27.90 59.20
C VAL A 222 0.79 26.57 59.01
N THR A 223 0.24 26.03 60.10
CA THR A 223 -0.48 24.76 60.12
C THR A 223 -1.48 24.73 61.26
N ALA A 224 -2.76 24.53 60.90
CA ALA A 224 -3.86 24.69 61.85
C ALA A 224 -4.28 23.34 62.44
N PRO A 225 -5.05 23.33 63.56
CA PRO A 225 -5.64 22.07 64.00
C PRO A 225 -6.87 21.69 63.19
N SER A 226 -7.55 20.61 63.58
CA SER A 226 -8.61 20.05 62.75
C SER A 226 -9.84 20.94 62.66
N GLY A 227 -10.00 21.85 63.63
CA GLY A 227 -11.20 22.68 63.64
C GLY A 227 -11.13 23.85 62.68
N GLN A 228 -9.98 24.50 62.57
CA GLN A 228 -9.83 25.74 61.81
C GLN A 228 -9.00 25.47 60.56
N GLN A 229 -9.17 26.31 59.55
CA GLN A 229 -8.36 26.26 58.34
C GLN A 229 -7.87 27.65 57.97
N ILE A 230 -7.11 27.74 56.88
CA ILE A 230 -6.32 28.91 56.53
C ILE A 230 -7.04 29.72 55.44
N ASP A 231 -8.38 29.74 55.50
CA ASP A 231 -9.20 30.55 54.61
C ASP A 231 -8.78 32.02 54.61
N SER A 232 -8.90 32.63 53.42
CA SER A 232 -8.51 34.02 53.14
C SER A 232 -7.02 34.27 53.43
N PHE A 233 -6.16 33.48 52.79
CA PHE A 233 -4.74 33.49 53.08
C PHE A 233 -4.00 34.43 52.13
N THR A 234 -3.85 35.68 52.55
CA THR A 234 -3.01 36.64 51.84
C THR A 234 -1.96 37.15 52.82
N THR A 235 -0.88 37.71 52.27
CA THR A 235 0.24 38.19 53.07
C THR A 235 0.93 39.33 52.34
N LYS A 236 0.71 40.54 52.84
CA LYS A 236 1.12 41.78 52.16
C LYS A 236 2.64 41.89 52.11
N ASP A 237 3.15 42.56 51.08
CA ASP A 237 4.57 42.46 50.77
C ASP A 237 5.28 43.80 50.94
N GLY A 238 4.58 44.91 50.75
CA GLY A 238 5.20 46.22 50.88
C GLY A 238 6.07 46.64 49.71
N TYR A 239 7.07 45.82 49.39
CA TYR A 239 7.86 45.93 48.17
C TYR A 239 7.09 45.18 47.07
N ALA A 240 7.74 44.83 45.97
CA ALA A 240 7.16 43.99 44.94
C ALA A 240 6.92 42.57 45.47
N ASP A 241 6.39 41.71 44.60
CA ASP A 241 6.06 40.34 44.94
C ASP A 241 7.28 39.50 45.33
N GLN A 242 8.48 39.93 44.96
CA GLN A 242 9.71 39.19 45.26
C GLN A 242 10.23 39.46 46.66
N LEU A 243 9.42 40.06 47.54
CA LEU A 243 9.87 40.31 48.90
C LEU A 243 9.52 39.14 49.81
N ILE A 244 8.23 38.87 49.98
CA ILE A 244 7.73 37.67 50.63
C ILE A 244 6.54 37.19 49.82
N ASN A 245 6.21 35.89 49.95
CA ASN A 245 5.14 35.32 49.18
C ASN A 245 4.30 34.37 50.04
N PRO A 246 3.00 34.59 50.13
CA PRO A 246 2.11 33.54 50.60
C PRO A 246 1.97 32.47 49.53
N VAL A 247 2.59 31.33 49.76
CA VAL A 247 2.55 30.23 48.81
C VAL A 247 1.84 29.05 49.47
N THR A 248 0.95 28.42 48.71
CA THR A 248 0.06 27.39 49.24
C THR A 248 0.30 26.06 48.53
N HIS A 249 -0.61 25.11 48.72
CA HIS A 249 -0.56 23.78 48.10
C HIS A 249 -0.90 23.78 46.61
N TYR A 250 -0.97 24.93 45.97
CA TYR A 250 -1.36 25.04 44.57
C TYR A 250 -0.47 26.09 43.91
N ALA A 251 0.50 25.65 43.12
CA ALA A 251 1.29 26.59 42.35
C ALA A 251 0.83 26.58 40.90
N GLN A 252 1.18 27.64 40.16
CA GLN A 252 0.72 27.78 38.79
C GLN A 252 1.77 27.37 37.77
N SER A 253 3.00 27.10 38.23
CA SER A 253 4.06 26.60 37.37
C SER A 253 5.07 25.88 38.24
N PHE A 254 6.00 25.17 37.60
CA PHE A 254 7.06 24.52 38.34
C PHE A 254 8.12 25.52 38.78
N SER A 255 8.30 26.60 38.02
CA SER A 255 9.30 27.59 38.37
C SER A 255 8.87 28.39 39.59
N LYS A 256 7.60 28.75 39.66
CA LYS A 256 7.06 29.41 40.84
C LYS A 256 6.79 28.36 41.91
N LEU A 257 7.79 28.11 42.75
CA LEU A 257 7.75 27.04 43.71
C LEU A 257 8.65 27.40 44.88
N PRO A 258 8.24 27.15 46.13
CA PRO A 258 9.02 27.62 47.27
C PRO A 258 10.30 26.83 47.44
N PRO A 259 11.37 27.45 47.97
CA PRO A 259 12.66 26.76 48.04
C PRO A 259 12.72 25.59 49.02
N ASN A 260 12.32 25.78 50.30
CA ASN A 260 12.48 24.69 51.26
C ASN A 260 11.19 23.88 51.32
N ALA A 261 10.08 24.47 51.81
CA ALA A 261 8.75 23.86 51.90
C ALA A 261 8.77 22.49 52.57
N PRO A 262 8.82 22.41 53.91
CA PRO A 262 9.48 21.29 54.62
C PRO A 262 8.81 19.94 54.37
N ASN A 263 9.55 18.88 54.76
CA ASN A 263 9.56 17.58 54.08
C ASN A 263 8.18 16.98 53.83
N GLY A 264 7.25 17.16 54.77
CA GLY A 264 5.91 16.64 54.55
C GLY A 264 4.98 17.62 53.87
N TYR A 265 5.16 17.86 52.58
CA TYR A 265 4.45 18.91 51.87
C TYR A 265 4.23 18.54 50.41
N MET A 266 3.06 18.90 49.88
CA MET A 266 2.66 18.58 48.51
C MET A 266 2.12 19.83 47.84
N VAL A 267 2.34 19.96 46.53
CA VAL A 267 1.78 21.02 45.71
C VAL A 267 1.08 20.41 44.52
N LYS A 268 -0.16 20.83 44.28
CA LYS A 268 -0.83 20.58 43.00
C LYS A 268 -0.32 21.60 41.98
N ILE A 269 0.61 21.18 41.12
CA ILE A 269 0.99 22.01 39.99
C ILE A 269 -0.15 22.05 38.99
N VAL A 270 -0.65 23.25 38.71
CA VAL A 270 -1.72 23.42 37.76
C VAL A 270 -1.06 23.74 36.42
N GLY A 271 -1.84 23.63 35.35
CA GLY A 271 -1.29 23.88 34.03
C GLY A 271 -0.87 25.34 33.85
N ASP A 272 0.20 25.52 33.07
CA ASP A 272 0.76 26.84 32.77
C ASP A 272 -0.07 27.59 31.74
N ALA A 273 -1.04 26.92 31.12
CA ALA A 273 -1.85 27.40 29.99
C ALA A 273 -0.96 27.81 28.82
N SER A 274 0.18 27.13 28.66
CA SER A 274 1.09 27.31 27.55
C SER A 274 1.40 26.01 26.83
N LYS A 275 1.40 24.89 27.55
CA LYS A 275 1.49 23.57 26.97
C LYS A 275 0.19 22.83 27.21
N SER A 276 -0.01 21.77 26.44
CA SER A 276 -1.15 20.89 26.64
C SER A 276 -0.87 19.93 27.79
N ALA A 277 -0.90 20.44 29.02
CA ALA A 277 -0.43 19.68 30.18
C ALA A 277 -1.59 19.46 31.14
N ASP A 278 -1.53 18.33 31.84
CA ASP A 278 -2.48 18.05 32.90
C ASP A 278 -1.95 18.64 34.21
N GLN A 279 -2.55 18.25 35.32
CA GLN A 279 -2.32 18.86 36.61
C GLN A 279 -1.70 17.83 37.54
N TYR A 280 -0.38 17.73 37.52
CA TYR A 280 0.38 16.74 38.26
C TYR A 280 0.76 17.30 39.62
N TYR A 281 1.13 16.41 40.53
CA TYR A 281 1.48 16.79 41.90
C TYR A 281 2.95 16.44 42.10
N VAL A 282 3.61 17.11 43.04
CA VAL A 282 5.06 17.03 43.13
C VAL A 282 5.55 16.34 44.40
N ARG A 283 5.16 16.80 45.59
CA ARG A 283 5.55 16.22 46.89
C ARG A 283 7.06 16.18 47.13
N TYR A 284 7.62 17.32 47.51
CA TYR A 284 8.91 17.43 48.20
C TYR A 284 9.01 16.34 49.27
N ASP A 285 10.18 15.70 49.35
CA ASP A 285 10.29 14.44 50.10
C ASP A 285 11.47 14.46 51.05
N ALA A 286 12.14 15.59 51.17
CA ALA A 286 13.52 15.62 50.72
C ALA A 286 14.55 14.64 51.28
N GLU A 287 15.19 15.03 52.39
CA GLU A 287 16.59 14.72 52.75
C GLU A 287 17.62 15.19 51.70
N ARG A 288 17.14 15.84 50.61
CA ARG A 288 17.84 16.17 49.39
C ARG A 288 16.88 17.10 48.64
N LYS A 289 17.33 18.34 48.35
CA LYS A 289 16.39 19.38 47.93
C LYS A 289 15.93 19.15 46.49
N VAL A 290 14.79 18.47 46.36
CA VAL A 290 14.27 17.88 45.12
C VAL A 290 12.75 17.80 45.17
N TRP A 291 12.10 18.22 44.10
CA TRP A 291 10.66 18.05 43.91
C TRP A 291 10.43 16.91 42.92
N THR A 292 9.88 15.80 43.41
CA THR A 292 9.60 14.59 42.64
C THR A 292 8.22 14.69 41.99
N GLU A 293 7.65 13.56 41.59
CA GLU A 293 6.24 13.47 41.20
C GLU A 293 5.62 12.23 41.83
N THR A 294 4.53 12.43 42.58
CA THR A 294 3.94 11.34 43.35
C THR A 294 2.44 11.22 43.08
N LEU A 295 1.80 10.37 43.88
CA LEU A 295 0.36 10.11 43.79
C LEU A 295 -0.46 11.30 44.29
N GLY A 296 -1.71 11.34 43.86
CA GLY A 296 -2.69 12.26 44.44
C GLY A 296 -2.91 12.03 45.92
N TRP A 297 -3.44 13.06 46.59
CA TRP A 297 -3.54 12.98 48.04
C TRP A 297 -4.73 12.14 48.48
N ASN A 298 -5.87 12.26 47.80
CA ASN A 298 -7.07 11.61 48.32
C ASN A 298 -7.35 10.33 47.57
N THR A 299 -6.90 10.25 46.32
CA THR A 299 -7.15 9.06 45.53
C THR A 299 -6.33 7.89 46.04
N GLU A 300 -6.83 6.69 45.81
CA GLU A 300 -6.24 5.49 46.38
C GLU A 300 -5.55 4.69 45.30
N ASP A 301 -4.52 3.95 45.71
CA ASP A 301 -3.50 3.51 44.77
C ASP A 301 -3.83 2.19 44.09
N GLN A 302 -4.39 1.24 44.84
CA GLN A 302 -4.41 -0.15 44.39
C GLN A 302 -5.82 -0.64 44.10
N VAL A 303 -5.87 -1.70 43.30
CA VAL A 303 -7.06 -2.49 43.03
C VAL A 303 -7.31 -3.44 44.22
N LEU A 304 -8.45 -4.14 44.21
CA LEU A 304 -8.79 -5.06 45.31
C LEU A 304 -7.83 -6.25 45.38
N TRP A 305 -7.10 -6.53 44.29
CA TRP A 305 -5.75 -7.11 44.29
C TRP A 305 -5.76 -8.61 44.58
N GLU A 306 -6.90 -9.19 44.90
CA GLU A 306 -7.03 -10.64 44.86
C GLU A 306 -7.97 -11.05 43.74
N THR A 307 -8.95 -10.20 43.44
CA THR A 307 -9.91 -10.46 42.36
C THR A 307 -9.25 -10.35 40.99
N MET A 308 -8.06 -9.77 40.94
CA MET A 308 -7.27 -9.71 39.72
C MET A 308 -6.83 -11.11 39.30
N PRO A 309 -6.43 -11.33 38.03
CA PRO A 309 -6.08 -12.69 37.61
C PRO A 309 -4.78 -13.17 38.25
N HIS A 310 -4.82 -14.41 38.70
CA HIS A 310 -3.72 -15.03 39.42
C HIS A 310 -2.78 -15.76 38.46
N ALA A 311 -1.83 -16.48 39.02
CA ALA A 311 -0.90 -17.28 38.24
C ALA A 311 -0.36 -18.43 39.08
N LEU A 312 0.13 -19.46 38.39
CA LEU A 312 0.85 -20.55 39.03
C LEU A 312 2.29 -20.58 38.54
N VAL A 313 3.22 -20.79 39.47
CA VAL A 313 4.66 -20.71 39.21
C VAL A 313 5.24 -22.08 39.53
N ARG A 314 6.26 -22.49 38.77
CA ARG A 314 6.79 -23.85 38.86
C ARG A 314 7.58 -24.08 40.15
N ALA A 315 7.87 -23.01 40.90
CA ALA A 315 9.14 -22.61 41.58
C ALA A 315 9.91 -23.83 42.10
N ALA A 316 11.24 -23.83 41.97
CA ALA A 316 12.06 -24.99 41.62
C ALA A 316 12.08 -26.11 42.66
N ASP A 317 11.23 -26.08 43.69
CA ASP A 317 11.01 -27.27 44.52
C ASP A 317 10.45 -28.41 43.68
N GLY A 318 9.67 -28.08 42.66
CA GLY A 318 9.11 -29.08 41.76
C GLY A 318 7.61 -29.02 41.77
N ASN A 319 7.06 -28.36 42.79
CA ASN A 319 5.64 -28.26 43.00
C ASN A 319 5.19 -26.84 42.70
N PHE A 320 3.93 -26.70 42.30
CA PHE A 320 3.42 -25.39 41.94
C PHE A 320 2.88 -24.65 43.14
N ASP A 321 2.56 -23.38 42.94
CA ASP A 321 1.88 -22.55 43.92
C ASP A 321 1.04 -21.50 43.21
N PHE A 322 -0.23 -21.44 43.59
CA PHE A 322 -1.22 -20.60 42.96
C PHE A 322 -1.34 -19.31 43.75
N LYS A 323 -0.73 -18.23 43.24
CA LYS A 323 -0.55 -17.01 44.01
C LYS A 323 -1.22 -15.83 43.31
N TRP A 324 -1.51 -14.77 44.07
CA TRP A 324 -1.64 -13.47 43.43
C TRP A 324 -0.26 -12.96 43.07
N LEU A 325 -0.18 -12.22 41.98
CA LEU A 325 1.01 -11.50 41.58
C LEU A 325 0.81 -10.04 41.94
N GLU A 326 1.92 -9.32 42.16
CA GLU A 326 1.80 -7.94 42.60
C GLU A 326 1.32 -7.06 41.46
N TRP A 327 0.57 -6.03 41.83
CA TRP A 327 0.05 -5.06 40.89
C TRP A 327 0.60 -3.70 41.27
N SER A 328 1.24 -3.06 40.31
CA SER A 328 1.94 -1.81 40.60
C SER A 328 0.93 -0.70 40.91
N PRO A 329 1.09 -0.01 42.04
CA PRO A 329 0.09 0.97 42.45
C PRO A 329 0.16 2.22 41.60
N LYS A 330 -1.00 2.87 41.45
CA LYS A 330 -1.09 4.21 40.91
C LYS A 330 -0.24 5.17 41.73
N SER A 331 0.80 5.75 41.11
CA SER A 331 1.40 6.93 41.72
C SER A 331 2.00 7.79 40.60
N CYS A 332 1.16 8.64 40.01
CA CYS A 332 1.67 9.79 39.27
C CYS A 332 0.79 11.02 39.42
N GLY A 333 -0.49 10.85 39.78
CA GLY A 333 -1.38 11.98 39.95
C GLY A 333 -2.71 11.57 40.53
N ASP A 334 -3.71 12.44 40.36
CA ASP A 334 -5.01 12.27 40.98
C ASP A 334 -6.01 11.58 40.05
N VAL A 335 -7.27 11.61 40.46
CA VAL A 335 -8.38 11.16 39.64
C VAL A 335 -9.25 12.37 39.31
N ASP A 336 -9.50 12.60 38.01
CA ASP A 336 -8.98 11.79 36.92
C ASP A 336 -8.04 12.51 35.98
N THR A 337 -6.79 12.63 36.39
CA THR A 337 -5.67 12.62 35.48
C THR A 337 -5.11 11.21 35.34
N ASN A 338 -5.14 10.45 36.42
CA ASN A 338 -5.17 8.99 36.35
C ASN A 338 -6.61 8.55 36.52
N PRO A 339 -7.34 8.26 35.46
CA PRO A 339 -8.63 7.62 35.63
C PRO A 339 -8.43 6.18 36.09
N TRP A 340 -9.44 5.65 36.75
CA TRP A 340 -9.44 4.22 36.98
C TRP A 340 -9.55 3.50 35.64
N PRO A 341 -8.73 2.49 35.41
CA PRO A 341 -8.84 1.73 34.15
C PRO A 341 -10.18 1.02 34.09
N SER A 342 -10.75 0.98 32.90
CA SER A 342 -12.18 0.74 32.73
C SER A 342 -12.62 -0.69 33.01
N PHE A 343 -11.79 -1.55 33.57
CA PHE A 343 -12.24 -2.84 34.06
C PHE A 343 -12.57 -2.81 35.55
N VAL A 344 -12.56 -1.63 36.18
CA VAL A 344 -12.67 -1.54 37.62
C VAL A 344 -14.11 -1.68 38.10
N GLY A 345 -15.08 -1.77 37.19
CA GLY A 345 -16.44 -2.03 37.58
C GLY A 345 -16.94 -3.39 37.13
N SER A 346 -16.33 -3.92 36.06
CA SER A 346 -16.80 -5.12 35.41
C SER A 346 -15.74 -6.22 35.53
N SER A 347 -15.97 -7.33 34.82
CA SER A 347 -15.11 -8.49 34.89
C SER A 347 -14.06 -8.43 33.80
N ILE A 348 -12.96 -9.15 34.02
CA ILE A 348 -11.93 -9.29 33.01
C ILE A 348 -11.95 -10.72 32.48
N ASN A 349 -11.42 -10.88 31.26
CA ASN A 349 -11.29 -12.16 30.61
C ASN A 349 -10.31 -12.06 29.46
N ASP A 350 -9.63 -13.18 29.18
CA ASP A 350 -8.88 -13.41 27.94
C ASP A 350 -7.74 -12.40 27.77
N VAL A 351 -6.74 -12.56 28.64
CA VAL A 351 -5.61 -11.63 28.71
C VAL A 351 -4.80 -11.69 27.42
N PHE A 352 -4.48 -10.50 26.88
CA PHE A 352 -3.60 -10.36 25.73
C PHE A 352 -2.18 -10.80 26.03
N PHE A 353 -1.37 -10.77 24.97
CA PHE A 353 0.03 -10.32 24.96
C PHE A 353 0.17 -9.62 23.61
N PHE A 354 -0.12 -8.33 23.57
CA PHE A 354 -0.16 -7.64 22.29
C PHE A 354 1.17 -6.99 21.97
N ARG A 355 1.93 -6.63 23.00
CA ARG A 355 3.16 -5.88 22.85
C ARG A 355 4.05 -6.46 23.96
N ASN A 356 5.12 -5.76 24.36
CA ASN A 356 5.58 -5.89 25.73
C ASN A 356 4.69 -5.13 26.71
N ARG A 357 3.58 -4.56 26.25
CA ARG A 357 2.41 -4.28 27.06
C ARG A 357 1.70 -5.58 27.46
N LEU A 358 0.68 -5.45 28.30
CA LEU A 358 -0.17 -6.56 28.71
C LEU A 358 -1.60 -6.07 28.67
N GLY A 359 -2.49 -6.85 28.05
CA GLY A 359 -3.84 -6.37 27.85
C GLY A 359 -4.94 -7.13 28.54
N PHE A 360 -6.03 -6.42 28.85
CA PHE A 360 -7.23 -6.99 29.44
C PHE A 360 -8.39 -6.76 28.49
N LEU A 361 -9.43 -7.56 28.64
CA LEU A 361 -10.66 -7.39 27.90
C LEU A 361 -11.80 -7.25 28.89
N SER A 362 -12.65 -6.25 28.68
CA SER A 362 -13.93 -6.17 29.37
C SER A 362 -14.98 -5.79 28.35
N GLY A 363 -16.23 -5.71 28.79
CA GLY A 363 -17.29 -5.34 27.87
C GLY A 363 -17.80 -3.94 28.11
N GLU A 364 -17.45 -2.98 27.26
CA GLU A 364 -16.56 -3.17 26.11
C GLU A 364 -15.27 -2.42 26.33
N ASN A 365 -14.17 -3.10 26.60
CA ASN A 365 -12.96 -2.39 26.99
C ASN A 365 -11.72 -3.12 26.52
N ILE A 366 -10.71 -2.34 26.14
CA ILE A 366 -9.34 -2.82 25.94
C ILE A 366 -8.45 -2.06 26.92
N ILE A 367 -7.73 -2.79 27.75
CA ILE A 367 -6.89 -2.15 28.77
C ILE A 367 -5.48 -2.68 28.60
N LEU A 368 -4.66 -1.95 27.85
CA LEU A 368 -3.26 -2.31 27.66
C LEU A 368 -2.41 -1.68 28.75
N SER A 369 -1.24 -2.28 29.02
CA SER A 369 -0.35 -1.78 30.04
C SER A 369 0.59 -0.73 29.48
N ARG A 370 1.57 -0.33 30.29
CA ARG A 370 2.73 0.38 29.74
C ARG A 370 3.70 -0.63 29.19
N THR A 371 4.57 -0.19 28.28
CA THR A 371 5.48 -1.12 27.62
C THR A 371 6.60 -1.53 28.54
N ALA A 372 7.24 -2.66 28.21
CA ALA A 372 8.51 -3.15 28.77
C ALA A 372 8.42 -3.59 30.22
N LYS A 373 7.27 -3.39 30.87
CA LYS A 373 7.01 -3.95 32.18
C LYS A 373 5.53 -4.25 32.28
N TYR A 374 5.21 -5.36 32.93
CA TYR A 374 3.84 -5.77 33.04
C TYR A 374 3.25 -5.28 34.34
N PHE A 375 1.92 -5.32 34.38
CA PHE A 375 1.08 -5.10 35.58
C PHE A 375 1.24 -3.67 36.10
N ASN A 376 1.47 -2.72 35.20
CA ASN A 376 1.47 -1.30 35.56
C ASN A 376 0.60 -0.59 34.54
N PHE A 377 -0.68 -0.44 34.88
CA PHE A 377 -1.68 0.13 34.00
C PHE A 377 -1.89 1.63 34.22
N TYR A 378 -0.84 2.34 34.63
CA TYR A 378 -0.90 3.76 34.85
C TYR A 378 0.29 4.41 34.16
N PRO A 379 0.20 5.69 33.80
CA PRO A 379 1.36 6.36 33.22
C PRO A 379 2.49 6.50 34.22
N ALA A 380 3.71 6.58 33.68
CA ALA A 380 4.88 6.78 34.53
C ALA A 380 4.89 8.17 35.15
N SER A 381 4.40 9.16 34.42
CA SER A 381 4.34 10.53 34.89
C SER A 381 3.29 11.28 34.10
N ILE A 382 2.61 12.22 34.76
CA ILE A 382 1.70 13.12 34.09
C ILE A 382 2.29 14.52 34.02
N ALA A 383 3.62 14.62 33.96
CA ALA A 383 4.24 15.84 33.44
C ALA A 383 3.78 16.10 32.02
N ASN A 384 3.69 15.03 31.24
CA ASN A 384 3.04 15.01 29.93
C ASN A 384 2.67 13.57 29.61
N LEU A 385 1.89 13.40 28.57
CA LEU A 385 1.79 12.09 27.94
C LEU A 385 3.12 11.86 27.24
N SER A 386 3.94 10.95 27.76
CA SER A 386 5.28 10.78 27.20
C SER A 386 5.23 9.96 25.92
N ASP A 387 4.90 8.68 26.07
CA ASP A 387 4.66 7.69 25.03
C ASP A 387 4.09 6.56 25.85
N ASP A 388 4.00 5.34 25.27
CA ASP A 388 3.94 4.03 25.96
C ASP A 388 3.01 3.98 27.17
N ASP A 389 1.95 4.78 27.14
CA ASP A 389 1.00 4.88 28.22
C ASP A 389 0.10 3.65 28.23
N PRO A 390 -0.62 3.40 29.32
CA PRO A 390 -1.73 2.45 29.25
C PRO A 390 -2.80 2.96 28.29
N ILE A 391 -3.48 2.03 27.64
CA ILE A 391 -4.39 2.32 26.55
C ILE A 391 -5.78 1.88 26.93
N ASP A 392 -6.73 2.81 26.85
CA ASP A 392 -8.13 2.53 27.16
C ASP A 392 -8.97 2.97 25.97
N VAL A 393 -9.09 2.09 24.99
CA VAL A 393 -10.04 2.25 23.89
C VAL A 393 -11.16 1.24 24.12
N ALA A 394 -12.41 1.71 23.96
CA ALA A 394 -13.49 0.84 24.38
C ALA A 394 -13.89 -0.15 23.31
N VAL A 395 -14.59 0.32 22.28
CA VAL A 395 -15.02 -0.47 21.14
C VAL A 395 -15.55 0.52 20.12
N SER A 396 -15.69 0.10 18.86
CA SER A 396 -16.23 0.96 17.82
C SER A 396 -17.42 0.37 17.07
N THR A 397 -18.41 -0.17 17.77
CA THR A 397 -19.52 -0.83 17.11
C THR A 397 -20.87 -0.24 17.53
N ASN A 398 -21.92 -0.64 16.81
CA ASN A 398 -23.28 -0.21 17.12
C ASN A 398 -24.14 -1.30 17.73
N ARG A 399 -23.57 -2.43 18.07
CA ARG A 399 -24.33 -3.55 18.62
C ARG A 399 -23.54 -4.13 19.79
N ILE A 400 -24.27 -4.55 20.83
CA ILE A 400 -23.71 -4.99 22.11
C ILE A 400 -22.77 -6.16 21.92
N ALA A 401 -21.51 -5.99 22.31
CA ALA A 401 -20.49 -7.01 22.14
C ALA A 401 -19.67 -7.15 23.42
N ILE A 402 -20.17 -7.99 24.33
CA ILE A 402 -19.38 -8.41 25.48
C ILE A 402 -18.20 -9.22 24.95
N LEU A 403 -17.00 -8.82 25.34
CA LEU A 403 -15.82 -8.98 24.49
C LEU A 403 -14.91 -10.09 25.00
N LYS A 404 -15.07 -11.28 24.40
CA LYS A 404 -14.39 -12.52 24.75
C LYS A 404 -13.12 -12.67 23.93
N TYR A 405 -12.70 -13.94 23.71
CA TYR A 405 -11.38 -14.40 23.26
C TYR A 405 -10.68 -13.52 22.23
N ALA A 406 -9.36 -13.44 22.34
CA ALA A 406 -8.55 -12.78 21.34
C ALA A 406 -7.51 -13.74 20.80
N VAL A 407 -7.41 -13.82 19.48
CA VAL A 407 -6.45 -14.71 18.80
C VAL A 407 -5.69 -13.94 17.74
N PRO A 408 -4.39 -14.14 17.60
CA PRO A 408 -3.65 -13.44 16.54
C PRO A 408 -3.49 -14.28 15.29
N PHE A 409 -3.56 -13.66 14.09
CA PHE A 409 -3.01 -14.28 12.89
C PHE A 409 -2.72 -13.24 11.82
N SER A 410 -1.53 -13.37 11.23
CA SER A 410 -1.05 -12.92 9.92
C SER A 410 -0.80 -11.44 9.76
N GLU A 411 -1.44 -10.59 10.55
CA GLU A 411 -1.07 -9.17 10.53
C GLU A 411 -1.17 -8.58 11.93
N GLU A 412 -2.01 -9.18 12.76
CA GLU A 412 -2.75 -8.45 13.77
C GLU A 412 -3.04 -9.34 14.97
N LEU A 413 -3.40 -8.70 16.08
CA LEU A 413 -4.31 -9.34 17.02
C LEU A 413 -5.73 -8.98 16.66
N LEU A 414 -6.67 -9.78 17.13
CA LEU A 414 -7.92 -9.93 16.40
C LEU A 414 -8.91 -10.47 17.42
N ILE A 415 -9.81 -9.62 17.89
CA ILE A 415 -10.32 -9.74 19.26
C ILE A 415 -11.79 -10.13 19.30
N TRP A 416 -12.07 -11.43 19.35
CA TRP A 416 -13.38 -11.96 19.02
C TRP A 416 -14.39 -11.77 20.14
N SER A 417 -15.32 -10.86 19.94
CA SER A 417 -16.60 -10.95 20.59
C SER A 417 -17.48 -11.94 19.82
N ASP A 418 -18.65 -12.23 20.36
CA ASP A 418 -19.67 -12.80 19.51
C ASP A 418 -20.23 -11.71 18.60
N GLU A 419 -20.58 -12.12 17.37
CA GLU A 419 -21.30 -11.31 16.37
C GLU A 419 -20.44 -10.13 15.87
N ALA A 420 -19.15 -10.14 16.16
CA ALA A 420 -18.22 -9.11 15.70
C ALA A 420 -16.85 -9.76 15.75
N GLN A 421 -15.96 -9.35 14.84
CA GLN A 421 -14.67 -10.01 15.00
C GLN A 421 -13.51 -9.14 15.50
N PHE A 422 -12.85 -8.29 14.69
CA PHE A 422 -12.42 -6.90 14.94
C PHE A 422 -11.13 -6.68 14.14
N VAL A 423 -10.52 -5.50 14.24
CA VAL A 423 -9.13 -5.29 13.85
C VAL A 423 -8.45 -4.48 14.95
N LEU A 424 -7.36 -4.99 15.52
CA LEU A 424 -6.60 -4.26 16.53
C LEU A 424 -5.27 -3.80 15.94
N THR A 425 -5.22 -2.57 15.46
CA THR A 425 -3.97 -1.98 14.97
C THR A 425 -3.86 -0.57 15.51
N ALA A 426 -2.82 0.12 15.07
CA ALA A 426 -2.70 1.56 15.18
C ALA A 426 -2.41 2.13 13.79
N SER A 427 -2.41 3.46 13.71
CA SER A 427 -2.00 4.09 12.46
C SER A 427 -0.49 3.97 12.26
N GLY A 428 0.28 4.51 13.20
CA GLY A 428 1.72 4.30 13.20
C GLY A 428 2.13 3.42 14.36
N THR A 429 2.92 3.97 15.27
CA THR A 429 3.27 3.25 16.49
C THR A 429 2.12 3.38 17.49
N LEU A 430 2.22 2.60 18.56
CA LEU A 430 1.15 2.56 19.56
C LEU A 430 1.33 3.67 20.59
N THR A 431 0.36 4.58 20.65
CA THR A 431 0.16 5.44 21.80
C THR A 431 -1.22 5.15 22.35
N SER A 432 -1.64 5.94 23.34
CA SER A 432 -3.02 5.85 23.81
C SER A 432 -3.98 6.48 22.82
N LYS A 433 -3.47 7.30 21.90
CA LYS A 433 -4.34 7.98 20.95
C LYS A 433 -4.26 7.35 19.56
N SER A 434 -3.60 6.20 19.45
CA SER A 434 -3.26 5.70 18.12
C SER A 434 -4.08 4.48 17.73
N VAL A 435 -4.64 3.77 18.70
CA VAL A 435 -5.17 2.42 18.52
C VAL A 435 -6.44 2.48 17.69
N GLU A 436 -6.51 1.63 16.67
CA GLU A 436 -7.59 1.71 15.69
C GLU A 436 -8.89 1.08 16.21
N LEU A 437 -8.88 -0.23 16.45
CA LEU A 437 -9.97 -0.99 17.06
C LEU A 437 -11.29 -0.84 16.28
N ASN A 438 -11.33 -1.45 15.09
CA ASN A 438 -12.52 -1.36 14.24
C ASN A 438 -12.93 -2.72 13.69
N LEU A 439 -14.12 -2.75 13.12
CA LEU A 439 -14.84 -3.98 12.83
C LEU A 439 -14.24 -4.69 11.62
N THR A 440 -14.39 -6.01 11.58
CA THR A 440 -14.05 -6.78 10.39
C THR A 440 -15.27 -7.45 9.76
N THR A 441 -15.95 -8.32 10.49
CA THR A 441 -17.13 -9.02 10.00
C THR A 441 -18.12 -9.13 11.16
N GLN A 442 -19.23 -9.84 10.93
CA GLN A 442 -20.18 -10.07 12.02
C GLN A 442 -20.62 -11.53 12.06
N PHE A 443 -19.68 -12.45 11.88
CA PHE A 443 -19.98 -13.86 12.06
C PHE A 443 -20.20 -14.18 13.53
N ASP A 444 -21.11 -15.11 13.79
CA ASP A 444 -21.51 -15.45 15.16
C ASP A 444 -20.61 -16.56 15.69
N VAL A 445 -19.99 -16.32 16.84
CA VAL A 445 -19.07 -17.26 17.47
C VAL A 445 -19.48 -17.43 18.92
N GLN A 446 -19.81 -18.66 19.31
CA GLN A 446 -20.02 -18.91 20.72
C GLN A 446 -18.67 -18.99 21.41
N ASP A 447 -18.65 -18.57 22.67
CA ASP A 447 -17.39 -18.41 23.39
C ASP A 447 -17.41 -19.29 24.63
N ARG A 448 -17.07 -20.55 24.42
CA ARG A 448 -16.76 -21.51 25.46
C ARG A 448 -15.45 -22.23 25.21
N ALA A 449 -15.09 -22.46 23.94
CA ALA A 449 -13.83 -23.06 23.56
C ALA A 449 -12.99 -22.00 22.87
N ARG A 450 -11.72 -21.95 23.21
CA ARG A 450 -10.82 -21.02 22.52
C ARG A 450 -10.60 -21.49 21.10
N PRO A 451 -10.75 -20.63 20.10
CA PRO A 451 -10.55 -21.07 18.72
C PRO A 451 -9.09 -21.30 18.41
N PHE A 452 -8.79 -22.52 17.97
CA PHE A 452 -7.43 -23.04 17.93
C PHE A 452 -6.82 -22.83 16.56
N GLY A 453 -5.50 -22.67 16.55
CA GLY A 453 -4.49 -22.76 15.51
C GLY A 453 -4.95 -22.13 14.20
N ILE A 454 -4.63 -22.80 13.08
CA ILE A 454 -3.75 -23.97 13.03
C ILE A 454 -2.59 -23.65 12.12
N GLY A 455 -2.89 -23.32 10.87
CA GLY A 455 -1.86 -22.85 9.97
C GLY A 455 -2.11 -21.41 9.64
N ARG A 456 -2.59 -21.14 8.44
CA ARG A 456 -3.03 -19.81 8.06
C ARG A 456 -4.45 -19.54 8.53
N ASN A 457 -5.22 -20.59 8.79
CA ASN A 457 -6.63 -20.47 9.17
C ASN A 457 -6.74 -20.40 10.69
N VAL A 458 -7.90 -19.93 11.16
CA VAL A 458 -8.30 -20.08 12.55
C VAL A 458 -9.71 -20.66 12.54
N TYR A 459 -9.96 -21.67 13.35
CA TYR A 459 -11.19 -22.45 13.29
C TYR A 459 -12.13 -22.04 14.40
N PHE A 460 -13.36 -21.65 14.04
CA PHE A 460 -14.34 -21.22 15.00
C PHE A 460 -14.93 -22.39 15.79
N ALA A 461 -15.94 -22.04 16.57
CA ALA A 461 -17.02 -22.94 16.93
C ALA A 461 -18.29 -22.10 17.00
N SER A 462 -19.27 -22.43 16.15
CA SER A 462 -20.41 -21.55 15.99
C SER A 462 -21.66 -22.18 16.58
N PRO A 463 -22.49 -21.41 17.28
CA PRO A 463 -23.64 -22.00 17.97
C PRO A 463 -24.82 -22.16 17.03
N ARG A 464 -25.53 -23.26 17.18
CA ARG A 464 -26.89 -23.40 16.66
C ARG A 464 -27.76 -24.03 17.73
N SER A 465 -28.93 -24.45 17.32
CA SER A 465 -29.75 -25.38 18.09
C SER A 465 -30.11 -26.51 17.15
N SER A 466 -29.63 -27.72 17.44
CA SER A 466 -28.74 -28.01 18.55
C SER A 466 -27.55 -28.79 18.02
N PHE A 467 -27.00 -28.29 16.92
CA PHE A 467 -25.94 -28.96 16.17
C PHE A 467 -24.99 -27.85 15.69
N THR A 468 -23.78 -27.79 16.23
CA THR A 468 -22.89 -26.68 15.91
C THR A 468 -22.40 -26.72 14.47
N SER A 469 -21.87 -25.59 14.04
CA SER A 469 -21.61 -25.28 12.64
C SER A 469 -20.23 -24.64 12.52
N ILE A 470 -19.22 -25.33 13.03
CA ILE A 470 -17.81 -24.91 13.07
C ILE A 470 -17.30 -24.35 11.75
N HIS A 471 -16.80 -23.12 11.77
CA HIS A 471 -16.36 -22.44 10.57
C HIS A 471 -14.84 -22.48 10.45
N ARG A 472 -14.34 -21.76 9.44
CA ARG A 472 -12.91 -21.65 9.18
C ARG A 472 -12.63 -20.21 8.79
N TYR A 473 -11.95 -19.48 9.64
CA TYR A 473 -11.72 -18.06 9.44
C TYR A 473 -10.36 -17.88 8.80
N TYR A 474 -10.28 -17.05 7.77
CA TYR A 474 -9.08 -16.92 6.97
C TYR A 474 -9.11 -15.60 6.22
N ALA A 475 -7.93 -15.13 5.86
CA ALA A 475 -7.78 -13.96 5.02
C ALA A 475 -7.99 -14.37 3.57
N VAL A 476 -8.77 -13.58 2.84
CA VAL A 476 -9.02 -13.89 1.44
C VAL A 476 -7.76 -13.60 0.62
N GLN A 477 -7.76 -14.08 -0.62
CA GLN A 477 -6.56 -13.95 -1.44
C GLN A 477 -6.46 -12.59 -2.11
N ASP A 478 -7.56 -12.05 -2.63
CA ASP A 478 -7.41 -10.92 -3.54
C ASP A 478 -7.27 -9.58 -2.79
N VAL A 479 -8.05 -9.36 -1.73
CA VAL A 479 -7.92 -8.09 -1.02
C VAL A 479 -6.71 -8.23 -0.10
N SER A 480 -6.22 -7.11 0.44
CA SER A 480 -5.14 -7.21 1.42
C SER A 480 -5.66 -7.61 2.79
N SER A 481 -6.70 -6.93 3.27
CA SER A 481 -7.11 -7.03 4.67
C SER A 481 -8.61 -7.24 4.78
N VAL A 482 -9.14 -8.19 4.03
CA VAL A 482 -10.53 -8.62 4.16
C VAL A 482 -10.55 -10.10 4.47
N LYS A 483 -11.28 -10.47 5.51
CA LYS A 483 -11.33 -11.84 5.98
C LYS A 483 -12.70 -12.45 5.73
N ASN A 484 -12.74 -13.77 5.70
CA ASN A 484 -13.96 -14.51 5.42
C ASN A 484 -13.96 -15.78 6.25
N ALA A 485 -15.15 -16.27 6.56
CA ALA A 485 -15.33 -17.42 7.44
C ALA A 485 -16.19 -18.46 6.74
N GLU A 486 -15.54 -19.41 6.07
CA GLU A 486 -16.27 -20.50 5.45
C GLU A 486 -16.69 -21.52 6.49
N ASP A 487 -17.87 -22.09 6.29
CA ASP A 487 -18.30 -23.23 7.08
C ASP A 487 -17.63 -24.48 6.53
N ILE A 488 -16.97 -25.24 7.41
CA ILE A 488 -16.44 -26.54 7.06
C ILE A 488 -17.31 -27.66 7.54
N THR A 489 -18.44 -27.35 8.19
CA THR A 489 -19.50 -28.30 8.44
C THR A 489 -20.70 -28.05 7.53
N SER A 490 -20.47 -27.40 6.39
CA SER A 490 -21.56 -27.07 5.49
C SER A 490 -22.18 -28.30 4.86
N HIS A 491 -21.41 -29.37 4.73
CA HIS A 491 -21.91 -30.63 4.19
C HIS A 491 -22.14 -31.66 5.28
N VAL A 492 -21.71 -31.41 6.51
CA VAL A 492 -22.02 -32.29 7.64
C VAL A 492 -22.63 -31.40 8.71
N PRO A 493 -23.88 -30.97 8.59
CA PRO A 493 -24.37 -29.91 9.50
C PRO A 493 -24.85 -30.43 10.84
N ASN A 494 -25.39 -31.64 10.90
CA ASN A 494 -26.16 -32.09 12.05
C ASN A 494 -25.42 -33.07 12.92
N TYR A 495 -24.14 -32.80 13.24
CA TYR A 495 -23.25 -33.89 13.61
C TYR A 495 -22.60 -33.69 14.96
N ILE A 496 -22.47 -32.43 15.41
CA ILE A 496 -21.72 -32.11 16.61
C ILE A 496 -22.68 -31.53 17.64
N PRO A 497 -22.79 -32.11 18.82
CA PRO A 497 -24.03 -31.99 19.62
C PRO A 497 -24.24 -30.72 20.44
N ASN A 498 -23.56 -29.62 20.09
CA ASN A 498 -23.82 -28.27 20.62
C ASN A 498 -23.48 -28.17 22.11
N GLY A 499 -22.28 -28.58 22.46
CA GLY A 499 -21.55 -27.94 23.52
C GLY A 499 -20.09 -28.19 23.28
N VAL A 500 -19.34 -27.12 23.08
CA VAL A 500 -17.96 -27.23 22.61
C VAL A 500 -17.07 -26.56 23.65
N PHE A 501 -16.27 -27.38 24.33
CA PHE A 501 -15.42 -26.88 25.40
C PHE A 501 -13.95 -26.90 25.02
N SER A 502 -13.61 -27.50 23.89
CA SER A 502 -12.22 -27.55 23.46
C SER A 502 -12.17 -27.75 21.96
N ILE A 503 -11.15 -27.18 21.34
CA ILE A 503 -10.77 -27.49 19.97
C ILE A 503 -9.30 -27.86 20.02
N CYS A 504 -9.01 -29.14 19.84
CA CYS A 504 -7.66 -29.62 20.10
C CYS A 504 -6.70 -29.25 18.98
N GLY A 505 -6.89 -29.82 17.80
CA GLY A 505 -6.06 -29.50 16.64
C GLY A 505 -4.61 -29.95 16.74
N SER A 506 -3.98 -29.98 15.56
CA SER A 506 -2.53 -30.09 15.45
C SER A 506 -2.10 -29.60 14.09
N GLY A 507 -0.80 -29.41 13.88
CA GLY A 507 -0.33 -28.87 12.63
C GLY A 507 0.54 -29.81 11.85
N THR A 508 1.22 -30.73 12.55
CA THR A 508 2.11 -31.67 11.89
C THR A 508 1.32 -32.70 11.09
N GLU A 509 0.32 -33.31 11.73
CA GLU A 509 -0.49 -34.30 11.02
C GLU A 509 -1.67 -33.63 10.32
N ASN A 510 -1.70 -32.30 10.31
CA ASN A 510 -2.58 -31.47 9.51
C ASN A 510 -4.06 -31.67 9.79
N PHE A 511 -4.42 -31.97 11.04
CA PHE A 511 -5.84 -32.15 11.31
C PHE A 511 -6.31 -31.26 12.46
N CYS A 512 -7.54 -30.80 12.34
CA CYS A 512 -8.28 -30.20 13.45
C CYS A 512 -9.06 -31.30 14.14
N SER A 513 -9.39 -31.09 15.40
CA SER A 513 -10.19 -32.07 16.15
C SER A 513 -10.91 -31.36 17.27
N VAL A 514 -12.22 -31.56 17.34
CA VAL A 514 -13.08 -30.78 18.20
C VAL A 514 -13.83 -31.73 19.12
N LEU A 515 -13.62 -31.57 20.42
CA LEU A 515 -14.41 -32.34 21.38
C LEU A 515 -15.77 -31.69 21.54
N SER A 516 -16.70 -32.44 22.11
CA SER A 516 -18.03 -31.91 22.31
C SER A 516 -18.51 -32.31 23.69
N HIS A 517 -19.46 -31.55 24.21
CA HIS A 517 -20.23 -31.96 25.37
C HIS A 517 -21.70 -31.78 25.05
N GLY A 518 -22.22 -32.72 24.27
CA GLY A 518 -23.64 -33.04 24.23
C GLY A 518 -23.73 -34.53 24.04
N ASP A 519 -22.56 -35.12 23.81
CA ASP A 519 -22.32 -36.54 23.60
C ASP A 519 -20.82 -36.76 23.80
N PRO A 520 -20.36 -36.81 25.05
CA PRO A 520 -18.94 -36.61 25.34
C PRO A 520 -18.04 -37.79 25.01
N SER A 521 -18.58 -38.90 24.52
CA SER A 521 -17.77 -40.09 24.34
C SER A 521 -17.01 -40.11 23.03
N LYS A 522 -17.12 -39.07 22.21
CA LYS A 522 -16.45 -39.05 20.93
C LYS A 522 -15.53 -37.86 20.78
N ILE A 523 -14.44 -38.07 20.05
CA ILE A 523 -13.58 -36.99 19.58
C ILE A 523 -13.81 -36.85 18.09
N PHE A 524 -14.39 -35.73 17.68
CA PHE A 524 -14.57 -35.50 16.26
C PHE A 524 -13.23 -35.14 15.63
N MET A 525 -13.11 -35.44 14.34
CA MET A 525 -11.88 -35.19 13.60
C MET A 525 -12.15 -34.32 12.40
N TYR A 526 -11.10 -33.68 11.90
CA TYR A 526 -11.17 -32.93 10.65
C TYR A 526 -9.81 -33.00 10.00
N LYS A 527 -9.62 -33.99 9.14
CA LYS A 527 -8.35 -34.22 8.46
C LYS A 527 -8.37 -33.45 7.15
N PHE A 528 -7.35 -32.63 6.92
CA PHE A 528 -7.30 -31.80 5.74
C PHE A 528 -5.86 -31.68 5.28
N LEU A 529 -5.67 -31.23 4.05
CA LEU A 529 -4.36 -30.77 3.61
C LEU A 529 -4.57 -29.74 2.51
N TYR A 530 -3.60 -28.87 2.37
CA TYR A 530 -3.63 -27.82 1.35
C TYR A 530 -2.51 -28.05 0.36
N LEU A 531 -2.86 -28.10 -0.92
CA LEU A 531 -1.88 -28.13 -1.99
C LEU A 531 -2.29 -27.09 -3.01
N ASN A 532 -1.32 -26.27 -3.42
CA ASN A 532 -1.49 -25.16 -4.36
C ASN A 532 -2.56 -24.19 -3.89
N GLU A 533 -2.55 -23.91 -2.58
CA GLU A 533 -3.46 -23.00 -1.86
C GLU A 533 -4.92 -23.43 -1.98
N GLU A 534 -5.17 -24.70 -2.24
CA GLU A 534 -6.51 -25.21 -2.45
C GLU A 534 -6.76 -26.35 -1.48
N LEU A 535 -7.98 -26.45 -0.98
CA LEU A 535 -8.37 -27.58 -0.17
C LEU A 535 -8.45 -28.82 -1.07
N ARG A 536 -7.99 -29.95 -0.55
CA ARG A 536 -8.11 -31.22 -1.27
C ARG A 536 -8.69 -32.33 -0.42
N GLN A 537 -9.01 -32.07 0.85
CA GLN A 537 -9.51 -33.15 1.71
C GLN A 537 -10.40 -32.55 2.80
N GLN A 538 -11.69 -32.82 2.72
CA GLN A 538 -12.58 -32.68 3.85
C GLN A 538 -12.73 -34.03 4.54
N SER A 539 -12.81 -34.02 5.87
CA SER A 539 -13.00 -35.25 6.61
C SER A 539 -13.69 -34.93 7.92
N TRP A 540 -14.56 -35.83 8.35
CA TRP A 540 -15.19 -35.75 9.65
C TRP A 540 -15.39 -37.17 10.16
N SER A 541 -14.94 -37.41 11.39
CA SER A 541 -14.95 -38.78 11.87
C SER A 541 -15.02 -38.78 13.39
N HIS A 542 -15.81 -39.70 13.92
CA HIS A 542 -15.71 -40.01 15.32
C HIS A 542 -14.39 -40.71 15.58
N TRP A 543 -13.84 -40.49 16.77
CA TRP A 543 -13.07 -41.52 17.44
C TRP A 543 -13.84 -41.95 18.67
N ASP A 544 -14.07 -43.25 18.78
CA ASP A 544 -14.94 -43.75 19.83
C ASP A 544 -14.13 -44.69 20.71
N PHE A 545 -14.25 -44.53 22.02
CA PHE A 545 -13.42 -45.23 22.97
C PHE A 545 -14.18 -46.22 23.83
N GLY A 546 -15.49 -46.27 23.69
CA GLY A 546 -16.28 -47.21 24.46
C GLY A 546 -17.72 -46.74 24.57
N GLU A 547 -18.47 -47.46 25.38
CA GLU A 547 -19.89 -47.15 25.54
C GLU A 547 -20.07 -45.90 26.40
N ASN A 548 -19.55 -45.93 27.62
CA ASN A 548 -19.55 -44.75 28.49
C ASN A 548 -18.09 -44.43 28.82
N VAL A 549 -17.43 -43.71 27.93
CA VAL A 549 -16.10 -43.19 28.18
C VAL A 549 -16.15 -41.70 27.90
N GLN A 550 -16.42 -40.91 28.93
CA GLN A 550 -16.46 -39.47 28.75
C GLN A 550 -15.05 -38.93 28.56
N VAL A 551 -14.87 -38.15 27.51
CA VAL A 551 -13.54 -37.77 27.05
C VAL A 551 -13.28 -36.33 27.48
N LEU A 552 -12.30 -36.14 28.35
CA LEU A 552 -11.84 -34.80 28.63
C LEU A 552 -10.87 -34.34 27.56
N ALA A 553 -10.47 -33.07 27.64
CA ALA A 553 -9.86 -32.41 26.49
C ALA A 553 -8.47 -32.95 26.19
N CYS A 554 -8.37 -33.64 25.07
CA CYS A 554 -7.08 -34.03 24.54
C CYS A 554 -6.35 -32.82 23.99
N GLN A 555 -5.03 -32.84 24.14
CA GLN A 555 -4.18 -31.85 23.52
C GLN A 555 -3.03 -32.60 22.85
N SER A 556 -2.46 -32.00 21.83
CA SER A 556 -1.56 -32.71 20.94
C SER A 556 -0.19 -32.04 20.92
N ILE A 557 0.74 -32.56 21.71
CA ILE A 557 2.15 -32.32 21.46
C ILE A 557 2.52 -32.98 20.12
N SER A 558 3.53 -32.43 19.44
CA SER A 558 3.70 -32.35 17.99
C SER A 558 3.13 -33.48 17.15
N SER A 559 3.35 -34.73 17.56
CA SER A 559 2.72 -35.85 16.87
C SER A 559 2.18 -36.87 17.87
N ASP A 560 1.85 -36.45 19.08
CA ASP A 560 1.37 -37.34 20.13
C ASP A 560 0.11 -36.74 20.74
N MET A 561 -0.99 -37.46 20.61
CA MET A 561 -2.28 -37.02 21.15
C MET A 561 -2.42 -37.58 22.56
N TYR A 562 -2.45 -36.70 23.56
CA TYR A 562 -2.58 -37.11 24.96
C TYR A 562 -4.01 -36.87 25.43
N VAL A 563 -4.71 -37.95 25.80
CA VAL A 563 -6.14 -37.92 26.04
C VAL A 563 -6.41 -38.23 27.51
N ILE A 564 -7.42 -37.57 28.08
CA ILE A 564 -7.90 -37.83 29.44
C ILE A 564 -9.34 -38.32 29.35
N LEU A 565 -9.64 -39.45 30.02
CA LEU A 565 -10.92 -40.11 29.87
C LEU A 565 -11.58 -40.29 31.23
N ARG A 566 -12.89 -40.54 31.22
CA ARG A 566 -13.60 -41.00 32.41
C ARG A 566 -14.24 -42.35 32.10
N ASN A 567 -14.72 -43.04 33.14
CA ASN A 567 -14.93 -44.47 33.01
C ASN A 567 -16.37 -44.97 33.26
N GLU A 568 -17.01 -44.68 34.42
CA GLU A 568 -16.85 -43.63 35.43
C GLU A 568 -16.40 -44.15 36.80
N PHE A 569 -15.49 -45.12 36.78
CA PHE A 569 -14.90 -45.59 38.03
C PHE A 569 -13.61 -44.84 38.33
N ASN A 570 -12.76 -44.65 37.33
CA ASN A 570 -11.48 -43.97 37.49
C ASN A 570 -11.11 -43.26 36.21
N THR A 571 -10.50 -42.09 36.33
CA THR A 571 -10.02 -41.35 35.18
C THR A 571 -8.58 -41.79 34.94
N PHE A 572 -8.06 -41.50 33.74
CA PHE A 572 -6.68 -41.83 33.39
C PHE A 572 -6.24 -41.07 32.15
N LEU A 573 -4.95 -40.78 32.10
CA LEU A 573 -4.30 -40.14 30.96
C LEU A 573 -4.06 -41.21 29.91
N ALA A 574 -3.97 -40.81 28.64
CA ALA A 574 -3.79 -41.79 27.58
C ALA A 574 -3.16 -41.16 26.36
N ARG A 575 -2.14 -41.82 25.81
CA ARG A 575 -1.42 -41.30 24.66
C ARG A 575 -1.85 -41.98 23.37
N ILE A 576 -2.03 -41.17 22.32
CA ILE A 576 -2.21 -41.65 20.96
C ILE A 576 -1.05 -41.13 20.13
N SER A 577 -0.30 -42.04 19.54
CA SER A 577 0.91 -41.70 18.79
C SER A 577 0.73 -42.06 17.32
N PHE A 578 0.90 -41.08 16.44
CA PHE A 578 0.68 -41.28 15.01
C PHE A 578 1.96 -41.79 14.34
N THR A 579 2.49 -42.88 14.87
CA THR A 579 3.72 -43.44 14.35
C THR A 579 3.35 -44.67 13.52
N LYS A 580 3.95 -44.79 12.34
CA LYS A 580 3.40 -45.66 11.32
C LYS A 580 3.82 -47.11 11.53
N ASN A 581 5.12 -47.38 11.48
CA ASN A 581 5.64 -48.74 11.40
C ASN A 581 6.39 -49.06 12.70
N ALA A 582 5.77 -48.69 13.82
CA ALA A 582 6.46 -48.64 15.10
C ALA A 582 6.07 -49.80 15.99
N ILE A 583 6.57 -49.72 17.21
CA ILE A 583 6.25 -50.62 18.31
C ILE A 583 5.92 -49.75 19.51
N ASP A 584 4.74 -49.98 20.12
CA ASP A 584 4.35 -49.21 21.28
C ASP A 584 5.16 -49.58 22.51
N LEU A 585 5.16 -50.86 22.87
CA LEU A 585 5.74 -51.29 24.13
C LEU A 585 6.74 -52.39 23.82
N GLN A 586 7.87 -52.38 24.51
CA GLN A 586 9.00 -53.24 24.18
C GLN A 586 8.66 -54.70 24.42
N GLY A 587 8.73 -55.49 23.35
CA GLY A 587 8.36 -56.90 23.38
C GLY A 587 7.21 -57.26 22.47
N GLU A 588 6.83 -56.38 21.53
CA GLU A 588 5.93 -56.76 20.45
C GLU A 588 6.67 -57.72 19.52
N PRO A 589 5.97 -58.43 18.60
CA PRO A 589 4.78 -58.44 17.74
C PRO A 589 3.47 -57.97 18.36
N TYR A 590 2.67 -57.15 17.65
CA TYR A 590 2.94 -56.68 16.30
C TYR A 590 2.51 -55.23 16.01
N ARG A 591 2.60 -54.36 17.04
CA ARG A 591 2.06 -53.00 17.25
C ARG A 591 0.57 -53.03 17.58
N ALA A 592 -0.12 -54.10 17.21
CA ALA A 592 -1.28 -54.67 17.89
C ALA A 592 -2.55 -53.83 17.98
N PHE A 593 -2.50 -52.53 17.62
CA PHE A 593 -3.62 -51.56 17.50
C PHE A 593 -4.76 -51.77 18.49
N MET A 594 -4.39 -51.90 19.76
CA MET A 594 -5.25 -52.61 20.71
C MET A 594 -6.45 -51.78 21.11
N ASP A 595 -6.28 -50.46 21.31
CA ASP A 595 -6.98 -49.67 22.34
C ASP A 595 -6.54 -50.11 23.73
N MET A 596 -5.65 -49.30 24.34
CA MET A 596 -5.43 -49.28 25.78
C MET A 596 -4.45 -50.38 26.18
N LYS A 597 -3.35 -50.45 25.44
CA LYS A 597 -2.21 -51.32 25.71
C LYS A 597 -1.56 -51.06 27.06
N ILE A 598 -1.29 -52.13 27.81
CA ILE A 598 -0.34 -52.13 28.93
C ILE A 598 0.44 -53.42 28.89
N ARG A 599 1.76 -53.31 28.91
CA ARG A 599 2.62 -54.47 29.05
C ARG A 599 2.62 -54.89 30.51
N TYR A 600 1.72 -55.79 30.83
CA TYR A 600 1.58 -56.26 32.19
C TYR A 600 2.26 -57.59 32.34
N THR A 601 3.42 -57.59 33.00
CA THR A 601 4.02 -58.83 33.43
C THR A 601 3.18 -59.44 34.53
N ILE A 602 3.22 -60.76 34.62
CA ILE A 602 2.35 -61.52 35.53
C ILE A 602 3.13 -61.80 36.80
N PRO A 603 2.56 -61.56 37.99
CA PRO A 603 3.28 -61.86 39.24
C PRO A 603 3.43 -63.35 39.49
N SER A 604 4.08 -63.67 40.61
CA SER A 604 4.37 -65.07 40.93
C SER A 604 3.11 -65.83 41.30
N GLY A 605 2.37 -65.32 42.29
CA GLY A 605 1.19 -66.06 42.70
C GLY A 605 -0.06 -65.62 41.98
N THR A 606 -0.34 -66.30 40.86
CA THR A 606 -1.64 -66.28 40.20
C THR A 606 -2.12 -67.65 39.81
N TYR A 607 -1.22 -68.60 39.61
CA TYR A 607 -1.57 -69.90 39.08
C TYR A 607 -1.96 -70.88 40.19
N ASN A 608 -2.99 -71.67 39.89
CA ASN A 608 -3.33 -72.83 40.70
C ASN A 608 -3.46 -74.05 39.80
N ASP A 609 -2.80 -75.15 40.19
CA ASP A 609 -2.75 -76.32 39.31
C ASP A 609 -3.98 -77.19 39.46
N ASP A 610 -4.89 -76.82 40.35
CA ASP A 610 -6.13 -77.59 40.46
C ASP A 610 -7.02 -77.37 39.24
N THR A 611 -7.44 -76.13 38.99
CA THR A 611 -8.32 -75.81 37.86
C THR A 611 -7.55 -75.46 36.60
N PHE A 612 -6.22 -75.39 36.67
CA PHE A 612 -5.31 -75.11 35.54
C PHE A 612 -5.66 -73.79 34.89
N THR A 613 -5.48 -72.71 35.64
CA THR A 613 -5.92 -71.39 35.22
C THR A 613 -5.07 -70.33 35.90
N THR A 614 -4.37 -69.52 35.11
CA THR A 614 -3.85 -68.28 35.64
C THR A 614 -4.93 -67.21 35.55
N SER A 615 -5.07 -66.43 36.60
CA SER A 615 -6.13 -65.45 36.66
C SER A 615 -5.52 -64.10 37.05
N ILE A 616 -6.00 -63.05 36.40
CA ILE A 616 -5.46 -61.72 36.59
C ILE A 616 -6.56 -60.82 37.10
N HIS A 617 -6.28 -60.11 38.18
CA HIS A 617 -7.18 -59.09 38.70
C HIS A 617 -6.96 -57.83 37.87
N ILE A 618 -8.03 -57.29 37.30
CA ILE A 618 -7.92 -56.24 36.28
C ILE A 618 -7.42 -54.91 36.83
N PRO A 619 -7.93 -54.32 37.92
CA PRO A 619 -7.30 -53.08 38.39
C PRO A 619 -5.97 -53.27 39.13
N THR A 620 -5.45 -54.49 39.26
CA THR A 620 -4.06 -54.63 39.64
C THR A 620 -3.13 -54.38 38.45
N ILE A 621 -3.69 -54.40 37.24
CA ILE A 621 -2.94 -53.95 36.07
C ILE A 621 -3.01 -52.44 35.97
N TYR A 622 -4.17 -51.87 36.31
CA TYR A 622 -4.52 -50.51 35.93
C TYR A 622 -4.70 -49.61 37.14
N GLY A 623 -5.48 -50.05 38.12
CA GLY A 623 -6.03 -49.17 39.11
C GLY A 623 -7.43 -48.70 38.79
N ALA A 624 -8.08 -49.31 37.79
CA ALA A 624 -9.39 -48.85 37.35
C ALA A 624 -10.31 -50.04 37.14
N ASN A 625 -11.59 -49.83 37.46
CA ASN A 625 -12.65 -50.76 37.12
C ASN A 625 -13.34 -50.28 35.86
N PHE A 626 -13.90 -51.22 35.11
CA PHE A 626 -14.35 -50.94 33.76
C PHE A 626 -15.84 -51.20 33.59
N GLY A 627 -16.46 -50.39 32.75
CA GLY A 627 -17.82 -50.62 32.37
C GLY A 627 -17.97 -51.73 31.36
N ARG A 628 -17.48 -51.53 30.14
CA ARG A 628 -17.71 -52.48 29.05
C ARG A 628 -16.48 -52.56 28.16
N GLY A 629 -16.63 -53.28 27.07
CA GLY A 629 -15.56 -53.44 26.09
C GLY A 629 -15.15 -54.89 25.99
N LYS A 630 -14.36 -55.19 24.97
CA LYS A 630 -13.83 -56.52 24.75
C LYS A 630 -12.34 -56.51 25.01
N ILE A 631 -11.95 -56.99 26.18
CA ILE A 631 -10.55 -57.02 26.56
C ILE A 631 -9.89 -58.16 25.81
N THR A 632 -8.89 -57.84 24.99
CA THR A 632 -8.09 -58.84 24.31
C THR A 632 -6.72 -58.88 24.95
N VAL A 633 -6.11 -60.05 24.94
CA VAL A 633 -4.82 -60.26 25.58
C VAL A 633 -3.84 -60.83 24.58
N LEU A 634 -2.69 -60.19 24.44
CA LEU A 634 -1.73 -60.52 23.41
C LEU A 634 -0.43 -60.95 24.06
N GLU A 635 0.11 -62.07 23.61
CA GLU A 635 1.35 -62.62 24.12
C GLU A 635 2.49 -62.20 23.20
N PRO A 636 3.74 -62.34 23.64
CA PRO A 636 4.85 -62.19 22.69
C PRO A 636 4.89 -63.30 21.66
N ASP A 637 4.23 -64.41 21.94
CA ASP A 637 3.96 -65.43 20.95
C ASP A 637 2.74 -65.01 20.13
N GLY A 638 2.20 -65.92 19.34
CA GLY A 638 1.10 -65.55 18.48
C GLY A 638 -0.27 -65.70 19.12
N LYS A 639 -0.32 -65.83 20.45
CA LYS A 639 -1.57 -66.10 21.13
C LYS A 639 -2.35 -64.80 21.29
N ILE A 640 -3.65 -64.87 21.06
CA ILE A 640 -4.60 -63.79 21.34
C ILE A 640 -5.86 -64.42 21.89
N THR A 641 -6.27 -63.97 23.07
CA THR A 641 -7.52 -64.42 23.67
C THR A 641 -8.46 -63.23 23.81
N VAL A 642 -9.72 -63.44 23.45
CA VAL A 642 -10.73 -62.40 23.53
C VAL A 642 -11.70 -62.81 24.64
N PHE A 643 -12.19 -61.83 25.39
CA PHE A 643 -12.84 -62.14 26.65
C PHE A 643 -14.29 -61.76 26.78
N GLU A 644 -14.78 -60.75 26.03
CA GLU A 644 -16.21 -60.54 25.80
C GLU A 644 -17.00 -60.32 27.08
N GLN A 645 -16.89 -59.11 27.68
CA GLN A 645 -17.31 -58.70 29.02
C GLN A 645 -18.58 -59.33 29.56
N PRO A 646 -18.57 -59.76 30.82
CA PRO A 646 -19.73 -60.47 31.38
C PRO A 646 -20.89 -59.53 31.65
N THR A 647 -22.05 -60.13 31.87
CA THR A 647 -23.23 -59.37 32.23
C THR A 647 -23.02 -58.73 33.60
N ALA A 648 -23.21 -57.41 33.66
CA ALA A 648 -22.84 -56.54 34.77
C ALA A 648 -21.37 -56.62 35.13
N GLY A 649 -20.50 -56.91 34.15
CA GLY A 649 -19.09 -56.69 34.29
C GLY A 649 -18.74 -55.26 33.94
N TRP A 650 -17.45 -54.93 34.01
CA TRP A 650 -16.38 -55.76 34.52
C TRP A 650 -16.23 -55.57 36.03
N ASN A 651 -17.04 -54.68 36.58
CA ASN A 651 -16.86 -54.24 37.96
C ASN A 651 -17.27 -55.32 38.96
N SER A 652 -18.15 -56.23 38.54
CA SER A 652 -18.60 -57.30 39.44
C SER A 652 -17.47 -58.29 39.70
N ASP A 653 -16.85 -58.79 38.65
CA ASP A 653 -15.74 -59.74 38.78
C ASP A 653 -14.62 -59.37 37.82
N PRO A 654 -13.72 -58.47 38.20
CA PRO A 654 -12.55 -58.25 37.36
C PRO A 654 -11.58 -59.40 37.55
N TRP A 655 -11.63 -60.34 36.60
CA TRP A 655 -10.84 -61.55 36.65
C TRP A 655 -10.59 -62.00 35.23
N LEU A 656 -9.32 -62.19 34.92
CA LEU A 656 -8.88 -62.40 33.56
C LEU A 656 -8.20 -63.75 33.51
N ARG A 657 -8.93 -64.76 33.05
CA ARG A 657 -8.54 -66.17 33.16
C ARG A 657 -8.02 -66.64 31.81
N LEU A 658 -6.76 -67.05 31.76
CA LEU A 658 -6.10 -67.28 30.48
C LEU A 658 -5.82 -68.75 30.18
N SER A 659 -4.95 -69.39 30.96
CA SER A 659 -4.33 -70.67 30.61
C SER A 659 -3.58 -71.17 31.82
N GLY A 660 -2.74 -72.19 31.67
CA GLY A 660 -1.99 -72.62 32.83
C GLY A 660 -0.88 -71.70 33.30
N ASN A 661 0.26 -71.69 32.63
CA ASN A 661 1.46 -71.10 33.20
C ASN A 661 1.93 -69.94 32.34
N LEU A 662 1.59 -68.72 32.76
CA LEU A 662 1.92 -67.55 31.97
C LEU A 662 2.60 -66.48 32.82
N GLU A 663 3.45 -66.90 33.76
CA GLU A 663 3.99 -65.98 34.77
C GLU A 663 5.04 -65.05 34.19
N GLY A 664 6.12 -65.60 33.63
CA GLY A 664 7.15 -64.74 33.09
C GLY A 664 6.93 -64.26 31.68
N ARG A 665 5.68 -64.15 31.22
CA ARG A 665 5.46 -64.02 29.78
C ARG A 665 5.34 -62.57 29.34
N MET A 666 5.28 -61.62 30.31
CA MET A 666 5.18 -60.16 30.10
C MET A 666 4.12 -59.79 29.06
N VAL A 667 2.87 -60.09 29.40
CA VAL A 667 1.81 -60.21 28.41
C VAL A 667 1.21 -58.83 28.13
N TYR A 668 0.61 -58.68 26.96
CA TYR A 668 -0.02 -57.41 26.59
C TYR A 668 -1.53 -57.49 26.73
N ILE A 669 -2.10 -56.48 27.36
CA ILE A 669 -3.54 -56.44 27.64
C ILE A 669 -4.10 -55.12 27.13
N GLY A 670 -5.17 -55.23 26.34
CA GLY A 670 -5.81 -54.05 25.79
C GLY A 670 -7.31 -54.23 25.65
N PHE A 671 -7.87 -53.50 24.70
CA PHE A 671 -9.28 -53.57 24.33
C PHE A 671 -9.45 -54.00 22.89
N ASN A 672 -10.64 -53.80 22.35
CA ASN A 672 -10.84 -53.74 20.91
C ASN A 672 -11.43 -52.39 20.56
N ILE A 673 -10.99 -51.82 19.44
CA ILE A 673 -11.63 -50.64 18.88
C ILE A 673 -12.80 -51.13 18.03
N ASN A 674 -13.83 -50.32 17.92
CA ASN A 674 -14.85 -50.58 16.92
C ASN A 674 -14.59 -49.70 15.70
N PHE A 675 -14.16 -50.32 14.61
CA PHE A 675 -13.94 -49.61 13.35
C PHE A 675 -15.15 -49.80 12.47
N VAL A 676 -15.76 -48.70 12.05
CA VAL A 676 -16.96 -48.71 11.23
C VAL A 676 -16.74 -47.76 10.07
N TYR A 677 -17.14 -48.20 8.87
CA TYR A 677 -17.10 -47.29 7.72
C TYR A 677 -18.19 -47.69 6.72
N GLU A 678 -19.25 -46.91 6.66
CA GLU A 678 -20.18 -47.13 5.57
C GLU A 678 -19.63 -46.52 4.29
N PHE A 679 -20.30 -46.85 3.19
CA PHE A 679 -20.07 -46.21 1.91
C PHE A 679 -21.30 -45.42 1.53
N SER A 680 -21.11 -44.46 0.64
CA SER A 680 -22.24 -43.88 -0.07
C SER A 680 -22.80 -44.95 -1.00
N LYS A 681 -24.10 -44.85 -1.28
CA LYS A 681 -24.73 -45.79 -2.20
C LYS A 681 -24.16 -45.56 -3.58
N PHE A 682 -23.71 -46.66 -4.21
CA PHE A 682 -22.85 -46.60 -5.39
C PHE A 682 -23.66 -46.13 -6.59
N LEU A 683 -23.89 -44.84 -6.66
CA LEU A 683 -24.52 -44.22 -7.81
C LEU A 683 -23.47 -43.96 -8.89
N ILE A 684 -23.89 -43.32 -9.97
CA ILE A 684 -23.00 -43.00 -11.08
C ILE A 684 -22.51 -41.58 -10.84
N LYS A 685 -21.38 -41.46 -10.15
CA LYS A 685 -20.74 -40.17 -9.93
C LYS A 685 -20.10 -39.70 -11.23
N GLN A 686 -20.46 -38.50 -11.68
CA GLN A 686 -19.96 -37.97 -12.93
C GLN A 686 -19.69 -36.48 -12.80
N THR A 687 -18.44 -36.09 -13.05
CA THR A 687 -18.07 -34.69 -12.90
C THR A 687 -18.28 -33.90 -14.18
N ALA A 688 -19.52 -33.42 -14.34
CA ALA A 688 -19.89 -32.59 -15.48
C ALA A 688 -21.17 -31.84 -15.14
N ASP A 689 -21.14 -30.52 -15.24
CA ASP A 689 -20.88 -29.80 -16.49
C ASP A 689 -19.69 -28.87 -16.23
N ASP A 690 -19.72 -28.17 -15.11
CA ASP A 690 -18.54 -27.66 -14.41
C ASP A 690 -17.88 -28.78 -13.63
N GLY A 691 -17.18 -28.43 -12.54
CA GLY A 691 -16.86 -29.48 -11.59
C GLY A 691 -18.08 -29.85 -10.75
N SER A 692 -17.88 -30.03 -9.44
CA SER A 692 -18.95 -30.30 -8.46
C SER A 692 -19.76 -31.55 -8.87
N THR A 693 -19.10 -32.71 -8.72
CA THR A 693 -19.53 -33.99 -9.27
C THR A 693 -20.98 -34.34 -8.91
N SER A 694 -21.83 -34.39 -9.92
CA SER A 694 -23.26 -34.60 -9.74
C SER A 694 -23.65 -35.97 -10.29
N THR A 695 -24.48 -36.68 -9.55
CA THR A 695 -24.91 -38.02 -9.92
C THR A 695 -25.90 -37.97 -11.08
N GLU A 696 -26.25 -39.15 -11.57
CA GLU A 696 -27.35 -39.30 -12.52
C GLU A 696 -28.18 -40.49 -12.06
N ASP A 697 -29.34 -40.21 -11.47
CA ASP A 697 -30.25 -41.23 -10.99
C ASP A 697 -31.52 -41.19 -11.84
N ILE A 698 -31.45 -41.83 -12.99
CA ILE A 698 -32.60 -41.92 -13.88
C ILE A 698 -32.98 -43.35 -14.16
N GLY A 699 -32.05 -44.17 -14.60
CA GLY A 699 -32.34 -45.56 -14.85
C GLY A 699 -31.91 -46.42 -13.69
N ARG A 700 -32.40 -47.65 -13.70
CA ARG A 700 -32.03 -48.60 -12.67
C ARG A 700 -30.59 -49.04 -12.85
N LEU A 701 -29.77 -48.80 -11.83
CA LEU A 701 -28.38 -49.24 -11.82
C LEU A 701 -28.35 -50.59 -11.11
N GLN A 702 -28.43 -51.66 -11.88
CA GLN A 702 -28.25 -52.97 -11.29
C GLN A 702 -26.78 -53.20 -10.99
N LEU A 703 -26.45 -53.20 -9.71
CA LEU A 703 -25.08 -53.15 -9.23
C LEU A 703 -24.62 -54.59 -9.04
N ARG A 704 -23.34 -54.84 -9.30
CA ARG A 704 -22.79 -56.17 -9.07
C ARG A 704 -21.29 -56.07 -8.81
N ARG A 705 -20.85 -56.70 -7.73
CA ARG A 705 -19.47 -56.97 -7.36
C ARG A 705 -18.57 -55.73 -7.37
N ALA A 706 -18.85 -54.88 -6.40
CA ALA A 706 -17.89 -53.87 -6.00
C ALA A 706 -16.61 -54.53 -5.49
N TRP A 707 -15.51 -53.81 -5.59
CA TRP A 707 -14.22 -54.37 -5.22
C TRP A 707 -13.39 -53.37 -4.43
N VAL A 708 -12.74 -53.85 -3.39
CA VAL A 708 -11.94 -53.03 -2.48
C VAL A 708 -10.49 -53.47 -2.56
N ASN A 709 -9.60 -52.56 -2.91
CA ASN A 709 -8.18 -52.87 -2.91
C ASN A 709 -7.51 -52.25 -1.69
N TYR A 710 -6.42 -52.89 -1.26
CA TYR A 710 -5.88 -52.64 0.06
C TYR A 710 -4.36 -52.79 0.04
N GLU A 711 -3.70 -51.94 0.79
CA GLU A 711 -2.25 -51.96 0.93
C GLU A 711 -1.94 -52.86 2.13
N ASN A 712 -0.72 -52.76 2.68
CA ASN A 712 -0.09 -53.77 3.50
C ASN A 712 -0.75 -53.95 4.87
N SER A 713 -2.02 -54.39 4.88
CA SER A 713 -2.73 -54.90 6.05
C SER A 713 -4.03 -55.54 5.58
N GLY A 714 -4.76 -56.10 6.54
CA GLY A 714 -6.01 -56.75 6.20
C GLY A 714 -6.84 -57.12 7.41
N THR A 715 -7.71 -58.12 7.20
CA THR A 715 -8.66 -58.67 8.17
C THR A 715 -9.76 -57.68 8.58
N PHE A 716 -10.13 -56.79 7.68
CA PHE A 716 -11.44 -56.16 7.80
C PHE A 716 -12.49 -57.11 7.27
N ASP A 717 -13.76 -56.95 7.67
CA ASP A 717 -14.65 -57.95 7.09
C ASP A 717 -15.17 -57.57 5.72
N ILE A 718 -16.47 -57.22 5.64
CA ILE A 718 -17.24 -56.28 4.84
C ILE A 718 -18.68 -56.68 5.13
N TYR A 719 -19.59 -55.75 5.36
CA TYR A 719 -20.99 -56.13 5.51
C TYR A 719 -21.76 -55.49 4.36
N VAL A 720 -22.29 -56.32 3.49
CA VAL A 720 -23.22 -55.84 2.46
C VAL A 720 -24.64 -56.02 2.95
N GLU A 721 -25.40 -54.94 2.97
CA GLU A 721 -26.71 -54.91 3.62
C GLU A 721 -27.72 -54.41 2.60
N ASN A 722 -28.51 -55.34 2.08
CA ASN A 722 -29.64 -55.02 1.22
C ASN A 722 -30.86 -54.82 2.14
N GLN A 723 -32.07 -54.80 1.59
CA GLN A 723 -33.25 -54.64 2.42
C GLN A 723 -33.48 -55.83 3.33
N SER A 724 -33.22 -57.03 2.82
CA SER A 724 -33.44 -58.24 3.61
C SER A 724 -32.36 -59.29 3.45
N SER A 725 -31.17 -58.95 2.97
CA SER A 725 -30.21 -59.98 2.63
C SER A 725 -29.18 -60.19 3.74
N ASN A 726 -28.40 -59.15 4.07
CA ASN A 726 -27.35 -59.15 5.09
C ASN A 726 -26.26 -60.19 4.85
N TRP A 727 -25.51 -60.04 3.78
CA TRP A 727 -24.37 -60.91 3.52
C TRP A 727 -23.15 -60.29 4.19
N LYS A 728 -22.23 -61.11 4.69
CA LYS A 728 -21.00 -60.61 5.30
C LYS A 728 -19.79 -61.22 4.62
N TYR A 729 -18.96 -60.37 4.05
CA TYR A 729 -17.85 -60.82 3.23
C TYR A 729 -16.56 -60.73 4.03
N THR A 730 -16.37 -61.63 4.99
CA THR A 730 -15.19 -61.58 5.83
C THR A 730 -13.94 -61.85 5.02
N MET A 731 -12.84 -61.28 5.47
CA MET A 731 -11.58 -61.28 4.74
C MET A 731 -10.45 -61.47 5.74
N ALA A 732 -9.41 -62.19 5.33
CA ALA A 732 -8.23 -62.34 6.16
C ALA A 732 -7.01 -62.00 5.34
N GLY A 733 -5.83 -62.26 5.92
CA GLY A 733 -4.64 -61.49 5.61
C GLY A 733 -4.13 -61.66 4.19
N ALA A 734 -3.57 -62.83 3.88
CA ALA A 734 -2.90 -62.96 2.60
C ALA A 734 -3.38 -64.20 1.88
N ARG A 735 -2.98 -64.31 0.62
CA ARG A 735 -3.35 -65.44 -0.20
C ARG A 735 -2.44 -66.62 0.11
N LEU A 736 -2.90 -67.82 -0.22
CA LEU A 736 -2.08 -69.02 -0.01
C LEU A 736 -0.88 -69.01 -0.93
N GLY A 737 0.27 -69.40 -0.40
CA GLY A 737 1.48 -69.43 -1.18
C GLY A 737 2.19 -68.10 -1.27
N SER A 738 1.60 -67.02 -0.78
CA SER A 738 2.25 -65.73 -0.76
C SER A 738 3.41 -65.74 0.23
N ASN A 739 4.37 -64.86 0.01
CA ASN A 739 5.46 -64.73 0.96
C ASN A 739 5.02 -63.99 2.21
N THR A 740 3.92 -63.23 2.11
CA THR A 740 3.39 -62.55 3.28
C THR A 740 2.73 -63.55 4.23
N LEU A 741 2.00 -64.51 3.68
CA LEU A 741 1.34 -65.51 4.52
C LEU A 741 2.37 -66.49 5.07
N ARG A 742 2.53 -66.48 6.39
CA ARG A 742 3.55 -67.26 7.07
C ARG A 742 2.88 -68.07 8.16
N ALA A 743 3.54 -69.15 8.57
CA ALA A 743 2.98 -69.97 9.63
C ALA A 743 3.21 -69.36 11.01
N GLY A 744 4.10 -68.38 11.09
CA GLY A 744 3.90 -67.34 12.08
C GLY A 744 4.80 -66.15 11.82
N ARG A 745 4.11 -65.06 11.49
CA ARG A 745 4.55 -63.70 11.20
C ARG A 745 3.21 -62.97 11.14
N LEU A 746 3.18 -61.76 10.61
CA LEU A 746 1.91 -61.10 10.33
C LEU A 746 1.22 -61.69 9.10
N ASN A 747 -0.09 -61.48 9.04
CA ASN A 747 -0.88 -61.80 7.87
C ASN A 747 -1.47 -60.50 7.32
N LEU A 748 -0.81 -59.90 6.34
CA LEU A 748 -1.25 -58.58 5.91
C LEU A 748 -1.79 -58.54 4.48
N GLY A 749 -0.99 -58.92 3.49
CA GLY A 749 -1.54 -58.94 2.15
C GLY A 749 -1.64 -57.59 1.48
N THR A 750 -1.94 -57.64 0.18
CA THR A 750 -2.04 -56.47 -0.68
C THR A 750 -3.22 -56.71 -1.61
N GLY A 751 -3.91 -55.64 -2.06
CA GLY A 751 -5.14 -55.77 -2.80
C GLY A 751 -4.92 -56.34 -4.20
N GLN A 752 -6.03 -56.53 -4.92
CA GLN A 752 -7.38 -56.12 -4.55
C GLN A 752 -8.17 -57.23 -3.90
N TYR A 753 -9.46 -56.98 -3.69
CA TYR A 753 -10.40 -57.99 -3.23
C TYR A 753 -11.76 -57.73 -3.86
N ARG A 754 -12.29 -58.72 -4.56
CA ARG A 754 -13.55 -58.59 -5.28
C ARG A 754 -14.60 -59.40 -4.55
N PHE A 755 -15.80 -58.84 -4.45
CA PHE A 755 -16.86 -59.43 -3.66
C PHE A 755 -18.21 -58.96 -4.20
N PRO A 756 -19.18 -59.86 -4.34
CA PRO A 756 -20.46 -59.52 -4.99
C PRO A 756 -21.34 -58.58 -4.17
N VAL A 757 -21.68 -57.42 -4.74
CA VAL A 757 -22.73 -56.58 -4.19
C VAL A 757 -23.88 -56.61 -5.18
N VAL A 758 -24.79 -57.54 -5.00
CA VAL A 758 -25.81 -57.86 -6.00
C VAL A 758 -27.08 -57.13 -5.63
N GLY A 759 -27.61 -56.35 -6.57
CA GLY A 759 -28.90 -55.75 -6.40
C GLY A 759 -28.92 -54.34 -6.91
N ASN A 760 -29.98 -53.63 -6.56
CA ASN A 760 -30.14 -52.25 -6.98
C ASN A 760 -29.17 -51.35 -6.22
N ALA A 761 -28.83 -50.22 -6.83
CA ALA A 761 -27.88 -49.29 -6.22
C ALA A 761 -28.51 -48.52 -5.07
N LYS A 762 -29.79 -48.19 -5.18
CA LYS A 762 -30.49 -47.39 -4.18
C LYS A 762 -30.71 -48.16 -2.87
N PHE A 763 -30.49 -49.48 -2.85
CA PHE A 763 -30.82 -50.28 -1.70
C PHE A 763 -29.63 -50.98 -1.05
N ASN A 764 -28.51 -51.14 -1.76
CA ASN A 764 -27.35 -51.81 -1.19
C ASN A 764 -26.49 -50.81 -0.43
N THR A 765 -26.24 -51.10 0.85
CA THR A 765 -25.41 -50.27 1.71
C THR A 765 -24.22 -51.12 2.16
N VAL A 766 -23.10 -51.00 1.46
CA VAL A 766 -21.90 -51.73 1.85
C VAL A 766 -21.24 -51.01 3.01
N TYR A 767 -20.83 -51.76 4.03
CA TYR A 767 -20.10 -51.15 5.13
C TYR A 767 -19.13 -52.13 5.75
N ILE A 768 -18.13 -51.58 6.43
CA ILE A 768 -17.00 -52.34 6.92
C ILE A 768 -16.94 -52.14 8.43
N LEU A 769 -17.58 -53.02 9.18
CA LEU A 769 -17.21 -53.23 10.57
C LEU A 769 -16.11 -54.27 10.63
N SER A 770 -15.19 -54.13 11.58
CA SER A 770 -14.48 -55.37 11.85
C SER A 770 -14.49 -55.82 13.30
N ASP A 771 -13.51 -55.30 14.04
CA ASP A 771 -13.09 -55.41 15.43
C ASP A 771 -11.65 -54.95 15.22
N GLU A 772 -10.77 -55.03 16.21
CA GLU A 772 -9.66 -56.00 16.16
C GLU A 772 -8.43 -55.62 16.96
N THR A 773 -7.47 -56.52 16.95
CA THR A 773 -6.11 -56.18 17.29
C THR A 773 -5.22 -55.99 16.07
N THR A 774 -5.79 -55.73 14.88
CA THR A 774 -5.05 -55.77 13.62
C THR A 774 -5.39 -54.55 12.76
N PRO A 775 -4.40 -53.92 12.07
CA PRO A 775 -4.71 -52.75 11.24
C PRO A 775 -5.58 -53.01 10.03
N LEU A 776 -5.87 -51.97 9.25
CA LEU A 776 -6.31 -52.17 7.88
C LEU A 776 -5.91 -50.94 7.07
N ASN A 777 -5.92 -51.10 5.76
CA ASN A 777 -5.74 -50.01 4.83
C ASN A 777 -6.78 -50.18 3.73
N ILE A 778 -7.40 -49.09 3.30
CA ILE A 778 -8.30 -49.12 2.16
C ILE A 778 -7.86 -48.03 1.20
N ILE A 779 -7.43 -48.43 0.00
CA ILE A 779 -6.90 -47.43 -0.91
C ILE A 779 -8.02 -46.89 -1.78
N GLY A 780 -8.65 -47.74 -2.56
CA GLY A 780 -9.73 -47.33 -3.43
C GLY A 780 -10.85 -48.32 -3.35
N CYS A 781 -11.96 -47.99 -4.01
CA CYS A 781 -13.09 -48.89 -4.12
C CYS A 781 -13.70 -48.72 -5.49
N GLY A 782 -13.94 -49.83 -6.19
CA GLY A 782 -14.63 -49.80 -7.44
C GLY A 782 -16.00 -50.45 -7.32
N TRP A 783 -16.71 -50.47 -8.44
CA TRP A 783 -17.91 -51.26 -8.60
C TRP A 783 -18.17 -51.38 -10.08
N GLU A 784 -18.84 -52.47 -10.47
CA GLU A 784 -19.35 -52.58 -11.82
C GLU A 784 -20.84 -52.85 -11.74
N GLY A 785 -21.47 -53.00 -12.90
CA GLY A 785 -22.88 -53.26 -12.90
C GLY A 785 -23.57 -52.80 -14.16
N ASN A 786 -24.68 -53.46 -14.48
CA ASN A 786 -25.48 -53.11 -15.65
C ASN A 786 -26.16 -51.77 -15.38
N TYR A 787 -26.06 -50.87 -16.33
CA TYR A 787 -26.80 -49.61 -16.26
C TYR A 787 -27.70 -49.49 -17.48
N LEU A 788 -28.95 -49.16 -17.26
CA LEU A 788 -29.89 -49.05 -18.36
C LEU A 788 -30.87 -47.93 -17.99
N ARG A 789 -30.64 -46.74 -18.51
CA ARG A 789 -31.62 -45.67 -18.45
C ARG A 789 -32.39 -45.67 -19.76
N ARG A 790 -33.71 -45.84 -19.66
CA ARG A 790 -34.53 -45.96 -20.86
C ARG A 790 -34.65 -44.61 -21.54
N SER A 791 -35.04 -43.60 -20.78
CA SER A 791 -35.23 -42.24 -21.26
C SER A 791 -33.86 -41.62 -21.50
N SER A 792 -33.42 -41.61 -22.76
CA SER A 792 -32.10 -41.08 -23.11
C SER A 792 -32.10 -39.57 -22.88
N GLY A 793 -31.45 -39.15 -21.81
CA GLY A 793 -31.65 -37.82 -21.28
C GLY A 793 -30.96 -36.73 -22.08
N ILE A 794 -31.21 -35.50 -21.61
CA ILE A 794 -30.67 -34.25 -22.14
C ILE A 794 -30.98 -34.05 -23.61
N LEU B 3 -36.68 -39.46 -26.65
CA LEU B 3 -37.34 -39.31 -25.37
C LEU B 3 -36.27 -38.86 -24.39
N ILE B 4 -36.37 -37.65 -23.87
CA ILE B 4 -35.32 -37.09 -23.03
C ILE B 4 -35.82 -37.00 -21.60
N SER B 5 -34.89 -36.68 -20.70
CA SER B 5 -35.17 -36.57 -19.28
C SER B 5 -34.01 -35.89 -18.60
N GLN B 6 -34.32 -35.15 -17.55
CA GLN B 6 -33.27 -34.55 -16.75
C GLN B 6 -33.78 -34.32 -15.34
N SER B 7 -32.86 -34.36 -14.40
CA SER B 7 -33.20 -34.20 -13.00
C SER B 7 -32.67 -32.88 -12.49
N ILE B 8 -33.53 -32.15 -11.78
CA ILE B 8 -33.13 -30.93 -11.10
C ILE B 8 -32.64 -31.34 -9.72
N LYS B 9 -31.33 -31.19 -9.49
CA LYS B 9 -30.70 -31.86 -8.34
C LYS B 9 -31.08 -31.19 -7.03
N ASN B 10 -31.13 -29.86 -7.02
CA ASN B 10 -31.43 -29.10 -5.82
C ASN B 10 -32.77 -28.43 -6.01
N LEU B 11 -33.25 -27.77 -4.96
CA LEU B 11 -34.38 -26.86 -5.08
C LEU B 11 -34.11 -25.53 -4.39
N LYS B 12 -32.90 -25.01 -4.51
CA LYS B 12 -32.51 -23.74 -3.89
C LYS B 12 -32.22 -22.70 -4.96
N GLY B 13 -33.15 -21.76 -5.17
CA GLY B 13 -34.42 -21.75 -4.48
C GLY B 13 -35.19 -20.47 -4.69
N GLY B 14 -36.46 -20.49 -4.32
CA GLY B 14 -37.20 -19.26 -4.16
C GLY B 14 -37.91 -18.82 -5.41
N ILE B 15 -38.46 -17.61 -5.31
CA ILE B 15 -39.22 -17.02 -6.39
C ILE B 15 -38.27 -16.68 -7.52
N SER B 16 -38.78 -16.68 -8.74
CA SER B 16 -38.07 -16.07 -9.85
C SER B 16 -39.11 -15.50 -10.79
N GLN B 17 -39.39 -14.20 -10.65
CA GLN B 17 -40.41 -13.56 -11.47
C GLN B 17 -39.91 -13.26 -12.89
N GLN B 18 -38.66 -13.59 -13.17
CA GLN B 18 -38.17 -13.64 -14.54
C GLN B 18 -38.92 -14.74 -15.29
N PRO B 19 -39.26 -14.53 -16.57
CA PRO B 19 -40.04 -15.54 -17.31
C PRO B 19 -39.28 -16.85 -17.50
N ASP B 20 -40.05 -17.94 -17.59
CA ASP B 20 -39.55 -19.27 -17.31
C ASP B 20 -38.61 -19.81 -18.38
N ILE B 21 -38.54 -19.17 -19.54
CA ILE B 21 -37.57 -19.61 -20.53
C ILE B 21 -36.23 -18.95 -20.28
N LEU B 22 -36.20 -17.99 -19.34
CA LEU B 22 -34.94 -17.35 -18.98
C LEU B 22 -34.35 -17.95 -17.72
N ARG B 23 -35.21 -18.33 -16.77
CA ARG B 23 -34.78 -18.59 -15.41
C ARG B 23 -34.00 -19.90 -15.32
N TYR B 24 -33.29 -20.04 -14.21
CA TYR B 24 -32.51 -21.23 -13.95
C TYR B 24 -33.43 -22.36 -13.52
N PRO B 25 -32.94 -23.59 -13.46
CA PRO B 25 -33.57 -24.56 -12.56
C PRO B 25 -33.21 -24.23 -11.12
N ASP B 26 -33.87 -24.93 -10.20
CA ASP B 26 -33.94 -24.77 -8.74
C ASP B 26 -34.88 -23.63 -8.37
N GLN B 27 -35.40 -22.86 -9.33
CA GLN B 27 -36.15 -21.64 -9.05
C GLN B 27 -37.62 -21.86 -9.36
N GLY B 28 -38.44 -21.95 -8.31
CA GLY B 28 -39.86 -22.08 -8.49
C GLY B 28 -40.50 -20.76 -8.81
N SER B 29 -41.79 -20.81 -9.13
CA SER B 29 -42.51 -19.60 -9.49
C SER B 29 -43.24 -18.99 -8.30
N ARG B 30 -43.63 -19.81 -7.32
CA ARG B 30 -43.97 -19.24 -6.03
C ARG B 30 -43.60 -20.23 -4.94
N GLN B 31 -43.43 -19.71 -3.73
CA GLN B 31 -42.98 -20.47 -2.59
C GLN B 31 -43.38 -19.75 -1.31
N VAL B 32 -44.21 -20.42 -0.52
CA VAL B 32 -44.72 -19.87 0.73
C VAL B 32 -44.37 -20.86 1.83
N ASN B 33 -43.86 -20.35 2.96
CA ASN B 33 -43.51 -21.10 4.16
C ASN B 33 -42.46 -22.17 3.89
N GLY B 34 -41.61 -21.95 2.89
CA GLY B 34 -40.58 -22.90 2.57
C GLY B 34 -39.26 -22.54 3.24
N TRP B 35 -38.42 -23.55 3.45
CA TRP B 35 -37.11 -23.35 4.05
C TRP B 35 -36.09 -24.15 3.26
N SER B 36 -35.51 -23.53 2.25
CA SER B 36 -34.55 -24.17 1.36
C SER B 36 -33.20 -24.25 2.07
N SER B 37 -32.97 -25.36 2.76
CA SER B 37 -31.71 -25.52 3.48
C SER B 37 -30.58 -25.90 2.53
N GLU B 38 -29.40 -26.13 3.11
CA GLU B 38 -28.24 -26.46 2.30
C GLU B 38 -28.29 -27.91 1.83
N THR B 39 -28.38 -28.85 2.75
CA THR B 39 -28.38 -30.27 2.39
C THR B 39 -29.78 -30.77 2.05
N GLU B 40 -30.70 -30.68 3.00
CA GLU B 40 -32.10 -30.89 2.67
C GLU B 40 -32.60 -29.70 1.84
N GLY B 41 -33.56 -29.97 0.98
CA GLY B 41 -34.06 -28.94 0.12
C GLY B 41 -35.17 -28.17 0.80
N LEU B 42 -36.33 -28.20 0.15
CA LEU B 42 -37.52 -27.57 0.69
C LEU B 42 -37.96 -28.23 1.99
N GLN B 43 -38.26 -27.41 2.97
CA GLN B 43 -38.85 -27.85 4.22
C GLN B 43 -39.95 -26.88 4.58
N LYS B 44 -40.80 -27.27 5.51
CA LYS B 44 -41.67 -26.31 6.17
C LYS B 44 -40.86 -25.47 7.13
N ARG B 45 -41.21 -24.20 7.25
CA ARG B 45 -40.61 -23.37 8.28
C ARG B 45 -41.05 -23.88 9.65
N PRO B 46 -40.17 -23.84 10.65
CA PRO B 46 -40.53 -24.35 11.98
C PRO B 46 -41.54 -23.46 12.65
N PRO B 47 -42.38 -24.01 13.52
CA PRO B 47 -43.61 -23.30 13.93
C PRO B 47 -43.38 -22.20 14.96
N LEU B 48 -44.46 -21.47 15.19
CA LEU B 48 -44.42 -20.36 16.09
C LEU B 48 -44.91 -20.86 17.42
N VAL B 49 -44.02 -20.94 18.37
CA VAL B 49 -44.42 -21.27 19.70
C VAL B 49 -45.07 -20.03 20.29
N PHE B 50 -45.84 -20.16 21.35
CA PHE B 50 -46.75 -19.10 21.78
C PHE B 50 -46.41 -18.16 22.95
N LEU B 51 -45.15 -18.15 23.38
CA LEU B 51 -44.81 -17.33 24.54
C LEU B 51 -44.89 -15.93 24.03
N ASN B 52 -45.90 -15.18 24.49
CA ASN B 52 -47.15 -15.74 24.92
C ASN B 52 -48.29 -14.88 24.40
N THR B 53 -48.50 -13.71 24.95
CA THR B 53 -49.34 -12.74 24.28
C THR B 53 -49.11 -11.44 24.98
N LEU B 54 -49.40 -10.30 24.36
CA LEU B 54 -49.26 -9.05 25.08
C LEU B 54 -50.28 -7.96 24.86
N GLY B 55 -51.32 -8.21 24.09
CA GLY B 55 -52.10 -7.09 23.59
C GLY B 55 -53.45 -7.23 22.96
N ASP B 56 -54.01 -6.06 22.69
CA ASP B 56 -55.05 -5.84 21.74
C ASP B 56 -54.35 -5.04 20.65
N ASN B 57 -54.55 -5.39 19.38
CA ASN B 57 -54.18 -4.52 18.28
C ASN B 57 -54.28 -3.04 18.62
N LEU B 60 -50.94 -2.25 21.93
CA LEU B 60 -49.59 -1.82 21.59
C LEU B 60 -49.64 -0.80 20.49
N GLY B 61 -48.50 -0.23 20.15
CA GLY B 61 -48.48 0.90 19.25
C GLY B 61 -49.06 0.41 17.97
N GLN B 62 -49.83 1.24 17.28
CA GLN B 62 -50.47 0.78 16.07
C GLN B 62 -49.51 0.40 14.97
N ALA B 63 -48.51 1.24 14.73
CA ALA B 63 -47.38 0.88 13.90
C ALA B 63 -46.19 1.40 14.65
N PRO B 64 -45.39 0.44 15.30
CA PRO B 64 -44.46 1.01 16.25
C PRO B 64 -43.08 0.85 15.77
N TYR B 65 -42.11 1.22 16.61
CA TYR B 65 -40.70 0.95 16.36
C TYR B 65 -40.22 0.01 17.46
N ILE B 66 -39.87 -1.21 17.08
CA ILE B 66 -39.49 -2.25 18.02
C ILE B 66 -38.04 -2.65 17.77
N HIS B 67 -37.22 -2.59 18.81
CA HIS B 67 -35.80 -2.86 18.74
C HIS B 67 -35.35 -3.49 20.05
N LEU B 68 -34.71 -4.66 19.99
CA LEU B 68 -34.40 -5.40 21.20
C LEU B 68 -33.13 -4.89 21.84
N ILE B 69 -32.85 -5.40 23.04
CA ILE B 69 -31.60 -5.20 23.75
C ILE B 69 -31.07 -6.59 24.10
N ASN B 70 -29.81 -6.85 23.76
CA ASN B 70 -29.23 -8.18 23.96
C ASN B 70 -27.91 -8.02 24.70
N ARG B 71 -27.98 -7.94 26.03
CA ARG B 71 -26.79 -7.72 26.83
C ARG B 71 -26.11 -9.02 27.25
N ASP B 72 -26.80 -9.87 27.99
CA ASP B 72 -26.23 -11.15 28.41
C ASP B 72 -27.17 -12.28 28.02
N GLU B 73 -26.87 -13.48 28.51
CA GLU B 73 -27.76 -14.61 28.27
C GLU B 73 -29.00 -14.54 29.15
N HIS B 74 -28.87 -13.91 30.32
CA HIS B 74 -30.00 -13.73 31.23
C HIS B 74 -30.62 -12.36 31.05
N GLU B 75 -30.05 -11.57 30.13
CA GLU B 75 -30.37 -10.15 30.05
C GLU B 75 -30.66 -9.83 28.58
N GLN B 76 -31.93 -10.03 28.20
CA GLN B 76 -32.38 -9.94 26.81
C GLN B 76 -33.80 -9.40 26.81
N TYR B 77 -33.95 -8.10 26.56
CA TYR B 77 -35.27 -7.48 26.61
C TYR B 77 -35.59 -6.81 25.28
N TYR B 78 -36.84 -6.39 25.13
CA TYR B 78 -37.29 -5.61 23.99
C TYR B 78 -37.32 -4.12 24.30
N ALA B 79 -37.76 -3.33 23.32
CA ALA B 79 -38.16 -1.95 23.52
C ALA B 79 -39.15 -1.60 22.41
N VAL B 80 -40.42 -1.43 22.78
CA VAL B 80 -41.48 -1.12 21.83
C VAL B 80 -41.74 0.37 21.93
N PHE B 81 -41.54 1.09 20.84
CA PHE B 81 -41.71 2.55 20.85
C PHE B 81 -43.03 2.88 20.18
N THR B 82 -44.09 2.86 20.98
CA THR B 82 -45.41 3.15 20.44
C THR B 82 -45.57 4.65 20.19
N GLY B 83 -46.75 5.02 19.69
CA GLY B 83 -47.05 6.43 19.52
C GLY B 83 -47.23 7.14 20.84
N SER B 84 -47.64 6.40 21.88
CA SER B 84 -47.82 7.00 23.19
C SER B 84 -46.53 7.03 23.97
N GLY B 85 -45.93 5.87 24.22
CA GLY B 85 -44.72 5.85 25.05
C GLY B 85 -43.97 4.54 24.94
N ILE B 86 -42.92 4.45 25.77
CA ILE B 86 -42.04 3.30 25.77
C ILE B 86 -42.74 2.14 26.45
N ARG B 87 -42.66 0.95 25.85
CA ARG B 87 -43.09 -0.28 26.50
C ARG B 87 -42.05 -1.36 26.27
N VAL B 88 -41.73 -2.11 27.31
CA VAL B 88 -40.66 -3.10 27.28
C VAL B 88 -41.21 -4.45 27.69
N PHE B 89 -41.02 -5.44 26.82
CA PHE B 89 -41.26 -6.83 27.12
C PHE B 89 -39.92 -7.52 27.32
N ASP B 90 -39.95 -8.69 27.96
CA ASP B 90 -38.76 -9.50 27.99
C ASP B 90 -38.79 -10.48 26.83
N LEU B 91 -37.92 -11.48 26.89
CA LEU B 91 -37.94 -12.56 25.91
C LEU B 91 -38.70 -13.77 26.44
N SER B 92 -39.59 -13.55 27.40
CA SER B 92 -40.59 -14.54 27.79
C SER B 92 -41.98 -13.95 27.67
N GLY B 93 -42.08 -12.65 27.42
CA GLY B 93 -43.32 -12.05 26.97
C GLY B 93 -44.14 -11.25 27.96
N ASN B 94 -43.71 -11.11 29.21
CA ASN B 94 -44.46 -10.33 30.17
C ASN B 94 -43.91 -8.90 30.23
N GLU B 95 -44.77 -7.96 30.61
CA GLU B 95 -44.39 -6.56 30.61
C GLU B 95 -43.47 -6.25 31.78
N LYS B 96 -42.57 -5.30 31.56
CA LYS B 96 -41.79 -4.71 32.64
C LYS B 96 -41.89 -3.20 32.54
N GLN B 97 -41.89 -2.55 33.70
CA GLN B 97 -42.30 -1.16 33.82
C GLN B 97 -41.18 -0.24 33.36
N VAL B 98 -41.56 0.86 32.73
CA VAL B 98 -40.67 1.97 32.46
C VAL B 98 -41.20 3.17 33.23
N ARG B 99 -40.35 4.17 33.45
CA ARG B 99 -40.73 5.33 34.21
C ARG B 99 -40.29 6.58 33.46
N TYR B 100 -41.06 7.65 33.62
CA TYR B 100 -40.78 8.94 33.01
C TYR B 100 -40.55 9.95 34.12
N PRO B 101 -39.34 10.00 34.67
CA PRO B 101 -39.08 10.96 35.75
C PRO B 101 -38.95 12.38 35.25
N ASN B 102 -38.80 12.57 33.95
CA ASN B 102 -38.57 13.88 33.37
C ASN B 102 -39.57 14.23 32.29
N GLY B 103 -40.73 13.58 32.28
CA GLY B 103 -41.70 13.77 31.22
C GLY B 103 -41.34 12.96 29.99
N SER B 104 -42.35 12.57 29.22
CA SER B 104 -41.99 11.86 28.00
C SER B 104 -41.57 12.86 26.96
N ASN B 105 -42.53 13.61 26.39
CA ASN B 105 -42.38 14.77 25.49
C ASN B 105 -41.46 14.49 24.29
N TYR B 106 -41.09 13.24 24.04
CA TYR B 106 -40.04 12.92 23.08
C TYR B 106 -40.40 11.71 22.24
N ILE B 107 -41.33 10.88 22.71
CA ILE B 107 -41.72 9.67 22.01
C ILE B 107 -43.07 9.86 21.34
N LYS B 108 -43.81 10.89 21.73
CA LYS B 108 -45.12 11.18 21.13
C LYS B 108 -44.93 11.64 19.70
N THR B 109 -45.18 10.72 18.78
CA THR B 109 -44.94 10.92 17.35
C THR B 109 -46.00 10.14 16.60
N ALA B 110 -46.49 10.73 15.50
CA ALA B 110 -47.44 10.02 14.66
C ALA B 110 -46.80 8.82 13.97
N ASN B 111 -45.55 8.95 13.54
CA ASN B 111 -44.85 7.86 12.85
C ASN B 111 -43.58 7.53 13.61
N PRO B 112 -43.65 6.62 14.58
CA PRO B 112 -42.45 6.31 15.36
C PRO B 112 -41.47 5.41 14.61
N ARG B 113 -41.89 4.80 13.51
CA ARG B 113 -40.95 4.07 12.68
C ARG B 113 -40.04 5.02 11.91
N ASN B 114 -40.62 6.04 11.30
CA ASN B 114 -39.88 6.93 10.43
C ASN B 114 -39.10 7.98 11.21
N ASP B 115 -39.28 8.08 12.52
CA ASP B 115 -38.78 9.22 13.26
C ASP B 115 -38.01 8.88 14.52
N LEU B 116 -38.04 7.65 15.00
CA LEU B 116 -37.29 7.29 16.18
C LEU B 116 -36.16 6.33 15.83
N ARG B 117 -35.07 6.45 16.58
CA ARG B 117 -33.91 5.62 16.39
C ARG B 117 -33.47 5.06 17.74
N MET B 118 -32.71 3.98 17.70
CA MET B 118 -32.19 3.41 18.93
C MET B 118 -30.83 2.78 18.65
N VAL B 119 -29.79 3.41 19.17
CA VAL B 119 -28.46 2.83 19.13
C VAL B 119 -28.14 2.30 20.52
N THR B 120 -27.66 1.07 20.59
CA THR B 120 -27.63 0.36 21.86
C THR B 120 -26.26 -0.26 22.08
N VAL B 121 -25.65 0.07 23.21
CA VAL B 121 -24.42 -0.58 23.67
C VAL B 121 -24.72 -1.08 25.08
N ALA B 122 -23.79 -1.84 25.66
CA ALA B 122 -24.04 -2.44 26.98
C ALA B 122 -24.12 -1.41 28.09
N ASP B 123 -23.49 -0.25 27.90
CA ASP B 123 -23.50 0.77 28.92
C ASP B 123 -24.69 1.71 28.79
N TYR B 124 -25.11 2.01 27.56
CA TYR B 124 -26.16 2.98 27.33
C TYR B 124 -27.03 2.54 26.15
N THR B 125 -28.31 2.89 26.24
CA THR B 125 -29.29 2.58 25.20
C THR B 125 -29.87 3.88 24.70
N PHE B 126 -29.27 4.46 23.68
CA PHE B 126 -29.64 5.77 23.17
C PHE B 126 -30.98 5.69 22.46
N ILE B 127 -31.79 6.73 22.65
CA ILE B 127 -33.07 6.84 21.96
C ILE B 127 -33.13 8.21 21.31
N VAL B 128 -33.28 8.23 20.00
CA VAL B 128 -33.11 9.42 19.19
C VAL B 128 -34.42 9.74 18.50
N ASN B 129 -34.97 10.92 18.76
CA ASN B 129 -36.04 11.42 17.91
C ASN B 129 -35.42 12.22 16.78
N ARG B 130 -36.00 12.08 15.59
CA ARG B 130 -35.45 12.77 14.43
C ARG B 130 -36.23 14.03 14.12
N ASN B 131 -37.44 14.15 14.67
CA ASN B 131 -38.24 15.34 14.41
C ASN B 131 -37.75 16.51 15.25
N VAL B 132 -37.32 16.25 16.47
CA VAL B 132 -36.98 17.32 17.39
C VAL B 132 -35.63 17.92 17.01
N VAL B 133 -35.51 19.23 17.18
CA VAL B 133 -34.28 19.96 16.91
C VAL B 133 -33.79 20.54 18.23
N ALA B 134 -32.48 20.51 18.43
CA ALA B 134 -31.89 20.86 19.72
C ALA B 134 -31.32 22.26 19.66
N GLN B 135 -31.70 23.10 20.62
CA GLN B 135 -31.27 24.49 20.66
C GLN B 135 -30.40 24.72 21.88
N LYS B 136 -29.84 25.93 21.95
CA LYS B 136 -29.29 26.42 23.20
C LYS B 136 -30.41 27.03 24.03
N ASN B 137 -30.24 26.99 25.35
CA ASN B 137 -31.22 27.60 26.26
C ASN B 137 -30.68 28.93 26.76
N THR B 138 -31.52 29.95 26.71
CA THR B 138 -31.08 31.30 27.05
C THR B 138 -31.13 31.57 28.55
N LYS B 139 -31.55 30.59 29.34
CA LYS B 139 -31.77 30.83 30.76
C LYS B 139 -30.45 30.82 31.52
N SER B 140 -29.61 29.82 31.29
CA SER B 140 -28.37 29.66 32.02
C SER B 140 -27.22 30.21 31.21
N VAL B 141 -26.78 31.43 31.53
CA VAL B 141 -25.58 32.01 30.96
C VAL B 141 -24.52 32.04 32.06
N ASN B 142 -23.30 32.45 31.69
CA ASN B 142 -22.24 32.57 32.68
C ASN B 142 -22.39 33.85 33.48
N LEU B 143 -22.30 35.00 32.80
CA LEU B 143 -22.55 36.27 33.42
C LEU B 143 -23.68 36.97 32.67
N PRO B 144 -24.59 37.65 33.37
CA PRO B 144 -25.80 38.18 32.71
C PRO B 144 -25.54 39.24 31.65
N ASN B 145 -24.89 40.35 32.03
CA ASN B 145 -24.52 41.36 31.06
C ASN B 145 -23.01 41.49 30.93
N TYR B 146 -22.34 41.81 32.04
CA TYR B 146 -20.89 41.98 32.14
C TYR B 146 -20.37 42.95 31.08
N ASN B 147 -20.70 44.22 31.24
CA ASN B 147 -19.93 45.25 30.58
C ASN B 147 -18.48 45.09 31.05
N PRO B 148 -17.55 44.71 30.16
CA PRO B 148 -16.21 44.32 30.63
C PRO B 148 -15.37 45.49 31.13
N ASN B 149 -15.87 46.71 31.00
CA ASN B 149 -15.20 47.86 31.60
C ASN B 149 -15.45 47.94 33.10
N GLN B 150 -16.54 47.34 33.58
CA GLN B 150 -17.05 47.70 34.90
C GLN B 150 -16.33 47.04 36.08
N ASP B 151 -14.99 47.01 36.04
CA ASP B 151 -14.02 46.94 37.12
C ASP B 151 -12.61 46.86 36.53
N GLY B 152 -11.60 46.95 37.39
CA GLY B 152 -10.23 46.74 36.96
C GLY B 152 -9.27 47.79 37.49
N LEU B 153 -8.00 47.40 37.54
CA LEU B 153 -7.24 47.46 38.78
C LEU B 153 -5.85 48.06 38.51
N ILE B 154 -5.25 48.64 39.55
CA ILE B 154 -3.95 49.27 39.41
C ILE B 154 -3.04 48.74 40.50
N ASN B 155 -2.17 47.80 40.14
CA ASN B 155 -1.21 47.24 41.09
C ASN B 155 -0.09 48.23 41.35
N VAL B 156 0.34 48.28 42.61
CA VAL B 156 1.38 49.19 43.06
C VAL B 156 2.59 48.38 43.50
N ARG B 157 3.78 48.85 43.09
CA ARG B 157 5.04 48.19 43.42
C ARG B 157 6.12 49.23 43.67
N GLY B 158 6.28 49.63 44.93
CA GLY B 158 7.45 50.38 45.40
C GLY B 158 7.75 51.69 44.72
N GLY B 159 6.91 52.70 44.93
CA GLY B 159 7.12 53.98 44.26
C GLY B 159 8.31 54.73 44.83
N GLN B 160 9.33 54.93 44.00
CA GLN B 160 10.51 55.65 44.48
C GLN B 160 10.31 57.15 44.36
N TYR B 161 11.38 57.88 44.69
CA TYR B 161 11.26 59.26 45.12
C TYR B 161 11.14 60.22 43.94
N GLY B 162 10.12 61.07 43.99
CA GLY B 162 9.95 62.13 43.00
C GLY B 162 9.26 61.73 41.72
N ARG B 163 8.19 60.94 41.81
CA ARG B 163 7.48 60.44 40.64
C ARG B 163 5.99 60.69 40.82
N GLU B 164 5.44 61.62 40.03
CA GLU B 164 4.03 61.96 40.13
C GLU B 164 3.18 60.82 39.60
N LEU B 165 2.38 60.24 40.48
CA LEU B 165 1.45 59.19 40.12
C LEU B 165 0.06 59.79 40.05
N ILE B 166 -0.56 59.73 38.87
CA ILE B 166 -1.96 60.13 38.70
C ILE B 166 -2.71 58.93 38.19
N VAL B 167 -4.03 58.95 38.34
CA VAL B 167 -4.92 57.97 37.72
C VAL B 167 -5.91 58.73 36.86
N HIS B 168 -5.96 58.37 35.57
CA HIS B 168 -6.63 59.19 34.56
C HIS B 168 -8.01 58.64 34.21
N ILE B 169 -8.76 58.14 35.20
CA ILE B 169 -10.10 57.63 34.96
C ILE B 169 -11.03 58.78 34.58
N ASN B 170 -11.83 58.56 33.54
CA ASN B 170 -12.90 59.43 33.05
C ASN B 170 -12.31 60.75 32.54
N GLY B 171 -11.05 60.75 32.10
CA GLY B 171 -10.39 61.93 31.57
C GLY B 171 -9.74 62.82 32.61
N LYS B 172 -10.27 62.83 33.83
CA LYS B 172 -9.83 63.75 34.87
C LYS B 172 -8.58 63.22 35.55
N ASP B 173 -7.73 64.15 35.99
CA ASP B 173 -6.55 63.79 36.77
C ASP B 173 -6.95 63.48 38.20
N VAL B 174 -7.08 62.19 38.50
CA VAL B 174 -7.55 61.74 39.80
C VAL B 174 -6.37 61.06 40.49
N ALA B 175 -6.34 61.13 41.82
CA ALA B 175 -5.36 60.47 42.69
C ALA B 175 -3.94 60.96 42.40
N LYS B 176 -3.69 62.24 42.64
CA LYS B 176 -2.38 62.85 42.38
C LYS B 176 -1.49 62.75 43.61
N TYR B 177 -0.32 62.15 43.48
CA TYR B 177 0.71 62.19 44.51
C TYR B 177 2.07 61.86 43.91
N LYS B 178 3.10 62.55 44.38
CA LYS B 178 4.47 62.19 44.07
C LYS B 178 5.15 61.76 45.36
N ILE B 179 5.97 60.72 45.27
CA ILE B 179 6.69 60.23 46.44
C ILE B 179 7.82 61.20 46.73
N PRO B 180 7.87 61.81 47.90
CA PRO B 180 8.81 62.93 48.13
C PRO B 180 10.26 62.49 48.17
N ASP B 181 11.13 63.44 47.81
CA ASP B 181 12.59 63.31 47.76
C ASP B 181 13.13 62.83 49.11
N GLY B 182 14.09 61.91 49.06
CA GLY B 182 14.59 61.25 50.26
C GLY B 182 15.55 62.14 51.03
N SER B 183 15.05 62.68 52.14
CA SER B 183 15.90 63.30 53.14
C SER B 183 15.43 62.78 54.50
N GLN B 184 16.12 61.76 55.00
CA GLN B 184 15.64 60.38 54.86
C GLN B 184 14.39 59.88 55.63
N PRO B 185 14.20 60.16 56.96
CA PRO B 185 13.48 59.18 57.80
C PRO B 185 12.01 58.93 57.48
N GLU B 186 11.24 59.97 57.16
CA GLU B 186 9.84 59.75 56.83
C GLU B 186 9.67 59.28 55.40
N HIS B 187 10.72 59.42 54.57
CA HIS B 187 10.59 59.13 53.16
C HIS B 187 10.80 57.65 52.86
N VAL B 188 11.53 56.95 53.73
CA VAL B 188 11.83 55.55 53.45
C VAL B 188 10.64 54.69 53.87
N ASN B 189 9.86 55.17 54.84
CA ASN B 189 8.56 54.55 55.13
C ASN B 189 7.55 54.89 54.05
N ASN B 190 7.84 55.91 53.25
CA ASN B 190 6.92 56.42 52.25
C ASN B 190 7.07 55.65 50.93
N THR B 191 8.27 55.15 50.63
CA THR B 191 8.55 54.63 49.29
C THR B 191 7.88 53.28 49.02
N ASP B 192 7.20 52.71 50.00
CA ASP B 192 6.54 51.42 49.82
C ASP B 192 5.31 51.53 48.93
N ALA B 193 4.79 50.36 48.52
CA ALA B 193 3.57 50.33 47.72
C ALA B 193 2.34 50.34 48.62
N GLN B 194 2.48 49.86 49.86
CA GLN B 194 1.30 49.64 50.68
C GLN B 194 0.76 50.96 51.23
N TRP B 195 1.64 51.87 51.65
CA TRP B 195 1.16 53.15 52.15
C TRP B 195 0.56 53.98 51.03
N LEU B 196 1.09 53.83 49.81
CA LEU B 196 0.49 54.47 48.65
C LEU B 196 -0.85 53.85 48.29
N ALA B 197 -1.04 52.57 48.62
CA ALA B 197 -2.23 51.84 48.21
C ALA B 197 -3.49 52.37 48.87
N GLU B 198 -3.36 53.00 50.04
CA GLU B 198 -4.48 53.73 50.59
C GLU B 198 -4.38 55.23 50.29
N GLU B 199 -3.15 55.74 50.11
CA GLU B 199 -2.98 57.16 49.82
C GLU B 199 -3.49 57.52 48.44
N LEU B 200 -3.26 56.64 47.46
CA LEU B 200 -3.87 56.83 46.15
C LEU B 200 -5.37 56.63 46.22
N ALA B 201 -5.83 55.68 47.03
CA ALA B 201 -7.24 55.29 47.02
C ALA B 201 -8.10 56.28 47.79
N LYS B 202 -7.53 56.97 48.78
CA LYS B 202 -8.34 57.88 49.60
C LYS B 202 -8.67 59.15 48.84
N GLN B 203 -7.90 59.47 47.79
CA GLN B 203 -8.25 60.59 46.95
C GLN B 203 -9.30 60.19 45.92
N MET B 204 -9.28 58.92 45.50
CA MET B 204 -10.31 58.43 44.58
C MET B 204 -11.63 58.17 45.30
N ARG B 205 -11.61 58.15 46.64
CA ARG B 205 -12.88 58.13 47.36
C ARG B 205 -13.46 59.54 47.46
N THR B 206 -12.60 60.56 47.36
CA THR B 206 -13.10 61.93 47.34
C THR B 206 -13.58 62.31 45.95
N ASN B 207 -12.84 61.94 44.92
CA ASN B 207 -13.15 62.32 43.55
C ASN B 207 -13.90 61.20 42.86
N LEU B 208 -15.08 61.52 42.34
CA LEU B 208 -15.98 60.64 41.57
C LEU B 208 -16.30 59.31 42.25
N SER B 209 -16.19 59.21 43.60
CA SER B 209 -17.10 59.62 44.69
C SER B 209 -18.47 58.91 44.65
N ASP B 210 -18.70 57.97 43.74
CA ASP B 210 -20.02 57.36 43.64
C ASP B 210 -19.91 55.85 43.81
N TRP B 211 -18.70 55.34 44.01
CA TRP B 211 -18.42 53.92 44.07
C TRP B 211 -17.29 53.67 45.07
N THR B 212 -17.22 52.44 45.58
CA THR B 212 -16.35 52.14 46.71
C THR B 212 -15.04 51.49 46.25
N VAL B 213 -13.99 51.69 47.05
CA VAL B 213 -12.64 51.24 46.73
C VAL B 213 -12.21 50.24 47.79
N ASN B 214 -11.49 49.19 47.38
CA ASN B 214 -10.83 48.27 48.31
C ASN B 214 -9.49 47.79 47.76
N VAL B 215 -8.54 47.52 48.64
CA VAL B 215 -7.17 47.18 48.27
C VAL B 215 -6.70 45.96 49.09
N GLY B 216 -6.23 44.91 48.40
CA GLY B 216 -5.49 43.90 49.14
C GLY B 216 -4.22 43.34 48.53
N GLN B 217 -3.07 43.80 49.05
CA GLN B 217 -1.68 43.40 48.83
C GLN B 217 -1.15 43.66 47.42
N GLY B 218 -1.93 43.21 46.44
CA GLY B 218 -2.59 43.90 45.38
C GLY B 218 -2.31 45.16 44.63
N PHE B 219 -3.36 45.97 44.72
CA PHE B 219 -3.94 46.70 43.60
C PHE B 219 -4.58 47.96 44.11
N ILE B 220 -5.37 48.58 43.24
CA ILE B 220 -6.51 49.42 43.60
C ILE B 220 -7.69 48.98 42.75
N HIS B 221 -8.67 48.32 43.37
CA HIS B 221 -9.76 47.69 42.63
C HIS B 221 -10.82 48.74 42.33
N VAL B 222 -10.60 49.48 41.25
CA VAL B 222 -11.61 50.40 40.74
C VAL B 222 -12.78 49.61 40.17
N THR B 223 -14.00 49.99 40.56
CA THR B 223 -15.23 49.35 40.12
C THR B 223 -16.40 50.32 40.17
N ALA B 224 -17.04 50.54 39.03
CA ALA B 224 -18.03 51.59 38.87
C ALA B 224 -19.44 51.06 39.06
N PRO B 225 -20.46 51.93 39.27
CA PRO B 225 -21.85 51.45 39.23
C PRO B 225 -22.34 51.28 37.81
N SER B 226 -23.63 50.97 37.64
CA SER B 226 -24.15 50.55 36.34
C SER B 226 -24.18 51.71 35.35
N GLY B 227 -24.18 52.95 35.83
CA GLY B 227 -24.30 54.09 34.93
C GLY B 227 -23.00 54.45 34.24
N GLN B 228 -21.89 54.39 34.97
CA GLN B 228 -20.59 54.87 34.48
C GLN B 228 -19.67 53.70 34.23
N GLN B 229 -18.68 53.88 33.36
CA GLN B 229 -17.64 52.89 33.12
C GLN B 229 -16.27 53.56 33.13
N ILE B 230 -15.23 52.74 32.93
CA ILE B 230 -13.85 53.12 33.19
C ILE B 230 -13.16 53.47 31.87
N ASP B 231 -13.90 54.08 30.95
CA ASP B 231 -13.36 54.59 29.69
C ASP B 231 -12.16 55.52 29.91
N SER B 232 -11.21 55.43 28.97
CA SER B 232 -9.94 56.17 28.97
C SER B 232 -9.12 55.88 30.23
N PHE B 233 -8.83 54.60 30.46
CA PHE B 233 -8.19 54.16 31.70
C PHE B 233 -6.68 54.06 31.51
N THR B 234 -5.99 55.16 31.83
CA THR B 234 -4.54 55.16 31.89
C THR B 234 -4.13 55.61 33.29
N THR B 235 -2.89 55.30 33.66
CA THR B 235 -2.38 55.58 34.99
C THR B 235 -0.87 55.78 34.92
N LYS B 236 -0.44 57.04 35.05
CA LYS B 236 0.94 57.46 34.79
C LYS B 236 1.86 56.87 35.86
N ASP B 237 3.12 56.64 35.47
CA ASP B 237 4.00 55.81 36.29
C ASP B 237 5.18 56.60 36.85
N GLY B 238 5.62 57.63 36.14
CA GLY B 238 6.75 58.43 36.60
C GLY B 238 8.11 57.78 36.39
N TYR B 239 8.29 56.59 36.95
CA TYR B 239 9.42 55.71 36.67
C TYR B 239 9.08 54.93 35.40
N ALA B 240 9.79 53.84 35.13
CA ALA B 240 9.44 52.92 34.05
C ALA B 240 8.10 52.22 34.32
N ASP B 241 7.71 51.35 33.39
CA ASP B 241 6.44 50.64 33.47
C ASP B 241 6.36 49.69 34.67
N GLN B 242 7.50 49.32 35.26
CA GLN B 242 7.53 48.40 36.38
C GLN B 242 7.26 49.08 37.72
N LEU B 243 6.77 50.32 37.71
CA LEU B 243 6.46 51.01 38.95
C LEU B 243 5.03 50.73 39.40
N ILE B 244 4.05 51.16 38.60
CA ILE B 244 2.65 50.80 38.76
C ILE B 244 2.11 50.52 37.36
N ASN B 245 1.03 49.75 37.29
CA ASN B 245 0.45 49.39 36.02
C ASN B 245 -1.08 49.46 36.07
N PRO B 246 -1.69 50.23 35.18
CA PRO B 246 -3.12 50.05 34.92
C PRO B 246 -3.35 48.77 34.14
N VAL B 247 -3.86 47.74 34.82
CA VAL B 247 -4.12 46.46 34.20
C VAL B 247 -5.62 46.21 34.20
N THR B 248 -6.13 45.73 33.08
CA THR B 248 -7.56 45.59 32.87
C THR B 248 -7.94 44.14 32.62
N HIS B 249 -9.16 43.90 32.15
CA HIS B 249 -9.69 42.57 31.84
C HIS B 249 -9.09 41.95 30.57
N TYR B 250 -8.04 42.53 30.01
CA TYR B 250 -7.47 42.07 28.76
C TYR B 250 -5.94 42.14 28.87
N ALA B 251 -5.29 41.01 29.06
CA ALA B 251 -3.85 40.99 29.04
C ALA B 251 -3.34 40.44 27.71
N GLN B 252 -2.09 40.71 27.40
CA GLN B 252 -1.53 40.32 26.11
C GLN B 252 -0.69 39.06 26.20
N SER B 253 -0.43 38.57 27.41
CA SER B 253 0.27 37.30 27.61
C SER B 253 -0.10 36.77 28.99
N PHE B 254 0.27 35.53 29.25
CA PHE B 254 0.04 34.97 30.58
C PHE B 254 1.05 35.49 31.59
N SER B 255 2.25 35.84 31.13
CA SER B 255 3.27 36.35 32.04
C SER B 255 2.93 37.75 32.52
N LYS B 256 2.42 38.59 31.62
CA LYS B 256 1.95 39.92 32.01
C LYS B 256 0.56 39.78 32.61
N LEU B 257 0.51 39.60 33.93
CA LEU B 257 -0.71 39.28 34.62
C LEU B 257 -0.59 39.77 36.07
N PRO B 258 -1.63 40.39 36.63
CA PRO B 258 -1.48 41.00 37.96
C PRO B 258 -1.39 39.94 39.05
N PRO B 259 -0.67 40.23 40.14
CA PRO B 259 -0.45 39.20 41.17
C PRO B 259 -1.69 38.80 41.96
N ASN B 260 -2.44 39.75 42.54
CA ASN B 260 -3.57 39.35 43.38
C ASN B 260 -4.85 39.31 42.53
N ALA B 261 -5.32 40.47 42.04
CA ALA B 261 -6.51 40.62 41.18
C ALA B 261 -7.74 39.91 41.74
N PRO B 262 -8.45 40.52 42.70
CA PRO B 262 -9.20 39.75 43.72
C PRO B 262 -10.31 38.88 43.16
N ASN B 263 -10.81 37.98 44.02
CA ASN B 263 -11.30 36.65 43.64
C ASN B 263 -12.33 36.67 42.51
N GLY B 264 -13.20 37.67 42.47
CA GLY B 264 -14.16 37.73 41.39
C GLY B 264 -13.69 38.51 40.18
N TYR B 265 -12.76 37.96 39.41
CA TYR B 265 -12.09 38.70 38.34
C TYR B 265 -11.69 37.77 37.21
N MET B 266 -11.83 38.27 35.97
CA MET B 266 -11.54 37.50 34.76
C MET B 266 -10.67 38.33 33.82
N VAL B 267 -9.78 37.67 33.08
CA VAL B 267 -8.97 38.30 32.05
C VAL B 267 -9.15 37.52 30.75
N LYS B 268 -9.42 38.23 29.67
CA LYS B 268 -9.28 37.69 28.32
C LYS B 268 -7.81 37.73 27.92
N ILE B 269 -7.14 36.59 28.02
CA ILE B 269 -5.79 36.48 27.48
C ILE B 269 -5.87 36.47 25.96
N VAL B 270 -5.20 37.45 25.34
CA VAL B 270 -5.20 37.54 23.89
C VAL B 270 -3.94 36.83 23.44
N GLY B 271 -3.87 36.55 22.14
CA GLY B 271 -2.71 35.83 21.61
C GLY B 271 -1.44 36.65 21.71
N ASP B 272 -0.32 35.95 21.93
CA ASP B 272 0.99 36.55 22.05
C ASP B 272 1.57 36.95 20.69
N ALA B 273 0.93 36.54 19.60
CA ALA B 273 1.38 36.67 18.21
C ALA B 273 2.74 36.00 18.03
N SER B 274 3.00 34.94 18.78
CA SER B 274 4.19 34.12 18.67
C SER B 274 3.88 32.66 18.46
N LYS B 275 2.78 32.18 19.02
CA LYS B 275 2.26 30.85 18.77
C LYS B 275 0.94 30.96 18.04
N SER B 276 0.53 29.85 17.43
CA SER B 276 -0.78 29.78 16.79
C SER B 276 -1.85 29.53 17.84
N ALA B 277 -2.16 30.54 18.64
CA ALA B 277 -3.00 30.35 19.82
C ALA B 277 -4.29 31.16 19.66
N ASP B 278 -5.36 30.65 20.26
CA ASP B 278 -6.61 31.38 20.32
C ASP B 278 -6.61 32.25 21.57
N GLN B 279 -7.78 32.77 21.91
CA GLN B 279 -7.92 33.79 22.94
C GLN B 279 -8.74 33.22 24.08
N TYR B 280 -8.06 32.58 25.03
CA TYR B 280 -8.69 31.89 26.14
C TYR B 280 -8.82 32.84 27.32
N TYR B 281 -9.67 32.48 28.28
CA TYR B 281 -9.93 33.30 29.45
C TYR B 281 -9.47 32.52 30.68
N VAL B 282 -9.15 33.24 31.76
CA VAL B 282 -8.45 32.60 32.87
C VAL B 282 -9.30 32.51 34.14
N ARG B 283 -9.82 33.64 34.65
CA ARG B 283 -10.66 33.68 35.85
C ARG B 283 -9.99 33.14 37.12
N TYR B 284 -9.13 33.96 37.72
CA TYR B 284 -8.72 33.84 39.12
C TYR B 284 -9.91 33.52 39.99
N ASP B 285 -9.75 32.59 40.93
CA ASP B 285 -10.90 31.98 41.60
C ASP B 285 -10.73 31.97 43.11
N ALA B 286 -9.68 32.60 43.61
CA ALA B 286 -8.67 31.81 44.29
C ALA B 286 -9.04 30.93 45.47
N GLU B 287 -9.01 31.51 46.69
CA GLU B 287 -8.64 30.86 47.96
C GLU B 287 -7.22 30.25 47.94
N ARG B 288 -6.50 30.39 46.82
CA ARG B 288 -5.27 29.73 46.45
C ARG B 288 -4.77 30.46 45.20
N LYS B 289 -3.57 31.04 45.24
CA LYS B 289 -3.18 32.01 44.22
C LYS B 289 -2.84 31.32 42.90
N VAL B 290 -3.85 31.21 42.03
CA VAL B 290 -3.88 30.36 40.84
C VAL B 290 -4.79 30.97 39.79
N TRP B 291 -4.31 31.02 38.55
CA TRP B 291 -5.12 31.40 37.40
C TRP B 291 -5.47 30.13 36.61
N THR B 292 -6.76 29.79 36.61
CA THR B 292 -7.32 28.60 35.95
C THR B 292 -7.67 28.93 34.50
N GLU B 293 -8.51 28.12 33.88
CA GLU B 293 -9.14 28.45 32.60
C GLU B 293 -10.62 28.10 32.66
N THR B 294 -11.48 29.08 32.38
CA THR B 294 -12.92 28.90 32.54
C THR B 294 -13.67 29.31 31.28
N LEU B 295 -15.00 29.34 31.42
CA LEU B 295 -15.90 29.71 30.34
C LEU B 295 -15.84 31.20 30.03
N GLY B 296 -16.27 31.55 28.82
CA GLY B 296 -16.50 32.94 28.46
C GLY B 296 -17.55 33.60 29.33
N TRP B 297 -17.51 34.94 29.35
CA TRP B 297 -18.37 35.66 30.28
C TRP B 297 -19.81 35.75 29.78
N ASN B 298 -20.00 35.98 28.48
CA ASN B 298 -21.35 36.26 28.01
C ASN B 298 -21.95 35.03 27.36
N THR B 299 -21.11 34.15 26.83
CA THR B 299 -21.62 32.97 26.17
C THR B 299 -22.20 31.99 27.18
N GLU B 300 -23.14 31.18 26.73
CA GLU B 300 -23.90 30.33 27.62
C GLU B 300 -23.50 28.88 27.42
N ASP B 301 -23.63 28.10 28.49
CA ASP B 301 -22.87 26.86 28.62
C ASP B 301 -23.57 25.67 27.99
N GLN B 302 -24.88 25.56 28.15
CA GLN B 302 -25.57 24.30 27.91
C GLN B 302 -26.51 24.38 26.73
N VAL B 303 -26.82 23.20 26.19
CA VAL B 303 -27.85 22.96 25.20
C VAL B 303 -29.23 22.96 25.89
N LEU B 304 -30.32 22.90 25.10
CA LEU B 304 -31.66 22.92 25.67
C LEU B 304 -31.96 21.65 26.47
N TRP B 305 -31.17 20.59 26.27
CA TRP B 305 -30.82 19.58 27.26
C TRP B 305 -31.96 18.60 27.56
N GLU B 306 -33.13 18.80 26.98
CA GLU B 306 -34.12 17.75 26.95
C GLU B 306 -34.33 17.27 25.53
N THR B 307 -34.16 18.17 24.56
CA THR B 307 -34.29 17.83 23.15
C THR B 307 -33.15 16.96 22.67
N MET B 308 -32.09 16.86 23.46
CA MET B 308 -30.98 15.96 23.18
C MET B 308 -31.44 14.50 23.30
N PRO B 309 -30.72 13.53 22.72
CA PRO B 309 -31.19 12.14 22.77
C PRO B 309 -31.12 11.56 24.16
N HIS B 310 -32.19 10.87 24.53
CA HIS B 310 -32.38 10.29 25.86
C HIS B 310 -31.83 8.87 25.91
N ALA B 311 -32.08 8.21 27.03
CA ALA B 311 -31.70 6.82 27.20
C ALA B 311 -32.58 6.15 28.24
N LEU B 312 -32.63 4.82 28.18
CA LEU B 312 -33.28 4.02 29.21
C LEU B 312 -32.26 3.14 29.91
N VAL B 313 -32.37 3.06 31.23
CA VAL B 313 -31.41 2.39 32.09
C VAL B 313 -32.14 1.27 32.82
N ARG B 314 -31.46 0.15 33.06
CA ARG B 314 -32.10 -1.06 33.58
C ARG B 314 -32.49 -0.91 35.06
N ALA B 315 -32.02 0.16 35.71
CA ALA B 315 -31.42 0.27 37.07
C ALA B 315 -32.06 -0.71 38.05
N ALA B 316 -31.27 -1.34 38.93
CA ALA B 316 -31.40 -2.73 39.36
C ALA B 316 -32.66 -3.06 40.15
N ASP B 317 -33.64 -2.16 40.25
CA ASP B 317 -34.96 -2.55 40.72
C ASP B 317 -35.59 -3.59 39.81
N GLY B 318 -35.27 -3.54 38.52
CA GLY B 318 -35.77 -4.50 37.56
C GLY B 318 -36.56 -3.82 36.47
N ASN B 319 -36.96 -2.58 36.75
CA ASN B 319 -37.79 -1.79 35.86
C ASN B 319 -36.94 -0.69 35.24
N PHE B 320 -37.32 -0.25 34.05
CA PHE B 320 -36.56 0.77 33.35
C PHE B 320 -36.99 2.16 33.75
N ASP B 321 -36.23 3.15 33.29
CA ASP B 321 -36.58 4.55 33.44
C ASP B 321 -35.97 5.34 32.29
N PHE B 322 -36.83 6.10 31.63
CA PHE B 322 -36.49 6.84 30.42
C PHE B 322 -36.12 8.27 30.80
N LYS B 323 -34.81 8.56 30.83
CA LYS B 323 -34.32 9.79 31.41
C LYS B 323 -33.54 10.61 30.39
N TRP B 324 -33.40 11.91 30.64
CA TRP B 324 -32.29 12.63 30.02
C TRP B 324 -31.01 12.25 30.75
N LEU B 325 -29.92 12.22 30.00
CA LEU B 325 -28.58 12.05 30.55
C LEU B 325 -27.92 13.42 30.57
N GLU B 326 -26.96 13.60 31.48
CA GLU B 326 -26.34 14.90 31.61
C GLU B 326 -25.44 15.19 30.43
N TRP B 327 -25.37 16.48 30.08
CA TRP B 327 -24.54 16.96 29.00
C TRP B 327 -23.54 17.94 29.58
N SER B 328 -22.26 17.68 29.35
CA SER B 328 -21.20 18.46 29.97
C SER B 328 -21.20 19.87 29.40
N PRO B 329 -21.24 20.90 30.25
CA PRO B 329 -21.36 22.27 29.76
C PRO B 329 -20.06 22.75 29.15
N LYS B 330 -20.19 23.65 28.17
CA LYS B 330 -19.07 24.42 27.65
C LYS B 330 -18.41 25.20 28.78
N SER B 331 -17.15 24.88 29.06
CA SER B 331 -16.35 25.83 29.84
C SER B 331 -14.88 25.66 29.46
N CYS B 332 -14.47 26.36 28.39
CA CYS B 332 -13.06 26.63 28.18
C CYS B 332 -12.81 28.00 27.57
N GLY B 333 -13.81 28.59 26.92
CA GLY B 333 -13.65 29.90 26.32
C GLY B 333 -14.96 30.45 25.78
N ASP B 334 -14.83 31.44 24.91
CA ASP B 334 -15.98 32.18 24.40
C ASP B 334 -16.49 31.60 23.08
N VAL B 335 -17.39 32.36 22.45
CA VAL B 335 -17.88 32.08 21.10
C VAL B 335 -17.38 33.19 20.17
N ASP B 336 -16.69 32.81 19.09
CA ASP B 336 -16.37 31.43 18.76
C ASP B 336 -14.89 31.10 18.74
N THR B 337 -14.35 30.87 19.92
CA THR B 337 -13.26 29.93 20.10
C THR B 337 -13.80 28.57 20.49
N ASN B 338 -14.88 28.56 21.26
CA ASN B 338 -15.82 27.44 21.29
C ASN B 338 -16.98 27.79 20.39
N PRO B 339 -17.02 27.35 19.14
CA PRO B 339 -18.25 27.50 18.36
C PRO B 339 -19.31 26.57 18.92
N TRP B 340 -20.56 26.91 18.67
CA TRP B 340 -21.62 25.97 18.91
C TRP B 340 -21.45 24.79 17.95
N PRO B 341 -21.55 23.56 18.44
CA PRO B 341 -21.46 22.40 17.54
C PRO B 341 -22.62 22.40 16.58
N SER B 342 -22.34 22.01 15.34
CA SER B 342 -23.20 22.35 14.20
C SER B 342 -24.51 21.61 14.17
N PHE B 343 -24.92 20.88 15.20
CA PHE B 343 -26.27 20.35 15.30
C PHE B 343 -27.20 21.26 16.08
N VAL B 344 -26.74 22.47 16.44
CA VAL B 344 -27.50 23.31 17.36
C VAL B 344 -28.63 24.06 16.66
N GLY B 345 -28.75 23.93 15.34
CA GLY B 345 -29.87 24.52 14.63
C GLY B 345 -30.79 23.47 14.05
N SER B 346 -30.25 22.29 13.78
CA SER B 346 -30.97 21.24 13.07
C SER B 346 -31.17 20.03 13.97
N SER B 347 -31.66 18.95 13.39
CA SER B 347 -31.98 17.74 14.13
C SER B 347 -30.80 16.78 14.12
N ILE B 348 -30.78 15.89 15.12
CA ILE B 348 -29.78 14.83 15.17
C ILE B 348 -30.45 13.50 14.87
N ASN B 349 -29.64 12.55 14.43
CA ASN B 349 -30.08 11.19 14.15
C ASN B 349 -28.87 10.28 14.06
N ASP B 350 -29.08 9.00 14.41
CA ASP B 350 -28.19 7.88 14.12
C ASP B 350 -26.81 8.09 14.77
N VAL B 351 -26.81 7.99 16.10
CA VAL B 351 -25.62 8.24 16.91
C VAL B 351 -24.54 7.20 16.61
N PHE B 352 -23.32 7.68 16.39
CA PHE B 352 -22.14 6.83 16.23
C PHE B 352 -21.82 6.06 17.50
N PHE B 353 -20.79 5.20 17.34
CA PHE B 353 -19.73 4.95 18.31
C PHE B 353 -18.49 4.73 17.45
N PHE B 354 -17.79 5.81 17.14
CA PHE B 354 -16.68 5.69 16.19
C PHE B 354 -15.36 5.46 16.89
N ARG B 355 -15.25 5.93 18.12
CA ARG B 355 -14.00 5.90 18.88
C ARG B 355 -14.46 5.66 20.31
N ASN B 356 -13.64 5.92 21.31
CA ASN B 356 -14.18 6.33 22.60
C ASN B 356 -14.68 7.78 22.59
N ARG B 357 -14.68 8.44 21.43
CA ARG B 357 -15.56 9.55 21.13
C ARG B 357 -17.00 9.07 20.97
N LEU B 358 -17.90 10.03 20.80
CA LEU B 358 -19.31 9.76 20.54
C LEU B 358 -19.76 10.71 19.44
N GLY B 359 -20.45 10.19 18.43
CA GLY B 359 -20.76 11.01 17.28
C GLY B 359 -22.22 11.26 17.00
N PHE B 360 -22.51 12.41 16.39
CA PHE B 360 -23.85 12.77 15.97
C PHE B 360 -23.84 12.96 14.47
N LEU B 361 -25.02 12.86 13.87
CA LEU B 361 -25.19 13.14 12.45
C LEU B 361 -26.24 14.23 12.30
N SER B 362 -25.94 15.24 11.48
CA SER B 362 -26.94 16.19 11.03
C SER B 362 -26.75 16.40 9.55
N GLY B 363 -27.60 17.21 8.94
CA GLY B 363 -27.47 17.46 7.52
C GLY B 363 -26.95 18.86 7.23
N GLU B 364 -25.69 19.00 6.85
CA GLU B 364 -24.73 17.90 6.71
C GLU B 364 -23.65 18.05 7.75
N ASN B 365 -23.62 17.20 8.77
CA ASN B 365 -22.70 17.42 9.87
C ASN B 365 -22.25 16.11 10.49
N ILE B 366 -20.98 16.07 10.91
CA ILE B 366 -20.45 15.03 11.79
C ILE B 366 -19.97 15.73 13.05
N ILE B 367 -20.48 15.30 14.20
CA ILE B 367 -20.14 15.94 15.47
C ILE B 367 -19.62 14.85 16.40
N LEU B 368 -18.31 14.68 16.44
CA LEU B 368 -17.68 13.73 17.34
C LEU B 368 -17.36 14.40 18.67
N SER B 369 -17.25 13.59 19.73
CA SER B 369 -16.97 14.10 21.05
C SER B 369 -15.47 14.22 21.28
N ARG B 370 -15.09 14.51 22.52
CA ARG B 370 -13.72 14.29 22.93
C ARG B 370 -13.56 12.82 23.31
N THR B 371 -12.31 12.33 23.29
CA THR B 371 -12.08 10.92 23.54
C THR B 371 -12.22 10.60 25.02
N ALA B 372 -12.43 9.32 25.32
CA ALA B 372 -12.34 8.69 26.64
C ALA B 372 -13.44 9.14 27.61
N LYS B 373 -14.27 10.09 27.22
CA LYS B 373 -15.46 10.45 27.97
C LYS B 373 -16.52 10.90 26.98
N TYR B 374 -17.76 10.53 27.26
CA TYR B 374 -18.85 10.85 26.37
C TYR B 374 -19.52 12.13 26.81
N PHE B 375 -20.30 12.68 25.88
CA PHE B 375 -21.23 13.80 26.10
C PHE B 375 -20.48 15.08 26.48
N ASN B 376 -19.26 15.24 25.98
CA ASN B 376 -18.51 16.49 26.14
C ASN B 376 -18.00 16.88 24.76
N PHE B 377 -18.78 17.70 24.06
CA PHE B 377 -18.50 18.11 22.70
C PHE B 377 -17.75 19.43 22.62
N TYR B 378 -16.91 19.72 23.61
CA TYR B 378 -16.13 20.93 23.63
C TYR B 378 -14.70 20.57 23.98
N PRO B 379 -13.72 21.40 23.60
CA PRO B 379 -12.34 21.11 23.99
C PRO B 379 -12.14 21.25 25.49
N ALA B 380 -11.14 20.53 25.99
CA ALA B 380 -10.82 20.61 27.42
C ALA B 380 -10.22 21.97 27.76
N SER B 381 -9.46 22.55 26.84
CA SER B 381 -8.83 23.84 27.06
C SER B 381 -8.53 24.45 25.70
N ILE B 382 -8.62 25.77 25.62
CA ILE B 382 -8.18 26.50 24.44
C ILE B 382 -6.89 27.27 24.73
N ALA B 383 -6.06 26.75 25.65
CA ALA B 383 -4.66 27.15 25.67
C ALA B 383 -4.00 26.82 24.35
N ASN B 384 -4.34 25.66 23.80
CA ASN B 384 -4.04 25.25 22.43
C ASN B 384 -5.02 24.17 22.03
N LEU B 385 -5.02 23.83 20.75
CA LEU B 385 -5.61 22.58 20.34
C LEU B 385 -4.66 21.49 20.82
N SER B 386 -5.08 20.72 21.82
CA SER B 386 -4.18 19.75 22.41
C SER B 386 -4.08 18.50 21.55
N ASP B 387 -5.17 17.76 21.48
CA ASP B 387 -5.41 16.59 20.65
C ASP B 387 -6.88 16.38 20.87
N ASP B 388 -7.44 15.22 20.48
CA ASP B 388 -8.68 14.60 20.99
C ASP B 388 -9.86 15.57 21.15
N ASP B 389 -9.90 16.60 20.31
CA ASP B 389 -10.93 17.62 20.38
C ASP B 389 -12.22 17.07 19.80
N PRO B 390 -13.34 17.75 20.06
CA PRO B 390 -14.54 17.47 19.25
C PRO B 390 -14.29 17.81 17.79
N ILE B 391 -14.94 17.07 16.91
CA ILE B 391 -14.67 17.12 15.48
C ILE B 391 -15.94 17.58 14.76
N ASP B 392 -15.80 18.63 13.97
CA ASP B 392 -16.91 19.18 13.19
C ASP B 392 -16.46 19.26 11.73
N VAL B 393 -16.61 18.15 11.02
CA VAL B 393 -16.45 18.10 9.56
C VAL B 393 -17.84 17.94 8.97
N ALA B 394 -18.14 18.73 7.94
CA ALA B 394 -19.53 18.76 7.50
C ALA B 394 -19.83 17.64 6.54
N VAL B 395 -19.37 17.76 5.28
CA VAL B 395 -19.54 16.77 4.23
C VAL B 395 -18.64 17.22 3.09
N SER B 396 -18.36 16.32 2.15
CA SER B 396 -17.54 16.68 0.99
C SER B 396 -18.20 16.36 -0.34
N THR B 397 -19.46 16.72 -0.55
CA THR B 397 -20.15 16.36 -1.77
C THR B 397 -20.72 17.59 -2.49
N ASN B 398 -21.19 17.37 -3.72
CA ASN B 398 -21.81 18.42 -4.51
C ASN B 398 -23.31 18.27 -4.65
N ARG B 399 -23.92 17.35 -3.93
CA ARG B 399 -25.35 17.10 -4.04
C ARG B 399 -25.91 16.93 -2.64
N ILE B 400 -27.12 17.45 -2.42
CA ILE B 400 -27.77 17.52 -1.11
C ILE B 400 -27.93 16.15 -0.48
N ALA B 401 -27.32 15.95 0.69
CA ALA B 401 -27.33 14.66 1.36
C ALA B 401 -27.65 14.86 2.84
N ILE B 402 -28.96 14.90 3.16
CA ILE B 402 -29.38 14.83 4.55
C ILE B 402 -29.00 13.46 5.09
N LEU B 403 -28.27 13.45 6.20
CA LEU B 403 -27.29 12.39 6.47
C LEU B 403 -27.79 11.44 7.54
N LYS B 404 -28.35 10.31 7.08
CA LYS B 404 -28.96 9.26 7.89
C LYS B 404 -27.94 8.20 8.25
N TYR B 405 -28.43 6.96 8.47
CA TYR B 405 -27.77 5.83 9.15
C TYR B 405 -26.29 5.67 8.89
N ALA B 406 -25.57 5.23 9.91
CA ALA B 406 -24.16 4.88 9.77
C ALA B 406 -23.94 3.43 10.21
N VAL B 407 -23.26 2.67 9.37
CA VAL B 407 -22.97 1.26 9.65
C VAL B 407 -21.50 0.98 9.42
N PRO B 408 -20.84 0.21 10.29
CA PRO B 408 -19.43 -0.11 10.04
C PRO B 408 -19.23 -1.44 9.34
N PHE B 409 -18.24 -1.55 8.43
CA PHE B 409 -17.73 -2.86 8.04
C PHE B 409 -16.33 -2.74 7.45
N SER B 410 -15.46 -3.64 7.90
CA SER B 410 -14.23 -4.17 7.33
C SER B 410 -13.03 -3.23 7.30
N GLU B 411 -13.23 -1.92 7.35
CA GLU B 411 -12.08 -1.02 7.52
C GLU B 411 -12.48 0.17 8.37
N GLU B 412 -13.77 0.49 8.36
CA GLU B 412 -14.22 1.87 8.49
C GLU B 412 -15.58 1.92 9.16
N LEU B 413 -15.95 3.12 9.63
CA LEU B 413 -17.35 3.49 9.66
C LEU B 413 -17.68 4.19 8.35
N LEU B 414 -18.98 4.21 8.05
CA LEU B 414 -19.39 4.26 6.66
C LEU B 414 -20.81 4.78 6.68
N ILE B 415 -21.00 6.05 6.29
CA ILE B 415 -22.07 6.86 6.88
C ILE B 415 -23.14 7.20 5.87
N TRP B 416 -24.18 6.37 5.78
CA TRP B 416 -25.07 6.37 4.63
C TRP B 416 -26.08 7.50 4.67
N SER B 417 -25.88 8.48 3.81
CA SER B 417 -26.99 9.27 3.32
C SER B 417 -27.72 8.51 2.24
N ASP B 418 -28.83 9.05 1.77
CA ASP B 418 -29.33 8.63 0.48
C ASP B 418 -28.45 9.21 -0.62
N GLU B 419 -28.28 8.45 -1.69
CA GLU B 419 -27.62 8.84 -2.94
C GLU B 419 -26.12 9.13 -2.73
N ALA B 420 -25.56 8.72 -1.60
CA ALA B 420 -24.15 8.87 -1.31
C ALA B 420 -23.83 7.82 -0.26
N GLN B 421 -22.61 7.29 -0.26
CA GLN B 421 -22.41 6.34 0.83
C GLN B 421 -21.47 6.75 1.95
N PHE B 422 -20.14 6.71 1.82
CA PHE B 422 -19.11 7.69 2.22
C PHE B 422 -17.85 6.92 2.59
N VAL B 423 -16.79 7.60 3.03
CA VAL B 423 -15.69 6.97 3.76
C VAL B 423 -15.35 7.85 4.95
N LEU B 424 -15.39 7.30 6.16
CA LEU B 424 -15.01 8.04 7.36
C LEU B 424 -13.68 7.52 7.88
N THR B 425 -12.59 8.18 7.52
CA THR B 425 -11.27 7.86 8.06
C THR B 425 -10.55 9.15 8.43
N ALA B 426 -9.31 8.99 8.83
CA ALA B 426 -8.35 10.09 8.91
C ALA B 426 -7.11 9.69 8.13
N SER B 427 -6.18 10.64 7.99
CA SER B 427 -4.90 10.33 7.39
C SER B 427 -4.05 9.50 8.35
N GLY B 428 -3.76 10.05 9.53
CA GLY B 428 -3.11 9.29 10.58
C GLY B 428 -4.07 9.03 11.72
N THR B 429 -3.75 9.57 12.89
CA THR B 429 -4.65 9.51 14.02
C THR B 429 -5.72 10.60 13.88
N LEU B 430 -6.74 10.52 14.74
CA LEU B 430 -7.87 11.44 14.66
C LEU B 430 -7.58 12.72 15.42
N THR B 431 -7.54 13.84 14.72
CA THR B 431 -7.68 15.15 15.31
C THR B 431 -8.92 15.79 14.70
N SER B 432 -9.14 17.07 15.04
CA SER B 432 -10.19 17.81 14.38
C SER B 432 -9.80 18.20 12.96
N LYS B 433 -8.50 18.13 12.65
CA LYS B 433 -8.04 18.53 11.33
C LYS B 433 -7.69 17.33 10.47
N SER B 434 -8.03 16.12 10.93
CA SER B 434 -7.47 14.92 10.29
C SER B 434 -8.52 14.16 9.49
N VAL B 435 -9.80 14.35 9.80
CA VAL B 435 -10.88 13.47 9.38
C VAL B 435 -11.10 13.63 7.88
N GLU B 436 -11.18 12.50 7.18
CA GLU B 436 -11.21 12.53 5.72
C GLU B 436 -12.60 12.86 5.19
N LEU B 437 -13.58 11.99 5.43
CA LEU B 437 -15.00 12.19 5.10
C LEU B 437 -15.22 12.46 3.61
N ASN B 438 -15.02 11.43 2.79
CA ASN B 438 -15.16 11.56 1.35
C ASN B 438 -16.00 10.43 0.75
N LEU B 439 -16.37 10.61 -0.51
CA LEU B 439 -17.43 9.84 -1.15
C LEU B 439 -16.93 8.45 -1.51
N THR B 440 -17.86 7.49 -1.57
CA THR B 440 -17.57 6.18 -2.10
C THR B 440 -18.35 5.86 -3.37
N THR B 441 -19.68 5.86 -3.31
CA THR B 441 -20.53 5.59 -4.46
C THR B 441 -21.74 6.51 -4.37
N GLN B 442 -22.69 6.34 -5.28
CA GLN B 442 -23.93 7.10 -5.21
C GLN B 442 -25.15 6.22 -5.41
N PHE B 443 -25.15 5.04 -4.80
CA PHE B 443 -26.33 4.19 -4.81
C PHE B 443 -27.42 4.79 -3.94
N ASP B 444 -28.66 4.61 -4.37
CA ASP B 444 -29.81 5.20 -3.69
C ASP B 444 -30.33 4.26 -2.62
N VAL B 445 -30.43 4.76 -1.39
CA VAL B 445 -30.86 3.99 -0.23
C VAL B 445 -31.95 4.77 0.48
N GLN B 446 -33.14 4.18 0.59
CA GLN B 446 -34.16 4.79 1.42
C GLN B 446 -33.84 4.51 2.88
N ASP B 447 -34.18 5.45 3.74
CA ASP B 447 -33.78 5.40 5.14
C ASP B 447 -35.00 5.38 6.02
N ARG B 448 -35.54 4.17 6.20
CA ARG B 448 -36.54 3.86 7.20
C ARG B 448 -36.16 2.63 8.01
N ALA B 449 -35.46 1.68 7.41
CA ALA B 449 -34.96 0.49 8.10
C ALA B 449 -33.44 0.59 8.16
N ARG B 450 -32.88 0.27 9.31
CA ARG B 450 -31.43 0.24 9.43
C ARG B 450 -30.88 -0.94 8.64
N PRO B 451 -29.88 -0.73 7.79
CA PRO B 451 -29.33 -1.83 7.00
C PRO B 451 -28.53 -2.79 7.86
N PHE B 452 -28.94 -4.05 7.84
CA PHE B 452 -28.52 -5.04 8.83
C PHE B 452 -27.34 -5.83 8.31
N GLY B 453 -26.50 -6.28 9.25
CA GLY B 453 -25.46 -7.29 9.27
C GLY B 453 -24.62 -7.29 8.00
N ILE B 454 -24.31 -8.49 7.50
CA ILE B 454 -24.56 -9.76 8.17
C ILE B 454 -23.25 -10.48 8.37
N GLY B 455 -22.55 -10.73 7.26
CA GLY B 455 -21.21 -11.28 7.35
C GLY B 455 -20.23 -10.24 6.86
N ARG B 456 -19.69 -10.46 5.67
CA ARG B 456 -18.86 -9.46 5.02
C ARG B 456 -19.71 -8.42 4.29
N ASN B 457 -20.96 -8.74 3.99
CA ASN B 457 -21.85 -7.88 3.23
C ASN B 457 -22.65 -7.01 4.17
N VAL B 458 -23.21 -5.93 3.65
CA VAL B 458 -24.26 -5.17 4.32
C VAL B 458 -25.40 -5.00 3.33
N TYR B 459 -26.63 -5.27 3.77
CA TYR B 459 -27.77 -5.36 2.88
C TYR B 459 -28.61 -4.08 2.95
N PHE B 460 -28.84 -3.47 1.78
CA PHE B 460 -29.60 -2.23 1.72
C PHE B 460 -31.08 -2.47 1.90
N ALA B 461 -31.82 -1.39 1.68
CA ALA B 461 -33.19 -1.42 1.21
C ALA B 461 -33.37 -0.22 0.29
N SER B 462 -33.67 -0.49 -0.97
CA SER B 462 -33.64 0.58 -1.96
C SER B 462 -35.05 0.93 -2.42
N PRO B 463 -35.36 2.21 -2.59
CA PRO B 463 -36.75 2.60 -2.91
C PRO B 463 -37.01 2.51 -4.40
N ARG B 464 -38.20 2.05 -4.75
CA ARG B 464 -38.76 2.25 -6.07
C ARG B 464 -40.20 2.68 -5.92
N SER B 465 -40.91 2.66 -7.04
CA SER B 465 -42.37 2.69 -7.04
C SER B 465 -42.83 1.52 -7.88
N SER B 466 -43.51 0.56 -7.27
CA SER B 466 -43.78 0.52 -5.84
C SER B 466 -43.36 -0.83 -5.30
N PHE B 467 -42.16 -1.25 -5.69
CA PHE B 467 -41.63 -2.58 -5.40
C PHE B 467 -40.14 -2.39 -5.11
N THR B 468 -39.71 -2.59 -3.86
CA THR B 468 -38.33 -2.28 -3.50
C THR B 468 -37.35 -3.25 -4.14
N SER B 469 -36.08 -2.83 -4.12
CA SER B 469 -35.02 -3.41 -4.92
C SER B 469 -33.77 -3.58 -4.05
N ILE B 470 -33.94 -4.27 -2.91
CA ILE B 470 -32.92 -4.52 -1.90
C ILE B 470 -31.59 -4.99 -2.48
N HIS B 471 -30.51 -4.27 -2.17
CA HIS B 471 -29.20 -4.55 -2.73
C HIS B 471 -28.33 -5.28 -1.71
N ARG B 472 -27.06 -5.45 -2.08
CA ARG B 472 -26.07 -6.11 -1.24
C ARG B 472 -24.77 -5.35 -1.39
N TYR B 473 -24.36 -4.65 -0.35
CA TYR B 473 -23.20 -3.77 -0.41
C TYR B 473 -22.00 -4.54 0.12
N TYR B 474 -20.88 -4.47 -0.60
CA TYR B 474 -19.72 -5.28 -0.27
C TYR B 474 -18.49 -4.65 -0.88
N ALA B 475 -17.34 -4.98 -0.31
CA ALA B 475 -16.05 -4.58 -0.85
C ALA B 475 -15.69 -5.54 -1.98
N VAL B 476 -15.21 -5.00 -3.10
CA VAL B 476 -14.83 -5.83 -4.22
C VAL B 476 -13.53 -6.55 -3.89
N GLN B 477 -13.19 -7.54 -4.72
CA GLN B 477 -12.03 -8.36 -4.42
C GLN B 477 -10.74 -7.71 -4.89
N ASP B 478 -10.71 -7.11 -6.08
CA ASP B 478 -9.42 -6.77 -6.66
C ASP B 478 -8.85 -5.47 -6.12
N VAL B 479 -9.67 -4.43 -5.97
CA VAL B 479 -9.15 -3.16 -5.46
C VAL B 479 -9.06 -3.31 -3.94
N SER B 480 -8.34 -2.41 -3.27
CA SER B 480 -8.30 -2.44 -1.82
C SER B 480 -9.57 -1.84 -1.24
N SER B 481 -9.95 -0.64 -1.69
CA SER B 481 -10.96 0.16 -1.01
C SER B 481 -11.98 0.70 -2.00
N VAL B 482 -12.51 -0.18 -2.86
CA VAL B 482 -13.61 0.16 -3.74
C VAL B 482 -14.76 -0.79 -3.46
N LYS B 483 -15.94 -0.23 -3.25
CA LYS B 483 -17.11 -1.02 -2.87
C LYS B 483 -18.13 -1.02 -4.00
N ASN B 484 -19.00 -2.01 -3.98
CA ASN B 484 -20.00 -2.20 -5.01
C ASN B 484 -21.27 -2.73 -4.36
N ALA B 485 -22.41 -2.43 -4.98
CA ALA B 485 -23.71 -2.78 -4.43
C ALA B 485 -24.51 -3.56 -5.47
N GLU B 486 -24.42 -4.88 -5.41
CA GLU B 486 -25.22 -5.72 -6.30
C GLU B 486 -26.65 -5.78 -5.84
N ASP B 487 -27.58 -5.81 -6.79
CA ASP B 487 -28.97 -6.09 -6.48
C ASP B 487 -29.14 -7.59 -6.30
N ILE B 488 -29.73 -7.98 -5.18
CA ILE B 488 -30.11 -9.37 -4.96
C ILE B 488 -31.59 -9.61 -5.20
N THR B 489 -32.33 -8.56 -5.57
CA THR B 489 -33.66 -8.71 -6.12
C THR B 489 -33.68 -8.48 -7.62
N SER B 490 -32.54 -8.66 -8.28
CA SER B 490 -32.45 -8.40 -9.72
C SER B 490 -33.27 -9.39 -10.52
N HIS B 491 -33.48 -10.59 -9.98
CA HIS B 491 -34.31 -11.59 -10.64
C HIS B 491 -35.68 -11.72 -10.00
N VAL B 492 -35.90 -11.09 -8.85
CA VAL B 492 -37.24 -11.05 -8.25
C VAL B 492 -37.55 -9.58 -8.00
N PRO B 493 -37.89 -8.80 -9.02
CA PRO B 493 -37.94 -7.33 -8.81
C PRO B 493 -39.24 -6.83 -8.21
N ASN B 494 -40.36 -7.49 -8.48
CA ASN B 494 -41.66 -6.92 -8.21
C ASN B 494 -42.36 -7.53 -7.01
N TYR B 495 -41.65 -7.71 -5.90
CA TYR B 495 -42.06 -8.72 -4.94
C TYR B 495 -42.28 -8.15 -3.55
N ILE B 496 -41.62 -7.04 -3.22
CA ILE B 496 -41.61 -6.50 -1.87
C ILE B 496 -42.29 -5.14 -1.88
N PRO B 497 -43.35 -4.94 -1.12
CA PRO B 497 -44.36 -3.92 -1.47
C PRO B 497 -44.07 -2.46 -1.13
N ASN B 498 -42.80 -2.10 -0.94
CA ASN B 498 -42.33 -0.71 -0.83
C ASN B 498 -42.85 -0.01 0.42
N GLY B 499 -42.65 -0.66 1.55
CA GLY B 499 -42.37 0.07 2.78
C GLY B 499 -41.61 -0.86 3.69
N VAL B 500 -40.39 -0.48 4.03
CA VAL B 500 -39.47 -1.38 4.70
C VAL B 500 -39.08 -0.74 6.02
N PHE B 501 -39.52 -1.34 7.12
CA PHE B 501 -39.29 -0.78 8.43
C PHE B 501 -38.30 -1.61 9.23
N SER B 502 -37.92 -2.77 8.74
CA SER B 502 -36.98 -3.62 9.45
C SER B 502 -36.29 -4.54 8.46
N ILE B 503 -35.03 -4.86 8.75
CA ILE B 503 -34.32 -5.94 8.08
C ILE B 503 -33.79 -6.82 9.20
N CYS B 504 -34.37 -7.99 9.36
CA CYS B 504 -34.07 -8.79 10.55
C CYS B 504 -32.73 -9.48 10.45
N GLY B 505 -32.59 -10.44 9.53
CA GLY B 505 -31.33 -11.13 9.31
C GLY B 505 -30.88 -12.02 10.45
N SER B 506 -29.94 -12.92 10.10
CA SER B 506 -29.16 -13.66 11.08
C SER B 506 -27.89 -14.17 10.42
N GLY B 507 -26.96 -14.66 11.21
CA GLY B 507 -25.70 -15.10 10.64
C GLY B 507 -25.43 -16.57 10.80
N THR B 508 -26.02 -17.19 11.83
CA THR B 508 -25.80 -18.61 12.06
C THR B 508 -26.50 -19.45 11.00
N GLU B 509 -27.78 -19.18 10.77
CA GLU B 509 -28.51 -19.93 9.74
C GLU B 509 -28.36 -19.28 8.37
N ASN B 510 -27.50 -18.28 8.26
CA ASN B 510 -27.02 -17.69 7.02
C ASN B 510 -28.11 -17.08 6.16
N PHE B 511 -29.15 -16.51 6.77
CA PHE B 511 -30.18 -15.91 5.96
C PHE B 511 -30.46 -14.47 6.36
N CYS B 512 -30.77 -13.66 5.36
CA CYS B 512 -31.36 -12.34 5.56
C CYS B 512 -32.86 -12.48 5.52
N SER B 513 -33.56 -11.56 6.15
CA SER B 513 -35.01 -11.58 6.15
C SER B 513 -35.54 -10.16 6.36
N VAL B 514 -36.42 -9.74 5.47
CA VAL B 514 -36.84 -8.34 5.39
C VAL B 514 -38.34 -8.27 5.55
N LEU B 515 -38.79 -7.59 6.58
CA LEU B 515 -40.22 -7.34 6.71
C LEU B 515 -40.63 -6.20 5.81
N SER B 516 -41.93 -6.09 5.58
CA SER B 516 -42.42 -5.03 4.72
C SER B 516 -43.66 -4.43 5.34
N HIS B 517 -43.94 -3.19 4.97
CA HIS B 517 -45.23 -2.59 5.24
C HIS B 517 -45.77 -2.00 3.94
N GLY B 518 -46.27 -2.88 3.09
CA GLY B 518 -47.23 -2.54 2.05
C GLY B 518 -48.17 -3.72 1.95
N ASP B 519 -47.78 -4.78 2.67
CA ASP B 519 -48.48 -6.05 2.78
C ASP B 519 -47.90 -6.74 4.02
N PRO B 520 -48.33 -6.35 5.21
CA PRO B 520 -47.56 -6.65 6.43
C PRO B 520 -47.69 -8.08 6.92
N SER B 521 -48.46 -8.94 6.26
CA SER B 521 -48.69 -10.27 6.78
C SER B 521 -47.61 -11.27 6.43
N LYS B 522 -46.57 -10.85 5.72
CA LYS B 522 -45.52 -11.77 5.33
C LYS B 522 -44.15 -11.34 5.82
N ILE B 523 -43.31 -12.31 6.11
CA ILE B 523 -41.89 -12.11 6.34
C ILE B 523 -41.14 -12.66 5.14
N PHE B 524 -40.52 -11.78 4.38
CA PHE B 524 -39.74 -12.24 3.26
C PHE B 524 -38.44 -12.86 3.77
N MET B 525 -37.89 -13.78 2.99
CA MET B 525 -36.67 -14.48 3.35
C MET B 525 -35.63 -14.34 2.26
N TYR B 526 -34.38 -14.54 2.65
CA TYR B 526 -33.27 -14.58 1.70
C TYR B 526 -32.24 -15.55 2.24
N LYS B 527 -32.33 -16.80 1.84
CA LYS B 527 -31.44 -17.85 2.30
C LYS B 527 -30.27 -17.94 1.34
N PHE B 528 -29.05 -17.86 1.87
CA PHE B 528 -27.86 -17.85 1.04
C PHE B 528 -26.76 -18.60 1.76
N LEU B 529 -25.72 -18.96 1.01
CA LEU B 529 -24.47 -19.39 1.63
C LEU B 529 -23.35 -19.09 0.66
N TYR B 530 -22.15 -18.91 1.22
CA TYR B 530 -20.96 -18.63 0.44
C TYR B 530 -19.99 -19.78 0.57
N LEU B 531 -19.55 -20.31 -0.55
CA LEU B 531 -18.48 -21.29 -0.59
C LEU B 531 -17.49 -20.85 -1.65
N ASN B 532 -16.21 -20.85 -1.28
CA ASN B 532 -15.09 -20.42 -2.13
C ASN B 532 -15.28 -18.99 -2.62
N GLU B 533 -15.76 -18.12 -1.73
CA GLU B 533 -16.05 -16.70 -1.94
C GLU B 533 -17.07 -16.47 -3.05
N GLU B 534 -17.90 -17.45 -3.34
CA GLU B 534 -18.87 -17.36 -4.42
C GLU B 534 -20.25 -17.62 -3.86
N LEU B 535 -21.25 -16.94 -4.41
CA LEU B 535 -22.62 -17.23 -4.06
C LEU B 535 -23.01 -18.56 -4.66
N ARG B 536 -23.77 -19.36 -3.90
CA ARG B 536 -24.28 -20.62 -4.41
C ARG B 536 -25.78 -20.78 -4.17
N GLN B 537 -26.45 -19.81 -3.54
CA GLN B 537 -27.87 -19.97 -3.26
C GLN B 537 -28.53 -18.60 -3.18
N GLN B 538 -29.37 -18.29 -4.16
CA GLN B 538 -30.36 -17.24 -4.02
C GLN B 538 -31.69 -17.84 -3.58
N SER B 539 -32.41 -17.13 -2.73
CA SER B 539 -33.70 -17.60 -2.26
C SER B 539 -34.55 -16.41 -1.89
N TRP B 540 -35.85 -16.51 -2.16
CA TRP B 540 -36.80 -15.52 -1.74
C TRP B 540 -38.11 -16.24 -1.44
N SER B 541 -38.67 -16.00 -0.25
CA SER B 541 -39.82 -16.77 0.16
C SER B 541 -40.65 -15.98 1.14
N HIS B 542 -41.96 -16.07 0.99
CA HIS B 542 -42.84 -15.64 2.05
C HIS B 542 -42.70 -16.59 3.24
N TRP B 543 -42.87 -16.05 4.43
CA TRP B 543 -43.47 -16.81 5.51
C TRP B 543 -44.82 -16.19 5.82
N ASP B 544 -45.85 -17.02 5.81
CA ASP B 544 -47.20 -16.49 5.94
C ASP B 544 -47.83 -17.10 7.18
N PHE B 545 -48.47 -16.26 7.98
CA PHE B 545 -48.96 -16.66 9.29
C PHE B 545 -50.48 -16.65 9.38
N GLY B 546 -51.16 -16.20 8.34
CA GLY B 546 -52.61 -16.19 8.37
C GLY B 546 -53.14 -15.17 7.37
N GLU B 547 -54.46 -14.99 7.43
CA GLU B 547 -55.11 -14.08 6.50
C GLU B 547 -54.83 -12.63 6.88
N ASN B 548 -55.20 -12.25 8.11
CA ASN B 548 -54.88 -10.93 8.63
C ASN B 548 -54.04 -11.13 9.88
N VAL B 549 -52.74 -11.32 9.71
CA VAL B 549 -51.81 -11.36 10.83
C VAL B 549 -50.71 -10.36 10.51
N GLN B 550 -50.87 -9.13 10.97
CA GLN B 550 -49.86 -8.12 10.74
C GLN B 550 -48.64 -8.40 11.59
N VAL B 551 -47.47 -8.43 10.95
CA VAL B 551 -46.25 -8.93 11.57
C VAL B 551 -45.40 -7.74 11.97
N LEU B 552 -45.18 -7.57 13.27
CA LEU B 552 -44.19 -6.61 13.71
C LEU B 552 -42.80 -7.22 13.64
N ALA B 553 -41.80 -6.40 13.92
CA ALA B 553 -40.44 -6.73 13.53
C ALA B 553 -39.87 -7.88 14.35
N CYS B 554 -39.69 -9.00 13.70
CA CYS B 554 -38.96 -10.11 14.29
C CYS B 554 -37.48 -9.78 14.37
N GLN B 555 -36.85 -10.28 15.42
CA GLN B 555 -35.40 -10.22 15.55
C GLN B 555 -34.93 -11.60 15.97
N SER B 556 -33.68 -11.91 15.64
CA SER B 556 -33.19 -13.27 15.73
C SER B 556 -32.00 -13.35 16.65
N ILE B 557 -32.24 -13.74 17.90
CA ILE B 557 -31.17 -14.28 18.72
C ILE B 557 -30.72 -15.59 18.11
N SER B 558 -29.45 -15.95 18.35
CA SER B 558 -28.55 -16.71 17.47
C SER B 558 -29.17 -17.74 16.53
N SER B 559 -30.08 -18.57 17.05
CA SER B 559 -30.80 -19.49 16.18
C SER B 559 -32.28 -19.53 16.54
N ASP B 560 -32.81 -18.45 17.11
CA ASP B 560 -34.20 -18.40 17.54
C ASP B 560 -34.83 -17.11 17.03
N MET B 561 -35.84 -17.24 16.18
CA MET B 561 -36.53 -16.09 15.59
C MET B 561 -37.71 -15.75 16.50
N TYR B 562 -37.67 -14.56 17.11
CA TYR B 562 -38.73 -14.11 18.00
C TYR B 562 -39.61 -13.09 17.28
N VAL B 563 -40.88 -13.42 17.10
CA VAL B 563 -41.78 -12.67 16.23
C VAL B 563 -42.89 -12.06 17.06
N ILE B 564 -43.31 -10.84 16.69
CA ILE B 564 -44.44 -10.15 17.30
C ILE B 564 -45.51 -9.95 16.22
N LEU B 565 -46.75 -10.34 16.53
CA LEU B 565 -47.82 -10.37 15.54
C LEU B 565 -49.00 -9.54 16.01
N ARG B 566 -49.88 -9.18 15.07
CA ARG B 566 -51.20 -8.62 15.41
C ARG B 566 -52.27 -9.53 14.82
N ASN B 567 -53.53 -9.32 15.22
CA ASN B 567 -54.51 -10.38 15.07
C ASN B 567 -55.75 -10.01 14.23
N GLU B 568 -56.51 -8.94 14.55
CA GLU B 568 -56.26 -7.71 15.29
C GLU B 568 -57.07 -7.60 16.60
N PHE B 569 -57.19 -8.72 17.30
CA PHE B 569 -57.81 -8.69 18.61
C PHE B 569 -56.78 -8.52 19.71
N ASN B 570 -55.67 -9.23 19.62
CA ASN B 570 -54.61 -9.17 20.62
C ASN B 570 -53.28 -9.45 19.96
N THR B 571 -52.23 -8.76 20.41
CA THR B 571 -50.89 -9.00 19.93
C THR B 571 -50.25 -10.05 20.82
N PHE B 572 -49.17 -10.66 20.36
CA PHE B 572 -48.45 -11.68 21.13
C PHE B 572 -47.07 -11.91 20.54
N LEU B 573 -46.14 -12.27 21.44
CA LEU B 573 -44.77 -12.63 21.08
C LEU B 573 -44.80 -14.07 20.59
N ALA B 574 -43.83 -14.46 19.77
CA ALA B 574 -43.83 -15.80 19.21
C ALA B 574 -42.42 -16.21 18.79
N ARG B 575 -42.02 -17.42 19.18
CA ARG B 575 -40.68 -17.92 18.89
C ARG B 575 -40.70 -18.89 17.72
N ILE B 576 -39.72 -18.74 16.82
CA ILE B 576 -39.43 -19.70 15.78
C ILE B 576 -38.02 -20.23 16.02
N SER B 577 -37.90 -21.54 16.21
CA SER B 577 -36.63 -22.16 16.54
C SER B 577 -36.20 -23.09 15.42
N PHE B 578 -35.01 -22.88 14.89
CA PHE B 578 -34.51 -23.67 13.75
C PHE B 578 -33.80 -24.92 14.24
N THR B 579 -34.50 -25.69 15.05
CA THR B 579 -33.93 -26.91 15.61
C THR B 579 -34.50 -28.09 14.86
N LYS B 580 -33.64 -29.03 14.48
CA LYS B 580 -33.99 -29.97 13.42
C LYS B 580 -34.81 -31.13 13.96
N ASN B 581 -34.26 -31.91 14.88
CA ASN B 581 -34.82 -33.19 15.28
C ASN B 581 -35.30 -33.09 16.73
N ALA B 582 -35.96 -31.98 17.04
CA ALA B 582 -36.21 -31.60 18.41
C ALA B 582 -37.65 -31.84 18.81
N ILE B 583 -37.96 -31.38 20.02
CA ILE B 583 -39.30 -31.37 20.59
C ILE B 583 -39.53 -29.96 21.12
N ASP B 584 -40.64 -29.34 20.71
CA ASP B 584 -40.95 -28.00 21.19
C ASP B 584 -41.39 -28.00 22.64
N LEU B 585 -42.42 -28.78 22.97
CA LEU B 585 -43.05 -28.72 24.27
C LEU B 585 -43.07 -30.12 24.85
N GLN B 586 -42.79 -30.24 26.15
CA GLN B 586 -42.56 -31.52 26.78
C GLN B 586 -43.83 -32.37 26.77
N GLY B 587 -43.76 -33.54 26.15
CA GLY B 587 -44.90 -34.42 25.98
C GLY B 587 -45.28 -34.66 24.54
N GLU B 588 -44.44 -34.32 23.57
CA GLU B 588 -44.61 -34.77 22.20
C GLU B 588 -44.36 -36.28 22.14
N PRO B 589 -44.73 -36.99 21.04
CA PRO B 589 -44.94 -36.92 19.59
C PRO B 589 -45.68 -35.71 19.05
N TYR B 590 -45.22 -35.10 17.94
CA TYR B 590 -44.04 -35.55 17.17
C TYR B 590 -43.17 -34.42 16.58
N ARG B 591 -43.11 -33.28 17.30
CA ARG B 591 -42.61 -31.93 16.98
C ARG B 591 -43.61 -31.16 16.13
N ALA B 592 -44.51 -31.86 15.44
CA ALA B 592 -45.87 -31.45 15.11
C ALA B 592 -46.06 -30.23 14.20
N PHE B 593 -45.00 -29.46 13.91
CA PHE B 593 -44.91 -28.33 12.96
C PHE B 593 -46.19 -27.50 12.84
N MET B 594 -46.73 -27.11 13.98
CA MET B 594 -48.15 -26.80 14.06
C MET B 594 -48.49 -25.48 13.42
N ASP B 595 -47.62 -24.45 13.61
CA ASP B 595 -48.02 -23.04 13.76
C ASP B 595 -48.79 -22.84 15.06
N MET B 596 -48.09 -22.31 16.08
CA MET B 596 -48.70 -21.66 17.24
C MET B 596 -49.10 -22.69 18.28
N LYS B 597 -48.14 -23.58 18.56
CA LYS B 597 -48.24 -24.59 19.62
C LYS B 597 -48.41 -23.98 21.01
N ILE B 598 -49.34 -24.52 21.78
CA ILE B 598 -49.41 -24.35 23.23
C ILE B 598 -49.82 -25.67 23.85
N ARG B 599 -49.02 -26.13 24.82
CA ARG B 599 -49.39 -27.31 25.61
C ARG B 599 -50.42 -26.87 26.62
N TYR B 600 -51.68 -27.01 26.24
CA TYR B 600 -52.77 -26.61 27.11
C TYR B 600 -53.34 -27.84 27.80
N THR B 601 -53.04 -27.99 29.08
CA THR B 601 -53.75 -28.96 29.88
C THR B 601 -55.19 -28.50 30.08
N ILE B 602 -56.09 -29.46 30.25
CA ILE B 602 -57.52 -29.21 30.29
C ILE B 602 -57.94 -29.11 31.74
N PRO B 603 -58.71 -28.09 32.13
CA PRO B 603 -59.16 -27.99 33.53
C PRO B 603 -60.19 -29.04 33.90
N SER B 604 -60.63 -28.99 35.17
CA SER B 604 -61.53 -30.01 35.68
C SER B 604 -62.92 -29.85 35.07
N GLY B 605 -63.51 -28.67 35.17
CA GLY B 605 -64.85 -28.52 34.66
C GLY B 605 -64.88 -28.03 33.23
N THR B 606 -64.90 -28.98 32.30
CA THR B 606 -65.26 -28.74 30.90
C THR B 606 -66.22 -29.78 30.38
N TYR B 607 -66.23 -30.98 30.93
CA TYR B 607 -67.01 -32.08 30.39
C TYR B 607 -68.43 -32.09 30.92
N ASN B 608 -69.37 -32.39 30.03
CA ASN B 608 -70.74 -32.71 30.41
C ASN B 608 -71.15 -34.03 29.76
N ASP B 609 -71.70 -34.95 30.58
CA ASP B 609 -71.98 -36.29 30.08
C ASP B 609 -73.31 -36.35 29.34
N ASP B 610 -74.03 -35.23 29.28
CA ASP B 610 -75.27 -35.24 28.51
C ASP B 610 -74.98 -35.31 27.00
N THR B 611 -74.26 -34.33 26.46
CA THR B 611 -73.96 -34.30 25.03
C THR B 611 -72.64 -34.99 24.69
N PHE B 612 -71.91 -35.46 25.70
CA PHE B 612 -70.64 -36.21 25.57
C PHE B 612 -69.62 -35.40 24.77
N THR B 613 -69.21 -34.28 25.35
CA THR B 613 -68.37 -33.31 24.67
C THR B 613 -67.56 -32.53 25.70
N THR B 614 -66.24 -32.61 25.61
CA THR B 614 -65.41 -31.63 26.29
C THR B 614 -65.26 -30.42 25.37
N SER B 615 -65.36 -29.24 25.95
CA SER B 615 -65.33 -28.02 25.18
C SER B 615 -64.32 -27.07 25.80
N ILE B 616 -63.56 -26.40 24.94
CA ILE B 616 -62.48 -25.54 25.38
C ILE B 616 -62.77 -24.13 24.89
N HIS B 617 -62.70 -23.17 25.81
CA HIS B 617 -62.80 -21.77 25.45
C HIS B 617 -61.42 -21.32 24.96
N ILE B 618 -61.36 -20.76 23.76
CA ILE B 618 -60.08 -20.54 23.08
C ILE B 618 -59.21 -19.46 23.74
N PRO B 619 -59.68 -18.25 24.10
CA PRO B 619 -58.76 -17.35 24.80
C PRO B 619 -58.53 -17.68 26.26
N THR B 620 -59.13 -18.75 26.81
CA THR B 620 -58.64 -19.25 28.09
C THR B 620 -57.36 -20.05 27.92
N ILE B 621 -57.05 -20.45 26.69
CA ILE B 621 -55.74 -21.01 26.38
C ILE B 621 -54.74 -19.89 26.19
N TYR B 622 -55.17 -18.81 25.54
CA TYR B 622 -54.28 -17.83 24.95
C TYR B 622 -54.42 -16.46 25.60
N GLY B 623 -55.63 -15.97 25.75
CA GLY B 623 -55.87 -14.58 25.97
C GLY B 623 -56.16 -13.80 24.71
N ALA B 624 -56.41 -14.48 23.60
CA ALA B 624 -56.59 -13.81 22.32
C ALA B 624 -57.76 -14.42 21.58
N ASN B 625 -58.50 -13.57 20.87
CA ASN B 625 -59.51 -13.98 19.92
C ASN B 625 -58.92 -13.97 18.52
N PHE B 626 -59.45 -14.82 17.66
CA PHE B 626 -58.82 -15.10 16.38
C PHE B 626 -59.72 -14.75 15.21
N GLY B 627 -59.08 -14.31 14.13
CA GLY B 627 -59.80 -14.10 12.89
C GLY B 627 -60.08 -15.39 12.16
N ARG B 628 -59.05 -16.07 11.66
CA ARG B 628 -59.22 -17.23 10.79
C ARG B 628 -58.14 -18.26 11.07
N GLY B 629 -58.14 -19.29 10.26
CA GLY B 629 -57.15 -20.36 10.37
C GLY B 629 -57.82 -21.67 10.68
N LYS B 630 -57.05 -22.74 10.56
CA LYS B 630 -57.52 -24.08 10.87
C LYS B 630 -56.84 -24.56 12.13
N ILE B 631 -57.54 -24.50 13.25
CA ILE B 631 -57.00 -24.93 14.52
C ILE B 631 -56.99 -26.45 14.55
N THR B 632 -55.81 -27.04 14.69
CA THR B 632 -55.68 -28.47 14.86
C THR B 632 -55.28 -28.76 16.29
N VAL B 633 -55.71 -29.91 16.79
CA VAL B 633 -55.47 -30.27 18.18
C VAL B 633 -54.79 -31.63 18.23
N LEU B 634 -53.66 -31.69 18.92
CA LEU B 634 -52.81 -32.88 18.92
C LEU B 634 -52.73 -33.40 20.35
N GLU B 635 -52.93 -34.71 20.48
CA GLU B 635 -52.87 -35.40 21.76
C GLU B 635 -51.50 -36.01 21.93
N PRO B 636 -51.13 -36.43 23.14
CA PRO B 636 -49.93 -37.27 23.29
C PRO B 636 -50.10 -38.64 22.66
N ASP B 637 -51.34 -39.06 22.45
CA ASP B 637 -51.64 -40.22 21.63
C ASP B 637 -51.61 -39.80 20.15
N GLY B 638 -52.10 -40.66 19.27
CA GLY B 638 -52.01 -40.34 17.87
C GLY B 638 -53.19 -39.55 17.34
N LYS B 639 -53.99 -38.97 18.21
CA LYS B 639 -55.20 -38.30 17.79
C LYS B 639 -54.86 -36.91 17.27
N ILE B 640 -55.50 -36.53 16.17
CA ILE B 640 -55.45 -35.17 15.62
C ILE B 640 -56.84 -34.84 15.12
N THR B 641 -57.39 -33.73 15.61
CA THR B 641 -58.68 -33.24 15.15
C THR B 641 -58.49 -31.88 14.51
N VAL B 642 -59.14 -31.68 13.36
CA VAL B 642 -59.05 -30.44 12.61
C VAL B 642 -60.42 -29.77 12.71
N PHE B 643 -60.43 -28.44 12.81
CA PHE B 643 -61.66 -27.78 13.23
C PHE B 643 -62.27 -26.81 12.24
N GLU B 644 -61.49 -26.22 11.33
CA GLU B 644 -62.01 -25.57 10.11
C GLU B 644 -62.96 -24.42 10.43
N GLN B 645 -62.42 -23.26 10.84
CA GLN B 645 -63.07 -22.09 11.44
C GLN B 645 -64.47 -21.75 10.93
N PRO B 646 -65.40 -21.45 11.82
CA PRO B 646 -66.78 -21.22 11.42
C PRO B 646 -66.94 -19.88 10.72
N THR B 647 -68.09 -19.73 10.07
CA THR B 647 -68.43 -18.48 9.41
C THR B 647 -68.60 -17.40 10.47
N ALA B 648 -67.88 -16.29 10.29
CA ALA B 648 -67.68 -15.22 11.28
C ALA B 648 -67.10 -15.73 12.59
N GLY B 649 -66.32 -16.81 12.56
CA GLY B 649 -65.47 -17.18 13.66
C GLY B 649 -64.17 -16.41 13.59
N TRP B 650 -63.26 -16.67 14.54
CA TRP B 650 -63.49 -17.49 15.73
C TRP B 650 -64.07 -16.65 16.86
N ASN B 651 -64.21 -15.35 16.60
CA ASN B 651 -64.54 -14.40 17.65
C ASN B 651 -65.99 -14.54 18.10
N SER B 652 -66.86 -15.07 17.24
CA SER B 652 -68.26 -15.23 17.60
C SER B 652 -68.44 -16.31 18.65
N ASP B 653 -67.87 -17.48 18.41
CA ASP B 653 -67.96 -18.59 19.35
C ASP B 653 -66.60 -19.28 19.48
N PRO B 654 -65.72 -18.79 20.34
CA PRO B 654 -64.50 -19.55 20.59
C PRO B 654 -64.82 -20.73 21.49
N TRP B 655 -64.97 -21.88 20.85
CA TRP B 655 -65.36 -23.11 21.52
C TRP B 655 -64.78 -24.28 20.76
N LEU B 656 -64.04 -25.11 21.47
CA LEU B 656 -63.23 -26.14 20.87
C LEU B 656 -63.73 -27.47 21.41
N ARG B 657 -64.55 -28.16 20.62
CA ARG B 657 -65.31 -29.31 21.06
C ARG B 657 -64.64 -30.57 20.53
N LEU B 658 -64.19 -31.45 21.43
CA LEU B 658 -63.31 -32.55 21.04
C LEU B 658 -63.97 -33.92 21.13
N SER B 659 -64.31 -34.37 22.33
CA SER B 659 -64.64 -35.77 22.60
C SER B 659 -65.18 -35.85 24.01
N GLY B 660 -65.31 -37.05 24.58
CA GLY B 660 -65.78 -37.10 25.94
C GLY B 660 -64.81 -36.64 27.00
N ASN B 661 -63.83 -37.45 27.37
CA ASN B 661 -63.08 -37.22 28.60
C ASN B 661 -61.63 -36.99 28.28
N LEU B 662 -61.23 -35.72 28.24
CA LEU B 662 -59.87 -35.37 27.87
C LEU B 662 -59.24 -34.43 28.89
N GLU B 663 -59.53 -34.61 30.18
CA GLU B 663 -59.15 -33.64 31.20
C GLU B 663 -57.66 -33.69 31.51
N GLY B 664 -57.15 -34.84 31.93
CA GLY B 664 -55.74 -34.89 32.25
C GLY B 664 -54.81 -35.16 31.10
N ARG B 665 -55.18 -34.78 29.87
CA ARG B 665 -54.48 -35.31 28.71
C ARG B 665 -53.35 -34.39 28.24
N MET B 666 -53.27 -33.18 28.81
CA MET B 666 -52.26 -32.13 28.50
C MET B 666 -52.06 -31.93 27.00
N VAL B 667 -53.13 -31.46 26.35
CA VAL B 667 -53.27 -31.60 24.91
C VAL B 667 -52.54 -30.46 24.21
N TYR B 668 -52.16 -30.68 22.95
CA TYR B 668 -51.48 -29.65 22.17
C TYR B 668 -52.43 -29.00 21.18
N ILE B 669 -52.41 -27.67 21.14
CA ILE B 669 -53.32 -26.90 20.29
C ILE B 669 -52.51 -25.94 19.46
N GLY B 670 -52.74 -25.95 18.15
CA GLY B 670 -52.04 -25.08 17.25
C GLY B 670 -52.91 -24.67 16.07
N PHE B 671 -52.24 -24.36 14.97
CA PHE B 671 -52.87 -23.99 13.70
C PHE B 671 -52.51 -24.98 12.61
N ASN B 672 -52.75 -24.60 11.36
CA ASN B 672 -52.07 -25.20 10.22
C ASN B 672 -51.32 -24.11 9.48
N ILE B 673 -50.13 -24.43 8.99
CA ILE B 673 -49.41 -23.56 8.07
C ILE B 673 -49.93 -23.85 6.67
N ASN B 674 -49.92 -22.86 5.80
CA ASN B 674 -50.11 -23.15 4.40
C ASN B 674 -48.77 -23.21 3.70
N PHE B 675 -48.37 -24.41 3.28
CA PHE B 675 -47.14 -24.61 2.54
C PHE B 675 -47.47 -24.68 1.06
N VAL B 676 -46.86 -23.81 0.27
CA VAL B 676 -47.11 -23.72 -1.17
C VAL B 676 -45.76 -23.69 -1.87
N TYR B 677 -45.63 -24.46 -2.95
CA TYR B 677 -44.43 -24.37 -3.77
C TYR B 677 -44.77 -24.72 -5.22
N GLU B 678 -44.80 -23.71 -6.07
CA GLU B 678 -44.88 -24.04 -7.48
C GLU B 678 -43.54 -24.46 -8.01
N PHE B 679 -43.55 -24.98 -9.22
CA PHE B 679 -42.34 -25.25 -9.97
C PHE B 679 -42.29 -24.33 -11.18
N SER B 680 -41.10 -24.13 -11.70
CA SER B 680 -40.97 -23.59 -13.04
C SER B 680 -41.50 -24.61 -14.03
N LYS B 681 -42.01 -24.15 -15.16
CA LYS B 681 -42.48 -25.04 -16.19
C LYS B 681 -41.29 -25.82 -16.75
N PHE B 682 -41.44 -27.15 -16.80
CA PHE B 682 -40.32 -28.06 -16.99
C PHE B 682 -39.84 -27.98 -18.43
N LEU B 683 -39.07 -26.94 -18.72
CA LEU B 683 -38.42 -26.80 -20.01
C LEU B 683 -37.12 -27.58 -20.00
N ILE B 684 -36.37 -27.48 -21.10
CA ILE B 684 -35.09 -28.17 -21.23
C ILE B 684 -34.02 -27.19 -20.79
N LYS B 685 -33.68 -27.23 -19.52
CA LYS B 685 -32.60 -26.42 -18.98
C LYS B 685 -31.26 -26.98 -19.43
N GLN B 686 -30.45 -26.15 -20.07
CA GLN B 686 -29.17 -26.60 -20.62
C GLN B 686 -28.11 -25.53 -20.41
N THR B 687 -27.04 -25.89 -19.71
CA THR B 687 -26.00 -24.91 -19.41
C THR B 687 -24.93 -24.88 -20.50
N ALA B 688 -25.20 -24.09 -21.53
CA ALA B 688 -24.28 -23.87 -22.63
C ALA B 688 -24.66 -22.60 -23.38
N ASP B 689 -23.73 -21.67 -23.50
CA ASP B 689 -22.46 -21.86 -24.21
C ASP B 689 -21.34 -21.54 -23.23
N ASP B 690 -21.49 -20.43 -22.51
CA ASP B 690 -20.86 -20.19 -21.22
C ASP B 690 -21.64 -20.91 -20.12
N GLY B 691 -21.59 -20.40 -18.89
CA GLY B 691 -22.60 -20.84 -17.94
C GLY B 691 -23.94 -20.18 -18.22
N SER B 692 -24.63 -19.73 -17.16
CA SER B 692 -25.91 -19.00 -17.26
C SER B 692 -26.95 -19.80 -18.04
N THR B 693 -27.43 -20.88 -17.39
CA THR B 693 -28.23 -21.93 -18.02
C THR B 693 -29.43 -21.40 -18.78
N SER B 694 -29.42 -21.60 -20.10
CA SER B 694 -30.43 -21.06 -20.99
C SER B 694 -31.24 -22.21 -21.57
N THR B 695 -32.56 -22.02 -21.62
CA THR B 695 -33.48 -23.03 -22.10
C THR B 695 -33.39 -23.16 -23.62
N GLU B 696 -34.09 -24.15 -24.15
CA GLU B 696 -34.31 -24.28 -25.58
C GLU B 696 -35.78 -24.59 -25.80
N ASP B 697 -36.53 -23.60 -26.25
CA ASP B 697 -37.95 -23.73 -26.50
C ASP B 697 -38.19 -23.59 -28.01
N ILE B 698 -37.97 -24.70 -28.73
CA ILE B 698 -38.20 -24.72 -30.16
C ILE B 698 -39.20 -25.78 -30.55
N GLY B 699 -39.01 -27.01 -30.12
CA GLY B 699 -39.94 -28.07 -30.43
C GLY B 699 -40.88 -28.31 -29.27
N ARG B 700 -41.94 -29.04 -29.56
CA ARG B 700 -42.90 -29.37 -28.53
C ARG B 700 -42.29 -30.41 -27.58
N LEU B 701 -42.22 -30.06 -26.31
CA LEU B 701 -41.75 -30.97 -25.27
C LEU B 701 -42.99 -31.64 -24.68
N GLN B 702 -43.34 -32.81 -25.20
CA GLN B 702 -44.40 -33.56 -24.57
C GLN B 702 -43.91 -34.21 -23.30
N LEU B 703 -44.39 -33.69 -22.19
CA LEU B 703 -43.86 -34.00 -20.87
C LEU B 703 -44.64 -35.17 -20.31
N ARG B 704 -43.98 -36.03 -19.55
CA ARG B 704 -44.66 -37.15 -18.92
C ARG B 704 -43.90 -37.57 -17.67
N ARG B 705 -44.64 -37.69 -16.57
CA ARG B 705 -44.25 -38.29 -15.29
C ARG B 705 -42.95 -37.74 -14.73
N ALA B 706 -43.04 -36.49 -14.31
CA ALA B 706 -42.07 -35.93 -13.40
C ALA B 706 -42.06 -36.71 -12.09
N TRP B 707 -40.92 -36.69 -11.41
CA TRP B 707 -40.78 -37.45 -10.19
C TRP B 707 -40.08 -36.65 -9.11
N VAL B 708 -40.58 -36.77 -7.89
CA VAL B 708 -40.07 -36.03 -6.73
C VAL B 708 -39.52 -37.02 -5.72
N ASN B 709 -38.25 -36.89 -5.37
CA ASN B 709 -37.67 -37.71 -4.32
C ASN B 709 -37.54 -36.91 -3.02
N TYR B 710 -37.60 -37.63 -1.90
CA TYR B 710 -37.81 -37.01 -0.62
C TYR B 710 -37.07 -37.76 0.46
N GLU B 711 -36.52 -37.02 1.41
CA GLU B 711 -35.83 -37.58 2.55
C GLU B 711 -36.87 -37.79 3.67
N ASN B 712 -36.42 -37.95 4.91
CA ASN B 712 -37.17 -38.57 5.99
C ASN B 712 -38.35 -37.72 6.47
N SER B 713 -39.34 -37.51 5.59
CA SER B 713 -40.67 -37.00 5.90
C SER B 713 -41.57 -37.17 4.69
N GLY B 714 -42.83 -36.81 4.85
CA GLY B 714 -43.76 -36.94 3.75
C GLY B 714 -45.09 -36.26 4.01
N THR B 715 -46.10 -36.74 3.30
CA THR B 715 -47.51 -36.27 3.30
C THR B 715 -47.67 -34.85 2.74
N PHE B 716 -46.82 -34.47 1.81
CA PHE B 716 -47.18 -33.40 0.90
C PHE B 716 -48.12 -33.94 -0.17
N ASP B 717 -48.90 -33.07 -0.83
CA ASP B 717 -49.75 -33.75 -1.80
C ASP B 717 -49.07 -33.93 -3.15
N ILE B 718 -49.52 -33.16 -4.16
CA ILE B 718 -48.90 -32.53 -5.32
C ILE B 718 -50.11 -32.09 -6.13
N TYR B 719 -50.12 -30.90 -6.69
CA TYR B 719 -51.21 -30.50 -7.57
C TYR B 719 -50.62 -30.28 -8.97
N VAL B 720 -51.00 -31.12 -9.91
CA VAL B 720 -50.66 -30.89 -11.30
C VAL B 720 -51.82 -30.18 -11.98
N GLU B 721 -51.53 -29.04 -12.59
CA GLU B 721 -52.55 -28.13 -13.08
C GLU B 721 -52.27 -27.84 -14.55
N ASN B 722 -53.04 -28.48 -15.42
CA ASN B 722 -53.01 -28.19 -16.85
C ASN B 722 -54.01 -27.06 -17.10
N GLN B 723 -54.38 -26.81 -18.36
CA GLN B 723 -55.35 -25.77 -18.65
C GLN B 723 -56.73 -26.12 -18.12
N SER B 724 -57.12 -27.39 -18.21
CA SER B 724 -58.44 -27.80 -17.75
C SER B 724 -58.45 -29.12 -17.01
N SER B 725 -57.32 -29.61 -16.52
CA SER B 725 -57.30 -30.97 -15.99
C SER B 725 -57.45 -31.00 -14.48
N ASN B 726 -56.52 -30.38 -13.75
CA ASN B 726 -56.46 -30.31 -12.29
C ASN B 726 -56.42 -31.67 -11.60
N TRP B 727 -55.35 -32.42 -11.80
CA TRP B 727 -55.16 -33.68 -11.10
C TRP B 727 -54.44 -33.39 -9.80
N LYS B 728 -54.73 -34.14 -8.75
CA LYS B 728 -54.05 -33.97 -7.46
C LYS B 728 -53.43 -35.29 -7.02
N TYR B 729 -52.13 -35.29 -6.86
CA TYR B 729 -51.38 -36.51 -6.60
C TYR B 729 -51.02 -36.58 -5.13
N THR B 730 -52.01 -36.85 -4.28
CA THR B 730 -51.77 -36.89 -2.85
C THR B 730 -50.84 -38.03 -2.48
N MET B 731 -50.10 -37.84 -1.41
CA MET B 731 -49.03 -38.74 -1.00
C MET B 731 -49.06 -38.85 0.50
N ALA B 732 -48.74 -40.04 1.02
CA ALA B 732 -48.63 -40.22 2.45
C ALA B 732 -47.30 -40.90 2.74
N GLY B 733 -47.14 -41.30 4.01
CA GLY B 733 -45.82 -41.38 4.61
C GLY B 733 -44.91 -42.44 4.02
N ALA B 734 -45.21 -43.71 4.27
CA ALA B 734 -44.27 -44.74 3.89
C ALA B 734 -44.97 -45.84 3.11
N ARG B 735 -44.17 -46.72 2.53
CA ARG B 735 -44.69 -47.84 1.78
C ARG B 735 -45.11 -48.95 2.72
N LEU B 736 -45.99 -49.82 2.23
CA LEU B 736 -46.43 -50.96 3.03
C LEU B 736 -45.29 -51.93 3.25
N GLY B 737 -45.20 -52.44 4.48
CA GLY B 737 -44.14 -53.37 4.81
C GLY B 737 -42.84 -52.71 5.19
N SER B 738 -42.71 -51.41 5.04
CA SER B 738 -41.51 -50.71 5.45
C SER B 738 -41.40 -50.70 6.97
N ASN B 739 -40.18 -50.55 7.46
CA ASN B 739 -39.99 -50.44 8.90
C ASN B 739 -40.40 -49.05 9.39
N THR B 740 -40.45 -48.07 8.49
CA THR B 740 -40.90 -46.74 8.87
C THR B 740 -42.40 -46.73 9.11
N LEU B 741 -43.16 -47.43 8.27
CA LEU B 741 -44.60 -47.48 8.42
C LEU B 741 -44.98 -48.37 9.60
N ARG B 742 -45.55 -47.75 10.62
CA ARG B 742 -45.87 -48.43 11.87
C ARG B 742 -47.33 -48.22 12.19
N ALA B 743 -47.88 -49.09 13.02
CA ALA B 743 -49.29 -48.94 13.38
C ALA B 743 -49.47 -47.89 14.46
N GLY B 744 -48.39 -47.47 15.11
CA GLY B 744 -48.33 -46.11 15.59
C GLY B 744 -46.92 -45.73 15.98
N ARG B 745 -46.40 -44.79 15.20
CA ARG B 745 -45.13 -44.09 15.22
C ARG B 745 -45.35 -43.01 14.18
N LEU B 746 -44.30 -42.36 13.72
CA LEU B 746 -44.41 -41.46 12.57
C LEU B 746 -44.55 -42.24 11.27
N ASN B 747 -45.10 -41.56 10.27
CA ASN B 747 -45.12 -42.05 8.89
C ASN B 747 -44.31 -41.10 8.03
N LEU B 748 -43.05 -41.44 7.78
CA LEU B 748 -42.20 -40.48 7.10
C LEU B 748 -41.73 -40.94 5.73
N GLY B 749 -41.03 -42.06 5.63
CA GLY B 749 -40.65 -42.53 4.32
C GLY B 749 -39.46 -41.80 3.70
N THR B 750 -39.00 -42.36 2.60
CA THR B 750 -37.83 -41.88 1.85
C THR B 750 -38.15 -42.03 0.38
N GLY B 751 -37.60 -41.17 -0.49
CA GLY B 751 -37.97 -41.13 -1.89
C GLY B 751 -37.50 -42.35 -2.65
N GLN B 752 -37.86 -42.39 -3.93
CA GLN B 752 -38.52 -41.33 -4.68
C GLN B 752 -40.03 -41.49 -4.74
N TYR B 753 -40.67 -40.66 -5.55
CA TYR B 753 -42.09 -40.79 -5.84
C TYR B 753 -42.33 -40.34 -7.27
N ARG B 754 -42.91 -41.22 -8.08
CA ARG B 754 -43.14 -40.95 -9.49
C ARG B 754 -44.63 -40.75 -9.71
N PHE B 755 -44.99 -39.78 -10.53
CA PHE B 755 -46.37 -39.37 -10.73
C PHE B 755 -46.51 -38.72 -12.09
N PRO B 756 -47.56 -39.05 -12.84
CA PRO B 756 -47.69 -38.59 -14.23
C PRO B 756 -47.99 -37.09 -14.36
N VAL B 757 -47.13 -36.37 -15.07
CA VAL B 757 -47.43 -35.01 -15.49
C VAL B 757 -47.56 -35.06 -17.01
N VAL B 758 -48.77 -35.29 -17.49
CA VAL B 758 -49.02 -35.60 -18.88
C VAL B 758 -49.43 -34.32 -19.60
N GLY B 759 -48.72 -34.00 -20.67
CA GLY B 759 -49.12 -32.90 -21.51
C GLY B 759 -47.94 -32.10 -21.97
N ASN B 760 -48.24 -30.94 -22.53
CA ASN B 760 -47.20 -30.04 -23.01
C ASN B 760 -46.47 -29.39 -21.85
N ALA B 761 -45.23 -28.99 -22.09
CA ALA B 761 -44.42 -28.38 -21.04
C ALA B 761 -44.85 -26.96 -20.75
N LYS B 762 -45.28 -26.23 -21.77
CA LYS B 762 -45.67 -24.82 -21.62
C LYS B 762 -46.96 -24.65 -20.84
N PHE B 763 -47.72 -25.72 -20.59
CA PHE B 763 -49.03 -25.61 -19.99
C PHE B 763 -49.17 -26.31 -18.64
N ASN B 764 -48.29 -27.25 -18.31
CA ASN B 764 -48.40 -27.96 -17.04
C ASN B 764 -47.66 -27.19 -15.96
N THR B 765 -48.38 -26.87 -14.88
CA THR B 765 -47.82 -26.15 -13.72
C THR B 765 -47.96 -27.06 -12.51
N VAL B 766 -46.91 -27.81 -12.19
CA VAL B 766 -46.93 -28.67 -11.02
C VAL B 766 -46.70 -27.81 -9.79
N TYR B 767 -47.49 -28.03 -8.73
CA TYR B 767 -47.26 -27.33 -7.50
C TYR B 767 -47.69 -28.16 -6.31
N ILE B 768 -47.13 -27.82 -5.15
CA ILE B 768 -47.27 -28.63 -3.94
C ILE B 768 -47.89 -27.73 -2.87
N LEU B 769 -49.21 -27.74 -2.76
CA LEU B 769 -49.87 -27.35 -1.53
C LEU B 769 -49.97 -28.57 -0.64
N SER B 770 -49.87 -28.37 0.67
CA SER B 770 -50.43 -29.46 1.45
C SER B 770 -51.49 -29.06 2.47
N ASP B 771 -50.99 -28.71 3.65
CA ASP B 771 -51.55 -28.28 4.93
C ASP B 771 -50.35 -28.63 5.78
N GLU B 772 -50.43 -28.58 7.11
CA GLU B 772 -50.44 -29.80 7.94
C GLU B 772 -49.94 -29.62 9.36
N THR B 773 -49.99 -30.71 10.10
CA THR B 773 -49.20 -30.86 11.30
C THR B 773 -47.95 -31.71 11.08
N THR B 774 -47.48 -31.87 9.84
CA THR B 774 -46.44 -32.85 9.51
C THR B 774 -45.39 -32.23 8.59
N PRO B 775 -44.07 -32.51 8.80
CA PRO B 775 -43.03 -31.93 7.93
C PRO B 775 -43.07 -32.37 6.48
N LEU B 776 -42.14 -31.86 5.67
CA LEU B 776 -41.79 -32.52 4.43
C LEU B 776 -40.35 -32.16 4.09
N ASN B 777 -39.78 -32.94 3.18
CA ASN B 777 -38.48 -32.66 2.60
C ASN B 777 -38.59 -32.92 1.11
N ILE B 778 -38.00 -32.05 0.30
CA ILE B 778 -37.92 -32.27 -1.14
C ILE B 778 -36.47 -32.13 -1.54
N ILE B 779 -35.87 -33.21 -2.03
CA ILE B 779 -34.45 -33.15 -2.34
C ILE B 779 -34.25 -32.69 -3.78
N GLY B 780 -34.76 -33.48 -4.71
CA GLY B 780 -34.63 -33.16 -6.12
C GLY B 780 -35.95 -33.39 -6.82
N CYS B 781 -35.98 -33.02 -8.09
CA CYS B 781 -37.14 -33.26 -8.93
C CYS B 781 -36.64 -33.57 -10.33
N GLY B 782 -37.15 -34.65 -10.92
CA GLY B 782 -36.85 -34.98 -12.28
C GLY B 782 -38.09 -34.82 -13.14
N TRP B 783 -37.92 -35.11 -14.42
CA TRP B 783 -39.02 -35.27 -15.37
C TRP B 783 -38.47 -36.02 -16.57
N GLU B 784 -39.35 -36.75 -17.25
CA GLU B 784 -39.00 -37.29 -18.54
C GLU B 784 -40.03 -36.83 -19.55
N GLY B 785 -39.86 -37.25 -20.79
CA GLY B 785 -40.81 -36.86 -21.80
C GLY B 785 -40.25 -36.86 -23.19
N ASN B 786 -41.11 -37.05 -24.17
CA ASN B 786 -40.72 -37.04 -25.58
C ASN B 786 -40.36 -35.63 -25.96
N TYR B 787 -39.21 -35.45 -26.60
CA TYR B 787 -38.82 -34.16 -27.16
C TYR B 787 -38.61 -34.31 -28.66
N LEU B 788 -39.19 -33.42 -29.43
CA LEU B 788 -39.06 -33.49 -30.88
C LEU B 788 -39.06 -32.06 -31.39
N ARG B 789 -37.88 -31.53 -31.66
CA ARG B 789 -37.76 -30.28 -32.39
C ARG B 789 -37.50 -30.61 -33.84
N ARG B 790 -38.38 -30.14 -34.72
CA ARG B 790 -38.28 -30.48 -36.12
C ARG B 790 -37.11 -29.76 -36.77
N SER B 791 -37.06 -28.45 -36.57
CA SER B 791 -36.02 -27.59 -37.12
C SER B 791 -34.73 -27.82 -36.33
N SER B 792 -33.84 -28.65 -36.88
CA SER B 792 -32.59 -28.97 -36.21
C SER B 792 -31.72 -27.72 -36.14
N GLY B 793 -31.65 -27.14 -34.96
CA GLY B 793 -31.14 -25.79 -34.82
C GLY B 793 -29.65 -25.66 -34.93
N ILE B 794 -29.21 -24.39 -34.86
CA ILE B 794 -27.82 -23.95 -34.91
C ILE B 794 -27.10 -24.42 -36.16
N LEU C 3 -32.67 -27.67 -42.44
CA LEU C 3 -33.57 -26.62 -42.01
C LEU C 3 -33.18 -26.25 -40.60
N ILE C 4 -32.70 -25.04 -40.39
CA ILE C 4 -32.19 -24.64 -39.09
C ILE C 4 -33.12 -23.63 -38.46
N SER C 5 -32.86 -23.34 -37.19
CA SER C 5 -33.67 -22.41 -36.41
C SER C 5 -32.92 -22.05 -35.15
N GLN C 6 -33.14 -20.83 -34.67
CA GLN C 6 -32.56 -20.43 -33.41
C GLN C 6 -33.40 -19.32 -32.81
N SER C 7 -33.40 -19.26 -31.49
CA SER C 7 -34.20 -18.29 -30.77
C SER C 7 -33.29 -17.27 -30.12
N ILE C 8 -33.64 -16.00 -30.28
CA ILE C 8 -32.96 -14.92 -29.60
C ILE C 8 -33.67 -14.73 -28.27
N LYS C 9 -32.98 -15.07 -27.18
CA LYS C 9 -33.64 -15.25 -25.89
C LYS C 9 -34.06 -13.92 -25.29
N ASN C 10 -33.22 -12.91 -25.40
CA ASN C 10 -33.49 -11.60 -24.83
C ASN C 10 -33.69 -10.61 -25.97
N LEU C 11 -34.04 -9.38 -25.62
CA LEU C 11 -34.00 -8.28 -26.57
C LEU C 11 -33.32 -7.05 -25.98
N LYS C 12 -32.25 -7.24 -25.22
CA LYS C 12 -31.51 -6.15 -24.60
C LYS C 12 -30.12 -6.04 -25.20
N GLY C 13 -29.91 -5.05 -26.05
CA GLY C 13 -30.94 -4.14 -26.50
C GLY C 13 -30.41 -2.96 -27.27
N GLY C 14 -31.31 -2.25 -27.92
CA GLY C 14 -30.99 -0.93 -28.41
C GLY C 14 -30.45 -0.93 -29.82
N ILE C 15 -30.00 0.26 -30.22
CA ILE C 15 -29.48 0.48 -31.56
C ILE C 15 -28.15 -0.25 -31.68
N SER C 16 -27.81 -0.66 -32.88
CA SER C 16 -26.45 -1.08 -33.19
C SER C 16 -26.17 -0.67 -34.63
N GLN C 17 -25.55 0.47 -34.81
CA GLN C 17 -25.25 0.97 -36.14
C GLN C 17 -24.07 0.27 -36.80
N GLN C 18 -23.44 -0.66 -36.07
CA GLN C 18 -22.52 -1.60 -36.67
C GLN C 18 -23.28 -2.48 -37.66
N PRO C 19 -22.68 -2.83 -38.81
CA PRO C 19 -23.41 -3.62 -39.81
C PRO C 19 -23.76 -5.03 -39.33
N ASP C 20 -24.86 -5.56 -39.87
CA ASP C 20 -25.61 -6.63 -39.24
C ASP C 20 -24.90 -7.98 -39.28
N ILE C 21 -23.85 -8.12 -40.07
CA ILE C 21 -23.11 -9.36 -40.04
C ILE C 21 -22.05 -9.32 -38.95
N LEU C 22 -21.87 -8.14 -38.33
CA LEU C 22 -20.94 -8.02 -37.22
C LEU C 22 -21.67 -8.07 -35.89
N ARG C 23 -22.88 -7.51 -35.82
CA ARG C 23 -23.49 -7.19 -34.54
C ARG C 23 -23.98 -8.45 -33.84
N TYR C 24 -24.25 -8.31 -32.55
CA TYR C 24 -24.73 -9.40 -31.73
C TYR C 24 -26.22 -9.62 -32.03
N PRO C 25 -26.80 -10.73 -31.56
CA PRO C 25 -28.24 -10.72 -31.33
C PRO C 25 -28.54 -9.89 -30.09
N ASP C 26 -29.84 -9.67 -29.87
CA ASP C 26 -30.52 -8.77 -28.92
C ASP C 26 -30.46 -7.32 -29.41
N GLN C 27 -29.76 -7.02 -30.50
CA GLN C 27 -29.50 -5.64 -30.90
C GLN C 27 -30.30 -5.34 -32.16
N GLY C 28 -31.34 -4.52 -32.02
CA GLY C 28 -32.12 -4.10 -33.16
C GLY C 28 -31.43 -2.99 -33.93
N SER C 29 -32.01 -2.64 -35.06
CA SER C 29 -31.42 -1.61 -35.90
C SER C 29 -32.03 -0.25 -35.64
N ARG C 30 -33.28 -0.19 -35.18
CA ARG C 30 -33.75 1.05 -34.56
C ARG C 30 -34.75 0.70 -33.48
N GLN C 31 -34.92 1.63 -32.56
CA GLN C 31 -35.76 1.45 -31.39
C GLN C 31 -36.15 2.81 -30.83
N VAL C 32 -37.46 3.07 -30.84
CA VAL C 32 -38.02 4.34 -30.37
C VAL C 32 -39.04 4.01 -29.29
N ASN C 33 -38.98 4.73 -28.17
CA ASN C 33 -39.91 4.64 -27.04
C ASN C 33 -39.90 3.24 -26.40
N GLY C 34 -38.78 2.55 -26.51
CA GLY C 34 -38.67 1.23 -25.93
C GLY C 34 -38.05 1.28 -24.55
N TRP C 35 -38.36 0.26 -23.74
CA TRP C 35 -37.83 0.15 -22.40
C TRP C 35 -37.39 -1.28 -22.15
N SER C 36 -36.14 -1.57 -22.49
CA SER C 36 -35.59 -2.92 -22.38
C SER C 36 -35.26 -3.19 -20.92
N SER C 37 -36.21 -3.78 -20.19
CA SER C 37 -35.99 -4.07 -18.79
C SER C 37 -35.14 -5.33 -18.61
N GLU C 38 -34.95 -5.71 -17.35
CA GLU C 38 -34.11 -6.87 -17.07
C GLU C 38 -34.87 -8.17 -17.34
N THR C 39 -36.01 -8.36 -16.70
CA THR C 39 -36.77 -9.60 -16.86
C THR C 39 -37.68 -9.53 -18.07
N GLU C 40 -38.61 -8.60 -18.09
CA GLU C 40 -39.36 -8.31 -19.30
C GLU C 40 -38.44 -7.64 -20.29
N GLY C 41 -38.70 -7.88 -21.57
CA GLY C 41 -37.84 -7.33 -22.59
C GLY C 41 -38.29 -5.93 -22.97
N LEU C 42 -38.63 -5.78 -24.24
CA LEU C 42 -39.14 -4.52 -24.76
C LEU C 42 -40.47 -4.17 -24.14
N GLN C 43 -40.60 -2.93 -23.71
CA GLN C 43 -41.85 -2.37 -23.24
C GLN C 43 -41.99 -0.97 -23.84
N LYS C 44 -43.20 -0.45 -23.77
CA LYS C 44 -43.36 0.98 -24.01
C LYS C 44 -42.85 1.75 -22.80
N ARG C 45 -42.27 2.92 -23.05
CA ARG C 45 -41.91 3.79 -21.95
C ARG C 45 -43.18 4.31 -21.28
N PRO C 46 -43.18 4.46 -19.96
CA PRO C 46 -44.39 4.90 -19.28
C PRO C 46 -44.70 6.36 -19.58
N PRO C 47 -45.97 6.76 -19.55
CA PRO C 47 -46.37 8.01 -20.18
C PRO C 47 -46.05 9.26 -19.38
N LEU C 48 -46.25 10.38 -20.02
CA LEU C 48 -46.07 11.66 -19.40
C LEU C 48 -47.31 11.88 -18.58
N VAL C 49 -47.28 12.88 -17.72
CA VAL C 49 -48.49 13.31 -17.08
C VAL C 49 -48.45 14.81 -17.05
N PHE C 50 -49.59 15.46 -16.91
CA PHE C 50 -49.64 16.86 -17.26
C PHE C 50 -49.45 17.94 -16.21
N LEU C 51 -48.97 17.56 -15.04
CA LEU C 51 -48.86 18.52 -13.98
C LEU C 51 -47.68 19.34 -14.40
N ASN C 52 -47.94 20.51 -14.95
CA ASN C 52 -49.22 20.85 -15.52
C ASN C 52 -49.01 21.70 -16.76
N THR C 53 -48.63 22.95 -16.60
CA THR C 53 -48.10 23.70 -17.72
C THR C 53 -47.48 24.93 -17.14
N LEU C 54 -46.57 25.59 -17.86
CA LEU C 54 -46.04 26.84 -17.33
C LEU C 54 -45.76 27.99 -18.27
N GLY C 55 -46.10 27.85 -19.55
CA GLY C 55 -45.54 28.76 -20.52
C GLY C 55 -46.06 28.92 -21.92
N ASP C 56 -45.45 29.89 -22.57
CA ASP C 56 -45.39 30.02 -23.99
C ASP C 56 -43.93 29.77 -24.29
N ASN C 57 -43.61 28.96 -25.30
CA ASN C 57 -42.26 28.88 -25.85
C ASN C 57 -41.52 30.22 -25.77
N LEU C 60 -40.97 30.91 -21.36
CA LEU C 60 -39.81 30.58 -20.55
C LEU C 60 -38.54 30.84 -21.32
N GLY C 61 -37.41 30.52 -20.71
CA GLY C 61 -36.14 30.88 -21.28
C GLY C 61 -36.09 30.17 -22.60
N GLN C 62 -35.55 30.83 -23.61
CA GLN C 62 -35.53 30.21 -24.93
C GLN C 62 -34.70 28.94 -25.00
N ALA C 63 -33.52 28.99 -24.40
CA ALA C 63 -32.65 27.83 -24.31
C ALA C 63 -31.92 27.92 -23.01
N PRO C 64 -32.56 27.37 -21.88
CA PRO C 64 -31.98 27.78 -20.62
C PRO C 64 -31.20 26.70 -19.93
N TYR C 65 -30.66 27.02 -18.77
CA TYR C 65 -29.94 26.10 -17.91
C TYR C 65 -30.85 25.74 -16.74
N ILE C 66 -31.28 24.50 -16.68
CA ILE C 66 -32.25 24.03 -15.68
C ILE C 66 -31.58 22.98 -14.80
N HIS C 67 -31.62 23.21 -13.49
CA HIS C 67 -30.98 22.36 -12.51
C HIS C 67 -31.82 22.36 -11.24
N LEU C 68 -32.21 21.19 -10.76
CA LEU C 68 -33.14 21.11 -9.64
C LEU C 68 -32.43 21.27 -8.31
N ILE C 69 -33.22 21.39 -7.26
CA ILE C 69 -32.76 21.35 -5.87
C ILE C 69 -33.57 20.27 -5.16
N ASN C 70 -32.89 19.36 -4.49
CA ASN C 70 -33.54 18.22 -3.85
C ASN C 70 -33.08 18.16 -2.40
N ARG C 71 -33.74 18.92 -1.53
CA ARG C 71 -33.34 18.99 -0.13
C ARG C 71 -34.05 17.94 0.73
N ASP C 72 -35.38 17.96 0.80
CA ASP C 72 -36.13 16.99 1.58
C ASP C 72 -37.19 16.34 0.71
N GLU C 73 -38.07 15.56 1.33
CA GLU C 73 -39.19 14.99 0.59
C GLU C 73 -40.27 16.02 0.33
N HIS C 74 -40.37 17.03 1.18
CA HIS C 74 -41.35 18.11 0.99
C HIS C 74 -40.67 19.31 0.35
N GLU C 75 -39.38 19.19 0.06
CA GLU C 75 -38.56 20.34 -0.31
C GLU C 75 -37.78 19.95 -1.56
N GLN C 76 -38.41 20.15 -2.72
CA GLN C 76 -37.89 19.71 -4.01
C GLN C 76 -38.31 20.72 -5.07
N TYR C 77 -37.41 21.64 -5.42
CA TYR C 77 -37.74 22.69 -6.37
C TYR C 77 -36.80 22.64 -7.57
N TYR C 78 -37.14 23.42 -8.59
CA TYR C 78 -36.28 23.62 -9.75
C TYR C 78 -35.48 24.90 -9.66
N ALA C 79 -34.70 25.17 -10.70
CA ALA C 79 -34.09 26.48 -10.94
C ALA C 79 -33.86 26.61 -12.44
N VAL C 80 -34.62 27.47 -13.10
CA VAL C 80 -34.52 27.67 -14.54
C VAL C 80 -33.73 28.94 -14.74
N PHE C 81 -32.58 28.84 -15.41
CA PHE C 81 -31.72 30.01 -15.60
C PHE C 81 -31.89 30.48 -17.04
N THR C 82 -32.88 31.32 -17.25
CA THR C 82 -33.15 31.84 -18.58
C THR C 82 -32.11 32.89 -18.96
N GLY C 83 -32.26 33.43 -20.18
CA GLY C 83 -31.40 34.52 -20.60
C GLY C 83 -31.70 35.80 -19.86
N SER C 84 -32.94 35.95 -19.38
CA SER C 84 -33.31 37.14 -18.64
C SER C 84 -32.97 37.01 -17.16
N GLY C 85 -33.54 36.01 -16.49
CA GLY C 85 -33.31 35.89 -15.06
C GLY C 85 -33.71 34.55 -14.51
N ILE C 86 -33.62 34.46 -13.17
CA ILE C 86 -33.90 33.20 -12.47
C ILE C 86 -35.40 32.99 -12.43
N ARG C 87 -35.84 31.76 -12.71
CA ARG C 87 -37.22 31.36 -12.49
C ARG C 87 -37.24 29.99 -11.85
N VAL C 88 -38.10 29.82 -10.85
CA VAL C 88 -38.14 28.62 -10.03
C VAL C 88 -39.55 28.04 -10.07
N PHE C 89 -39.65 26.79 -10.48
CA PHE C 89 -40.87 26.00 -10.36
C PHE C 89 -40.70 25.02 -9.21
N ASP C 90 -41.81 24.49 -8.71
CA ASP C 90 -41.71 23.38 -7.79
C ASP C 90 -41.78 22.06 -8.56
N LEU C 91 -41.99 20.98 -7.83
CA LEU C 91 -42.24 19.69 -8.47
C LEU C 91 -43.72 19.37 -8.56
N SER C 92 -44.55 20.41 -8.55
CA SER C 92 -45.95 20.31 -8.92
C SER C 92 -46.27 21.28 -10.06
N GLY C 93 -45.34 22.18 -10.37
CA GLY C 93 -45.39 22.91 -11.61
C GLY C 93 -45.81 24.37 -11.56
N ASN C 94 -46.11 24.92 -10.39
CA ASN C 94 -46.49 26.32 -10.31
C ASN C 94 -45.28 27.17 -9.97
N GLU C 95 -45.32 28.45 -10.37
CA GLU C 95 -44.18 29.32 -10.18
C GLU C 95 -44.08 29.76 -8.74
N LYS C 96 -42.83 29.97 -8.29
CA LYS C 96 -42.56 30.62 -7.03
C LYS C 96 -41.56 31.74 -7.26
N GLN C 97 -41.73 32.82 -6.49
CA GLN C 97 -41.09 34.09 -6.78
C GLN C 97 -39.62 34.06 -6.36
N VAL C 98 -38.78 34.73 -7.15
CA VAL C 98 -37.42 35.03 -6.76
C VAL C 98 -37.31 36.55 -6.68
N ARG C 99 -36.29 37.03 -5.98
CA ARG C 99 -36.12 38.47 -5.80
C ARG C 99 -34.67 38.83 -6.07
N TYR C 100 -34.47 40.03 -6.59
CA TYR C 100 -33.14 40.56 -6.89
C TYR C 100 -32.91 41.78 -6.02
N PRO C 101 -32.50 41.58 -4.76
CA PRO C 101 -32.27 42.75 -3.89
C PRO C 101 -31.00 43.50 -4.23
N ASN C 102 -30.13 42.90 -5.05
CA ASN C 102 -28.84 43.48 -5.36
C ASN C 102 -28.61 43.62 -6.86
N GLY C 103 -29.67 43.63 -7.65
CA GLY C 103 -29.54 43.65 -9.09
C GLY C 103 -29.25 42.27 -9.64
N SER C 104 -29.67 42.01 -10.87
CA SER C 104 -29.33 40.71 -11.42
C SER C 104 -27.90 40.75 -11.90
N ASN C 105 -27.65 41.44 -13.03
CA ASN C 105 -26.35 41.77 -13.62
C ASN C 105 -25.41 40.56 -13.78
N TYR C 106 -25.91 39.33 -13.62
CA TYR C 106 -25.05 38.16 -13.51
C TYR C 106 -25.62 36.99 -14.28
N ILE C 107 -26.92 37.01 -14.56
CA ILE C 107 -27.60 35.92 -15.24
C ILE C 107 -27.86 36.29 -16.70
N LYS C 108 -27.79 37.58 -17.02
CA LYS C 108 -28.01 38.05 -18.38
C LYS C 108 -26.88 37.58 -19.27
N THR C 109 -27.15 36.54 -20.04
CA THR C 109 -26.16 35.86 -20.86
C THR C 109 -26.88 35.35 -22.11
N ALA C 110 -26.20 35.43 -23.26
CA ALA C 110 -26.76 34.89 -24.49
C ALA C 110 -26.86 33.37 -24.43
N ASN C 111 -25.87 32.71 -23.83
CA ASN C 111 -25.85 31.25 -23.75
C ASN C 111 -25.76 30.83 -22.29
N PRO C 112 -26.89 30.69 -21.61
CA PRO C 112 -26.84 30.33 -20.19
C PRO C 112 -26.52 28.87 -19.94
N ARG C 113 -26.59 28.03 -20.99
CA ARG C 113 -26.14 26.65 -20.83
C ARG C 113 -24.62 26.59 -20.78
N ASN C 114 -23.95 27.28 -21.68
CA ASN C 114 -22.51 27.18 -21.81
C ASN C 114 -21.78 28.03 -20.78
N ASP C 115 -22.48 28.85 -20.00
CA ASP C 115 -21.82 29.87 -19.20
C ASP C 115 -22.26 29.92 -17.75
N LEU C 116 -23.35 29.26 -17.37
CA LEU C 116 -23.77 29.27 -15.98
C LEU C 116 -23.60 27.89 -15.36
N ARG C 117 -23.30 27.89 -14.07
CA ARG C 117 -23.12 26.67 -13.31
C ARG C 117 -23.94 26.75 -12.03
N MET C 118 -24.22 25.60 -11.44
CA MET C 118 -24.93 25.57 -10.17
C MET C 118 -24.46 24.40 -9.36
N VAL C 119 -23.73 24.67 -8.28
CA VAL C 119 -23.36 23.65 -7.33
C VAL C 119 -24.25 23.83 -6.10
N THR C 120 -24.84 22.73 -5.64
CA THR C 120 -25.93 22.84 -4.69
C THR C 120 -25.71 21.90 -3.52
N VAL C 121 -25.72 22.46 -2.31
CA VAL C 121 -25.70 21.68 -1.08
C VAL C 121 -26.93 22.15 -0.28
N ALA C 122 -27.21 21.49 0.85
CA ALA C 122 -28.42 21.81 1.61
C ALA C 122 -28.34 23.18 2.27
N ASP C 123 -27.13 23.68 2.51
CA ASP C 123 -26.99 24.97 3.14
C ASP C 123 -26.94 26.11 2.15
N TYR C 124 -26.35 25.89 0.97
CA TYR C 124 -26.17 26.95 -0.01
C TYR C 124 -26.34 26.40 -1.42
N THR C 125 -26.86 27.25 -2.29
CA THR C 125 -27.08 26.91 -3.68
C THR C 125 -26.28 27.88 -4.54
N PHE C 126 -25.05 27.52 -4.85
CA PHE C 126 -24.13 28.41 -5.55
C PHE C 126 -24.55 28.56 -6.99
N ILE C 127 -24.40 29.77 -7.52
CA ILE C 127 -24.69 30.07 -8.92
C ILE C 127 -23.47 30.79 -9.49
N VAL C 128 -22.88 30.20 -10.52
CA VAL C 128 -21.59 30.60 -11.02
C VAL C 128 -21.74 31.04 -12.46
N ASN C 129 -21.40 32.30 -12.75
CA ASN C 129 -21.23 32.70 -14.13
C ASN C 129 -19.78 32.46 -14.53
N ARG C 130 -19.58 31.98 -15.76
CA ARG C 130 -18.23 31.67 -16.23
C ARG C 130 -17.67 32.80 -17.07
N ASN C 131 -18.54 33.68 -17.56
CA ASN C 131 -18.05 34.78 -18.38
C ASN C 131 -17.43 35.88 -17.54
N VAL C 132 -17.99 36.11 -16.35
CA VAL C 132 -17.55 37.24 -15.54
C VAL C 132 -16.23 36.91 -14.88
N VAL C 133 -15.38 37.93 -14.75
CA VAL C 133 -14.09 37.80 -14.11
C VAL C 133 -14.11 38.70 -12.87
N ALA C 134 -13.51 38.22 -11.79
CA ALA C 134 -13.61 38.88 -10.49
C ALA C 134 -12.32 39.64 -10.21
N GLN C 135 -12.47 40.92 -9.87
CA GLN C 135 -11.34 41.79 -9.62
C GLN C 135 -11.31 42.22 -8.17
N LYS C 136 -10.25 42.91 -7.79
CA LYS C 136 -10.25 43.67 -6.56
C LYS C 136 -10.88 45.04 -6.81
N ASN C 137 -11.49 45.61 -5.78
CA ASN C 137 -12.08 46.94 -5.88
C ASN C 137 -11.16 47.95 -5.23
N THR C 138 -10.92 49.07 -5.93
CA THR C 138 -9.96 50.04 -5.46
C THR C 138 -10.56 51.03 -4.48
N LYS C 139 -11.85 50.88 -4.17
CA LYS C 139 -12.53 51.88 -3.34
C LYS C 139 -12.20 51.70 -1.87
N SER C 140 -12.29 50.47 -1.37
CA SER C 140 -12.08 50.19 0.04
C SER C 140 -10.66 49.69 0.27
N VAL C 141 -9.79 50.57 0.73
CA VAL C 141 -8.45 50.21 1.16
C VAL C 141 -8.40 50.32 2.67
N ASN C 142 -7.28 49.93 3.26
CA ASN C 142 -7.12 50.06 4.70
C ASN C 142 -6.75 51.49 5.08
N LEU C 143 -5.61 51.96 4.60
CA LEU C 143 -5.20 53.34 4.78
C LEU C 143 -4.98 53.95 3.40
N PRO C 144 -5.39 55.22 3.19
CA PRO C 144 -5.37 55.79 1.83
C PRO C 144 -3.98 55.94 1.22
N ASN C 145 -3.09 56.67 1.88
CA ASN C 145 -1.72 56.78 1.41
C ASN C 145 -0.74 56.15 2.39
N TYR C 146 -0.71 56.67 3.63
CA TYR C 146 0.14 56.23 4.71
C TYR C 146 1.61 56.19 4.30
N ASN C 147 2.18 57.35 4.09
CA ASN C 147 3.63 57.46 4.12
C ASN C 147 4.08 56.96 5.49
N PRO C 148 4.79 55.83 5.56
CA PRO C 148 5.04 55.20 6.88
C PRO C 148 6.01 55.96 7.75
N ASN C 149 6.62 57.03 7.23
CA ASN C 149 7.45 57.90 8.06
C ASN C 149 6.60 58.82 8.91
N GLN C 150 5.35 59.09 8.50
CA GLN C 150 4.64 60.25 9.03
C GLN C 150 4.00 60.05 10.41
N ASP C 151 4.74 59.43 11.34
CA ASP C 151 4.68 59.51 12.80
C ASP C 151 5.69 58.55 13.41
N GLY C 152 5.88 58.62 14.71
CA GLY C 152 6.71 57.66 15.41
C GLY C 152 7.66 58.29 16.40
N LEU C 153 8.08 57.49 17.37
CA LEU C 153 7.92 57.84 18.77
C LEU C 153 9.21 57.56 19.54
N ILE C 154 9.39 58.25 20.65
CA ILE C 154 10.60 58.09 21.45
C ILE C 154 10.20 57.86 22.90
N ASN C 155 10.24 56.60 23.33
CA ASN C 155 9.90 56.26 24.70
C ASN C 155 11.04 56.65 25.63
N VAL C 156 10.67 57.15 26.81
CA VAL C 156 11.62 57.60 27.81
C VAL C 156 11.54 56.71 29.03
N ARG C 157 12.69 56.33 29.57
CA ARG C 157 12.78 55.47 30.74
C ARG C 157 13.94 55.90 31.63
N GLY C 158 13.65 56.78 32.59
CA GLY C 158 14.55 57.07 33.72
C GLY C 158 15.94 57.58 33.37
N GLY C 159 16.05 58.80 32.86
CA GLY C 159 17.35 59.31 32.46
C GLY C 159 18.20 59.67 33.66
N GLN C 160 19.31 58.95 33.81
CA GLN C 160 20.20 59.23 34.94
C GLN C 160 21.15 60.37 34.63
N TYR C 161 22.05 60.63 35.57
CA TYR C 161 22.69 61.93 35.71
C TYR C 161 23.86 62.09 34.74
N GLY C 162 23.83 63.19 33.99
CA GLY C 162 24.95 63.55 33.12
C GLY C 162 24.95 62.89 31.75
N ARG C 163 23.79 62.82 31.09
CA ARG C 163 23.66 62.15 29.81
C ARG C 163 22.92 63.07 28.85
N GLU C 164 23.63 63.60 27.86
CA GLU C 164 23.03 64.50 26.90
C GLU C 164 22.08 63.75 25.98
N LEU C 165 20.81 64.10 26.06
CA LEU C 165 19.78 63.54 25.21
C LEU C 165 19.46 64.55 24.12
N ILE C 166 19.67 64.18 22.86
CA ILE C 166 19.26 64.97 21.72
C ILE C 166 18.30 64.15 20.89
N VAL C 167 17.51 64.81 20.05
CA VAL C 167 16.68 64.14 19.05
C VAL C 167 17.09 64.69 17.69
N HIS C 168 17.47 63.80 16.79
CA HIS C 168 18.16 64.18 15.56
C HIS C 168 17.22 64.19 14.35
N ILE C 169 15.97 64.64 14.54
CA ILE C 169 15.02 64.72 13.45
C ILE C 169 15.47 65.77 12.44
N ASN C 170 15.41 65.42 11.15
CA ASN C 170 15.65 66.28 10.00
C ASN C 170 17.10 66.75 9.97
N GLY C 171 18.02 65.98 10.58
CA GLY C 171 19.43 66.31 10.61
C GLY C 171 19.85 67.23 11.75
N LYS C 172 18.95 68.09 12.22
CA LYS C 172 19.27 69.11 13.19
C LYS C 172 19.27 68.53 14.60
N ASP C 173 20.13 69.08 15.46
CA ASP C 173 20.13 68.70 16.86
C ASP C 173 18.98 69.37 17.59
N VAL C 174 17.90 68.61 17.79
CA VAL C 174 16.68 69.15 18.38
C VAL C 174 16.53 68.48 19.74
N ALA C 175 15.90 69.20 20.69
CA ALA C 175 15.58 68.73 22.04
C ALA C 175 16.83 68.33 22.82
N LYS C 176 17.70 69.30 23.09
CA LYS C 176 18.95 69.07 23.80
C LYS C 176 18.75 69.24 25.31
N TYR C 177 19.07 68.21 26.09
CA TYR C 177 19.13 68.32 27.53
C TYR C 177 19.98 67.20 28.11
N LYS C 178 20.75 67.51 29.14
CA LYS C 178 21.43 66.50 29.93
C LYS C 178 20.85 66.53 31.33
N ILE C 179 20.67 65.35 31.92
CA ILE C 179 20.14 65.28 33.28
C ILE C 179 21.26 65.66 34.24
N PRO C 180 21.10 66.71 35.05
CA PRO C 180 22.24 67.25 35.81
C PRO C 180 22.73 66.32 36.91
N ASP C 181 24.03 66.47 37.21
CA ASP C 181 24.75 65.71 38.24
C ASP C 181 24.05 65.82 39.60
N GLY C 182 23.99 64.70 40.30
CA GLY C 182 23.23 64.59 41.53
C GLY C 182 23.95 65.24 42.70
N SER C 183 23.48 66.42 43.08
CA SER C 183 23.83 67.03 44.35
C SER C 183 22.55 67.53 44.99
N GLN C 184 21.99 66.73 45.89
CA GLN C 184 20.88 65.84 45.54
C GLN C 184 19.48 66.39 45.21
N PRO C 185 18.88 67.36 45.98
CA PRO C 185 17.41 67.36 46.11
C PRO C 185 16.60 67.64 44.85
N GLU C 186 17.03 68.59 44.02
CA GLU C 186 16.28 68.85 42.79
C GLU C 186 16.61 67.84 41.71
N HIS C 187 17.69 67.08 41.88
CA HIS C 187 18.15 66.20 40.81
C HIS C 187 17.44 64.86 40.85
N VAL C 188 16.93 64.46 42.01
CA VAL C 188 16.30 63.15 42.13
C VAL C 188 14.86 63.23 41.62
N ASN C 189 14.26 64.41 41.71
CA ASN C 189 12.99 64.66 41.03
C ASN C 189 13.20 64.81 39.52
N ASN C 190 14.46 65.04 39.12
CA ASN C 190 14.79 65.30 37.72
C ASN C 190 15.04 63.99 36.96
N THR C 191 15.51 62.95 37.64
CA THR C 191 16.01 61.76 36.95
C THR C 191 14.89 60.90 36.36
N ASP C 192 13.63 61.26 36.60
CA ASP C 192 12.51 60.49 36.08
C ASP C 192 12.35 60.65 34.57
N ALA C 193 11.50 59.79 33.99
CA ALA C 193 11.21 59.89 32.55
C ALA C 193 10.08 60.87 32.30
N GLN C 194 9.22 61.09 33.30
CA GLN C 194 8.01 61.85 33.04
C GLN C 194 8.30 63.34 32.93
N TRP C 195 9.17 63.86 33.81
CA TRP C 195 9.51 65.28 33.73
C TRP C 195 10.30 65.59 32.47
N LEU C 196 11.11 64.63 32.01
CA LEU C 196 11.79 64.76 30.74
C LEU C 196 10.83 64.70 29.57
N ALA C 197 9.70 63.99 29.75
CA ALA C 197 8.78 63.75 28.64
C ALA C 197 8.09 65.03 28.17
N GLU C 198 7.99 66.03 29.04
CA GLU C 198 7.59 67.35 28.57
C GLU C 198 8.79 68.25 28.34
N GLU C 199 9.89 68.01 29.05
CA GLU C 199 11.08 68.86 28.90
C GLU C 199 11.73 68.65 27.55
N LEU C 200 11.78 67.39 27.09
CA LEU C 200 12.23 67.13 25.73
C LEU C 200 11.23 67.67 24.71
N ALA C 201 9.94 67.56 25.01
CA ALA C 201 8.92 67.87 24.02
C ALA C 201 8.71 69.38 23.87
N LYS C 202 8.96 70.15 24.93
CA LYS C 202 8.71 71.59 24.86
C LYS C 202 9.76 72.29 24.01
N GLN C 203 10.92 71.67 23.82
CA GLN C 203 11.90 72.23 22.91
C GLN C 203 11.59 71.85 21.48
N MET C 204 10.96 70.68 21.28
CA MET C 204 10.55 70.29 19.93
C MET C 204 9.29 71.03 19.50
N ARG C 205 8.60 71.68 20.43
CA ARG C 205 7.52 72.59 20.04
C ARG C 205 8.09 73.93 19.61
N THR C 206 9.28 74.28 20.09
CA THR C 206 9.92 75.50 19.63
C THR C 206 10.63 75.30 18.29
N ASN C 207 11.31 74.17 18.13
CA ASN C 207 12.09 73.90 16.93
C ASN C 207 11.28 73.02 15.99
N LEU C 208 11.10 73.51 14.76
CA LEU C 208 10.42 72.85 13.63
C LEU C 208 9.01 72.33 13.97
N SER C 209 8.34 72.90 14.98
CA SER C 209 7.53 74.15 15.06
C SER C 209 6.34 74.20 14.10
N ASP C 210 6.05 73.13 13.36
CA ASP C 210 4.96 73.18 12.39
C ASP C 210 3.94 72.09 12.67
N TRP C 211 4.17 71.30 13.71
CA TRP C 211 3.35 70.14 14.04
C TRP C 211 3.30 69.99 15.56
N THR C 212 2.26 69.31 16.04
CA THR C 212 1.98 69.28 17.47
C THR C 212 2.49 68.00 18.13
N VAL C 213 2.79 68.10 19.42
CA VAL C 213 3.40 67.02 20.20
C VAL C 213 2.44 66.63 21.30
N ASN C 214 2.35 65.33 21.60
CA ASN C 214 1.63 64.84 22.77
C ASN C 214 2.33 63.63 23.38
N VAL C 215 2.22 63.46 24.70
CA VAL C 215 2.94 62.42 25.44
C VAL C 215 1.98 61.73 26.41
N GLY C 216 1.88 60.40 26.34
CA GLY C 216 1.25 59.71 27.45
C GLY C 216 1.88 58.44 27.97
N GLN C 217 2.55 58.54 29.13
CA GLN C 217 3.17 57.53 30.00
C GLN C 217 4.35 56.78 29.37
N GLY C 218 4.12 56.29 28.17
CA GLY C 218 4.75 56.54 26.91
C GLY C 218 6.12 56.98 26.51
N PHE C 219 6.04 58.08 25.78
CA PHE C 219 6.76 58.30 24.54
C PHE C 219 7.00 59.79 24.36
N ILE C 220 7.41 60.14 23.14
CA ILE C 220 7.17 61.44 22.53
C ILE C 220 6.66 61.18 21.12
N HIS C 221 5.36 61.42 20.88
CA HIS C 221 4.72 61.05 19.63
C HIS C 221 4.98 62.13 18.60
N VAL C 222 6.14 62.04 17.96
CA VAL C 222 6.45 62.90 16.83
C VAL C 222 5.59 62.52 15.64
N THR C 223 4.97 63.53 15.01
CA THR C 223 4.08 63.35 13.86
C THR C 223 4.06 64.62 13.01
N ALA C 224 4.43 64.46 11.74
CA ALA C 224 4.67 65.59 10.85
C ALA C 224 3.44 65.91 10.00
N PRO C 225 3.35 67.10 9.38
CA PRO C 225 2.29 67.32 8.37
C PRO C 225 2.63 66.67 7.04
N SER C 226 1.80 66.91 6.03
CA SER C 226 1.89 66.17 4.77
C SER C 226 3.16 66.53 3.99
N GLY C 227 3.73 67.71 4.25
CA GLY C 227 4.87 68.14 3.48
C GLY C 227 6.18 67.51 3.90
N GLN C 228 6.38 67.36 5.21
CA GLN C 228 7.66 66.92 5.76
C GLN C 228 7.52 65.51 6.32
N GLN C 229 8.62 64.79 6.41
CA GLN C 229 8.66 63.49 7.05
C GLN C 229 9.85 63.39 8.00
N ILE C 230 9.99 62.24 8.65
CA ILE C 230 10.86 62.05 9.80
C ILE C 230 12.15 61.35 9.36
N ASP C 231 12.62 61.65 8.15
CA ASP C 231 13.89 61.15 7.63
C ASP C 231 15.05 61.45 8.58
N SER C 232 16.00 60.49 8.62
CA SER C 232 17.18 60.51 9.49
C SER C 232 16.80 60.57 10.96
N PHE C 233 16.00 59.61 11.41
CA PHE C 233 15.42 59.64 12.74
C PHE C 233 16.28 58.83 13.72
N THR C 234 17.23 59.50 14.36
CA THR C 234 18.00 58.92 15.46
C THR C 234 17.80 59.79 16.69
N THR C 235 18.10 59.20 17.85
CA THR C 235 17.89 59.88 19.12
C THR C 235 18.89 59.34 20.14
N LYS C 236 19.90 60.16 20.44
CA LYS C 236 21.05 59.76 21.24
C LYS C 236 20.64 59.45 22.67
N ASP C 237 21.37 58.56 23.32
CA ASP C 237 20.90 57.97 24.57
C ASP C 237 21.77 58.34 25.76
N GLY C 238 23.06 58.56 25.52
CA GLY C 238 23.98 58.90 26.60
C GLY C 238 24.40 57.73 27.47
N TYR C 239 23.44 57.05 28.07
CA TYR C 239 23.62 55.77 28.73
C TYR C 239 23.55 54.68 27.65
N ALA C 240 23.35 53.42 28.04
CA ALA C 240 23.10 52.34 27.10
C ALA C 240 21.76 52.54 26.38
N ASP C 241 21.45 51.58 25.49
CA ASP C 241 20.23 51.63 24.69
C ASP C 241 18.95 51.57 25.52
N GLN C 242 19.03 51.10 26.76
CA GLN C 242 17.87 50.97 27.63
C GLN C 242 17.50 52.28 28.32
N LEU C 243 18.05 53.42 27.88
CA LEU C 243 17.71 54.69 28.49
C LEU C 243 16.51 55.32 27.78
N ILE C 244 16.66 55.66 26.51
CA ILE C 244 15.57 56.06 25.63
C ILE C 244 15.80 55.39 24.30
N ASN C 245 14.72 55.25 23.51
CA ASN C 245 14.81 54.57 22.23
C ASN C 245 14.00 55.30 21.18
N PRO C 246 14.62 55.69 20.07
CA PRO C 246 13.85 56.04 18.88
C PRO C 246 13.27 54.78 18.26
N VAL C 247 11.97 54.58 18.43
CA VAL C 247 11.30 53.42 17.88
C VAL C 247 10.30 53.89 16.83
N THR C 248 10.27 53.17 15.71
CA THR C 248 9.49 53.57 14.54
C THR C 248 8.45 52.52 14.19
N HIS C 249 7.86 52.63 13.00
CA HIS C 249 6.85 51.70 12.50
C HIS C 249 7.41 50.35 12.07
N TYR C 250 8.66 50.04 12.40
CA TYR C 250 9.30 48.80 11.98
C TYR C 250 10.13 48.27 13.14
N ALA C 251 9.63 47.24 13.80
CA ALA C 251 10.44 46.59 14.84
C ALA C 251 11.01 45.29 14.30
N GLN C 252 12.05 44.80 14.97
CA GLN C 252 12.75 43.62 14.49
C GLN C 252 12.34 42.36 15.24
N SER C 253 11.54 42.49 16.29
CA SER C 253 10.98 41.36 17.02
C SER C 253 9.72 41.82 17.73
N PHE C 254 8.97 40.86 18.27
CA PHE C 254 7.80 41.22 19.05
C PHE C 254 8.18 41.68 20.45
N SER C 255 9.31 41.20 20.98
CA SER C 255 9.75 41.60 22.30
C SER C 255 10.24 43.04 22.30
N LYS C 256 10.99 43.43 21.26
CA LYS C 256 11.40 44.82 21.11
C LYS C 256 10.24 45.61 20.55
N LEU C 257 9.42 46.17 21.44
CA LEU C 257 8.19 46.83 21.06
C LEU C 257 7.84 47.86 22.12
N PRO C 258 7.41 49.06 21.74
CA PRO C 258 7.20 50.12 22.72
C PRO C 258 6.01 49.85 23.62
N PRO C 259 6.03 50.31 24.87
CA PRO C 259 4.95 49.97 25.80
C PRO C 259 3.60 50.61 25.49
N ASN C 260 3.52 51.93 25.30
CA ASN C 260 2.21 52.55 25.10
C ASN C 260 1.91 52.64 23.60
N ALA C 261 2.68 53.46 22.84
CA ALA C 261 2.56 53.63 21.40
C ALA C 261 1.13 53.93 20.93
N PRO C 262 0.64 55.17 21.07
CA PRO C 262 -0.79 55.44 21.28
C PRO C 262 -1.70 54.98 20.14
N ASN C 263 -3.00 54.96 20.45
CA ASN C 263 -3.96 53.98 19.90
C ASN C 263 -3.95 53.86 18.38
N GLY C 264 -3.74 54.96 17.67
CA GLY C 264 -3.68 54.88 16.22
C GLY C 264 -2.28 54.64 15.68
N TYR C 265 -1.74 53.43 15.84
CA TYR C 265 -0.35 53.16 15.54
C TYR C 265 -0.16 51.72 15.09
N MET C 266 0.71 51.51 14.09
CA MET C 266 0.98 50.21 13.51
C MET C 266 2.48 49.98 13.43
N VAL C 267 2.91 48.72 13.60
CA VAL C 267 4.30 48.32 13.42
C VAL C 267 4.35 47.15 12.45
N LYS C 268 5.22 47.25 11.44
CA LYS C 268 5.62 46.10 10.64
C LYS C 268 6.66 45.30 11.42
N ILE C 269 6.22 44.20 12.04
CA ILE C 269 7.17 43.27 12.64
C ILE C 269 7.90 42.53 11.53
N VAL C 270 9.21 42.65 11.50
CA VAL C 270 10.02 41.99 10.49
C VAL C 270 10.47 40.68 11.13
N GLY C 271 10.99 39.78 10.29
CA GLY C 271 11.41 38.47 10.80
C GLY C 271 12.60 38.60 11.73
N ASP C 272 12.63 37.71 12.72
CA ASP C 272 13.71 37.64 13.71
C ASP C 272 14.98 37.01 13.17
N ALA C 273 14.90 36.43 11.97
CA ALA C 273 15.94 35.61 11.32
C ALA C 273 16.35 34.45 12.20
N SER C 274 15.39 33.92 12.98
CA SER C 274 15.58 32.74 13.81
C SER C 274 14.53 31.68 13.53
N LYS C 275 13.32 32.08 13.16
CA LYS C 275 12.29 31.18 12.70
C LYS C 275 12.01 31.46 11.23
N SER C 276 11.35 30.51 10.58
CA SER C 276 10.91 30.68 9.21
C SER C 276 9.61 31.49 9.18
N ALA C 277 9.71 32.78 9.46
CA ALA C 277 8.53 33.61 9.68
C ALA C 277 8.44 34.67 8.60
N ASP C 278 7.21 35.06 8.28
CA ASP C 278 6.96 36.17 7.39
C ASP C 278 6.92 37.47 8.19
N GLN C 279 6.45 38.53 7.57
CA GLN C 279 6.52 39.88 8.12
C GLN C 279 5.11 40.39 8.36
N TYR C 280 4.58 40.10 9.54
CA TYR C 280 3.21 40.41 9.91
C TYR C 280 3.17 41.78 10.58
N TYR C 281 1.97 42.35 10.66
CA TYR C 281 1.77 43.68 11.23
C TYR C 281 0.90 43.52 12.46
N VAL C 282 0.99 44.47 13.39
CA VAL C 282 0.40 44.27 14.72
C VAL C 282 -0.78 45.21 15.00
N ARG C 283 -0.58 46.53 14.90
CA ARG C 283 -1.62 47.54 15.14
C ARG C 283 -2.24 47.49 16.53
N TYR C 284 -1.55 48.04 17.51
CA TYR C 284 -2.10 48.47 18.79
C TYR C 284 -3.43 49.20 18.56
N ASP C 285 -4.42 48.91 19.39
CA ASP C 285 -5.80 49.29 19.06
C ASP C 285 -6.48 49.98 20.24
N ALA C 286 -5.74 50.25 21.29
CA ALA C 286 -6.06 49.57 22.54
C ALA C 286 -7.45 49.68 23.15
N GLU C 287 -7.66 50.72 23.98
CA GLU C 287 -8.52 50.72 25.18
C GLU C 287 -8.15 49.65 26.22
N ARG C 288 -7.09 48.87 25.95
CA ARG C 288 -6.66 47.67 26.62
C ARG C 288 -5.26 47.36 26.05
N LYS C 289 -4.25 47.31 26.91
CA LYS C 289 -2.87 47.34 26.42
C LYS C 289 -2.47 46.01 25.79
N VAL C 290 -2.66 45.92 24.46
CA VAL C 290 -2.62 44.69 23.68
C VAL C 290 -2.19 45.00 22.25
N TRP C 291 -1.26 44.19 21.72
CA TRP C 291 -0.87 44.23 20.31
C TRP C 291 -1.51 43.06 19.60
N THR C 292 -2.44 43.34 18.70
CA THR C 292 -3.20 42.36 17.92
C THR C 292 -2.43 42.02 16.64
N GLU C 293 -3.12 41.46 15.65
CA GLU C 293 -2.60 41.32 14.29
C GLU C 293 -3.68 41.72 13.29
N THR C 294 -3.35 42.69 12.42
CA THR C 294 -4.35 43.25 11.52
C THR C 294 -3.85 43.24 10.07
N LEU C 295 -4.63 43.91 9.22
CA LEU C 295 -4.34 44.02 7.80
C LEU C 295 -3.15 44.94 7.53
N GLY C 296 -2.55 44.77 6.35
CA GLY C 296 -1.57 45.73 5.86
C GLY C 296 -2.14 47.12 5.67
N TRP C 297 -1.25 48.11 5.63
CA TRP C 297 -1.72 49.49 5.62
C TRP C 297 -2.19 49.92 4.24
N ASN C 298 -1.48 49.50 3.18
CA ASN C 298 -1.80 50.06 1.87
C ASN C 298 -2.62 49.07 1.06
N THR C 299 -2.48 47.78 1.35
CA THR C 299 -3.21 46.78 0.60
C THR C 299 -4.68 46.82 0.96
N GLU C 300 -5.51 46.38 0.01
CA GLU C 300 -6.94 46.53 0.14
C GLU C 300 -7.58 45.17 0.39
N ASP C 301 -8.72 45.19 1.08
CA ASP C 301 -9.17 44.01 1.79
C ASP C 301 -10.03 43.10 0.92
N GLN C 302 -10.91 43.66 0.10
CA GLN C 302 -12.00 42.90 -0.48
C GLN C 302 -11.87 42.76 -1.99
N VAL C 303 -12.55 41.73 -2.50
CA VAL C 303 -12.77 41.50 -3.93
C VAL C 303 -13.88 42.44 -4.43
N LEU C 304 -14.10 42.46 -5.75
CA LEU C 304 -15.14 43.35 -6.32
C LEU C 304 -16.54 42.93 -5.90
N TRP C 305 -16.72 41.70 -5.41
CA TRP C 305 -17.69 41.30 -4.40
C TRP C 305 -19.12 41.21 -4.95
N GLU C 306 -19.33 41.57 -6.20
CA GLU C 306 -20.56 41.20 -6.87
C GLU C 306 -20.27 40.20 -7.98
N THR C 307 -19.09 40.31 -8.59
CA THR C 307 -18.67 39.40 -9.64
C THR C 307 -18.38 38.00 -9.10
N MET C 308 -18.26 37.87 -7.79
CA MET C 308 -18.11 36.59 -7.13
C MET C 308 -19.39 35.76 -7.29
N PRO C 309 -19.34 34.43 -7.11
CA PRO C 309 -20.55 33.62 -7.34
C PRO C 309 -21.61 33.87 -6.27
N HIS C 310 -22.84 34.00 -6.74
CA HIS C 310 -23.99 34.33 -5.92
C HIS C 310 -24.66 33.05 -5.41
N ALA C 311 -25.81 33.24 -4.77
CA ALA C 311 -26.61 32.13 -4.28
C ALA C 311 -28.07 32.53 -4.17
N LEU C 312 -28.94 31.54 -4.15
CA LEU C 312 -30.35 31.74 -3.86
C LEU C 312 -30.72 31.00 -2.58
N VAL C 313 -31.51 31.66 -1.74
CA VAL C 313 -31.86 31.18 -0.40
C VAL C 313 -33.38 31.03 -0.35
N ARG C 314 -33.87 30.02 0.36
CA ARG C 314 -35.28 29.68 0.34
C ARG C 314 -36.15 30.69 1.08
N ALA C 315 -35.52 31.62 1.80
CA ALA C 315 -35.81 32.14 3.17
C ALA C 315 -37.32 32.18 3.45
N ALA C 316 -37.73 31.81 4.67
CA ALA C 316 -38.95 31.05 4.96
C ALA C 316 -40.26 31.75 4.64
N ASP C 317 -40.24 32.89 3.95
CA ASP C 317 -41.47 33.42 3.35
C ASP C 317 -42.05 32.45 2.33
N GLY C 318 -41.18 31.69 1.66
CA GLY C 318 -41.61 30.70 0.69
C GLY C 318 -41.03 31.00 -0.67
N ASN C 319 -40.57 32.23 -0.84
CA ASN C 319 -40.05 32.72 -2.10
C ASN C 319 -38.55 32.86 -2.00
N PHE C 320 -37.87 32.74 -3.13
CA PHE C 320 -36.42 32.83 -3.12
C PHE C 320 -35.93 34.26 -3.24
N ASP C 321 -34.63 34.43 -3.07
CA ASP C 321 -33.96 35.70 -3.31
C ASP C 321 -32.52 35.44 -3.73
N PHE C 322 -32.15 36.05 -4.84
CA PHE C 322 -30.86 35.84 -5.49
C PHE C 322 -29.90 36.94 -5.04
N LYS C 323 -29.00 36.61 -4.11
CA LYS C 323 -28.21 37.61 -3.42
C LYS C 323 -26.72 37.36 -3.63
N TRP C 324 -25.91 38.40 -3.44
CA TRP C 324 -24.51 38.15 -3.11
C TRP C 324 -24.43 37.68 -1.66
N LEU C 325 -23.46 36.82 -1.40
CA LEU C 325 -23.12 36.40 -0.05
C LEU C 325 -21.86 37.14 0.35
N GLU C 326 -21.68 37.33 1.65
CA GLU C 326 -20.54 38.11 2.12
C GLU C 326 -19.25 37.33 1.92
N TRP C 327 -18.19 38.08 1.66
CA TRP C 327 -16.86 37.53 1.46
C TRP C 327 -15.96 38.12 2.53
N SER C 328 -15.30 37.26 3.30
CA SER C 328 -14.53 37.72 4.43
C SER C 328 -13.29 38.48 3.95
N PRO C 329 -13.06 39.69 4.46
CA PRO C 329 -11.98 40.51 3.95
C PRO C 329 -10.63 40.00 4.41
N LYS C 330 -9.61 40.23 3.59
CA LYS C 330 -8.22 40.07 3.98
C LYS C 330 -7.91 40.93 5.18
N SER C 331 -7.57 40.30 6.31
CA SER C 331 -6.90 41.06 7.37
C SER C 331 -6.01 40.11 8.16
N CYS C 332 -4.78 39.91 7.68
CA CYS C 332 -3.73 39.40 8.52
C CYS C 332 -2.37 40.01 8.19
N GLY C 333 -2.19 40.54 6.98
CA GLY C 333 -0.93 41.15 6.61
C GLY C 333 -1.01 41.85 5.26
N ASP C 334 0.17 42.09 4.68
CA ASP C 334 0.28 42.86 3.45
C ASP C 334 0.29 41.98 2.21
N VAL C 335 0.62 42.62 1.08
CA VAL C 335 0.85 41.94 -0.18
C VAL C 335 2.33 42.08 -0.54
N ASP C 336 3.01 40.95 -0.79
CA ASP C 336 2.43 39.61 -0.69
C ASP C 336 3.04 38.72 0.37
N THR C 337 2.58 38.92 1.60
CA THR C 337 2.47 37.83 2.56
C THR C 337 1.06 37.25 2.53
N ASN C 338 0.07 38.09 2.29
CA ASN C 338 -1.19 37.68 1.71
C ASN C 338 -1.14 38.00 0.23
N PRO C 339 -0.82 37.04 -0.64
CA PRO C 339 -1.01 37.28 -2.07
C PRO C 339 -2.49 37.33 -2.39
N TRP C 340 -2.81 37.99 -3.49
CA TRP C 340 -4.16 37.87 -4.01
C TRP C 340 -4.36 36.42 -4.48
N PRO C 341 -5.48 35.79 -4.14
CA PRO C 341 -5.74 34.44 -4.63
C PRO C 341 -5.89 34.44 -6.14
N SER C 342 -5.36 33.41 -6.77
CA SER C 342 -5.03 33.45 -8.18
C SER C 342 -6.23 33.45 -9.12
N PHE C 343 -7.46 33.60 -8.63
CA PHE C 343 -8.60 33.83 -9.50
C PHE C 343 -8.90 35.31 -9.69
N VAL C 344 -8.04 36.20 -9.18
CA VAL C 344 -8.36 37.62 -9.14
C VAL C 344 -8.13 38.30 -10.48
N GLY C 345 -7.61 37.59 -11.47
CA GLY C 345 -7.48 38.14 -12.81
C GLY C 345 -8.39 37.47 -13.81
N SER C 346 -8.74 36.22 -13.54
CA SER C 346 -9.46 35.37 -14.48
C SER C 346 -10.83 35.02 -13.92
N SER C 347 -11.53 34.13 -14.61
CA SER C 347 -12.87 33.73 -14.25
C SER C 347 -12.86 32.52 -13.34
N ILE C 348 -13.94 32.35 -12.59
CA ILE C 348 -14.13 31.16 -11.77
C ILE C 348 -15.23 30.30 -12.37
N ASN C 349 -15.19 29.02 -12.04
CA ASN C 349 -16.18 28.05 -12.47
C ASN C 349 -16.08 26.80 -11.60
N ASP C 350 -17.22 26.12 -11.44
CA ASP C 350 -17.32 24.76 -10.93
C ASP C 350 -16.76 24.64 -9.50
N VAL C 351 -17.50 25.25 -8.59
CA VAL C 351 -17.09 25.33 -7.19
C VAL C 351 -17.04 23.94 -6.55
N PHE C 352 -15.93 23.67 -5.85
CA PHE C 352 -15.77 22.45 -5.07
C PHE C 352 -16.74 22.37 -3.90
N PHE C 353 -16.67 21.22 -3.22
CA PHE C 353 -16.75 21.06 -1.77
C PHE C 353 -15.77 19.93 -1.48
N PHE C 354 -14.51 20.28 -1.25
CA PHE C 354 -13.49 19.23 -1.12
C PHE C 354 -13.28 18.85 0.33
N ARG C 355 -13.54 19.78 1.24
CA ARG C 355 -13.25 19.60 2.65
C ARG C 355 -14.39 20.34 3.34
N ASN C 356 -14.27 20.70 4.61
CA ASN C 356 -14.95 21.89 5.09
C ASN C 356 -14.26 23.18 4.64
N ARG C 357 -13.24 23.08 3.80
CA ARG C 357 -12.83 24.14 2.88
C ARG C 357 -13.85 24.32 1.77
N LEU C 358 -13.64 25.34 0.95
CA LEU C 358 -14.46 25.61 -0.23
C LEU C 358 -13.51 25.96 -1.37
N GLY C 359 -13.73 25.34 -2.52
CA GLY C 359 -12.77 25.51 -3.60
C GLY C 359 -13.27 26.18 -4.86
N PHE C 360 -12.36 26.84 -5.56
CA PHE C 360 -12.63 27.48 -6.84
C PHE C 360 -11.74 26.85 -7.89
N LEU C 361 -12.14 26.99 -9.14
CA LEU C 361 -11.34 26.55 -10.27
C LEU C 361 -11.12 27.73 -11.19
N SER C 362 -9.88 27.93 -11.61
CA SER C 362 -9.56 28.84 -12.70
C SER C 362 -8.56 28.16 -13.61
N GLY C 363 -8.19 28.82 -14.69
CA GLY C 363 -7.22 28.24 -15.60
C GLY C 363 -5.86 28.91 -15.51
N GLU C 364 -4.88 28.27 -14.88
CA GLU C 364 -5.02 26.97 -14.22
C GLU C 364 -4.86 27.14 -12.73
N ASN C 365 -5.92 27.03 -11.95
CA ASN C 365 -5.82 27.35 -10.55
C ASN C 365 -6.76 26.50 -9.70
N ILE C 366 -6.31 26.14 -8.51
CA ILE C 366 -7.14 25.57 -7.45
C ILE C 366 -7.06 26.53 -6.27
N ILE C 367 -8.21 27.02 -5.82
CA ILE C 367 -8.24 28.00 -4.73
C ILE C 367 -9.14 27.44 -3.64
N LEU C 368 -8.56 26.76 -2.66
CA LEU C 368 -9.31 26.24 -1.52
C LEU C 368 -9.36 27.28 -0.42
N SER C 369 -10.37 27.18 0.44
CA SER C 369 -10.55 28.11 1.54
C SER C 369 -9.76 27.66 2.77
N ARG C 370 -9.99 28.35 3.88
CA ARG C 370 -9.60 27.80 5.17
C ARG C 370 -10.67 26.84 5.64
N THR C 371 -10.31 25.93 6.54
CA THR C 371 -11.24 24.90 6.97
C THR C 371 -12.28 25.48 7.91
N ALA C 372 -13.39 24.76 8.05
CA ALA C 372 -14.43 24.92 9.07
C ALA C 372 -15.24 26.22 8.93
N LYS C 373 -14.86 27.09 8.00
CA LYS C 373 -15.65 28.26 7.66
C LYS C 373 -15.44 28.54 6.18
N TYR C 374 -16.50 28.95 5.52
CA TYR C 374 -16.44 29.19 4.09
C TYR C 374 -16.18 30.66 3.84
N PHE C 375 -15.78 30.94 2.60
CA PHE C 375 -15.65 32.27 2.00
C PHE C 375 -14.60 33.10 2.73
N ASN C 376 -13.56 32.44 3.26
CA ASN C 376 -12.40 33.14 3.82
C ASN C 376 -11.16 32.51 3.21
N PHE C 377 -10.69 33.10 2.11
CA PHE C 377 -9.57 32.59 1.34
C PHE C 377 -8.24 33.21 1.74
N TYR C 378 -8.10 33.58 3.01
CA TYR C 378 -6.87 34.16 3.52
C TYR C 378 -6.49 33.44 4.81
N PRO C 379 -5.22 33.45 5.19
CA PRO C 379 -4.86 32.84 6.47
C PRO C 379 -5.41 33.63 7.65
N ALA C 380 -5.60 32.91 8.75
CA ALA C 380 -6.09 33.55 9.98
C ALA C 380 -5.04 34.50 10.55
N SER C 381 -3.76 34.12 10.43
CA SER C 381 -2.67 34.93 10.94
C SER C 381 -1.41 34.56 10.19
N ILE C 382 -0.54 35.55 9.98
CA ILE C 382 0.79 35.30 9.43
C ILE C 382 1.86 35.47 10.52
N ALA C 383 1.50 35.20 11.77
CA ALA C 383 2.52 34.91 12.77
C ALA C 383 3.34 33.70 12.33
N ASN C 384 2.66 32.70 11.78
CA ASN C 384 3.26 31.59 11.07
C ASN C 384 2.19 30.98 10.16
N LEU C 385 2.62 30.08 9.29
CA LEU C 385 1.68 29.18 8.66
C LEU C 385 1.24 28.21 9.74
N SER C 386 -0.02 28.33 10.18
CA SER C 386 -0.47 27.52 11.30
C SER C 386 -0.79 26.10 10.84
N ASP C 387 -1.85 25.99 10.07
CA ASP C 387 -2.34 24.79 9.39
C ASP C 387 -3.41 25.38 8.50
N ASP C 388 -4.28 24.56 7.90
CA ASP C 388 -5.63 24.89 7.40
C ASP C 388 -5.72 26.20 6.62
N ASP C 389 -4.63 26.56 5.93
CA ASP C 389 -4.55 27.79 5.19
C ASP C 389 -5.34 27.65 3.89
N PRO C 390 -5.63 28.76 3.21
CA PRO C 390 -6.07 28.65 1.82
C PRO C 390 -4.97 28.07 0.96
N ILE C 391 -5.37 27.34 -0.07
CA ILE C 391 -4.46 26.54 -0.88
C ILE C 391 -4.48 27.05 -2.30
N ASP C 392 -3.31 27.39 -2.83
CA ASP C 392 -3.16 27.87 -4.20
C ASP C 392 -2.12 26.99 -4.89
N VAL C 393 -2.57 25.86 -5.42
CA VAL C 393 -1.77 25.03 -6.32
C VAL C 393 -2.34 25.20 -7.72
N ALA C 394 -1.47 25.39 -8.69
CA ALA C 394 -1.98 25.78 -9.99
C ALA C 394 -2.41 24.58 -10.82
N VAL C 395 -1.44 23.85 -11.36
CA VAL C 395 -1.66 22.64 -12.15
C VAL C 395 -0.29 22.01 -12.33
N SER C 396 -0.24 20.74 -12.72
CA SER C 396 1.03 20.07 -12.96
C SER C 396 1.14 19.42 -14.35
N THR C 397 0.80 20.13 -15.41
CA THR C 397 0.79 19.54 -16.74
C THR C 397 1.65 20.34 -17.72
N ASN C 398 1.88 19.75 -18.90
CA ASN C 398 2.64 20.40 -19.96
C ASN C 398 1.78 20.86 -21.12
N ARG C 399 0.47 20.80 -21.00
CA ARG C 399 -0.43 21.18 -22.09
C ARG C 399 -1.57 22.00 -21.50
N ILE C 400 -1.99 23.02 -22.25
CA ILE C 400 -2.97 24.01 -21.81
C ILE C 400 -4.28 23.38 -21.40
N ALA C 401 -4.67 23.56 -20.14
CA ALA C 401 -5.88 22.95 -19.60
C ALA C 401 -6.68 23.99 -18.81
N ILE C 402 -7.52 24.75 -19.52
CA ILE C 402 -8.51 25.58 -18.87
C ILE C 402 -9.49 24.67 -18.13
N LEU C 403 -9.66 24.91 -16.84
CA LEU C 403 -9.95 23.84 -15.89
C LEU C 403 -11.41 23.89 -15.44
N LYS C 404 -12.23 23.05 -16.08
CA LYS C 404 -13.67 22.95 -15.91
C LYS C 404 -14.00 21.90 -14.85
N TYR C 405 -15.19 21.29 -14.96
CA TYR C 405 -15.94 20.51 -13.97
C TYR C 405 -15.09 19.62 -13.07
N ALA C 406 -15.50 19.51 -11.82
CA ALA C 406 -14.90 18.57 -10.88
C ALA C 406 -15.95 17.63 -10.33
N VAL C 407 -15.65 16.33 -10.37
CA VAL C 407 -16.57 15.30 -9.89
C VAL C 407 -15.83 14.33 -8.97
N PRO C 408 -16.41 13.92 -7.86
CA PRO C 408 -15.73 12.95 -6.99
C PRO C 408 -16.14 11.52 -7.27
N PHE C 409 -15.21 10.55 -7.18
CA PHE C 409 -15.61 9.15 -7.00
C PHE C 409 -14.46 8.33 -6.42
N SER C 410 -14.80 7.53 -5.42
CA SER C 410 -14.18 6.31 -4.91
C SER C 410 -12.89 6.49 -4.12
N GLU C 411 -12.15 7.57 -4.32
CA GLU C 411 -11.02 7.83 -3.44
C GLU C 411 -10.87 9.33 -3.20
N GLU C 412 -11.36 10.12 -4.15
CA GLU C 412 -10.77 11.41 -4.46
C GLU C 412 -11.82 12.37 -4.99
N LEU C 413 -11.46 13.66 -4.99
CA LEU C 413 -12.00 14.54 -6.00
C LEU C 413 -11.07 14.56 -7.19
N LEU C 414 -11.61 14.98 -8.33
CA LEU C 414 -11.10 14.47 -9.59
C LEU C 414 -11.55 15.50 -10.63
N ILE C 415 -10.61 16.32 -11.11
CA ILE C 415 -10.96 17.68 -11.51
C ILE C 415 -10.81 17.88 -13.00
N TRP C 416 -11.88 17.66 -13.76
CA TRP C 416 -11.79 17.46 -15.19
C TRP C 416 -11.62 18.75 -15.96
N SER C 417 -10.42 18.96 -16.49
CA SER C 417 -10.26 19.79 -17.66
C SER C 417 -10.61 18.97 -18.90
N ASP C 418 -10.63 19.62 -20.05
CA ASP C 418 -10.53 18.86 -21.27
C ASP C 418 -9.09 18.36 -21.44
N GLU C 419 -8.97 17.17 -22.02
CA GLU C 419 -7.71 16.54 -22.44
C GLU C 419 -6.80 16.21 -21.24
N ALA C 420 -7.33 16.24 -20.04
CA ALA C 420 -6.61 15.90 -18.82
C ALA C 420 -7.66 15.52 -17.80
N GLN C 421 -7.34 14.60 -16.89
CA GLN C 421 -8.41 14.35 -15.93
C GLN C 421 -8.19 14.83 -14.50
N PHE C 422 -7.42 14.17 -13.64
CA PHE C 422 -6.41 14.67 -12.68
C PHE C 422 -6.42 13.73 -11.47
N VAL C 423 -5.61 14.00 -10.46
CA VAL C 423 -5.80 13.43 -9.12
C VAL C 423 -5.62 14.55 -8.11
N LEU C 424 -6.63 14.77 -7.25
CA LEU C 424 -6.54 15.78 -6.20
C LEU C 424 -6.41 15.08 -4.84
N THR C 425 -5.19 14.92 -4.36
CA THR C 425 -4.96 14.39 -3.03
C THR C 425 -3.90 15.23 -2.34
N ALA C 426 -3.51 14.78 -1.15
CA ALA C 426 -2.30 15.24 -0.48
C ALA C 426 -1.48 14.01 -0.11
N SER C 427 -0.27 14.25 0.40
CA SER C 427 0.53 13.16 0.92
C SER C 427 -0.04 12.66 2.25
N GLY C 428 -0.12 13.54 3.24
CA GLY C 428 -0.79 13.23 4.48
C GLY C 428 -2.07 14.03 4.62
N THR C 429 -2.13 14.89 5.62
CA THR C 429 -3.25 15.81 5.76
C THR C 429 -3.05 17.01 4.83
N LEU C 430 -4.10 17.82 4.70
CA LEU C 430 -4.06 18.95 3.78
C LEU C 430 -3.44 20.18 4.44
N THR C 431 -2.32 20.63 3.90
CA THR C 431 -1.83 21.98 4.14
C THR C 431 -1.78 22.68 2.80
N SER C 432 -1.23 23.89 2.78
CA SER C 432 -0.98 24.57 1.52
C SER C 432 0.22 23.97 0.80
N LYS C 433 1.04 23.20 1.52
CA LYS C 433 2.24 22.63 0.90
C LYS C 433 2.06 21.14 0.63
N SER C 434 0.85 20.62 0.79
CA SER C 434 0.68 19.16 0.81
C SER C 434 0.00 18.63 -0.44
N VAL C 435 -0.72 19.49 -1.16
CA VAL C 435 -1.69 19.07 -2.17
C VAL C 435 -0.94 18.54 -3.39
N GLU C 436 -1.39 17.36 -3.86
CA GLU C 436 -0.64 16.65 -4.89
C GLU C 436 -0.91 17.23 -6.28
N LEU C 437 -2.15 17.12 -6.76
CA LEU C 437 -2.63 17.72 -8.02
C LEU C 437 -1.82 17.24 -9.23
N ASN C 438 -1.97 15.97 -9.59
CA ASN C 438 -1.23 15.40 -10.71
C ASN C 438 -2.13 14.62 -11.65
N LEU C 439 -1.57 14.28 -12.81
CA LEU C 439 -2.36 13.83 -13.95
C LEU C 439 -2.80 12.39 -13.77
N THR C 440 -3.93 12.04 -14.42
CA THR C 440 -4.38 10.67 -14.49
C THR C 440 -4.37 10.12 -15.91
N THR C 441 -5.13 10.73 -16.82
CA THR C 441 -5.19 10.30 -18.22
C THR C 441 -5.29 11.55 -19.08
N GLN C 442 -5.47 11.37 -20.38
CA GLN C 442 -5.67 12.52 -21.27
C GLN C 442 -6.83 12.27 -22.23
N PHE C 443 -7.92 11.70 -21.73
CA PHE C 443 -9.12 11.56 -22.53
C PHE C 443 -9.78 12.93 -22.74
N ASP C 444 -10.37 13.11 -23.92
CA ASP C 444 -10.94 14.39 -24.31
C ASP C 444 -12.40 14.45 -23.87
N VAL C 445 -12.74 15.50 -23.13
CA VAL C 445 -14.09 15.70 -22.59
C VAL C 445 -14.53 17.11 -22.92
N GLN C 446 -15.63 17.24 -23.65
CA GLN C 446 -16.21 18.55 -23.85
C GLN C 446 -16.95 18.94 -22.58
N ASP C 447 -16.96 20.23 -22.29
CA ASP C 447 -17.48 20.73 -21.03
C ASP C 447 -18.61 21.69 -21.29
N ARG C 448 -19.80 21.11 -21.47
CA ARG C 448 -21.07 21.81 -21.47
C ARG C 448 -22.08 21.15 -20.56
N ALA C 449 -22.03 19.83 -20.42
CA ALA C 449 -22.89 19.08 -19.52
C ALA C 449 -22.03 18.53 -18.39
N ARG C 450 -22.50 18.64 -17.16
CA ARG C 450 -21.79 18.05 -16.04
C ARG C 450 -21.87 16.54 -16.12
N PRO C 451 -20.74 15.84 -16.01
CA PRO C 451 -20.79 14.37 -16.10
C PRO C 451 -21.41 13.75 -14.86
N PHE C 452 -22.46 12.97 -15.10
CA PHE C 452 -23.37 12.57 -14.04
C PHE C 452 -22.99 11.20 -13.51
N GLY C 453 -23.31 10.98 -12.23
CA GLY C 453 -23.42 9.78 -11.41
C GLY C 453 -22.31 8.79 -11.69
N ILE C 454 -22.68 7.51 -11.74
CA ILE C 454 -24.00 7.00 -11.38
C ILE C 454 -23.86 6.00 -10.26
N GLY C 455 -23.08 4.95 -10.50
CA GLY C 455 -22.74 4.02 -9.46
C GLY C 455 -21.27 4.12 -9.14
N ARG C 456 -20.52 3.12 -9.58
CA ARG C 456 -19.07 3.18 -9.50
C ARG C 456 -18.48 3.95 -10.68
N ASN C 457 -19.22 4.09 -11.77
CA ASN C 457 -18.75 4.73 -12.98
C ASN C 457 -19.10 6.20 -12.95
N VAL C 458 -18.43 6.98 -13.80
CA VAL C 458 -18.84 8.34 -14.12
C VAL C 458 -18.86 8.46 -15.64
N TYR C 459 -19.92 9.01 -16.20
CA TYR C 459 -20.16 8.98 -17.63
C TYR C 459 -19.82 10.32 -18.26
N PHE C 460 -18.95 10.29 -19.27
CA PHE C 460 -18.50 11.50 -19.93
C PHE C 460 -19.57 12.07 -20.86
N ALA C 461 -19.14 13.07 -21.61
CA ALA C 461 -19.68 13.39 -22.91
C ALA C 461 -18.52 13.89 -23.75
N SER C 462 -18.21 13.18 -24.84
CA SER C 462 -16.99 13.47 -25.56
C SER C 462 -17.30 14.09 -26.91
N PRO C 463 -16.53 15.10 -27.34
CA PRO C 463 -16.88 15.83 -28.57
C PRO C 463 -16.33 15.10 -29.79
N ARG C 464 -17.11 15.10 -30.86
CA ARG C 464 -16.61 14.81 -32.19
C ARG C 464 -17.20 15.83 -33.15
N SER C 465 -17.04 15.56 -34.43
CA SER C 465 -17.82 16.20 -35.47
C SER C 465 -18.42 15.10 -36.31
N SER C 466 -19.74 14.98 -36.32
CA SER C 466 -20.64 15.80 -35.52
C SER C 466 -21.57 14.89 -34.76
N PHE C 467 -20.99 13.86 -34.15
CA PHE C 467 -21.74 12.79 -33.48
C PHE C 467 -20.93 12.43 -32.23
N THR C 468 -21.47 12.74 -31.04
CA THR C 468 -20.69 12.55 -29.82
C THR C 468 -20.46 11.08 -29.49
N SER C 469 -19.50 10.87 -28.61
CA SER C 469 -18.89 9.57 -28.35
C SER C 469 -18.77 9.36 -26.85
N ILE C 470 -19.89 9.48 -26.14
CA ILE C 470 -20.00 9.38 -24.69
C ILE C 470 -19.30 8.16 -24.11
N HIS C 471 -18.37 8.40 -23.17
CA HIS C 471 -17.57 7.34 -22.60
C HIS C 471 -18.07 6.94 -21.22
N ARG C 472 -17.31 6.07 -20.57
CA ARG C 472 -17.63 5.59 -19.22
C ARG C 472 -16.32 5.52 -18.45
N TYR C 473 -16.17 6.40 -17.47
CA TYR C 473 -14.92 6.52 -16.74
C TYR C 473 -15.05 5.70 -15.45
N TYR C 474 -14.02 4.92 -15.16
CA TYR C 474 -14.09 3.97 -14.05
C TYR C 474 -12.68 3.60 -13.63
N ALA C 475 -12.56 3.16 -12.39
CA ALA C 475 -11.30 2.62 -11.87
C ALA C 475 -11.17 1.18 -12.33
N VAL C 476 -9.97 0.82 -12.81
CA VAL C 476 -9.75 -0.55 -13.26
C VAL C 476 -9.68 -1.48 -12.06
N GLN C 477 -9.74 -2.78 -12.33
CA GLN C 477 -9.78 -3.74 -11.24
C GLN C 477 -8.40 -4.05 -10.68
N ASP C 478 -7.40 -4.22 -11.53
CA ASP C 478 -6.16 -4.81 -11.02
C ASP C 478 -5.26 -3.81 -10.32
N VAL C 479 -5.10 -2.60 -10.87
CA VAL C 479 -4.22 -1.62 -10.22
C VAL C 479 -5.05 -1.01 -9.09
N SER C 480 -4.39 -0.31 -8.16
CA SER C 480 -5.13 0.40 -7.12
C SER C 480 -5.72 1.70 -7.66
N SER C 481 -4.90 2.51 -8.32
CA SER C 481 -5.28 3.89 -8.62
C SER C 481 -4.99 4.22 -10.08
N VAL C 482 -5.42 3.37 -10.99
CA VAL C 482 -5.35 3.64 -12.42
C VAL C 482 -6.76 3.57 -12.99
N LYS C 483 -7.15 4.60 -13.73
CA LYS C 483 -8.50 4.72 -14.26
C LYS C 483 -8.48 4.57 -15.76
N ASN C 484 -9.64 4.22 -16.32
CA ASN C 484 -9.78 3.99 -17.74
C ASN C 484 -11.17 4.46 -18.17
N ALA C 485 -11.28 4.86 -19.43
CA ALA C 485 -12.51 5.44 -19.95
C ALA C 485 -12.93 4.68 -21.20
N GLU C 486 -13.79 3.67 -21.02
CA GLU C 486 -14.33 2.93 -22.16
C GLU C 486 -15.40 3.75 -22.86
N ASP C 487 -15.44 3.65 -24.18
CA ASP C 487 -16.55 4.18 -24.95
C ASP C 487 -17.73 3.23 -24.84
N ILE C 488 -18.89 3.75 -24.46
CA ILE C 488 -20.12 2.99 -24.50
C ILE C 488 -20.97 3.34 -25.71
N THR C 489 -20.49 4.23 -26.56
CA THR C 489 -21.05 4.43 -27.89
C THR C 489 -20.15 3.84 -28.96
N SER C 490 -19.30 2.89 -28.59
CA SER C 490 -18.36 2.31 -29.54
C SER C 490 -19.05 1.51 -30.63
N HIS C 491 -20.23 0.97 -30.34
CA HIS C 491 -21.02 0.25 -31.33
C HIS C 491 -22.18 1.07 -31.85
N VAL C 492 -22.48 2.21 -31.25
CA VAL C 492 -23.48 3.13 -31.80
C VAL C 492 -22.81 4.49 -31.93
N PRO C 493 -21.95 4.70 -32.93
CA PRO C 493 -21.13 5.92 -32.90
C PRO C 493 -21.81 7.15 -33.45
N ASN C 494 -22.73 7.01 -34.40
CA ASN C 494 -23.20 8.12 -35.20
C ASN C 494 -24.60 8.59 -34.82
N TYR C 495 -24.89 8.71 -33.52
CA TYR C 495 -26.28 8.63 -33.10
C TYR C 495 -26.72 9.85 -32.32
N ILE C 496 -25.80 10.57 -31.68
CA ILE C 496 -26.12 11.65 -30.77
C ILE C 496 -25.58 12.94 -31.35
N PRO C 497 -26.42 13.95 -31.59
CA PRO C 497 -26.12 14.96 -32.62
C PRO C 497 -25.17 16.09 -32.26
N ASN C 498 -24.33 15.91 -31.25
CA ASN C 498 -23.20 16.82 -30.93
C ASN C 498 -23.67 18.18 -30.47
N GLY C 499 -24.55 18.19 -29.49
CA GLY C 499 -24.54 19.23 -28.48
C GLY C 499 -25.20 18.68 -27.26
N VAL C 500 -24.45 18.61 -26.17
CA VAL C 500 -24.88 17.90 -24.98
C VAL C 500 -24.91 18.88 -23.83
N PHE C 501 -26.10 19.18 -23.35
CA PHE C 501 -26.28 20.17 -22.30
C PHE C 501 -26.69 19.54 -20.98
N SER C 502 -27.01 18.24 -20.98
CA SER C 502 -27.41 17.58 -19.76
C SER C 502 -27.15 16.08 -19.90
N ILE C 503 -26.80 15.45 -18.79
CA ILE C 503 -26.80 14.00 -18.66
C ILE C 503 -27.64 13.69 -17.45
N CYS C 504 -28.84 13.14 -17.69
CA CYS C 504 -29.80 13.02 -16.60
C CYS C 504 -29.47 11.88 -15.67
N GLY C 505 -29.56 10.64 -16.15
CA GLY C 505 -29.21 9.48 -15.35
C GLY C 505 -30.14 9.18 -14.18
N SER C 506 -30.04 7.95 -13.70
CA SER C 506 -30.60 7.55 -12.41
C SER C 506 -29.90 6.30 -11.93
N GLY C 507 -30.11 5.92 -10.68
CA GLY C 507 -29.42 4.77 -10.15
C GLY C 507 -30.33 3.64 -9.76
N THR C 508 -31.58 3.95 -9.43
CA THR C 508 -32.54 2.92 -9.02
C THR C 508 -32.93 2.04 -10.20
N GLU C 509 -33.33 2.68 -11.31
CA GLU C 509 -33.71 1.91 -12.48
C GLU C 509 -32.51 1.62 -13.37
N ASN C 510 -31.31 1.96 -12.88
CA ASN C 510 -30.02 1.56 -13.44
C ASN C 510 -29.79 2.05 -14.87
N PHE C 511 -30.29 3.23 -15.22
CA PHE C 511 -30.04 3.71 -16.57
C PHE C 511 -29.45 5.11 -16.58
N CYS C 512 -28.57 5.33 -17.54
CA CYS C 512 -28.12 6.66 -17.90
C CYS C 512 -29.03 7.18 -19.00
N SER C 513 -29.11 8.51 -19.12
CA SER C 513 -29.93 9.11 -20.17
C SER C 513 -29.39 10.49 -20.47
N VAL C 514 -29.13 10.74 -21.76
CA VAL C 514 -28.40 11.92 -22.19
C VAL C 514 -29.26 12.70 -23.16
N LEU C 515 -29.59 13.93 -22.82
CA LEU C 515 -30.28 14.79 -23.76
C LEU C 515 -29.28 15.37 -24.75
N SER C 516 -29.80 15.88 -25.85
CA SER C 516 -28.93 16.45 -26.86
C SER C 516 -29.53 17.75 -27.35
N HIS C 517 -28.68 18.60 -27.89
CA HIS C 517 -29.13 19.75 -28.67
C HIS C 517 -28.37 19.76 -29.99
N GLY C 518 -28.79 18.87 -30.89
CA GLY C 518 -28.57 19.02 -32.31
C GLY C 518 -29.82 18.48 -32.98
N ASP C 519 -30.68 17.90 -32.15
CA ASP C 519 -31.95 17.29 -32.49
C ASP C 519 -32.73 17.16 -31.18
N PRO C 520 -33.31 18.26 -30.68
CA PRO C 520 -33.71 18.32 -29.26
C PRO C 520 -34.96 17.55 -28.91
N SER C 521 -35.62 16.91 -29.87
CA SER C 521 -36.90 16.28 -29.60
C SER C 521 -36.79 14.89 -29.00
N LYS C 522 -35.58 14.40 -28.77
CA LYS C 522 -35.42 13.06 -28.25
C LYS C 522 -34.63 13.04 -26.95
N ILE C 523 -34.96 12.11 -26.08
CA ILE C 523 -34.17 11.76 -24.92
C ILE C 523 -33.51 10.42 -25.19
N PHE C 524 -32.20 10.43 -25.33
CA PHE C 524 -31.50 9.17 -25.51
C PHE C 524 -31.45 8.41 -24.19
N MET C 525 -31.37 7.09 -24.28
CA MET C 525 -31.35 6.23 -23.11
C MET C 525 -30.12 5.34 -23.13
N TYR C 526 -29.77 4.84 -21.95
CA TYR C 526 -28.70 3.86 -21.82
C TYR C 526 -29.05 2.96 -20.65
N LYS C 527 -29.73 1.86 -20.92
CA LYS C 527 -30.16 0.94 -19.89
C LYS C 527 -29.08 -0.11 -19.71
N PHE C 528 -28.64 -0.31 -18.48
CA PHE C 528 -27.56 -1.25 -18.20
C PHE C 528 -27.82 -1.91 -16.86
N LEU C 529 -27.10 -3.01 -16.62
CA LEU C 529 -27.01 -3.55 -15.27
C LEU C 529 -25.70 -4.30 -15.15
N TYR C 530 -25.21 -4.39 -13.93
CA TYR C 530 -23.97 -5.09 -13.62
C TYR C 530 -24.27 -6.30 -12.76
N LEU C 531 -23.81 -7.45 -13.20
CA LEU C 531 -23.85 -8.66 -12.40
C LEU C 531 -22.47 -9.31 -12.46
N ASN C 532 -21.96 -9.67 -11.28
CA ASN C 532 -20.62 -10.25 -11.09
C ASN C 532 -19.53 -9.35 -11.66
N GLU C 533 -19.68 -8.04 -11.43
CA GLU C 533 -18.79 -6.97 -11.88
C GLU C 533 -18.62 -6.92 -13.38
N GLU C 534 -19.59 -7.44 -14.13
CA GLU C 534 -19.52 -7.52 -15.58
C GLU C 534 -20.74 -6.84 -16.16
N LEU C 535 -20.55 -6.17 -17.29
CA LEU C 535 -21.67 -5.62 -18.04
C LEU C 535 -22.47 -6.76 -18.65
N ARG C 536 -23.79 -6.64 -18.60
CA ARG C 536 -24.66 -7.62 -19.25
C ARG C 536 -25.71 -6.97 -20.15
N GLN C 537 -25.75 -5.65 -20.26
CA GLN C 537 -26.78 -5.01 -21.06
C GLN C 537 -26.28 -3.66 -21.56
N GLN C 538 -26.05 -3.57 -22.87
CA GLN C 538 -25.96 -2.29 -23.55
C GLN C 538 -27.32 -1.94 -24.15
N SER C 539 -27.67 -0.67 -24.12
CA SER C 539 -28.92 -0.24 -24.70
C SER C 539 -28.80 1.22 -25.12
N TRP C 540 -29.43 1.56 -26.23
CA TRP C 540 -29.53 2.93 -26.68
C TRP C 540 -30.87 3.10 -27.36
N SER C 541 -31.61 4.12 -26.95
CA SER C 541 -32.97 4.24 -27.45
C SER C 541 -33.40 5.69 -27.40
N HIS C 542 -34.11 6.12 -28.44
CA HIS C 542 -34.85 7.36 -28.36
C HIS C 542 -35.99 7.19 -27.38
N TRP C 543 -36.34 8.27 -26.71
CA TRP C 543 -37.72 8.50 -26.34
C TRP C 543 -38.21 9.71 -27.13
N ASP C 544 -39.32 9.53 -27.83
CA ASP C 544 -39.78 10.57 -28.73
C ASP C 544 -41.15 11.02 -28.28
N PHE C 545 -41.36 12.33 -28.23
CA PHE C 545 -42.56 12.90 -27.66
C PHE C 545 -43.44 13.60 -28.68
N GLY C 546 -42.99 13.71 -29.92
CA GLY C 546 -43.79 14.36 -30.94
C GLY C 546 -42.90 14.83 -32.07
N GLU C 547 -43.53 15.56 -32.99
CA GLU C 547 -42.81 16.05 -34.16
C GLU C 547 -41.89 17.21 -33.79
N ASN C 548 -42.47 18.27 -33.22
CA ASN C 548 -41.69 19.39 -32.71
C ASN C 548 -42.00 19.52 -31.22
N VAL C 549 -41.31 18.73 -30.40
CA VAL C 549 -41.40 18.86 -28.95
C VAL C 549 -39.96 18.97 -28.45
N GLN C 550 -39.48 20.20 -28.32
CA GLN C 550 -38.13 20.40 -27.82
C GLN C 550 -38.08 20.10 -26.33
N VAL C 551 -37.13 19.26 -25.94
CA VAL C 551 -37.11 18.67 -24.60
C VAL C 551 -36.06 19.39 -23.78
N LEU C 552 -36.49 20.08 -22.75
CA LEU C 552 -35.53 20.60 -21.79
C LEU C 552 -35.13 19.52 -20.80
N ALA C 553 -34.17 19.84 -19.93
CA ALA C 553 -33.45 18.80 -19.21
C ALA C 553 -34.31 18.13 -18.16
N CYS C 554 -34.63 16.87 -18.41
CA CYS C 554 -35.26 16.03 -17.42
C CYS C 554 -34.27 15.69 -16.33
N GLN C 555 -34.79 15.58 -15.10
CA GLN C 555 -34.02 15.08 -13.99
C GLN C 555 -34.88 14.05 -13.27
N SER C 556 -34.24 13.12 -12.60
CA SER C 556 -34.92 11.94 -12.10
C SER C 556 -34.79 11.83 -10.59
N ILE C 557 -35.80 12.29 -9.87
CA ILE C 557 -35.99 11.85 -8.50
C ILE C 557 -36.31 10.35 -8.52
N SER C 558 -35.97 9.66 -7.43
CA SER C 558 -35.52 8.27 -7.34
C SER C 558 -36.08 7.28 -8.37
N SER C 559 -37.38 7.33 -8.62
CA SER C 559 -37.96 6.51 -9.68
C SER C 559 -38.98 7.28 -10.48
N ASP C 560 -38.85 8.61 -10.54
CA ASP C 560 -39.79 9.48 -11.24
C ASP C 560 -39.01 10.43 -12.13
N MET C 561 -39.23 10.33 -13.43
CA MET C 561 -38.57 11.19 -14.40
C MET C 561 -39.44 12.42 -14.63
N TYR C 562 -38.94 13.59 -14.25
CA TYR C 562 -39.67 14.84 -14.44
C TYR C 562 -39.11 15.62 -15.61
N VAL C 563 -39.94 15.82 -16.64
CA VAL C 563 -39.49 16.33 -17.93
C VAL C 563 -40.12 17.69 -18.19
N ILE C 564 -39.35 18.58 -18.82
CA ILE C 564 -39.83 19.89 -19.26
C ILE C 564 -39.75 19.95 -20.78
N LEU C 565 -40.83 20.35 -21.43
CA LEU C 565 -40.94 20.29 -22.88
C LEU C 565 -41.28 21.65 -23.46
N ARG C 566 -41.05 21.83 -24.76
CA ARG C 566 -41.57 22.97 -25.50
C ARG C 566 -42.46 22.46 -26.62
N ASN C 567 -43.21 23.36 -27.25
CA ASN C 567 -44.38 22.91 -28.00
C ASN C 567 -44.40 23.30 -29.50
N GLU C 568 -44.27 24.58 -29.89
CA GLU C 568 -43.69 25.78 -29.26
C GLU C 568 -44.73 26.86 -28.94
N PHE C 569 -45.90 26.44 -28.47
CA PHE C 569 -46.89 27.40 -28.01
C PHE C 569 -46.76 27.64 -26.52
N ASN C 570 -46.57 26.58 -25.73
CA ASN C 570 -46.46 26.68 -24.29
C ASN C 570 -45.58 25.56 -23.77
N THR C 571 -44.78 25.86 -22.75
CA THR C 571 -43.95 24.86 -22.11
C THR C 571 -44.76 24.26 -20.98
N PHE C 572 -44.32 23.10 -20.48
CA PHE C 572 -44.99 22.43 -19.37
C PHE C 572 -44.09 21.35 -18.76
N LEU C 573 -44.27 21.15 -17.46
CA LEU C 573 -43.58 20.11 -16.71
C LEU C 573 -44.30 18.80 -16.97
N ALA C 574 -43.59 17.67 -16.83
CA ALA C 574 -44.21 16.39 -17.13
C ALA C 574 -43.49 15.27 -16.40
N ARG C 575 -44.27 14.39 -15.76
CA ARG C 575 -43.71 13.30 -14.97
C ARG C 575 -43.77 11.98 -15.74
N ILE C 576 -42.69 11.22 -15.67
CA ILE C 576 -42.64 9.84 -16.12
C ILE C 576 -42.33 8.97 -14.92
N SER C 577 -43.22 8.03 -14.62
CA SER C 577 -43.11 7.20 -13.44
C SER C 577 -42.93 5.75 -13.86
N PHE C 578 -41.86 5.12 -13.39
CA PHE C 578 -41.52 3.75 -13.77
C PHE C 578 -42.21 2.75 -12.84
N THR C 579 -43.53 2.88 -12.74
CA THR C 579 -44.30 2.03 -11.86
C THR C 579 -45.02 1.00 -12.72
N LYS C 580 -44.97 -0.27 -12.31
CA LYS C 580 -45.25 -1.35 -13.23
C LYS C 580 -46.75 -1.60 -13.38
N ASN C 581 -47.42 -1.94 -12.29
CA ASN C 581 -48.79 -2.45 -12.34
C ASN C 581 -49.72 -1.43 -11.68
N ALA C 582 -49.51 -0.16 -12.02
CA ALA C 582 -50.09 0.94 -11.26
C ALA C 582 -51.25 1.57 -12.00
N ILE C 583 -51.72 2.66 -11.42
CA ILE C 583 -52.74 3.53 -11.97
C ILE C 583 -52.21 4.95 -11.85
N ASP C 584 -52.21 5.68 -12.97
CA ASP C 584 -51.73 7.06 -12.95
C ASP C 584 -52.70 7.98 -12.25
N LEU C 585 -53.94 8.02 -12.71
CA LEU C 585 -54.91 8.99 -12.26
C LEU C 585 -56.15 8.24 -11.78
N GLN C 586 -56.73 8.70 -10.68
CA GLN C 586 -57.78 7.96 -10.00
C GLN C 586 -59.03 7.88 -10.85
N GLY C 587 -59.45 6.65 -11.16
CA GLY C 587 -60.57 6.40 -12.05
C GLY C 587 -60.22 5.65 -13.31
N GLU C 588 -59.04 5.05 -13.40
CA GLU C 588 -58.74 4.10 -14.45
C GLU C 588 -59.57 2.82 -14.21
N PRO C 589 -59.68 1.90 -15.20
CA PRO C 589 -59.02 1.30 -16.36
C PRO C 589 -58.33 2.25 -17.35
N TYR C 590 -57.12 1.94 -17.82
CA TYR C 590 -56.38 0.71 -17.49
C TYR C 590 -54.85 0.88 -17.35
N ARG C 591 -54.43 2.06 -16.86
CA ARG C 591 -53.10 2.70 -16.82
C ARG C 591 -52.70 3.27 -18.18
N ALA C 592 -53.31 2.78 -19.25
CA ALA C 592 -53.63 3.50 -20.48
C ALA C 592 -52.47 4.03 -21.32
N PHE C 593 -51.22 4.00 -20.82
CA PHE C 593 -49.93 4.33 -21.48
C PHE C 593 -50.03 5.43 -22.53
N MET C 594 -50.65 6.54 -22.14
CA MET C 594 -51.27 7.41 -23.13
C MET C 594 -50.24 8.22 -23.90
N ASP C 595 -49.19 8.73 -23.21
CA ASP C 595 -48.55 10.02 -23.48
C ASP C 595 -49.51 11.15 -23.14
N MET C 596 -49.27 11.76 -21.96
CA MET C 596 -49.77 13.11 -21.64
C MET C 596 -51.21 13.03 -21.13
N LYS C 597 -51.42 12.11 -20.19
CA LYS C 597 -52.67 11.94 -19.46
C LYS C 597 -53.06 13.17 -18.66
N ILE C 598 -54.33 13.56 -18.76
CA ILE C 598 -54.99 14.46 -17.81
C ILE C 598 -56.41 13.95 -17.58
N ARG C 599 -56.77 13.76 -16.32
CA ARG C 599 -58.14 13.45 -15.96
C ARG C 599 -58.95 14.73 -16.01
N TYR C 600 -59.53 14.97 -17.17
CA TYR C 600 -60.31 16.18 -17.38
C TYR C 600 -61.78 15.86 -17.24
N THR C 601 -62.37 16.27 -16.13
CA THR C 601 -63.81 16.26 -16.00
C THR C 601 -64.39 17.32 -16.93
N ILE C 602 -65.61 17.07 -17.40
CA ILE C 602 -66.25 17.89 -18.42
C ILE C 602 -67.16 18.90 -17.71
N PRO C 603 -67.11 20.18 -18.05
CA PRO C 603 -67.99 21.16 -17.40
C PRO C 603 -69.45 21.01 -17.83
N SER C 604 -70.30 21.88 -17.26
CA SER C 604 -71.73 21.77 -17.50
C SER C 604 -72.09 22.18 -18.93
N GLY C 605 -71.68 23.37 -19.34
CA GLY C 605 -72.04 23.79 -20.67
C GLY C 605 -71.01 23.44 -21.72
N THR C 606 -71.18 22.26 -22.31
CA THR C 606 -70.52 21.88 -23.55
C THR C 606 -71.46 21.25 -24.55
N TYR C 607 -72.55 20.65 -24.10
CA TYR C 607 -73.43 19.89 -24.97
C TYR C 607 -74.49 20.76 -25.62
N ASN C 608 -74.75 20.48 -26.89
CA ASN C 608 -75.91 21.03 -27.59
C ASN C 608 -76.69 19.89 -28.24
N ASP C 609 -78.01 19.85 -28.02
CA ASP C 609 -78.80 18.72 -28.48
C ASP C 609 -79.19 18.87 -29.95
N ASP C 610 -78.82 19.97 -30.57
CA ASP C 610 -79.10 20.11 -31.99
C ASP C 610 -78.24 19.18 -32.83
N THR C 611 -76.91 19.31 -32.76
CA THR C 611 -76.00 18.49 -33.53
C THR C 611 -75.56 17.23 -32.79
N PHE C 612 -75.99 17.08 -31.52
CA PHE C 612 -75.71 15.91 -30.67
C PHE C 612 -74.22 15.68 -30.54
N THR C 613 -73.54 16.62 -29.90
CA THR C 613 -72.09 16.64 -29.84
C THR C 613 -71.64 17.40 -28.59
N THR C 614 -70.93 16.72 -27.70
CA THR C 614 -70.17 17.45 -26.70
C THR C 614 -68.83 17.82 -27.31
N SER C 615 -68.39 19.04 -27.05
CA SER C 615 -67.17 19.55 -27.64
C SER C 615 -66.30 20.13 -26.55
N ILE C 616 -65.00 19.86 -26.64
CA ILE C 616 -64.06 20.27 -25.61
C ILE C 616 -63.03 21.20 -26.24
N HIS C 617 -62.82 22.34 -25.62
CA HIS C 617 -61.77 23.25 -26.02
C HIS C 617 -60.47 22.74 -25.40
N ILE C 618 -59.45 22.53 -26.22
CA ILE C 618 -58.26 21.80 -25.79
C ILE C 618 -57.40 22.57 -24.78
N PRO C 619 -57.03 23.85 -24.94
CA PRO C 619 -56.29 24.49 -23.86
C PRO C 619 -57.14 24.89 -22.65
N THR C 620 -58.43 24.63 -22.63
CA THR C 620 -59.15 24.69 -21.36
C THR C 620 -58.89 23.46 -20.52
N ILE C 621 -58.37 22.40 -21.12
CA ILE C 621 -57.86 21.27 -20.36
C ILE C 621 -56.46 21.57 -19.85
N TYR C 622 -55.66 22.23 -20.66
CA TYR C 622 -54.22 22.29 -20.50
C TYR C 622 -53.71 23.69 -20.24
N GLY C 623 -54.13 24.66 -21.04
CA GLY C 623 -53.45 25.92 -21.14
C GLY C 623 -52.46 25.98 -22.27
N ALA C 624 -52.48 25.00 -23.18
CA ALA C 624 -51.49 24.94 -24.24
C ALA C 624 -52.16 24.61 -25.56
N ASN C 625 -51.64 25.20 -26.63
CA ASN C 625 -51.99 24.84 -27.99
C ASN C 625 -50.95 23.88 -28.54
N PHE C 626 -51.37 23.03 -29.47
CA PHE C 626 -50.56 21.90 -29.89
C PHE C 626 -50.22 21.95 -31.37
N GLY C 627 -49.03 21.46 -31.69
CA GLY C 627 -48.65 21.30 -33.07
C GLY C 627 -49.29 20.09 -33.71
N ARG C 628 -48.92 18.88 -33.27
CA ARG C 628 -49.35 17.65 -33.93
C ARG C 628 -49.59 16.57 -32.89
N GLY C 629 -49.85 15.37 -33.39
CA GLY C 629 -50.07 14.22 -32.53
C GLY C 629 -51.46 13.68 -32.73
N LYS C 630 -51.68 12.48 -32.19
CA LYS C 630 -53.00 11.85 -32.23
C LYS C 630 -53.58 11.84 -30.83
N ILE C 631 -54.49 12.74 -30.57
CA ILE C 631 -55.13 12.85 -29.26
C ILE C 631 -56.14 11.72 -29.15
N THR C 632 -55.95 10.84 -28.17
CA THR C 632 -56.92 9.81 -27.86
C THR C 632 -57.62 10.14 -26.57
N VAL C 633 -58.87 9.73 -26.46
CA VAL C 633 -59.68 10.06 -25.30
C VAL C 633 -60.23 8.78 -24.69
N LEU C 634 -60.01 8.61 -23.40
CA LEU C 634 -60.32 7.36 -22.71
C LEU C 634 -61.35 7.65 -21.64
N GLU C 635 -62.39 6.83 -21.60
CA GLU C 635 -63.47 6.95 -20.63
C GLU C 635 -63.21 5.98 -19.49
N PRO C 636 -63.90 6.14 -18.36
CA PRO C 636 -63.87 5.07 -17.35
C PRO C 636 -64.56 3.79 -17.82
N ASP C 637 -65.41 3.92 -18.83
CA ASP C 637 -65.92 2.75 -19.54
C ASP C 637 -64.88 2.30 -20.58
N GLY C 638 -65.27 1.43 -21.47
CA GLY C 638 -64.29 0.91 -22.42
C GLY C 638 -64.15 1.73 -23.67
N LYS C 639 -64.65 2.97 -23.67
CA LYS C 639 -64.66 3.77 -24.89
C LYS C 639 -63.30 4.39 -25.09
N ILE C 640 -62.83 4.40 -26.33
CA ILE C 640 -61.62 5.10 -26.76
C ILE C 640 -61.91 5.70 -28.13
N THR C 641 -61.73 6.99 -28.25
CA THR C 641 -61.88 7.69 -29.52
C THR C 641 -60.54 8.30 -29.91
N VAL C 642 -60.19 8.13 -31.19
CA VAL C 642 -58.93 8.65 -31.72
C VAL C 642 -59.30 9.78 -32.68
N PHE C 643 -58.47 10.83 -32.70
CA PHE C 643 -58.92 12.07 -33.32
C PHE C 643 -58.11 12.55 -34.51
N GLU C 644 -56.82 12.19 -34.62
CA GLU C 644 -56.07 12.28 -35.87
C GLU C 644 -55.99 13.70 -36.42
N GLN C 645 -55.13 14.54 -35.81
CA GLN C 645 -55.02 16.00 -35.94
C GLN C 645 -55.30 16.59 -37.31
N PRO C 646 -56.06 17.68 -37.37
CA PRO C 646 -56.47 18.24 -38.66
C PRO C 646 -55.32 18.95 -39.34
N THR C 647 -55.51 19.22 -40.63
CA THR C 647 -54.53 19.97 -41.40
C THR C 647 -54.46 21.39 -40.86
N ALA C 648 -53.22 21.81 -40.53
CA ALA C 648 -52.92 23.03 -39.77
C ALA C 648 -53.59 23.07 -38.41
N GLY C 649 -53.87 21.90 -37.81
CA GLY C 649 -54.20 21.84 -36.41
C GLY C 649 -52.95 21.80 -35.57
N TRP C 650 -53.11 21.71 -34.24
CA TRP C 650 -54.38 21.80 -33.54
C TRP C 650 -54.71 23.24 -33.22
N ASN C 651 -53.79 24.14 -33.58
CA ASN C 651 -53.89 25.53 -33.15
C ASN C 651 -55.00 26.28 -33.86
N SER C 652 -55.38 25.83 -35.05
CA SER C 652 -56.45 26.49 -35.79
C SER C 652 -57.80 26.29 -35.11
N ASP C 653 -58.15 25.05 -34.81
CA ASP C 653 -59.40 24.74 -34.15
C ASP C 653 -59.19 23.71 -33.05
N PRO C 654 -58.80 24.13 -31.85
CA PRO C 654 -58.76 23.18 -30.75
C PRO C 654 -60.18 22.88 -30.29
N TRP C 655 -60.70 21.77 -30.76
CA TRP C 655 -62.07 21.36 -30.50
C TRP C 655 -62.14 19.84 -30.54
N LEU C 656 -62.65 19.28 -29.47
CA LEU C 656 -62.57 17.85 -29.24
C LEU C 656 -64.01 17.35 -29.14
N ARG C 657 -64.51 16.78 -30.23
CA ARG C 657 -65.93 16.47 -30.41
C ARG C 657 -66.12 14.97 -30.22
N LEU C 658 -66.90 14.59 -29.21
CA LEU C 658 -66.95 13.19 -28.79
C LEU C 658 -68.27 12.49 -29.11
N SER C 659 -69.37 12.91 -28.49
CA SER C 659 -70.61 12.14 -28.45
C SER C 659 -71.69 13.03 -27.86
N GLY C 660 -72.84 12.48 -27.47
CA GLY C 660 -73.82 13.35 -26.87
C GLY C 660 -73.52 13.82 -25.47
N ASN C 661 -73.71 12.97 -24.46
CA ASN C 661 -73.78 13.45 -23.08
C ASN C 661 -72.64 12.83 -22.28
N LEU C 662 -71.57 13.59 -22.10
CA LEU C 662 -70.41 13.08 -21.39
C LEU C 662 -69.95 14.03 -20.29
N GLU C 663 -70.89 14.67 -19.60
CA GLU C 663 -70.56 15.75 -18.68
C GLU C 663 -69.93 15.25 -17.39
N GLY C 664 -70.61 14.38 -16.66
CA GLY C 664 -70.04 13.89 -15.43
C GLY C 664 -69.13 12.71 -15.54
N ARG C 665 -68.45 12.53 -16.69
CA ARG C 665 -67.82 11.23 -16.95
C ARG C 665 -66.36 11.20 -16.53
N MET C 666 -65.80 12.35 -16.15
CA MET C 666 -64.40 12.56 -15.71
C MET C 666 -63.39 11.85 -16.63
N VAL C 667 -63.33 12.32 -17.87
CA VAL C 667 -62.77 11.55 -18.96
C VAL C 667 -61.26 11.73 -19.01
N TYR C 668 -60.56 10.77 -19.59
CA TYR C 668 -59.11 10.85 -19.71
C TYR C 668 -58.70 11.24 -21.11
N ILE C 669 -57.79 12.20 -21.21
CA ILE C 669 -57.34 12.74 -22.50
C ILE C 669 -55.82 12.68 -22.56
N GLY C 670 -55.31 12.10 -23.64
CA GLY C 670 -53.88 12.00 -23.81
C GLY C 670 -53.49 12.08 -25.28
N PHE C 671 -52.35 11.46 -25.58
CA PHE C 671 -51.82 11.36 -26.94
C PHE C 671 -51.72 9.91 -27.36
N ASN C 672 -50.96 9.66 -28.43
CA ASN C 672 -50.41 8.34 -28.70
C ASN C 672 -48.89 8.46 -28.75
N ILE C 673 -48.20 7.46 -28.21
CA ILE C 673 -46.76 7.33 -28.40
C ILE C 673 -46.54 6.62 -29.73
N ASN C 674 -45.43 6.90 -30.38
CA ASN C 674 -45.01 6.07 -31.48
C ASN C 674 -43.95 5.09 -31.00
N PHE C 675 -44.32 3.82 -30.93
CA PHE C 675 -43.40 2.76 -30.55
C PHE C 675 -42.88 2.10 -31.81
N VAL C 676 -41.57 2.08 -31.98
CA VAL C 676 -40.91 1.52 -33.16
C VAL C 676 -39.79 0.61 -32.68
N TYR C 677 -39.69 -0.57 -33.29
CA TYR C 677 -38.55 -1.45 -33.00
C TYR C 677 -38.23 -2.29 -34.24
N GLU C 678 -37.15 -1.97 -34.91
CA GLU C 678 -36.69 -2.88 -35.94
C GLU C 678 -35.96 -4.04 -35.31
N PHE C 679 -35.70 -5.05 -36.13
CA PHE C 679 -34.83 -6.15 -35.77
C PHE C 679 -33.59 -6.09 -36.63
N SER C 680 -32.52 -6.73 -36.14
CA SER C 680 -31.42 -7.06 -37.03
C SER C 680 -31.88 -8.10 -38.02
N LYS C 681 -31.28 -8.11 -39.20
CA LYS C 681 -31.61 -9.10 -40.20
C LYS C 681 -31.20 -10.47 -39.70
N PHE C 682 -32.12 -11.42 -39.75
CA PHE C 682 -32.02 -12.69 -39.03
C PHE C 682 -30.96 -13.57 -39.69
N LEU C 683 -29.71 -13.26 -39.41
CA LEU C 683 -28.61 -14.09 -39.84
C LEU C 683 -28.41 -15.23 -38.86
N ILE C 684 -27.37 -16.03 -39.09
CA ILE C 684 -27.07 -17.17 -38.23
C ILE C 684 -26.04 -16.68 -37.21
N LYS C 685 -26.53 -16.20 -36.07
CA LYS C 685 -25.67 -15.78 -34.98
C LYS C 685 -25.08 -17.01 -34.29
N GLN C 686 -23.75 -17.07 -34.22
CA GLN C 686 -23.08 -18.23 -33.65
C GLN C 686 -21.89 -17.78 -32.82
N THR C 687 -21.89 -18.15 -31.54
CA THR C 687 -20.83 -17.72 -30.65
C THR C 687 -19.66 -18.70 -30.64
N ALA C 688 -18.77 -18.52 -31.60
CA ALA C 688 -17.55 -19.31 -31.71
C ALA C 688 -16.55 -18.58 -32.58
N ASP C 689 -15.35 -18.34 -32.06
CA ASP C 689 -14.43 -19.39 -31.63
C ASP C 689 -14.09 -19.13 -30.17
N ASP C 690 -13.80 -17.89 -29.84
CA ASP C 690 -13.96 -17.31 -28.51
C ASP C 690 -15.41 -16.96 -28.26
N GLY C 691 -15.68 -15.98 -27.41
CA GLY C 691 -17.00 -15.39 -27.43
C GLY C 691 -17.16 -14.47 -28.63
N SER C 692 -17.78 -13.30 -28.42
CA SER C 692 -17.95 -12.25 -29.44
C SER C 692 -18.65 -12.79 -30.69
N THR C 693 -19.96 -13.07 -30.52
CA THR C 693 -20.79 -13.83 -31.46
C THR C 693 -20.70 -13.31 -32.89
N SER C 694 -20.16 -14.13 -33.77
CA SER C 694 -19.90 -13.74 -35.15
C SER C 694 -20.82 -14.54 -36.07
N THR C 695 -21.39 -13.87 -37.06
CA THR C 695 -22.33 -14.47 -37.98
C THR C 695 -21.59 -15.38 -38.97
N GLU C 696 -22.37 -16.09 -39.77
CA GLU C 696 -21.85 -16.81 -40.92
C GLU C 696 -22.75 -16.53 -42.11
N ASP C 697 -22.27 -15.68 -43.02
CA ASP C 697 -23.02 -15.32 -44.21
C ASP C 697 -22.29 -15.88 -45.43
N ILE C 698 -22.54 -17.16 -45.71
CA ILE C 698 -21.95 -17.81 -46.86
C ILE C 698 -23.00 -18.37 -47.79
N GLY C 699 -23.93 -19.15 -47.28
CA GLY C 699 -24.99 -19.69 -48.09
C GLY C 699 -26.25 -18.88 -47.93
N ARG C 700 -27.18 -19.11 -48.86
CA ARG C 700 -28.45 -18.42 -48.81
C ARG C 700 -29.29 -18.98 -47.66
N LEU C 701 -29.67 -18.10 -46.74
CA LEU C 701 -30.54 -18.46 -45.63
C LEU C 701 -31.95 -18.12 -46.05
N GLN C 702 -32.65 -19.11 -46.60
CA GLN C 702 -34.06 -18.90 -46.89
C GLN C 702 -34.87 -18.94 -45.61
N LEU C 703 -35.35 -17.78 -45.20
CA LEU C 703 -35.93 -17.56 -43.89
C LEU C 703 -37.42 -17.83 -43.99
N ARG C 704 -38.01 -18.37 -42.94
CA ARG C 704 -39.45 -18.59 -42.91
C ARG C 704 -39.95 -18.59 -41.47
N ARG C 705 -41.00 -17.80 -41.24
CA ARG C 705 -41.82 -17.77 -40.03
C ARG C 705 -41.02 -17.63 -38.73
N ALA C 706 -40.47 -16.44 -38.60
CA ALA C 706 -40.02 -15.98 -37.29
C ALA C 706 -41.19 -15.90 -36.32
N TRP C 707 -40.90 -16.02 -35.04
CA TRP C 707 -41.96 -16.04 -34.05
C TRP C 707 -41.59 -15.20 -32.84
N VAL C 708 -42.56 -14.44 -32.34
CA VAL C 708 -42.38 -13.52 -31.22
C VAL C 708 -43.25 -13.97 -30.07
N ASN C 709 -42.64 -14.25 -28.92
CA ASN C 709 -43.39 -14.57 -27.73
C ASN C 709 -43.45 -13.37 -26.78
N TYR C 710 -44.53 -13.32 -26.00
CA TYR C 710 -44.88 -12.11 -25.30
C TYR C 710 -45.53 -12.44 -23.97
N GLU C 711 -45.22 -11.64 -22.96
CA GLU C 711 -45.79 -11.77 -21.64
C GLU C 711 -47.06 -10.91 -21.60
N ASN C 712 -47.56 -10.59 -20.41
CA ASN C 712 -48.93 -10.18 -20.15
C ASN C 712 -49.26 -8.81 -20.71
N SER C 713 -49.22 -8.67 -22.04
CA SER C 713 -49.77 -7.56 -22.81
C SER C 713 -49.75 -7.92 -24.29
N GLY C 714 -50.29 -7.02 -25.11
CA GLY C 714 -50.33 -7.28 -26.53
C GLY C 714 -50.74 -6.07 -27.33
N THR C 715 -51.27 -6.36 -28.54
CA THR C 715 -51.73 -5.40 -29.56
C THR C 715 -50.59 -4.56 -30.15
N PHE C 716 -49.39 -5.12 -30.22
CA PHE C 716 -48.42 -4.61 -31.18
C PHE C 716 -48.75 -5.17 -32.55
N ASP C 717 -48.27 -4.52 -33.63
CA ASP C 717 -48.70 -5.15 -34.87
C ASP C 717 -47.76 -6.26 -35.32
N ILE C 718 -46.98 -6.02 -36.38
CA ILE C 718 -45.63 -6.40 -36.79
C ILE C 718 -45.58 -5.97 -38.25
N TYR C 719 -44.52 -5.34 -38.72
CA TYR C 719 -44.41 -5.04 -40.14
C TYR C 719 -43.24 -5.84 -40.68
N VAL C 720 -43.52 -6.78 -41.56
CA VAL C 720 -42.47 -7.47 -42.30
C VAL C 720 -42.29 -6.78 -43.65
N GLU C 721 -41.06 -6.36 -43.93
CA GLU C 721 -40.78 -5.49 -45.07
C GLU C 721 -39.69 -6.15 -45.90
N ASN C 722 -40.09 -6.74 -47.02
CA ASN C 722 -39.15 -7.26 -48.00
C ASN C 722 -38.83 -6.12 -48.97
N GLN C 723 -38.23 -6.42 -50.13
CA GLN C 723 -37.92 -5.37 -51.09
C GLN C 723 -39.19 -4.77 -51.68
N SER C 724 -40.19 -5.59 -51.95
CA SER C 724 -41.42 -5.10 -52.55
C SER C 724 -42.68 -5.71 -51.97
N SER C 725 -42.64 -6.31 -50.78
CA SER C 725 -43.79 -7.06 -50.32
C SER C 725 -44.67 -6.24 -49.36
N ASN C 726 -44.10 -5.81 -48.22
CA ASN C 726 -44.77 -5.04 -47.18
C ASN C 726 -46.00 -5.72 -46.60
N TRP C 727 -45.81 -6.85 -45.92
CA TRP C 727 -46.90 -7.51 -45.22
C TRP C 727 -46.97 -6.94 -43.81
N LYS C 728 -48.17 -6.84 -43.24
CA LYS C 728 -48.33 -6.36 -41.87
C LYS C 728 -49.09 -7.38 -41.04
N TYR C 729 -48.45 -7.86 -40.00
CA TYR C 729 -48.99 -8.96 -39.20
C TYR C 729 -49.58 -8.40 -37.92
N THR C 730 -50.73 -7.76 -38.03
CA THR C 730 -51.35 -7.15 -36.86
C THR C 730 -51.79 -8.23 -35.87
N MET C 731 -51.78 -7.86 -34.60
CA MET C 731 -52.00 -8.78 -33.50
C MET C 731 -52.87 -8.09 -32.46
N ALA C 732 -53.74 -8.84 -31.81
CA ALA C 732 -54.52 -8.30 -30.71
C ALA C 732 -54.40 -9.23 -29.51
N GLY C 733 -55.22 -8.94 -28.50
CA GLY C 733 -54.84 -9.28 -27.13
C GLY C 733 -54.75 -10.75 -26.83
N ALA C 734 -55.88 -11.45 -26.78
CA ALA C 734 -55.85 -12.82 -26.31
C ALA C 734 -56.57 -13.73 -27.29
N ARG C 735 -56.43 -15.02 -27.06
CA ARG C 735 -57.06 -16.02 -27.89
C ARG C 735 -58.52 -16.18 -27.47
N LEU C 736 -59.33 -16.71 -28.38
CA LEU C 736 -60.73 -16.96 -28.08
C LEU C 736 -60.86 -18.06 -27.04
N GLY C 737 -61.77 -17.86 -26.10
CA GLY C 737 -61.97 -18.83 -25.04
C GLY C 737 -61.02 -18.71 -23.88
N SER C 738 -60.00 -17.87 -23.99
CA SER C 738 -59.09 -17.65 -22.88
C SER C 738 -59.79 -16.92 -21.76
N ASN C 739 -59.26 -17.09 -20.55
CA ASN C 739 -59.82 -16.35 -19.41
C ASN C 739 -59.38 -14.89 -19.45
N THR C 740 -58.30 -14.60 -20.17
CA THR C 740 -57.86 -13.22 -20.32
C THR C 740 -58.81 -12.44 -21.22
N LEU C 741 -59.25 -13.07 -22.31
CA LEU C 741 -60.16 -12.41 -23.23
C LEU C 741 -61.54 -12.31 -22.63
N ARG C 742 -61.98 -11.08 -22.37
CA ARG C 742 -63.24 -10.82 -21.68
C ARG C 742 -64.06 -9.87 -22.53
N ALA C 743 -65.37 -9.86 -22.30
CA ALA C 743 -66.22 -8.95 -23.06
C ALA C 743 -66.16 -7.54 -22.50
N GLY C 744 -65.63 -7.37 -21.30
CA GLY C 744 -64.94 -6.13 -21.00
C GLY C 744 -64.11 -6.26 -19.75
N ARG C 745 -62.80 -6.18 -19.99
CA ARG C 745 -61.65 -6.19 -19.10
C ARG C 745 -60.53 -5.82 -20.04
N LEU C 746 -59.28 -6.01 -19.66
CA LEU C 746 -58.17 -5.89 -20.59
C LEU C 746 -58.09 -7.08 -21.53
N ASN C 747 -57.44 -6.84 -22.67
CA ASN C 747 -57.08 -7.89 -23.61
C ASN C 747 -55.56 -7.98 -23.70
N LEU C 748 -54.98 -8.89 -22.94
CA LEU C 748 -53.52 -8.88 -22.86
C LEU C 748 -52.87 -10.13 -23.45
N GLY C 749 -53.18 -11.31 -22.94
CA GLY C 749 -52.62 -12.49 -23.56
C GLY C 749 -51.17 -12.77 -23.18
N THR C 750 -50.73 -13.97 -23.58
CA THR C 750 -49.39 -14.47 -23.29
C THR C 750 -48.91 -15.20 -24.54
N GLY C 751 -47.60 -15.24 -24.79
CA GLY C 751 -47.06 -15.76 -26.04
C GLY C 751 -47.22 -17.26 -26.16
N GLN C 752 -46.80 -17.80 -27.31
CA GLN C 752 -46.09 -17.10 -28.37
C GLN C 752 -46.99 -16.60 -29.48
N TYR C 753 -46.38 -16.11 -30.55
CA TYR C 753 -47.09 -15.76 -31.76
C TYR C 753 -46.21 -16.04 -32.96
N ARG C 754 -46.69 -16.86 -33.88
CA ARG C 754 -45.92 -17.27 -35.04
C ARG C 754 -46.51 -16.59 -36.27
N PHE C 755 -45.63 -16.14 -37.15
CA PHE C 755 -46.02 -15.34 -38.30
C PHE C 755 -44.98 -15.48 -39.40
N PRO C 756 -45.40 -15.67 -40.65
CA PRO C 756 -44.45 -15.97 -41.74
C PRO C 756 -43.57 -14.80 -42.14
N VAL C 757 -42.25 -14.98 -42.06
CA VAL C 757 -41.29 -14.06 -42.65
C VAL C 757 -40.63 -14.80 -43.80
N VAL C 758 -41.20 -14.71 -44.98
CA VAL C 758 -40.84 -15.54 -46.11
C VAL C 758 -39.85 -14.78 -46.97
N GLY C 759 -38.70 -15.38 -47.23
CA GLY C 759 -37.77 -14.83 -48.18
C GLY C 759 -36.35 -14.96 -47.70
N ASN C 760 -35.46 -14.24 -48.37
CA ASN C 760 -34.05 -14.28 -48.03
C ASN C 760 -33.82 -13.51 -46.74
N ALA C 761 -32.75 -13.87 -46.03
CA ALA C 761 -32.43 -13.22 -44.76
C ALA C 761 -31.87 -11.83 -44.96
N LYS C 762 -31.10 -11.61 -46.02
CA LYS C 762 -30.47 -10.34 -46.28
C LYS C 762 -31.46 -9.24 -46.67
N PHE C 763 -32.70 -9.59 -46.96
CA PHE C 763 -33.66 -8.64 -47.51
C PHE C 763 -34.88 -8.42 -46.62
N ASN C 764 -35.20 -9.34 -45.71
CA ASN C 764 -36.37 -9.17 -44.85
C ASN C 764 -36.01 -8.35 -43.62
N THR C 765 -36.73 -7.26 -43.40
CA THR C 765 -36.54 -6.38 -42.25
C THR C 765 -37.83 -6.38 -41.45
N VAL C 766 -37.91 -7.22 -40.43
CA VAL C 766 -39.09 -7.26 -39.58
C VAL C 766 -39.02 -6.09 -38.60
N TYR C 767 -40.14 -5.38 -38.43
CA TYR C 767 -40.18 -4.33 -37.44
C TYR C 767 -41.57 -4.16 -36.87
N ILE C 768 -41.62 -3.56 -35.69
CA ILE C 768 -42.85 -3.48 -34.90
C ILE C 768 -43.13 -2.00 -34.65
N LEU C 769 -43.92 -1.39 -35.52
CA LEU C 769 -44.65 -0.19 -35.16
C LEU C 769 -45.97 -0.60 -34.54
N SER C 770 -46.45 0.17 -33.57
CA SER C 770 -47.88 -0.01 -33.37
C SER C 770 -48.71 1.26 -33.45
N ASP C 771 -48.80 1.91 -32.28
CA ASP C 771 -49.47 3.13 -31.83
C ASP C 771 -49.49 2.78 -30.35
N GLU C 772 -50.17 3.54 -29.49
CA GLU C 772 -51.40 3.05 -28.84
C GLU C 772 -51.72 3.68 -27.51
N THR C 773 -52.85 3.27 -26.97
CA THR C 773 -53.13 3.44 -25.55
C THR C 773 -52.89 2.15 -24.76
N THR C 774 -52.10 1.19 -25.27
CA THR C 774 -52.02 -0.15 -24.70
C THR C 774 -50.56 -0.60 -24.62
N PRO C 775 -50.14 -1.27 -23.52
CA PRO C 775 -48.73 -1.73 -23.42
C PRO C 775 -48.31 -2.78 -24.42
N LEU C 776 -47.04 -3.20 -24.34
CA LEU C 776 -46.66 -4.48 -24.92
C LEU C 776 -45.47 -5.01 -24.14
N ASN C 777 -45.21 -6.30 -24.32
CA ASN C 777 -44.01 -6.94 -23.81
C ASN C 777 -43.48 -7.84 -24.90
N ILE C 778 -42.17 -7.87 -25.09
CA ILE C 778 -41.55 -8.79 -26.03
C ILE C 778 -40.44 -9.51 -25.28
N ILE C 779 -40.58 -10.83 -25.13
CA ILE C 779 -39.60 -11.55 -24.32
C ILE C 779 -38.46 -12.03 -25.21
N GLY C 780 -38.79 -12.87 -26.18
CA GLY C 780 -37.79 -13.40 -27.08
C GLY C 780 -38.31 -13.37 -28.49
N CYS C 781 -37.44 -13.71 -29.42
CA CYS C 781 -37.81 -13.83 -30.82
C CYS C 781 -37.03 -14.99 -31.42
N GLY C 782 -37.73 -15.88 -32.13
CA GLY C 782 -37.08 -16.95 -32.85
C GLY C 782 -37.24 -16.73 -34.34
N TRP C 783 -36.67 -17.68 -35.09
CA TRP C 783 -36.91 -17.80 -36.52
C TRP C 783 -36.48 -19.20 -36.91
N GLU C 784 -37.11 -19.72 -37.97
CA GLU C 784 -36.62 -20.93 -38.59
C GLU C 784 -36.38 -20.65 -40.06
N GLY C 785 -35.94 -21.67 -40.77
CA GLY C 785 -35.68 -21.48 -42.18
C GLY C 785 -34.66 -22.44 -42.74
N ASN C 786 -34.77 -22.71 -44.03
CA ASN C 786 -33.83 -23.58 -44.73
C ASN C 786 -32.49 -22.87 -44.83
N TYR C 787 -31.42 -23.57 -44.46
CA TYR C 787 -30.08 -23.06 -44.65
C TYR C 787 -29.30 -24.02 -45.51
N LEU C 788 -28.64 -23.50 -46.54
CA LEU C 788 -27.87 -24.34 -47.44
C LEU C 788 -26.66 -23.54 -47.89
N ARG C 789 -25.52 -23.78 -47.25
CA ARG C 789 -24.26 -23.27 -47.74
C ARG C 789 -23.60 -24.38 -48.56
N ARG C 790 -23.32 -24.09 -49.82
CA ARG C 790 -22.78 -25.10 -50.71
C ARG C 790 -21.33 -25.40 -50.37
N SER C 791 -20.53 -24.34 -50.28
CA SER C 791 -19.12 -24.42 -49.96
C SER C 791 -18.96 -24.74 -48.48
N SER C 792 -18.73 -26.02 -48.18
CA SER C 792 -18.61 -26.46 -46.79
C SER C 792 -17.34 -25.87 -46.19
N GLY C 793 -17.51 -24.86 -45.36
CA GLY C 793 -16.41 -23.99 -44.99
C GLY C 793 -15.44 -24.60 -44.00
N ILE C 794 -14.40 -23.80 -43.72
CA ILE C 794 -13.32 -24.09 -42.78
C ILE C 794 -12.60 -25.40 -43.11
N LEU D 3 -14.90 -28.26 -50.74
CA LEU D 3 -14.92 -26.89 -51.17
C LEU D 3 -15.19 -26.04 -49.94
N ILE D 4 -14.22 -25.22 -49.54
CA ILE D 4 -14.34 -24.47 -48.30
C ILE D 4 -14.51 -23.01 -48.61
N SER D 5 -14.82 -22.24 -47.57
CA SER D 5 -15.05 -20.81 -47.68
C SER D 5 -15.05 -20.19 -46.30
N GLN D 6 -14.59 -18.95 -46.22
CA GLN D 6 -14.67 -18.23 -44.96
C GLN D 6 -14.70 -16.75 -45.24
N SER D 7 -15.33 -16.02 -44.33
CA SER D 7 -15.49 -14.59 -44.49
C SER D 7 -14.64 -13.88 -43.44
N ILE D 8 -13.92 -12.86 -43.90
CA ILE D 8 -13.17 -11.99 -43.01
C ILE D 8 -14.11 -10.87 -42.62
N LYS D 9 -14.52 -10.84 -41.35
CA LYS D 9 -15.65 -10.03 -40.95
C LYS D 9 -15.32 -8.55 -40.93
N ASN D 10 -14.13 -8.20 -40.46
CA ASN D 10 -13.70 -6.82 -40.36
C ASN D 10 -12.58 -6.59 -41.34
N LEU D 11 -12.13 -5.35 -41.45
CA LEU D 11 -10.89 -5.03 -42.13
C LEU D 11 -10.00 -4.10 -41.33
N LYS D 12 -9.94 -4.30 -40.02
CA LYS D 12 -9.14 -3.48 -39.13
C LYS D 12 -7.98 -4.29 -38.53
N GLY D 13 -6.77 -4.07 -39.04
CA GLY D 13 -6.51 -3.19 -40.16
C GLY D 13 -5.04 -2.95 -40.39
N GLY D 14 -4.73 -2.36 -41.52
CA GLY D 14 -3.42 -1.78 -41.71
C GLY D 14 -2.41 -2.73 -42.30
N ILE D 15 -1.17 -2.24 -42.33
CA ILE D 15 -0.05 -2.99 -42.88
C ILE D 15 0.24 -4.15 -41.95
N SER D 16 0.78 -5.22 -42.51
CA SER D 16 1.41 -6.26 -41.70
C SER D 16 2.55 -6.81 -42.51
N GLN D 17 3.76 -6.32 -42.26
CA GLN D 17 4.93 -6.77 -42.99
C GLN D 17 5.44 -8.12 -42.54
N GLN D 18 4.80 -8.71 -41.52
CA GLN D 18 4.98 -10.10 -41.20
C GLN D 18 4.49 -10.95 -42.37
N PRO D 19 5.17 -12.06 -42.70
CA PRO D 19 4.76 -12.87 -43.86
C PRO D 19 3.40 -13.51 -43.69
N ASP D 20 2.73 -13.73 -44.82
CA ASP D 20 1.28 -13.89 -44.86
C ASP D 20 0.79 -15.20 -44.28
N ILE D 21 1.67 -16.16 -44.05
CA ILE D 21 1.24 -17.39 -43.41
C ILE D 21 1.29 -17.22 -41.89
N LEU D 22 1.85 -16.11 -41.43
CA LEU D 22 1.87 -15.84 -40.00
C LEU D 22 0.76 -14.88 -39.61
N ARG D 23 0.44 -13.92 -40.48
CA ARG D 23 -0.35 -12.77 -40.06
C ARG D 23 -1.81 -13.14 -39.85
N TYR D 24 -2.52 -12.25 -39.17
CA TYR D 24 -3.92 -12.44 -38.90
C TYR D 24 -4.73 -12.13 -40.15
N PRO D 25 -6.02 -12.46 -40.17
CA PRO D 25 -6.92 -11.74 -41.07
C PRO D 25 -7.17 -10.35 -40.50
N ASP D 26 -7.85 -9.52 -41.30
CA ASP D 26 -8.10 -8.08 -41.20
C ASP D 26 -6.87 -7.28 -41.59
N GLN D 27 -5.73 -7.91 -41.84
CA GLN D 27 -4.47 -7.21 -42.04
C GLN D 27 -4.05 -7.29 -43.50
N GLY D 28 -4.15 -6.17 -44.21
CA GLY D 28 -3.72 -6.12 -45.59
C GLY D 28 -2.22 -5.98 -45.68
N SER D 29 -1.72 -6.06 -46.91
CA SER D 29 -0.29 -5.98 -47.12
C SER D 29 0.15 -4.57 -47.48
N ARG D 30 -0.72 -3.76 -48.08
CA ARG D 30 -0.48 -2.33 -48.07
C ARG D 30 -1.81 -1.61 -48.03
N GLN D 31 -1.75 -0.36 -47.60
CA GLN D 31 -2.94 0.47 -47.39
C GLN D 31 -2.54 1.93 -47.38
N VAL D 32 -3.07 2.68 -48.34
CA VAL D 32 -2.77 4.09 -48.51
C VAL D 32 -4.10 4.83 -48.49
N ASN D 33 -4.16 5.93 -47.73
CA ASN D 33 -5.32 6.83 -47.63
C ASN D 33 -6.55 6.12 -47.09
N GLY D 34 -6.35 5.08 -46.30
CA GLY D 34 -7.46 4.34 -45.73
C GLY D 34 -7.80 4.83 -44.33
N TRP D 35 -9.05 4.63 -43.94
CA TRP D 35 -9.52 5.02 -42.62
C TRP D 35 -10.36 3.88 -42.04
N SER D 36 -9.70 2.97 -41.35
CA SER D 36 -10.35 1.79 -40.78
C SER D 36 -11.10 2.20 -39.52
N SER D 37 -12.38 2.54 -39.67
CA SER D 37 -13.16 2.97 -38.53
C SER D 37 -13.63 1.76 -37.71
N GLU D 38 -14.41 2.05 -36.68
CA GLU D 38 -14.88 0.99 -35.80
C GLU D 38 -16.00 0.19 -36.44
N THR D 39 -17.09 0.86 -36.82
CA THR D 39 -18.24 0.17 -37.40
C THR D 39 -18.09 -0.03 -38.89
N GLU D 40 -17.96 1.05 -39.65
CA GLU D 40 -17.55 0.94 -41.04
C GLU D 40 -16.10 0.54 -41.09
N GLY D 41 -15.74 -0.17 -42.13
CA GLY D 41 -14.39 -0.65 -42.26
C GLY D 41 -13.52 0.38 -42.95
N LEU D 42 -12.95 -0.02 -44.07
CA LEU D 42 -12.13 0.85 -44.88
C LEU D 42 -12.94 2.00 -45.44
N GLN D 43 -12.40 3.20 -45.32
CA GLN D 43 -12.96 4.39 -45.94
C GLN D 43 -11.81 5.17 -46.55
N LYS D 44 -12.15 6.11 -47.41
CA LYS D 44 -11.18 7.13 -47.80
C LYS D 44 -11.00 8.11 -46.65
N ARG D 45 -9.78 8.60 -46.48
CA ARG D 45 -9.56 9.67 -45.52
C ARG D 45 -10.26 10.94 -46.03
N PRO D 46 -10.83 11.73 -45.13
CA PRO D 46 -11.56 12.94 -45.56
C PRO D 46 -10.60 13.98 -46.09
N PRO D 47 -11.05 14.84 -47.02
CA PRO D 47 -10.12 15.62 -47.83
C PRO D 47 -9.51 16.82 -47.13
N LEU D 48 -8.63 17.49 -47.84
CA LEU D 48 -8.02 18.67 -47.29
C LEU D 48 -8.68 19.90 -47.86
N VAL D 49 -9.39 20.61 -47.00
CA VAL D 49 -9.90 21.89 -47.39
C VAL D 49 -8.72 22.84 -47.41
N PHE D 50 -8.83 23.94 -48.14
CA PHE D 50 -7.65 24.75 -48.43
C PHE D 50 -7.27 25.93 -47.52
N LEU D 51 -8.01 26.19 -46.48
CA LEU D 51 -7.76 27.46 -45.86
C LEU D 51 -6.34 27.44 -45.38
N ASN D 52 -5.46 28.23 -45.99
CA ASN D 52 -5.66 28.73 -47.31
C ASN D 52 -4.35 28.66 -48.08
N THR D 53 -3.40 29.52 -47.77
CA THR D 53 -2.05 29.28 -48.23
C THR D 53 -1.19 30.24 -47.46
N LEU D 54 0.11 29.99 -47.35
CA LEU D 54 0.96 30.97 -46.68
C LEU D 54 2.35 31.23 -47.22
N GLY D 55 2.72 30.62 -48.33
CA GLY D 55 4.13 30.58 -48.65
C GLY D 55 4.67 30.19 -50.00
N ASP D 56 5.98 30.34 -50.08
CA ASP D 56 6.83 29.67 -51.03
C ASP D 56 7.62 28.72 -50.17
N ASN D 57 7.77 27.47 -50.58
CA ASN D 57 8.76 26.57 -49.98
C ASN D 57 10.00 27.29 -49.48
N LEU D 60 8.67 29.98 -45.72
CA LEU D 60 8.72 29.33 -44.42
C LEU D 60 10.00 28.58 -44.26
N GLY D 61 10.31 28.20 -43.03
CA GLY D 61 11.61 27.64 -42.73
C GLY D 61 11.71 26.39 -43.56
N GLN D 62 12.90 26.05 -44.01
CA GLN D 62 13.04 24.87 -44.84
C GLN D 62 12.67 23.61 -44.09
N ALA D 63 13.15 23.47 -42.86
CA ALA D 63 12.67 22.43 -41.97
C ALA D 63 12.44 23.08 -40.64
N PRO D 64 11.11 23.27 -40.25
CA PRO D 64 10.96 24.10 -39.06
C PRO D 64 10.42 23.30 -37.94
N TYR D 65 10.35 23.92 -36.78
CA TYR D 65 9.69 23.37 -35.60
C TYR D 65 8.36 24.09 -35.44
N ILE D 66 7.27 23.37 -35.62
CA ILE D 66 5.93 23.95 -35.60
C ILE D 66 5.15 23.35 -34.45
N HIS D 67 4.60 24.21 -33.60
CA HIS D 67 3.89 23.81 -32.39
C HIS D 67 2.79 24.82 -32.13
N LEU D 68 1.54 24.36 -32.00
CA LEU D 68 0.41 25.28 -31.91
C LEU D 68 0.23 25.79 -30.49
N ILE D 69 -0.67 26.75 -30.35
CA ILE D 69 -1.15 27.24 -29.07
C ILE D 69 -2.67 27.14 -29.09
N ASN D 70 -3.25 26.53 -28.07
CA ASN D 70 -4.69 26.30 -28.03
C ASN D 70 -5.22 26.80 -26.70
N ARG D 71 -5.53 28.10 -26.64
CA ARG D 71 -5.98 28.70 -25.39
C ARG D 71 -7.49 28.66 -25.24
N ASP D 72 -8.24 29.27 -26.15
CA ASP D 72 -9.70 29.27 -26.09
C ASP D 72 -10.27 28.78 -27.42
N GLU D 73 -11.57 28.88 -27.58
CA GLU D 73 -12.18 28.55 -28.85
C GLU D 73 -11.96 29.63 -29.89
N HIS D 74 -11.78 30.88 -29.45
CA HIS D 74 -11.50 31.98 -30.35
C HIS D 74 -10.00 32.26 -30.40
N GLU D 75 -9.24 31.49 -29.65
CA GLU D 75 -7.84 31.81 -29.39
C GLU D 75 -7.01 30.54 -29.65
N GLN D 76 -6.64 30.36 -30.92
CA GLN D 76 -5.99 29.14 -31.39
C GLN D 76 -5.01 29.53 -32.49
N TYR D 77 -3.73 29.64 -32.15
CA TYR D 77 -2.73 30.08 -33.11
C TYR D 77 -1.65 29.02 -33.25
N TYR D 78 -0.77 29.23 -34.24
CA TYR D 78 0.41 28.40 -34.44
C TYR D 78 1.66 29.08 -33.87
N ALA D 79 2.79 28.41 -34.05
CA ALA D 79 4.12 29.01 -33.86
C ALA D 79 5.09 28.22 -34.72
N VAL D 80 5.58 28.85 -35.79
CA VAL D 80 6.51 28.21 -36.72
C VAL D 80 7.89 28.72 -36.36
N PHE D 81 8.79 27.82 -35.98
CA PHE D 81 10.13 28.23 -35.58
C PHE D 81 11.10 27.89 -36.72
N THR D 82 11.22 28.84 -37.64
CA THR D 82 12.10 28.64 -38.77
C THR D 82 13.55 28.80 -38.35
N GLY D 83 14.44 28.62 -39.33
CA GLY D 83 15.85 28.86 -39.08
C GLY D 83 16.17 30.34 -38.88
N SER D 84 15.33 31.21 -39.45
CA SER D 84 15.55 32.64 -39.30
C SER D 84 14.89 33.16 -38.03
N GLY D 85 13.58 33.00 -37.91
CA GLY D 85 12.89 33.57 -36.76
C GLY D 85 11.50 33.01 -36.57
N ILE D 86 10.80 33.59 -35.59
CA ILE D 86 9.47 33.15 -35.22
C ILE D 86 8.48 33.64 -36.26
N ARG D 87 7.56 32.76 -36.69
CA ARG D 87 6.44 33.15 -37.52
C ARG D 87 5.19 32.47 -37.00
N VAL D 88 4.10 33.23 -36.93
CA VAL D 88 2.85 32.77 -36.32
C VAL D 88 1.72 32.92 -37.32
N PHE D 89 1.04 31.81 -37.59
CA PHE D 89 -0.20 31.80 -38.33
C PHE D 89 -1.35 31.59 -37.35
N ASP D 90 -2.56 31.91 -37.79
CA ASP D 90 -3.72 31.52 -37.01
C ASP D 90 -4.23 30.17 -37.49
N LEU D 91 -5.45 29.83 -37.07
CA LEU D 91 -6.10 28.65 -37.59
C LEU D 91 -7.07 28.98 -38.71
N SER D 92 -6.85 30.11 -39.38
CA SER D 92 -7.49 30.43 -40.64
C SER D 92 -6.44 30.70 -41.71
N GLY D 93 -5.17 30.81 -41.32
CA GLY D 93 -4.08 30.75 -42.25
C GLY D 93 -3.37 32.03 -42.62
N ASN D 94 -3.77 33.17 -42.08
CA ASN D 94 -3.09 34.42 -42.40
C ASN D 94 -2.03 34.72 -41.34
N GLU D 95 -1.01 35.48 -41.74
CA GLU D 95 0.10 35.75 -40.85
C GLU D 95 -0.29 36.78 -39.80
N LYS D 96 0.30 36.65 -38.61
CA LYS D 96 0.22 37.68 -37.59
C LYS D 96 1.64 37.97 -37.10
N GLN D 97 1.87 39.23 -36.77
CA GLN D 97 3.21 39.76 -36.58
C GLN D 97 3.78 39.35 -35.24
N VAL D 98 5.08 39.09 -35.21
CA VAL D 98 5.83 38.95 -33.99
C VAL D 98 6.84 40.07 -33.95
N ARG D 99 7.37 40.37 -32.77
CA ARG D 99 8.32 41.45 -32.61
C ARG D 99 9.49 40.97 -31.78
N TYR D 100 10.67 41.52 -32.06
CA TYR D 100 11.89 41.20 -31.34
C TYR D 100 12.38 42.47 -30.66
N PRO D 101 11.84 42.79 -29.49
CA PRO D 101 12.28 44.01 -28.80
C PRO D 101 13.66 43.86 -28.17
N ASN D 102 14.16 42.63 -28.06
CA ASN D 102 15.40 42.36 -27.37
C ASN D 102 16.39 41.59 -28.24
N GLY D 103 16.21 41.64 -29.56
CA GLY D 103 17.04 40.86 -30.46
C GLY D 103 16.56 39.42 -30.52
N SER D 104 16.79 38.77 -31.66
CA SER D 104 16.40 37.37 -31.70
C SER D 104 17.46 36.55 -31.00
N ASN D 105 18.62 36.37 -31.64
CA ASN D 105 19.85 35.77 -31.12
C ASN D 105 19.64 34.38 -30.47
N TYR D 106 18.47 33.77 -30.63
CA TYR D 106 18.11 32.59 -29.86
C TYR D 106 17.42 31.55 -30.72
N ILE D 107 16.86 31.97 -31.86
CA ILE D 107 16.12 31.08 -32.74
C ILE D 107 16.97 30.73 -33.95
N LYS D 108 18.03 31.48 -34.22
CA LYS D 108 18.92 31.23 -35.34
C LYS D 108 19.68 29.93 -35.09
N THR D 109 19.23 28.87 -35.75
CA THR D 109 19.74 27.53 -35.55
C THR D 109 19.65 26.81 -36.88
N ALA D 110 20.66 26.00 -37.19
CA ALA D 110 20.62 25.18 -38.41
C ALA D 110 19.54 24.13 -38.34
N ASN D 111 19.33 23.53 -37.16
CA ASN D 111 18.33 22.47 -37.00
C ASN D 111 17.36 22.87 -35.90
N PRO D 112 16.30 23.59 -36.24
CA PRO D 112 15.36 24.04 -35.20
C PRO D 112 14.44 22.94 -34.70
N ARG D 113 14.38 21.81 -35.41
CA ARG D 113 13.64 20.67 -34.89
C ARG D 113 14.39 20.02 -33.75
N ASN D 114 15.68 19.78 -33.93
CA ASN D 114 16.48 19.04 -32.97
C ASN D 114 16.91 19.89 -31.79
N ASP D 115 16.66 21.21 -31.82
CA ASP D 115 17.28 22.10 -30.86
C ASP D 115 16.34 23.07 -30.18
N LEU D 116 15.12 23.24 -30.67
CA LEU D 116 14.19 24.15 -30.02
C LEU D 116 13.04 23.37 -29.38
N ARG D 117 12.55 23.91 -28.27
CA ARG D 117 11.45 23.31 -27.54
C ARG D 117 10.40 24.38 -27.26
N MET D 118 9.19 23.95 -26.98
CA MET D 118 8.13 24.89 -26.63
C MET D 118 7.18 24.23 -25.65
N VAL D 119 7.21 24.67 -24.40
CA VAL D 119 6.26 24.26 -23.42
C VAL D 119 5.26 25.39 -23.22
N THR D 120 3.98 25.07 -23.26
CA THR D 120 2.96 26.10 -23.41
C THR D 120 1.86 25.91 -22.38
N VAL D 121 1.60 26.96 -21.60
CA VAL D 121 0.47 27.02 -20.69
C VAL D 121 -0.29 28.29 -21.06
N ALA D 122 -1.47 28.50 -20.45
CA ALA D 122 -2.31 29.64 -20.82
C ALA D 122 -1.68 30.97 -20.40
N ASP D 123 -0.83 30.96 -19.39
CA ASP D 123 -0.21 32.19 -18.94
C ASP D 123 1.09 32.50 -19.67
N TYR D 124 1.86 31.49 -20.03
CA TYR D 124 3.17 31.69 -20.64
C TYR D 124 3.42 30.63 -21.70
N THR D 125 4.15 31.02 -22.74
CA THR D 125 4.52 30.14 -23.83
C THR D 125 6.04 30.09 -23.89
N PHE D 126 6.63 29.14 -23.19
CA PHE D 126 8.08 29.04 -23.06
C PHE D 126 8.69 28.59 -24.37
N ILE D 127 9.85 29.16 -24.70
CA ILE D 127 10.60 28.78 -25.89
C ILE D 127 12.03 28.51 -25.47
N VAL D 128 12.48 27.28 -25.69
CA VAL D 128 13.72 26.78 -25.13
C VAL D 128 14.67 26.44 -26.26
N ASN D 129 15.83 27.07 -26.29
CA ASN D 129 16.91 26.59 -27.14
C ASN D 129 17.73 25.59 -26.35
N ARG D 130 18.16 24.52 -27.02
CA ARG D 130 18.92 23.49 -26.34
C ARG D 130 20.41 23.65 -26.59
N ASN D 131 20.78 24.41 -27.61
CA ASN D 131 22.20 24.61 -27.90
C ASN D 131 22.82 25.60 -26.94
N VAL D 132 22.07 26.63 -26.56
CA VAL D 132 22.64 27.71 -25.77
C VAL D 132 22.80 27.24 -24.33
N VAL D 133 23.88 27.71 -23.69
CA VAL D 133 24.17 27.41 -22.31
C VAL D 133 24.13 28.72 -21.53
N ALA D 134 23.58 28.68 -20.33
CA ALA D 134 23.30 29.88 -19.55
C ALA D 134 24.36 30.06 -18.48
N GLN D 135 24.95 31.24 -18.44
CA GLN D 135 26.02 31.56 -17.50
C GLN D 135 25.58 32.61 -16.52
N LYS D 136 26.43 32.88 -15.55
CA LYS D 136 26.30 34.08 -14.75
C LYS D 136 26.98 35.23 -15.47
N ASN D 137 26.51 36.45 -15.24
CA ASN D 137 27.12 37.63 -15.83
C ASN D 137 27.97 38.34 -14.78
N THR D 138 29.19 38.71 -15.17
CA THR D 138 30.13 39.27 -14.20
C THR D 138 29.94 40.77 -14.05
N LYS D 139 28.98 41.36 -14.76
CA LYS D 139 28.85 42.82 -14.76
C LYS D 139 28.16 43.30 -13.49
N SER D 140 27.04 42.68 -13.13
CA SER D 140 26.25 43.12 -11.99
C SER D 140 26.57 42.27 -10.77
N VAL D 141 27.40 42.80 -9.88
CA VAL D 141 27.68 42.18 -8.59
C VAL D 141 27.01 43.04 -7.53
N ASN D 142 27.05 42.59 -6.28
CA ASN D 142 26.49 43.36 -5.19
C ASN D 142 27.44 44.46 -4.76
N LEU D 143 28.63 44.09 -4.29
CA LEU D 143 29.68 45.03 -3.97
C LEU D 143 30.90 44.68 -4.81
N PRO D 144 31.63 45.69 -5.32
CA PRO D 144 32.71 45.40 -6.29
C PRO D 144 33.88 44.62 -5.71
N ASN D 145 34.51 45.12 -4.66
CA ASN D 145 35.59 44.38 -3.99
C ASN D 145 35.20 44.02 -2.57
N TYR D 146 34.92 45.04 -1.74
CA TYR D 146 34.53 44.91 -0.34
C TYR D 146 35.52 44.05 0.44
N ASN D 147 36.73 44.58 0.63
CA ASN D 147 37.56 44.06 1.69
C ASN D 147 36.79 44.20 3.00
N PRO D 148 36.38 43.10 3.64
CA PRO D 148 35.43 43.21 4.76
C PRO D 148 36.02 43.82 6.02
N ASN D 149 37.33 44.09 6.02
CA ASN D 149 37.93 44.81 7.13
C ASN D 149 37.64 46.31 7.04
N GLN D 150 37.35 46.81 5.85
CA GLN D 150 37.46 48.26 5.61
C GLN D 150 36.27 49.09 6.10
N ASP D 151 35.79 48.79 7.32
CA ASP D 151 35.06 49.64 8.27
C ASP D 151 34.67 48.81 9.49
N GLY D 152 34.15 49.46 10.51
CA GLY D 152 33.60 48.76 11.65
C GLY D 152 34.05 49.34 12.99
N LEU D 153 33.23 49.07 14.01
CA LEU D 153 32.67 50.12 14.82
C LEU D 153 32.78 49.77 16.30
N ILE D 154 32.79 50.79 17.15
CA ILE D 154 32.92 50.58 18.59
C ILE D 154 31.82 51.32 19.31
N ASN D 155 30.78 50.59 19.71
CA ASN D 155 29.66 51.19 20.44
C ASN D 155 30.07 51.48 21.88
N VAL D 156 29.60 52.61 22.38
CA VAL D 156 29.92 53.07 23.72
C VAL D 156 28.64 53.08 24.56
N ARG D 157 28.75 52.59 25.80
CA ARG D 157 27.63 52.51 26.72
C ARG D 157 28.10 52.81 28.14
N GLY D 158 28.03 54.08 28.53
CA GLY D 158 28.13 54.50 29.94
C GLY D 158 29.41 54.12 30.67
N GLY D 159 30.54 54.72 30.31
CA GLY D 159 31.79 54.35 30.94
C GLY D 159 31.89 54.88 32.37
N GLN D 160 31.94 53.96 33.33
CA GLN D 160 32.03 54.36 34.72
C GLN D 160 33.46 54.67 35.11
N TYR D 161 33.64 54.97 36.39
CA TYR D 161 34.79 55.74 36.86
C TYR D 161 36.02 54.86 37.03
N GLY D 162 37.12 55.30 36.42
CA GLY D 162 38.42 54.66 36.61
C GLY D 162 38.68 53.46 35.73
N ARG D 163 38.34 53.55 34.44
CA ARG D 163 38.48 52.44 33.51
C ARG D 163 39.17 52.94 32.25
N GLU D 164 40.42 52.52 32.05
CA GLU D 164 41.19 52.96 30.90
C GLU D 164 40.64 52.31 29.63
N LEU D 165 40.14 53.16 28.74
CA LEU D 165 39.63 52.72 27.44
C LEU D 165 40.69 53.04 26.39
N ILE D 166 41.20 52.02 25.72
CA ILE D 166 42.09 52.21 24.58
C ILE D 166 41.44 51.57 23.37
N VAL D 167 41.87 51.96 22.18
CA VAL D 167 41.50 51.29 20.94
C VAL D 167 42.77 50.82 20.26
N HIS D 168 42.86 49.52 19.98
CA HIS D 168 44.11 48.89 19.61
C HIS D 168 44.22 48.67 18.10
N ILE D 169 43.75 49.63 17.30
CA ILE D 169 43.83 49.51 15.85
C ILE D 169 45.28 49.59 15.41
N ASN D 170 45.68 48.70 14.51
CA ASN D 170 46.98 48.63 13.83
C ASN D 170 48.09 48.37 14.84
N GLY D 171 47.78 47.72 15.97
CA GLY D 171 48.75 47.39 16.99
C GLY D 171 49.01 48.48 18.00
N LYS D 172 48.85 49.74 17.62
CA LYS D 172 49.21 50.88 18.46
C LYS D 172 48.09 51.17 19.46
N ASP D 173 48.49 51.67 20.63
CA ASP D 173 47.52 52.10 21.62
C ASP D 173 46.97 53.47 21.24
N VAL D 174 45.77 53.46 20.65
CA VAL D 174 45.15 54.67 20.13
C VAL D 174 43.93 54.94 21.01
N ALA D 175 43.59 56.22 21.15
CA ALA D 175 42.40 56.72 21.88
C ALA D 175 42.42 56.29 23.34
N LYS D 176 43.41 56.79 24.09
CA LYS D 176 43.57 56.47 25.50
C LYS D 176 42.81 57.46 26.38
N TYR D 177 41.90 56.96 27.22
CA TYR D 177 41.26 57.78 28.24
C TYR D 177 40.68 56.87 29.33
N LYS D 178 40.79 57.31 30.58
CA LYS D 178 40.08 56.69 31.68
C LYS D 178 39.07 57.68 32.22
N ILE D 179 37.89 57.18 32.57
CA ILE D 179 36.86 58.06 33.13
C ILE D 179 37.24 58.36 34.57
N PRO D 180 37.42 59.62 34.94
CA PRO D 180 38.01 59.95 36.25
C PRO D 180 37.10 59.62 37.42
N ASP D 181 37.76 59.35 38.56
CA ASP D 181 37.13 59.01 39.85
C ASP D 181 36.12 60.08 40.26
N GLY D 182 34.98 59.63 40.78
CA GLY D 182 33.87 60.52 41.07
C GLY D 182 34.10 61.30 42.35
N SER D 183 34.42 62.58 42.19
CA SER D 183 34.37 63.54 43.27
C SER D 183 33.68 64.79 42.75
N GLN D 184 32.38 64.88 43.02
CA GLN D 184 31.37 64.50 42.03
C GLN D 184 31.13 65.33 40.76
N PRO D 185 31.04 66.70 40.79
CA PRO D 185 30.18 67.39 39.81
C PRO D 185 30.57 67.29 38.33
N GLU D 186 31.86 67.38 38.00
CA GLU D 186 32.26 67.26 36.60
C GLU D 186 32.31 65.81 36.17
N HIS D 187 32.30 64.87 37.12
CA HIS D 187 32.53 63.47 36.79
C HIS D 187 31.23 62.79 36.39
N VAL D 188 30.09 63.31 36.85
CA VAL D 188 28.82 62.66 36.55
C VAL D 188 28.35 63.06 35.16
N ASN D 189 28.76 64.24 34.70
CA ASN D 189 28.58 64.60 33.30
C ASN D 189 29.56 63.83 32.41
N ASN D 190 30.61 63.27 33.03
CA ASN D 190 31.68 62.60 32.30
C ASN D 190 31.33 61.14 32.04
N THR D 191 30.55 60.51 32.92
CA THR D 191 30.39 59.06 32.88
C THR D 191 29.50 58.59 31.74
N ASP D 192 28.94 59.51 30.95
CA ASP D 192 28.08 59.14 29.84
C ASP D 192 28.86 58.54 28.67
N ALA D 193 28.13 57.95 27.72
CA ALA D 193 28.78 57.41 26.52
C ALA D 193 28.94 58.48 25.46
N GLN D 194 28.10 59.52 25.50
CA GLN D 194 28.08 60.46 24.40
C GLN D 194 29.28 61.40 24.43
N TRP D 195 29.65 61.87 25.64
CA TRP D 195 30.82 62.74 25.73
C TRP D 195 32.09 61.99 25.42
N LEU D 196 32.13 60.69 25.76
CA LEU D 196 33.26 59.85 25.37
C LEU D 196 33.28 59.60 23.87
N ALA D 197 32.12 59.65 23.22
CA ALA D 197 32.00 59.28 21.82
C ALA D 197 32.73 60.28 20.91
N GLU D 198 32.88 61.51 21.37
CA GLU D 198 33.78 62.42 20.66
C GLU D 198 35.15 62.47 21.31
N GLU D 199 35.23 62.21 22.62
CA GLU D 199 36.51 62.26 23.32
C GLU D 199 37.42 61.12 22.87
N LEU D 200 36.86 59.93 22.67
CA LEU D 200 37.63 58.83 22.09
C LEU D 200 37.96 59.13 20.64
N ALA D 201 37.02 59.75 19.91
CA ALA D 201 37.17 59.90 18.47
C ALA D 201 38.14 61.04 18.11
N LYS D 202 38.24 62.05 18.97
CA LYS D 202 39.09 63.19 18.64
C LYS D 202 40.57 62.84 18.77
N GLN D 203 40.89 61.79 19.53
CA GLN D 203 42.27 61.32 19.58
C GLN D 203 42.57 60.43 18.38
N MET D 204 41.57 59.72 17.87
CA MET D 204 41.76 58.90 16.68
C MET D 204 41.79 59.76 15.42
N ARG D 205 41.37 61.02 15.51
CA ARG D 205 41.58 61.95 14.41
C ARG D 205 43.00 62.49 14.43
N THR D 206 43.64 62.49 15.60
CA THR D 206 45.03 62.90 15.67
C THR D 206 45.96 61.76 15.27
N ASN D 207 45.67 60.54 15.73
CA ASN D 207 46.53 59.39 15.50
C ASN D 207 45.99 58.59 14.32
N LEU D 208 46.85 58.39 13.31
CA LEU D 208 46.61 57.60 12.08
C LEU D 208 45.33 57.99 11.34
N SER D 209 44.82 59.22 11.51
CA SER D 209 45.16 60.53 10.89
C SER D 209 45.05 60.56 9.36
N ASP D 210 44.55 59.51 8.72
CA ASP D 210 44.49 59.49 7.27
C ASP D 210 43.07 59.26 6.79
N TRP D 211 42.13 59.11 7.73
CA TRP D 211 40.75 58.77 7.44
C TRP D 211 39.84 59.46 8.45
N THR D 212 38.57 59.63 8.08
CA THR D 212 37.67 60.48 8.85
C THR D 212 36.76 59.65 9.76
N VAL D 213 36.33 60.26 10.86
CA VAL D 213 35.56 59.60 11.90
C VAL D 213 34.20 60.29 11.99
N ASN D 214 33.14 59.51 12.22
CA ASN D 214 31.83 60.05 12.53
C ASN D 214 31.09 59.17 13.54
N VAL D 215 30.25 59.77 14.38
CA VAL D 215 29.57 59.08 15.47
C VAL D 215 28.08 59.47 15.50
N GLY D 216 27.20 58.47 15.47
CA GLY D 216 25.82 58.82 15.81
C GLY D 216 25.06 57.86 16.72
N GLN D 217 24.90 58.27 17.99
CA GLN D 217 24.13 57.70 19.10
C GLN D 217 24.58 56.32 19.58
N GLY D 218 24.75 55.42 18.62
CA GLY D 218 25.91 54.70 18.19
C GLY D 218 27.16 54.25 18.89
N PHE D 219 28.22 54.71 18.25
CA PHE D 219 29.40 53.94 17.91
C PHE D 219 30.60 54.85 17.86
N ILE D 220 31.69 54.31 17.29
CA ILE D 220 32.72 55.07 16.61
C ILE D 220 32.99 54.35 15.30
N HIS D 221 32.57 54.96 14.18
CA HIS D 221 32.61 54.31 12.87
C HIS D 221 34.01 54.46 12.29
N VAL D 222 34.90 53.58 12.69
CA VAL D 222 36.22 53.50 12.09
C VAL D 222 36.10 52.98 10.66
N THR D 223 36.75 53.67 9.72
CA THR D 223 36.74 53.31 8.31
C THR D 223 38.01 53.82 7.61
N ALA D 224 38.75 52.89 7.03
CA ALA D 224 40.09 53.18 6.51
C ALA D 224 40.06 53.48 5.02
N PRO D 225 41.12 54.09 4.45
CA PRO D 225 41.20 54.17 2.98
C PRO D 225 41.63 52.86 2.35
N SER D 226 41.85 52.86 1.03
CA SER D 226 42.06 51.61 0.29
C SER D 226 43.39 50.95 0.64
N GLY D 227 44.35 51.72 1.16
CA GLY D 227 45.66 51.17 1.42
C GLY D 227 45.74 50.37 2.70
N GLN D 228 45.08 50.84 3.76
CA GLN D 228 45.21 50.27 5.10
C GLN D 228 43.91 49.58 5.48
N GLN D 229 43.98 48.61 6.39
CA GLN D 229 42.81 47.94 6.94
C GLN D 229 42.91 47.88 8.46
N ILE D 230 41.90 47.29 9.09
CA ILE D 230 41.65 47.38 10.52
C ILE D 230 42.12 46.10 11.21
N ASP D 231 43.20 45.49 10.69
CA ASP D 231 43.83 44.32 11.29
C ASP D 231 44.17 44.55 12.76
N SER D 232 44.04 43.46 13.53
CA SER D 232 44.25 43.42 14.99
C SER D 232 43.32 44.39 15.72
N PHE D 233 42.03 44.24 15.51
CA PHE D 233 41.04 45.19 16.02
C PHE D 233 40.48 44.73 17.35
N THR D 234 41.11 45.17 18.44
CA THR D 234 40.59 44.98 19.77
C THR D 234 40.43 46.34 20.43
N THR D 235 39.61 46.39 21.47
CA THR D 235 39.29 47.65 22.15
C THR D 235 38.96 47.35 23.61
N LYS D 236 39.90 47.70 24.50
CA LYS D 236 39.85 47.32 25.91
C LYS D 236 38.69 48.01 26.61
N ASP D 237 38.16 47.36 27.64
CA ASP D 237 36.88 47.78 28.20
C ASP D 237 36.99 48.28 29.63
N GLY D 238 37.97 47.80 30.38
CA GLY D 238 38.14 48.23 31.76
C GLY D 238 37.15 47.62 32.74
N TYR D 239 35.87 47.83 32.49
CA TYR D 239 34.78 47.14 33.17
C TYR D 239 34.56 45.80 32.45
N ALA D 240 33.43 45.15 32.66
CA ALA D 240 33.06 43.95 31.91
C ALA D 240 32.83 44.29 30.43
N ASP D 241 32.48 43.26 29.66
CA ASP D 241 32.26 43.39 28.22
C ASP D 241 31.09 44.31 27.88
N GLN D 242 30.19 44.57 28.82
CA GLN D 242 29.03 45.41 28.58
C GLN D 242 29.33 46.90 28.70
N LEU D 243 30.61 47.29 28.71
CA LEU D 243 30.96 48.70 28.80
C LEU D 243 31.08 49.30 27.41
N ILE D 244 32.05 48.83 26.62
CA ILE D 244 32.17 49.14 25.20
C ILE D 244 32.52 47.85 24.49
N ASN D 245 32.24 47.80 23.19
CA ASN D 245 32.50 46.58 22.42
C ASN D 245 33.08 46.92 21.06
N PRO D 246 34.23 46.38 20.72
CA PRO D 246 34.65 46.34 19.32
C PRO D 246 33.82 45.33 18.56
N VAL D 247 32.90 45.82 17.75
CA VAL D 247 32.04 44.95 16.96
C VAL D 247 32.33 45.16 15.49
N THR D 248 32.42 44.07 14.75
CA THR D 248 32.85 44.09 13.36
C THR D 248 31.77 43.57 12.43
N HIS D 249 32.14 43.28 11.18
CA HIS D 249 31.22 42.75 10.17
C HIS D 249 30.85 41.29 10.37
N TYR D 250 31.16 40.70 11.52
CA TYR D 250 30.91 39.29 11.79
C TYR D 250 30.41 39.15 13.22
N ALA D 251 29.12 38.93 13.39
CA ALA D 251 28.60 38.65 14.72
C ALA D 251 28.33 37.16 14.86
N GLN D 252 28.22 36.70 16.10
CA GLN D 252 28.06 35.28 16.36
C GLN D 252 26.62 34.90 16.66
N SER D 253 25.73 35.89 16.79
CA SER D 253 24.31 35.64 16.97
C SER D 253 23.57 36.89 16.52
N PHE D 254 22.24 36.76 16.40
CA PHE D 254 21.43 37.92 16.06
C PHE D 254 21.25 38.83 17.27
N SER D 255 21.27 38.27 18.48
CA SER D 255 21.09 39.07 19.67
C SER D 255 22.32 39.94 19.94
N LYS D 256 23.51 39.39 19.73
CA LYS D 256 24.74 40.17 19.84
C LYS D 256 24.92 40.96 18.55
N LEU D 257 24.39 42.18 18.54
CA LEU D 257 24.34 42.98 17.35
C LEU D 257 24.29 44.46 17.75
N PRO D 258 25.05 45.33 17.08
CA PRO D 258 25.14 46.72 17.55
C PRO D 258 23.85 47.48 17.31
N PRO D 259 23.52 48.46 18.16
CA PRO D 259 22.23 49.15 18.03
C PRO D 259 22.07 50.03 16.80
N ASN D 260 23.00 50.95 16.52
CA ASN D 260 22.81 51.85 15.39
C ASN D 260 23.47 51.27 14.15
N ALA D 261 24.82 51.17 14.11
CA ALA D 261 25.61 50.60 13.02
C ALA D 261 25.26 51.18 11.66
N PRO D 262 25.75 52.38 11.31
CA PRO D 262 25.03 53.29 10.40
C PRO D 262 24.82 52.74 9.00
N ASN D 263 23.94 53.43 8.26
CA ASN D 263 23.04 52.83 7.26
C ASN D 263 23.74 51.94 6.24
N GLY D 264 24.95 52.31 5.83
CA GLY D 264 25.67 51.47 4.88
C GLY D 264 26.55 50.43 5.53
N TYR D 265 25.96 49.38 6.12
CA TYR D 265 26.70 48.43 6.93
C TYR D 265 26.08 47.04 6.86
N MET D 266 26.92 46.02 6.84
CA MET D 266 26.50 44.63 6.72
C MET D 266 27.22 43.78 7.76
N VAL D 267 26.53 42.75 8.27
CA VAL D 267 27.12 41.77 9.18
C VAL D 267 26.87 40.38 8.64
N LYS D 268 27.92 39.57 8.57
CA LYS D 268 27.79 38.13 8.39
C LYS D 268 27.43 37.49 9.73
N ILE D 269 26.14 37.18 9.91
CA ILE D 269 25.74 36.40 11.07
C ILE D 269 26.21 34.97 10.88
N VAL D 270 27.03 34.49 11.81
CA VAL D 270 27.54 33.14 11.75
C VAL D 270 26.60 32.30 12.60
N GLY D 271 26.70 30.98 12.46
CA GLY D 271 25.81 30.10 13.20
C GLY D 271 26.07 30.16 14.70
N ASP D 272 24.99 30.00 15.47
CA ASP D 272 25.03 30.02 16.93
C ASP D 272 25.57 28.73 17.51
N ALA D 273 25.77 27.70 16.67
CA ALA D 273 26.13 26.33 17.04
C ALA D 273 25.12 25.74 18.02
N SER D 274 23.87 26.16 17.90
CA SER D 274 22.75 25.63 18.67
C SER D 274 21.61 25.14 17.80
N LYS D 275 21.42 25.75 16.65
CA LYS D 275 20.49 25.28 15.64
C LYS D 275 21.27 24.84 14.42
N SER D 276 20.61 24.06 13.56
CA SER D 276 21.19 23.68 12.29
C SER D 276 21.03 24.81 11.28
N ALA D 277 21.80 25.88 11.44
CA ALA D 277 21.59 27.10 10.69
C ALA D 277 22.79 27.38 9.81
N ASP D 278 22.54 28.01 8.66
CA ASP D 278 23.61 28.47 7.80
C ASP D 278 24.02 29.88 8.23
N GLN D 279 24.79 30.55 7.38
CA GLN D 279 25.43 31.81 7.74
C GLN D 279 24.88 32.91 6.84
N TYR D 280 23.80 33.52 7.29
CA TYR D 280 23.07 34.53 6.53
C TYR D 280 23.61 35.90 6.86
N TYR D 281 23.30 36.88 6.01
CA TYR D 281 23.78 38.25 6.17
C TYR D 281 22.56 39.14 6.39
N VAL D 282 22.76 40.29 7.03
CA VAL D 282 21.63 41.06 7.52
C VAL D 282 21.47 42.41 6.80
N ARG D 283 22.50 43.26 6.79
CA ARG D 283 22.48 44.57 6.12
C ARG D 283 21.39 45.52 6.62
N TYR D 284 21.64 46.14 7.77
CA TYR D 284 20.98 47.36 8.21
C TYR D 284 20.85 48.34 7.05
N ASP D 285 19.68 48.98 6.92
CA ASP D 285 19.35 49.66 5.67
C ASP D 285 18.84 51.07 5.93
N ALA D 286 18.88 51.51 7.17
CA ALA D 286 17.63 51.79 7.85
C ALA D 286 16.62 52.76 7.25
N GLU D 287 16.77 54.06 7.60
CA GLU D 287 15.69 55.04 7.80
C GLU D 287 14.65 54.62 8.85
N ARG D 288 14.85 53.45 9.48
CA ARG D 288 13.94 52.72 10.34
C ARG D 288 14.79 51.61 10.98
N LYS D 289 14.88 51.59 12.30
CA LYS D 289 15.91 50.78 12.96
C LYS D 289 15.56 49.30 12.91
N VAL D 290 16.08 48.62 11.88
CA VAL D 290 15.68 47.29 11.45
C VAL D 290 16.85 46.59 10.76
N TRP D 291 17.10 45.33 11.13
CA TRP D 291 18.05 44.48 10.45
C TRP D 291 17.29 43.49 9.57
N THR D 292 17.43 43.62 8.26
CA THR D 292 16.77 42.81 7.25
C THR D 292 17.61 41.57 6.93
N GLU D 293 17.37 40.93 5.80
CA GLU D 293 18.26 39.91 5.26
C GLU D 293 18.45 40.14 3.77
N THR D 294 19.71 40.27 3.33
CA THR D 294 20.00 40.64 1.95
C THR D 294 21.01 39.68 1.33
N LEU D 295 21.46 40.06 0.13
CA LEU D 295 22.43 39.29 -0.65
C LEU D 295 23.81 39.34 -0.02
N GLY D 296 24.64 38.36 -0.38
CA GLY D 296 26.06 38.40 -0.09
C GLY D 296 26.76 39.58 -0.72
N TRP D 297 27.93 39.92 -0.16
CA TRP D 297 28.60 41.13 -0.60
C TRP D 297 29.32 40.93 -1.93
N ASN D 298 29.98 39.79 -2.12
CA ASN D 298 30.84 39.66 -3.28
C ASN D 298 30.15 38.85 -4.36
N THR D 299 29.23 37.97 -3.97
CA THR D 299 28.56 37.14 -4.95
C THR D 299 27.59 37.98 -5.77
N GLU D 300 27.33 37.52 -6.98
CA GLU D 300 26.57 38.29 -7.95
C GLU D 300 25.21 37.68 -8.15
N ASP D 301 24.24 38.52 -8.51
CA ASP D 301 22.84 38.20 -8.27
C ASP D 301 22.21 37.43 -9.42
N GLN D 302 22.53 37.80 -10.66
CA GLN D 302 21.72 37.38 -11.79
C GLN D 302 22.47 36.43 -12.72
N VAL D 303 21.70 35.70 -13.50
CA VAL D 303 22.14 34.88 -14.61
C VAL D 303 22.41 35.79 -15.83
N LEU D 304 22.98 35.22 -16.91
CA LEU D 304 23.29 36.01 -18.09
C LEU D 304 22.03 36.51 -18.80
N TRP D 305 20.87 35.91 -18.51
CA TRP D 305 19.55 36.56 -18.50
C TRP D 305 19.00 36.80 -19.90
N GLU D 306 19.76 36.51 -20.94
CA GLU D 306 19.18 36.41 -22.27
C GLU D 306 19.25 34.97 -22.75
N THR D 307 20.28 34.24 -22.32
CA THR D 307 20.44 32.83 -22.67
C THR D 307 19.40 31.95 -21.99
N MET D 308 18.71 32.49 -21.00
CA MET D 308 17.60 31.80 -20.35
C MET D 308 16.44 31.63 -21.33
N PRO D 309 15.49 30.72 -21.08
CA PRO D 309 14.40 30.51 -22.05
C PRO D 309 13.45 31.69 -22.12
N HIS D 310 13.10 32.06 -23.34
CA HIS D 310 12.28 33.21 -23.63
C HIS D 310 10.80 32.81 -23.68
N ALA D 311 9.96 33.77 -24.08
CA ALA D 311 8.54 33.52 -24.25
C ALA D 311 7.96 34.50 -25.25
N LEU D 312 6.81 34.13 -25.81
CA LEU D 312 6.02 35.02 -26.64
C LEU D 312 4.68 35.29 -25.98
N VAL D 313 4.25 36.55 -26.02
CA VAL D 313 3.06 37.03 -25.33
C VAL D 313 2.11 37.58 -26.39
N ARG D 314 0.80 37.40 -26.17
CA ARG D 314 -0.19 37.72 -27.20
C ARG D 314 -0.37 39.23 -27.38
N ALA D 315 0.22 40.03 -26.50
CA ALA D 315 -0.29 41.25 -25.80
C ALA D 315 -1.23 42.06 -26.70
N ALA D 316 -2.33 42.59 -26.15
CA ALA D 316 -3.65 42.69 -26.78
C ALA D 316 -3.73 43.59 -28.00
N ASP D 317 -2.61 44.08 -28.55
CA ASP D 317 -2.63 44.68 -29.88
C ASP D 317 -3.07 43.66 -30.93
N GLY D 318 -2.75 42.39 -30.71
CA GLY D 318 -3.16 41.33 -31.61
C GLY D 318 -1.94 40.61 -32.15
N ASN D 319 -0.79 41.24 -32.01
CA ASN D 319 0.48 40.74 -32.54
C ASN D 319 1.34 40.26 -31.38
N PHE D 320 2.21 39.31 -31.65
CA PHE D 320 3.05 38.76 -30.60
C PHE D 320 4.33 39.57 -30.43
N ASP D 321 5.07 39.23 -29.39
CA ASP D 321 6.39 39.78 -29.15
C ASP D 321 7.23 38.76 -28.37
N PHE D 322 8.39 38.47 -28.92
CA PHE D 322 9.30 37.45 -28.41
C PHE D 322 10.32 38.10 -27.49
N LYS D 323 10.12 37.95 -26.17
CA LYS D 323 10.86 38.72 -25.19
C LYS D 323 11.62 37.81 -24.25
N TRP D 324 12.66 38.34 -23.59
CA TRP D 324 13.07 37.73 -22.33
C TRP D 324 12.08 38.10 -21.26
N LEU D 325 11.89 37.19 -20.32
CA LEU D 325 11.11 37.43 -19.12
C LEU D 325 12.09 37.66 -17.98
N GLU D 326 11.65 38.39 -16.96
CA GLU D 326 12.54 38.74 -15.87
C GLU D 326 12.84 37.52 -15.02
N TRP D 327 14.06 37.50 -14.48
CA TRP D 327 14.51 36.44 -13.61
C TRP D 327 14.86 37.05 -12.27
N SER D 328 14.24 36.53 -11.21
CA SER D 328 14.39 37.12 -9.90
C SER D 328 15.82 36.92 -9.39
N PRO D 329 16.48 37.99 -8.96
CA PRO D 329 17.90 37.88 -8.58
C PRO D 329 18.05 37.19 -7.24
N LYS D 330 19.18 36.50 -7.09
CA LYS D 330 19.63 36.00 -5.80
C LYS D 330 19.76 37.13 -4.81
N SER D 331 18.95 37.11 -3.75
CA SER D 331 19.28 37.94 -2.59
C SER D 331 18.73 37.26 -1.34
N CYS D 332 19.51 36.35 -0.77
CA CYS D 332 19.32 35.96 0.62
C CYS D 332 20.63 35.68 1.33
N GLY D 333 21.71 35.38 0.59
CA GLY D 333 22.99 35.11 1.21
C GLY D 333 24.09 34.96 0.18
N ASP D 334 25.19 34.35 0.61
CA ASP D 334 26.39 34.25 -0.19
C ASP D 334 26.46 32.94 -0.98
N VAL D 335 27.64 32.69 -1.55
CA VAL D 335 27.95 31.43 -2.21
C VAL D 335 29.04 30.73 -1.40
N ASP D 336 28.78 29.47 -0.99
CA ASP D 336 27.54 28.77 -1.25
C ASP D 336 26.74 28.40 -0.03
N THR D 337 25.99 29.38 0.47
CA THR D 337 24.72 29.11 1.12
C THR D 337 23.59 29.26 0.12
N ASN D 338 23.72 30.17 -0.83
CA ASN D 338 23.05 30.08 -2.10
C ASN D 338 24.04 29.54 -3.11
N PRO D 339 24.03 28.24 -3.40
CA PRO D 339 24.81 27.76 -4.54
C PRO D 339 24.20 28.24 -5.83
N TRP D 340 25.02 28.32 -6.86
CA TRP D 340 24.48 28.51 -8.19
C TRP D 340 23.66 27.27 -8.55
N PRO D 341 22.45 27.46 -9.09
CA PRO D 341 21.66 26.30 -9.52
C PRO D 341 22.35 25.59 -10.66
N SER D 342 22.27 24.27 -10.65
CA SER D 342 23.21 23.42 -11.39
C SER D 342 23.02 23.44 -12.90
N PHE D 343 22.22 24.33 -13.46
CA PHE D 343 22.18 24.52 -14.90
C PHE D 343 23.09 25.66 -15.34
N VAL D 344 23.90 26.23 -14.44
CA VAL D 344 24.65 27.44 -14.73
C VAL D 344 25.91 27.16 -15.54
N GLY D 345 26.23 25.90 -15.79
CA GLY D 345 27.35 25.55 -16.65
C GLY D 345 26.91 24.92 -17.95
N SER D 346 25.75 24.26 -17.93
CA SER D 346 25.29 23.46 -19.05
C SER D 346 24.01 24.06 -19.63
N SER D 347 23.39 23.33 -20.54
CA SER D 347 22.21 23.79 -21.25
C SER D 347 20.95 23.34 -20.53
N ILE D 348 19.86 24.07 -20.78
CA ILE D 348 18.55 23.69 -20.28
C ILE D 348 17.70 23.19 -21.43
N ASN D 349 16.69 22.39 -21.08
CA ASN D 349 15.72 21.86 -22.03
C ASN D 349 14.51 21.34 -21.27
N ASP D 350 13.36 21.39 -21.95
CA ASP D 350 12.13 20.68 -21.57
C ASP D 350 11.63 21.11 -20.19
N VAL D 351 11.16 22.35 -20.13
CA VAL D 351 10.72 22.96 -18.89
C VAL D 351 9.51 22.22 -18.31
N PHE D 352 9.57 21.92 -17.01
CA PHE D 352 8.46 21.35 -16.28
C PHE D 352 7.28 22.30 -16.17
N PHE D 353 6.20 21.76 -15.58
CA PHE D 353 5.31 22.44 -14.63
C PHE D 353 4.95 21.33 -13.65
N PHE D 354 5.75 21.17 -12.59
CA PHE D 354 5.55 20.04 -11.71
C PHE D 354 4.66 20.41 -10.53
N ARG D 355 4.68 21.68 -10.15
CA ARG D 355 3.99 22.17 -8.95
C ARG D 355 3.51 23.55 -9.38
N ASN D 356 3.16 24.42 -8.43
CA ASN D 356 3.33 25.85 -8.67
C ASN D 356 4.79 26.29 -8.58
N ARG D 357 5.72 25.34 -8.41
CA ARG D 357 7.10 25.50 -8.81
C ARG D 357 7.24 25.48 -10.33
N LEU D 358 8.46 25.73 -10.80
CA LEU D 358 8.78 25.66 -12.23
C LEU D 358 10.12 24.93 -12.35
N GLY D 359 10.19 23.95 -13.26
CA GLY D 359 11.37 23.12 -13.31
C GLY D 359 12.19 23.18 -14.58
N PHE D 360 13.49 22.93 -14.44
CA PHE D 360 14.41 22.87 -15.56
C PHE D 360 15.02 21.48 -15.59
N LEU D 361 15.52 21.10 -16.75
CA LEU D 361 16.24 19.85 -16.91
C LEU D 361 17.63 20.16 -17.46
N SER D 362 18.66 19.57 -16.86
CA SER D 362 19.98 19.56 -17.45
C SER D 362 20.54 18.16 -17.29
N GLY D 363 21.74 17.94 -17.81
CA GLY D 363 22.34 16.63 -17.70
C GLY D 363 23.49 16.61 -16.71
N GLU D 364 23.29 16.04 -15.51
CA GLU D 364 22.00 15.47 -15.08
C GLU D 364 21.45 16.29 -13.95
N ASN D 365 20.39 17.06 -14.18
CA ASN D 365 19.94 18.00 -13.16
C ASN D 365 18.44 18.19 -13.21
N ILE D 366 17.83 18.34 -12.03
CA ILE D 366 16.46 18.82 -11.88
C ILE D 366 16.53 20.11 -11.07
N ILE D 367 16.00 21.20 -11.62
CA ILE D 367 16.07 22.50 -10.97
C ILE D 367 14.65 23.02 -10.84
N LEU D 368 14.02 22.78 -9.70
CA LEU D 368 12.68 23.29 -9.42
C LEU D 368 12.78 24.67 -8.77
N SER D 369 11.72 25.45 -8.90
CA SER D 369 11.68 26.79 -8.35
C SER D 369 11.18 26.76 -6.91
N ARG D 370 10.94 27.96 -6.36
CA ARG D 370 10.13 28.03 -5.15
C ARG D 370 8.66 28.01 -5.54
N THR D 371 7.80 27.65 -4.60
CA THR D 371 6.39 27.50 -4.90
C THR D 371 5.72 28.86 -5.05
N ALA D 372 4.58 28.86 -5.72
CA ALA D 372 3.59 29.96 -5.77
C ALA D 372 4.08 31.17 -6.55
N LYS D 373 5.35 31.19 -6.97
CA LYS D 373 5.86 32.21 -7.87
C LYS D 373 6.92 31.57 -8.74
N TYR D 374 6.94 31.98 -10.00
CA TYR D 374 7.86 31.39 -10.94
C TYR D 374 9.12 32.25 -11.03
N PHE D 375 10.15 31.65 -11.61
CA PHE D 375 11.41 32.29 -12.01
C PHE D 375 12.17 32.83 -10.80
N ASN D 376 12.02 32.17 -9.65
CA ASN D 376 12.83 32.51 -8.46
C ASN D 376 13.40 31.19 -7.95
N PHE D 377 14.61 30.87 -8.40
CA PHE D 377 15.28 29.61 -8.08
C PHE D 377 16.21 29.74 -6.89
N TYR D 378 15.89 30.60 -5.94
CA TYR D 378 16.69 30.79 -4.74
C TYR D 378 15.76 30.76 -3.54
N PRO D 379 16.26 30.43 -2.35
CA PRO D 379 15.41 30.48 -1.16
C PRO D 379 15.02 31.91 -0.82
N ALA D 380 13.87 32.03 -0.13
CA ALA D 380 13.41 33.35 0.30
C ALA D 380 14.31 33.91 1.39
N SER D 381 14.83 33.03 2.25
CA SER D 381 15.70 33.44 3.35
C SER D 381 16.53 32.24 3.77
N ILE D 382 17.77 32.51 4.18
CA ILE D 382 18.60 31.48 4.79
C ILE D 382 18.75 31.72 6.29
N ALA D 383 17.73 32.32 6.92
CA ALA D 383 17.59 32.18 8.36
C ALA D 383 17.45 30.72 8.73
N ASN D 384 16.70 29.97 7.93
CA ASN D 384 16.65 28.52 7.95
C ASN D 384 16.13 28.05 6.60
N LEU D 385 16.23 26.74 6.38
CA LEU D 385 15.43 26.14 5.32
C LEU D 385 13.99 26.17 5.80
N SER D 386 13.16 27.00 5.20
CA SER D 386 11.80 27.17 5.70
C SER D 386 10.91 26.02 5.24
N ASP D 387 10.65 25.98 3.94
CA ASP D 387 9.95 24.94 3.21
C ASP D 387 10.22 25.37 1.79
N ASP D 388 9.49 24.81 0.81
CA ASP D 388 9.22 25.36 -0.55
C ASP D 388 10.46 25.97 -1.24
N ASP D 389 11.63 25.42 -0.94
CA ASP D 389 12.88 25.92 -1.48
C ASP D 389 13.02 25.48 -2.93
N PRO D 390 13.94 26.09 -3.68
CA PRO D 390 14.34 25.46 -4.94
C PRO D 390 14.99 24.12 -4.69
N ILE D 391 14.82 23.21 -5.65
CA ILE D 391 15.19 21.82 -5.48
C ILE D 391 16.26 21.48 -6.52
N ASP D 392 17.39 20.95 -6.04
CA ASP D 392 18.49 20.54 -6.91
C ASP D 392 18.83 19.09 -6.58
N VAL D 393 18.10 18.17 -7.19
CA VAL D 393 18.45 16.75 -7.18
C VAL D 393 18.97 16.39 -8.56
N ALA D 394 20.07 15.66 -8.60
CA ALA D 394 20.72 15.49 -9.89
C ALA D 394 20.11 14.35 -10.68
N VAL D 395 20.43 13.11 -10.30
CA VAL D 395 19.92 11.90 -10.93
C VAL D 395 20.34 10.76 -10.02
N SER D 396 19.72 9.58 -10.15
CA SER D 396 20.09 8.43 -9.36
C SER D 396 20.43 7.18 -10.19
N THR D 397 21.26 7.31 -11.21
CA THR D 397 21.55 6.18 -12.08
C THR D 397 23.04 5.91 -12.18
N ASN D 398 23.38 4.76 -12.79
CA ASN D 398 24.76 4.38 -13.01
C ASN D 398 25.20 4.49 -14.46
N ARG D 399 24.39 5.05 -15.33
CA ARG D 399 24.69 5.15 -16.74
C ARG D 399 24.32 6.54 -17.23
N ILE D 400 25.14 7.10 -18.11
CA ILE D 400 25.05 8.48 -18.59
C ILE D 400 23.70 8.77 -19.22
N ALA D 401 22.97 9.72 -18.65
CA ALA D 401 21.63 10.05 -19.12
C ALA D 401 21.47 11.56 -19.22
N ILE D 402 21.87 12.11 -20.38
CA ILE D 402 21.55 13.49 -20.70
C ILE D 402 20.04 13.60 -20.84
N LEU D 403 19.45 14.52 -20.09
CA LEU D 403 18.09 14.34 -19.58
C LEU D 403 17.09 15.23 -20.33
N LYS D 404 16.43 14.60 -21.31
CA LYS D 404 15.47 15.23 -22.22
C LYS D 404 14.06 15.13 -21.66
N TYR D 405 13.07 15.12 -22.57
CA TYR D 405 11.62 15.36 -22.36
C TYR D 405 11.04 14.81 -21.08
N ALA D 406 10.10 15.55 -20.51
CA ALA D 406 9.34 15.08 -19.37
C ALA D 406 7.85 15.10 -19.68
N VAL D 407 7.17 13.99 -19.41
CA VAL D 407 5.74 13.86 -19.68
C VAL D 407 5.03 13.30 -18.44
N PRO D 408 3.87 13.81 -18.08
CA PRO D 408 3.16 13.25 -16.92
C PRO D 408 2.12 12.21 -17.31
N PHE D 409 1.95 11.16 -16.52
CA PHE D 409 0.72 10.37 -16.58
C PHE D 409 0.51 9.58 -15.29
N SER D 410 -0.73 9.64 -14.80
CA SER D 410 -1.46 8.73 -13.91
C SER D 410 -1.04 8.73 -12.45
N GLU D 411 0.18 9.11 -12.12
CA GLU D 411 0.53 9.30 -10.72
C GLU D 411 1.47 10.48 -10.55
N GLU D 412 2.21 10.79 -11.61
CA GLU D 412 3.56 11.33 -11.49
C GLU D 412 3.88 12.22 -12.67
N LEU D 413 4.93 13.03 -12.51
CA LEU D 413 5.74 13.39 -13.65
C LEU D 413 6.87 12.39 -13.79
N LEU D 414 7.44 12.34 -14.98
CA LEU D 414 8.03 11.10 -15.44
C LEU D 414 8.99 11.51 -16.56
N ILE D 415 10.29 11.48 -16.27
CA ILE D 415 11.22 12.43 -16.89
C ILE D 415 12.19 11.74 -17.82
N TRP D 416 11.85 11.65 -19.10
CA TRP D 416 12.50 10.71 -20.00
C TRP D 416 13.84 11.21 -20.49
N SER D 417 14.90 10.59 -20.00
CA SER D 417 16.14 10.53 -20.74
C SER D 417 16.03 9.43 -21.79
N ASP D 418 17.06 9.33 -22.63
CA ASP D 418 17.23 8.07 -23.35
C ASP D 418 17.77 7.02 -22.39
N GLU D 419 17.34 5.78 -22.61
CA GLU D 419 17.83 4.57 -21.94
C GLU D 419 17.50 4.56 -20.44
N ALA D 420 16.60 5.43 -20.01
CA ALA D 420 16.15 5.50 -18.62
C ALA D 420 14.81 6.19 -18.66
N GLN D 421 13.90 5.83 -17.74
CA GLN D 421 12.67 6.60 -17.85
C GLN D 421 12.37 7.60 -16.74
N PHE D 422 11.91 7.23 -15.54
CA PHE D 422 12.30 7.66 -14.19
C PHE D 422 11.05 7.60 -13.30
N VAL D 423 11.16 7.99 -12.03
CA VAL D 423 10.00 8.33 -11.21
C VAL D 423 10.31 9.62 -10.47
N LEU D 424 9.47 10.65 -10.63
CA LEU D 424 9.65 11.92 -9.91
C LEU D 424 8.57 12.04 -8.85
N THR D 425 8.88 11.66 -7.62
CA THR D 425 7.97 11.86 -6.49
C THR D 425 8.75 12.40 -5.31
N ALA D 426 8.06 12.52 -4.19
CA ALA D 426 8.67 12.69 -2.88
C ALA D 426 8.13 11.63 -1.95
N SER D 427 8.68 11.56 -0.74
CA SER D 427 8.13 10.68 0.27
C SER D 427 6.81 11.24 0.80
N GLY D 428 6.85 12.44 1.37
CA GLY D 428 5.64 13.13 1.75
C GLY D 428 5.40 14.34 0.86
N THR D 429 5.43 15.52 1.45
CA THR D 429 5.35 16.75 0.67
C THR D 429 6.74 17.08 0.10
N LEU D 430 6.77 18.05 -0.81
CA LEU D 430 8.01 18.40 -1.49
C LEU D 430 8.81 19.40 -0.67
N THR D 431 10.01 18.99 -0.25
CA THR D 431 11.05 19.91 0.17
C THR D 431 12.23 19.72 -0.76
N SER D 432 13.34 20.39 -0.45
CA SER D 432 14.57 20.12 -1.18
C SER D 432 15.19 18.81 -0.77
N LYS D 433 14.77 18.26 0.38
CA LYS D 433 15.35 17.01 0.85
C LYS D 433 14.41 15.84 0.65
N SER D 434 13.32 16.04 -0.10
CA SER D 434 12.25 15.03 -0.10
C SER D 434 12.17 14.28 -1.42
N VAL D 435 12.71 14.85 -2.49
CA VAL D 435 12.44 14.43 -3.86
C VAL D 435 13.10 13.08 -4.12
N GLU D 436 12.32 12.14 -4.68
CA GLU D 436 12.78 10.76 -4.80
C GLU D 436 13.73 10.59 -5.98
N LEU D 437 13.22 10.78 -7.21
CA LEU D 437 14.00 10.78 -8.46
C LEU D 437 14.76 9.46 -8.66
N ASN D 438 14.01 8.39 -8.94
CA ASN D 438 14.61 7.07 -9.14
C ASN D 438 14.08 6.38 -10.38
N LEU D 439 14.75 5.29 -10.74
CA LEU D 439 14.62 4.69 -12.06
C LEU D 439 13.32 3.90 -12.17
N THR D 440 12.81 3.79 -13.40
CA THR D 440 11.68 2.90 -13.68
C THR D 440 12.06 1.76 -14.61
N THR D 441 12.51 2.05 -15.83
CA THR D 441 12.90 1.04 -16.80
C THR D 441 14.12 1.56 -17.55
N GLN D 442 14.57 0.84 -18.56
CA GLN D 442 15.67 1.32 -19.39
C GLN D 442 15.36 1.12 -20.88
N PHE D 443 14.13 1.42 -21.28
CA PHE D 443 13.80 1.41 -22.70
C PHE D 443 14.45 2.58 -23.41
N ASP D 444 14.85 2.35 -24.65
CA ASP D 444 15.59 3.36 -25.43
C ASP D 444 14.61 4.24 -26.18
N VAL D 445 14.73 5.55 -25.99
CA VAL D 445 13.85 6.54 -26.61
C VAL D 445 14.72 7.60 -27.26
N GLN D 446 14.58 7.78 -28.57
CA GLN D 446 15.23 8.90 -29.21
C GLN D 446 14.44 10.17 -28.90
N ASP D 447 15.14 11.28 -28.80
CA ASP D 447 14.54 12.51 -28.34
C ASP D 447 14.69 13.59 -29.41
N ARG D 448 13.76 13.55 -30.35
CA ARG D 448 13.53 14.60 -31.32
C ARG D 448 12.06 15.00 -31.38
N ALA D 449 11.14 14.08 -31.16
CA ALA D 449 9.72 14.35 -31.11
C ALA D 449 9.26 14.16 -29.68
N ARG D 450 8.43 15.07 -29.19
CA ARG D 450 7.86 14.92 -27.87
C ARG D 450 6.85 13.78 -27.88
N PRO D 451 6.94 12.84 -26.94
CA PRO D 451 6.00 11.73 -26.92
C PRO D 451 4.61 12.17 -26.49
N PHE D 452 3.63 11.90 -27.36
CA PHE D 452 2.32 12.53 -27.27
C PHE D 452 1.36 11.62 -26.53
N GLY D 453 0.38 12.26 -25.87
CA GLY D 453 -0.88 11.83 -25.30
C GLY D 453 -0.79 10.48 -24.63
N ILE D 454 -1.82 9.65 -24.84
CA ILE D 454 -3.07 10.02 -25.52
C ILE D 454 -4.22 9.79 -24.58
N GLY D 455 -4.36 8.55 -24.11
CA GLY D 455 -5.33 8.27 -23.08
C GLY D 455 -4.63 7.88 -21.81
N ARG D 456 -4.65 6.59 -21.49
CA ARG D 456 -3.86 6.07 -20.40
C ARG D 456 -2.42 5.79 -20.82
N ASN D 457 -2.18 5.63 -22.11
CA ASN D 457 -0.88 5.29 -22.66
C ASN D 457 -0.11 6.56 -22.99
N VAL D 458 1.20 6.41 -23.13
CA VAL D 458 2.05 7.43 -23.74
C VAL D 458 2.89 6.74 -24.81
N TYR D 459 2.96 7.31 -26.00
CA TYR D 459 3.55 6.65 -27.16
C TYR D 459 4.95 7.17 -27.43
N PHE D 460 5.92 6.26 -27.48
CA PHE D 460 7.31 6.63 -27.71
C PHE D 460 7.57 7.02 -29.15
N ALA D 461 8.84 7.21 -29.42
CA ALA D 461 9.44 7.00 -30.74
C ALA D 461 10.83 6.45 -30.50
N SER D 462 11.08 5.24 -30.98
CA SER D 462 12.31 4.55 -30.60
C SER D 462 13.25 4.45 -31.80
N PRO D 463 14.55 4.67 -31.61
CA PRO D 463 15.47 4.71 -32.75
C PRO D 463 15.92 3.31 -33.14
N ARG D 464 16.04 3.08 -34.43
CA ARG D 464 16.81 1.98 -34.97
C ARG D 464 17.64 2.48 -36.12
N SER D 465 18.21 1.54 -36.86
CA SER D 465 18.74 1.81 -38.18
C SER D 465 18.11 0.81 -39.13
N SER D 466 17.31 1.28 -40.09
CA SER D 466 16.95 2.67 -40.24
C SER D 466 15.45 2.78 -40.33
N PHE D 467 14.77 2.09 -39.42
CA PHE D 467 13.32 1.94 -39.42
C PHE D 467 12.87 1.99 -37.96
N THR D 468 12.19 3.06 -37.56
CA THR D 468 11.86 3.22 -36.14
C THR D 468 10.85 2.20 -35.66
N SER D 469 10.78 2.10 -34.33
CA SER D 469 10.12 1.00 -33.64
C SER D 469 9.27 1.57 -32.49
N ILE D 470 8.38 2.51 -32.82
CA ILE D 470 7.50 3.23 -31.91
C ILE D 470 6.79 2.33 -30.92
N HIS D 471 6.98 2.60 -29.62
CA HIS D 471 6.43 1.76 -28.57
C HIS D 471 5.18 2.39 -27.98
N ARG D 472 4.67 1.76 -26.91
CA ARG D 472 3.50 2.23 -26.18
C ARG D 472 3.77 2.04 -24.70
N TYR D 473 3.94 3.13 -23.98
CA TYR D 473 4.31 3.08 -22.58
C TYR D 473 3.06 3.18 -21.74
N TYR D 474 2.94 2.31 -20.74
CA TYR D 474 1.71 2.22 -19.96
C TYR D 474 2.03 1.56 -18.62
N ALA D 475 1.17 1.82 -17.65
CA ALA D 475 1.23 1.17 -16.35
C ALA D 475 0.58 -0.20 -16.47
N VAL D 476 1.24 -1.22 -15.91
CA VAL D 476 0.69 -2.57 -15.97
C VAL D 476 -0.51 -2.66 -15.03
N GLN D 477 -1.26 -3.76 -15.17
CA GLN D 477 -2.48 -3.89 -14.39
C GLN D 477 -2.23 -4.40 -12.99
N ASP D 478 -1.35 -5.39 -12.82
CA ASP D 478 -1.33 -6.10 -11.55
C ASP D 478 -0.52 -5.36 -10.48
N VAL D 479 0.64 -4.82 -10.82
CA VAL D 479 1.43 -4.11 -9.80
C VAL D 479 0.82 -2.72 -9.67
N SER D 480 1.17 -2.00 -8.61
CA SER D 480 0.70 -0.62 -8.49
C SER D 480 1.50 0.32 -9.37
N SER D 481 2.83 0.24 -9.28
CA SER D 481 3.70 1.27 -9.85
C SER D 481 4.83 0.64 -10.65
N VAL D 482 4.50 -0.29 -11.54
CA VAL D 482 5.44 -0.86 -12.50
C VAL D 482 4.91 -0.61 -13.89
N LYS D 483 5.76 -0.06 -14.75
CA LYS D 483 5.37 0.32 -16.09
C LYS D 483 6.05 -0.58 -17.11
N ASN D 484 5.47 -0.64 -18.31
CA ASN D 484 5.96 -1.48 -19.38
C ASN D 484 5.74 -0.78 -20.70
N ALA D 485 6.59 -1.08 -21.68
CA ALA D 485 6.57 -0.41 -22.96
C ALA D 485 6.47 -1.45 -24.08
N GLU D 486 5.25 -1.74 -24.50
CA GLU D 486 5.05 -2.65 -25.62
C GLU D 486 5.35 -1.96 -26.93
N ASP D 487 5.93 -2.70 -27.87
CA ASP D 487 6.08 -2.23 -29.23
C ASP D 487 4.76 -2.39 -29.95
N ILE D 488 4.27 -1.32 -30.57
CA ILE D 488 3.11 -1.39 -31.44
C ILE D 488 3.50 -1.40 -32.90
N THR D 489 4.79 -1.37 -33.21
CA THR D 489 5.29 -1.68 -34.53
C THR D 489 5.94 -3.05 -34.57
N SER D 490 5.58 -3.93 -33.64
CA SER D 490 6.21 -5.25 -33.56
C SER D 490 5.85 -6.11 -34.76
N HIS D 491 4.70 -5.87 -35.38
CA HIS D 491 4.30 -6.59 -36.57
C HIS D 491 4.48 -5.77 -37.84
N VAL D 492 4.76 -4.47 -37.72
CA VAL D 492 5.10 -3.66 -38.88
C VAL D 492 6.44 -3.00 -38.59
N PRO D 493 7.56 -3.72 -38.66
CA PRO D 493 8.81 -3.14 -38.13
C PRO D 493 9.53 -2.21 -39.08
N ASN D 494 9.42 -2.43 -40.39
CA ASN D 494 10.31 -1.80 -41.35
C ASN D 494 9.65 -0.68 -42.13
N TYR D 495 8.91 0.21 -41.47
CA TYR D 495 7.88 0.94 -42.16
C TYR D 495 8.04 2.45 -42.04
N ILE D 496 8.71 2.92 -40.98
CA ILE D 496 8.78 4.34 -40.67
C ILE D 496 10.23 4.78 -40.77
N PRO D 497 10.56 5.75 -41.61
CA PRO D 497 11.92 5.85 -42.16
C PRO D 497 13.01 6.48 -41.30
N ASN D 498 12.83 6.51 -39.99
CA ASN D 498 13.88 6.88 -39.01
C ASN D 498 14.31 8.33 -39.13
N GLY D 499 13.32 9.22 -39.10
CA GLY D 499 13.51 10.51 -38.47
C GLY D 499 12.14 11.01 -38.07
N VAL D 500 11.97 11.21 -36.78
CA VAL D 500 10.65 11.47 -36.22
C VAL D 500 10.69 12.81 -35.52
N PHE D 501 9.98 13.78 -36.08
CA PHE D 501 10.01 15.14 -35.55
C PHE D 501 8.69 15.52 -34.91
N SER D 502 7.66 14.69 -35.05
CA SER D 502 6.37 14.99 -34.45
C SER D 502 5.61 13.70 -34.26
N ILE D 503 4.80 13.67 -33.20
CA ILE D 503 3.78 12.65 -33.02
C ILE D 503 2.48 13.40 -32.77
N CYS D 504 1.59 13.37 -33.76
CA CYS D 504 0.43 14.24 -33.71
C CYS D 504 -0.62 13.73 -32.76
N GLY D 505 -1.25 12.60 -33.07
CA GLY D 505 -2.24 11.99 -32.19
C GLY D 505 -3.53 12.78 -32.04
N SER D 506 -4.54 12.06 -31.55
CA SER D 506 -5.78 12.67 -31.05
C SER D 506 -6.47 11.68 -30.12
N GLY D 507 -7.48 12.14 -29.39
CA GLY D 507 -8.13 11.28 -28.44
C GLY D 507 -9.58 11.01 -28.77
N THR D 508 -10.23 11.94 -29.47
CA THR D 508 -11.64 11.79 -29.80
C THR D 508 -11.83 10.69 -30.84
N GLU D 509 -11.06 10.76 -31.93
CA GLU D 509 -11.18 9.73 -32.97
C GLU D 509 -10.25 8.55 -32.68
N ASN D 510 -9.63 8.55 -31.51
CA ASN D 510 -8.90 7.42 -30.93
C ASN D 510 -7.72 6.96 -31.76
N PHE D 511 -7.04 7.87 -32.45
CA PHE D 511 -5.90 7.42 -33.23
C PHE D 511 -4.63 8.20 -32.90
N CYS D 512 -3.51 7.51 -32.94
CA CYS D 512 -2.20 8.12 -32.95
C CYS D 512 -1.79 8.32 -34.40
N SER D 513 -0.90 9.28 -34.64
CA SER D 513 -0.41 9.54 -35.98
C SER D 513 0.97 10.17 -35.89
N VAL D 514 1.92 9.59 -36.60
CA VAL D 514 3.33 9.93 -36.45
C VAL D 514 3.87 10.37 -37.79
N LEU D 515 4.33 11.61 -37.87
CA LEU D 515 5.01 12.05 -39.08
C LEU D 515 6.44 11.54 -39.08
N SER D 516 7.06 11.59 -40.24
CA SER D 516 8.43 11.12 -40.35
C SER D 516 9.21 12.08 -41.21
N HIS D 517 10.52 12.09 -41.02
CA HIS D 517 11.42 12.72 -41.96
C HIS D 517 12.53 11.72 -42.31
N GLY D 518 12.17 10.79 -43.17
CA GLY D 518 13.11 10.06 -44.01
C GLY D 518 12.42 9.84 -45.33
N ASP D 519 11.14 10.20 -45.34
CA ASP D 519 10.21 10.11 -46.45
C ASP D 519 9.03 11.01 -46.11
N PRO D 520 9.18 12.33 -46.26
CA PRO D 520 8.29 13.28 -45.58
C PRO D 520 6.91 13.41 -46.21
N SER D 521 6.62 12.71 -47.30
CA SER D 521 5.37 12.93 -47.99
C SER D 521 4.20 12.15 -47.41
N LYS D 522 4.41 11.40 -46.33
CA LYS D 522 3.34 10.59 -45.77
C LYS D 522 3.10 10.93 -44.30
N ILE D 523 1.85 10.81 -43.90
CA ILE D 523 1.47 10.83 -42.48
C ILE D 523 1.07 9.41 -42.11
N PHE D 524 1.86 8.79 -41.26
CA PHE D 524 1.50 7.47 -40.79
C PHE D 524 0.35 7.57 -39.80
N MET D 525 -0.43 6.50 -39.71
CA MET D 525 -1.59 6.45 -38.84
C MET D 525 -1.50 5.27 -37.90
N TYR D 526 -2.24 5.36 -36.80
CA TYR D 526 -2.37 4.25 -35.87
C TYR D 526 -3.74 4.34 -35.25
N LYS D 527 -4.72 3.66 -35.86
CA LYS D 527 -6.09 3.68 -35.41
C LYS D 527 -6.30 2.54 -34.43
N PHE D 528 -6.81 2.84 -33.25
CA PHE D 528 -6.98 1.84 -32.21
C PHE D 528 -8.25 2.14 -31.44
N LEU D 529 -8.71 1.16 -30.67
CA LEU D 529 -9.71 1.41 -29.65
C LEU D 529 -9.56 0.36 -28.58
N TYR D 530 -9.97 0.72 -27.37
CA TYR D 530 -9.91 -0.17 -26.22
C TYR D 530 -11.32 -0.50 -25.75
N LEU D 531 -11.61 -1.78 -25.64
CA LEU D 531 -12.85 -2.25 -25.04
C LEU D 531 -12.49 -3.33 -24.03
N ASN D 532 -13.05 -3.21 -22.83
CA ASN D 532 -12.81 -4.11 -21.70
C ASN D 532 -11.32 -4.20 -21.35
N GLU D 533 -10.64 -3.04 -21.40
CA GLU D 533 -9.22 -2.85 -21.13
C GLU D 533 -8.33 -3.66 -22.05
N GLU D 534 -8.82 -4.03 -23.23
CA GLU D 534 -8.09 -4.87 -24.16
C GLU D 534 -8.01 -4.15 -25.49
N LEU D 535 -6.88 -4.32 -26.17
CA LEU D 535 -6.75 -3.81 -27.52
C LEU D 535 -7.63 -4.64 -28.45
N ARG D 536 -8.30 -3.97 -29.39
CA ARG D 536 -9.08 -4.67 -30.40
C ARG D 536 -8.77 -4.23 -31.82
N GLN D 537 -7.87 -3.26 -32.01
CA GLN D 537 -7.59 -2.78 -33.36
C GLN D 537 -6.16 -2.24 -33.43
N GLN D 538 -5.31 -2.94 -34.16
CA GLN D 538 -4.06 -2.38 -34.65
C GLN D 538 -4.28 -1.87 -36.06
N SER D 539 -3.63 -0.75 -36.39
CA SER D 539 -3.73 -0.20 -37.73
C SER D 539 -2.49 0.61 -38.02
N TRP D 540 -2.04 0.56 -39.26
CA TRP D 540 -0.95 1.39 -39.74
C TRP D 540 -1.22 1.73 -41.19
N SER D 541 -1.17 3.01 -41.51
CA SER D 541 -1.57 3.42 -42.85
C SER D 541 -0.86 4.70 -43.23
N HIS D 542 -0.45 4.77 -44.48
CA HIS D 542 -0.07 6.05 -45.04
C HIS D 542 -1.31 6.91 -45.20
N TRP D 543 -1.12 8.21 -45.06
CA TRP D 543 -1.91 9.16 -45.82
C TRP D 543 -0.98 9.85 -46.80
N ASP D 544 -1.34 9.82 -48.07
CA ASP D 544 -0.44 10.33 -49.09
C ASP D 544 -1.13 11.47 -49.81
N PHE D 545 -0.40 12.56 -50.01
CA PHE D 545 -0.97 13.79 -50.53
C PHE D 545 -0.46 14.14 -51.91
N GLY D 546 0.50 13.40 -52.45
CA GLY D 546 1.01 13.68 -53.77
C GLY D 546 2.39 13.08 -53.94
N GLU D 547 3.00 13.42 -55.07
CA GLU D 547 4.31 12.88 -55.39
C GLU D 547 5.39 13.55 -54.55
N ASN D 548 5.50 14.87 -54.64
CA ASN D 548 6.40 15.64 -53.81
C ASN D 548 5.55 16.63 -53.02
N VAL D 549 4.99 16.18 -51.91
CA VAL D 549 4.28 17.07 -50.97
C VAL D 549 4.88 16.81 -49.61
N GLN D 550 5.90 17.58 -49.25
CA GLN D 550 6.51 17.43 -47.94
C GLN D 550 5.57 17.95 -46.86
N VAL D 551 5.33 17.13 -45.85
CA VAL D 551 4.28 17.37 -44.88
C VAL D 551 4.91 17.89 -43.60
N LEU D 552 4.60 19.14 -43.25
CA LEU D 552 4.98 19.61 -41.93
C LEU D 552 3.98 19.15 -40.90
N ALA D 553 4.27 19.44 -39.63
CA ALA D 553 3.61 18.73 -38.54
C ALA D 553 2.15 19.14 -38.40
N CYS D 554 1.28 18.20 -38.72
CA CYS D 554 -0.13 18.35 -38.44
C CYS D 554 -0.39 18.24 -36.94
N GLN D 555 -1.36 19.02 -36.48
CA GLN D 555 -1.85 18.88 -35.11
C GLN D 555 -3.37 18.87 -35.18
N SER D 556 -3.97 18.25 -34.18
CA SER D 556 -5.39 17.92 -34.26
C SER D 556 -6.15 18.55 -33.11
N ILE D 557 -6.78 19.69 -33.40
CA ILE D 557 -7.88 20.16 -32.56
C ILE D 557 -9.02 19.17 -32.70
N SER D 558 -9.86 19.07 -31.66
CA SER D 558 -10.58 17.88 -31.18
C SER D 558 -11.01 16.86 -32.22
N SER D 559 -11.57 17.31 -33.34
CA SER D 559 -11.89 16.39 -34.43
C SER D 559 -11.52 16.98 -35.78
N ASP D 560 -10.53 17.89 -35.80
CA ASP D 560 -10.12 18.56 -37.02
C ASP D 560 -8.61 18.50 -37.15
N MET D 561 -8.13 17.84 -38.20
CA MET D 561 -6.69 17.69 -38.43
C MET D 561 -6.24 18.85 -39.30
N TYR D 562 -5.38 19.71 -38.76
CA TYR D 562 -4.87 20.86 -39.51
C TYR D 562 -3.45 20.59 -39.96
N VAL D 563 -3.24 20.56 -41.27
CA VAL D 563 -1.99 20.08 -41.87
C VAL D 563 -1.30 21.23 -42.59
N ILE D 564 0.03 21.25 -42.53
CA ILE D 564 0.86 22.20 -43.27
C ILE D 564 1.73 21.42 -44.25
N LEU D 565 1.73 21.84 -45.51
CA LEU D 565 2.38 21.09 -46.58
C LEU D 565 3.39 21.95 -47.32
N ARG D 566 4.29 21.31 -48.05
CA ARG D 566 5.15 21.99 -49.02
C ARG D 566 4.89 21.41 -50.40
N ASN D 567 5.41 22.07 -51.44
CA ASN D 567 4.84 21.84 -52.77
C ASN D 567 5.86 21.35 -53.83
N GLU D 568 6.98 22.05 -54.09
CA GLU D 568 7.77 23.02 -53.33
C GLU D 568 7.76 24.44 -53.93
N PHE D 569 6.61 24.85 -54.43
CA PHE D 569 6.46 26.22 -54.90
C PHE D 569 5.94 27.13 -53.80
N ASN D 570 4.93 26.66 -53.06
CA ASN D 570 4.31 27.44 -51.99
C ASN D 570 3.79 26.50 -50.91
N THR D 571 3.91 26.92 -49.67
CA THR D 571 3.37 26.16 -48.55
C THR D 571 1.95 26.63 -48.31
N PHE D 572 1.16 25.84 -47.58
CA PHE D 572 -0.22 26.19 -47.25
C PHE D 572 -0.75 25.34 -46.12
N LEU D 573 -1.64 25.92 -45.34
CA LEU D 573 -2.35 25.25 -44.25
C LEU D 573 -3.47 24.44 -44.87
N ALA D 574 -3.91 23.38 -44.18
CA ALA D 574 -4.93 22.52 -44.74
C ALA D 574 -5.66 21.77 -43.64
N ARG D 575 -6.99 21.77 -43.71
CA ARG D 575 -7.82 21.13 -42.70
C ARG D 575 -8.34 19.78 -43.18
N ILE D 576 -8.28 18.80 -42.29
CA ILE D 576 -8.93 17.51 -42.47
C ILE D 576 -9.96 17.35 -41.37
N SER D 577 -11.23 17.19 -41.74
CA SER D 577 -12.32 17.13 -40.79
C SER D 577 -12.98 15.75 -40.85
N PHE D 578 -13.04 15.08 -39.70
CA PHE D 578 -13.58 13.71 -39.63
C PHE D 578 -15.09 13.75 -39.43
N THR D 579 -15.77 14.44 -40.31
CA THR D 579 -17.21 14.59 -40.22
C THR D 579 -17.84 13.67 -41.26
N LYS D 580 -18.86 12.93 -40.86
CA LYS D 580 -19.27 11.76 -41.62
C LYS D 580 -20.16 12.13 -42.79
N ASN D 581 -21.33 12.71 -42.51
CA ASN D 581 -22.39 12.89 -43.49
C ASN D 581 -22.56 14.38 -43.78
N ALA D 582 -21.43 15.06 -43.94
CA ALA D 582 -21.40 16.51 -43.92
C ALA D 582 -21.24 17.09 -45.31
N ILE D 583 -21.07 18.41 -45.33
CA ILE D 583 -20.76 19.19 -46.51
C ILE D 583 -19.59 20.10 -46.14
N ASP D 584 -18.53 20.05 -46.95
CA ASP D 584 -17.37 20.89 -46.69
C ASP D 584 -17.65 22.35 -46.98
N LEU D 585 -18.08 22.66 -48.19
CA LEU D 585 -18.19 24.03 -48.66
C LEU D 585 -19.60 24.23 -49.17
N GLN D 586 -20.18 25.40 -48.87
CA GLN D 586 -21.60 25.64 -49.11
C GLN D 586 -21.90 25.66 -50.61
N GLY D 587 -22.78 24.76 -51.03
CA GLY D 587 -23.10 24.58 -52.43
C GLY D 587 -22.76 23.22 -52.99
N GLU D 588 -22.47 22.23 -52.15
CA GLU D 588 -22.40 20.84 -52.60
C GLU D 588 -23.82 20.37 -52.95
N PRO D 589 -23.99 19.23 -53.64
CA PRO D 589 -23.43 17.90 -53.92
C PRO D 589 -21.93 17.80 -54.16
N TYR D 590 -21.23 16.82 -53.59
CA TYR D 590 -21.80 15.77 -52.74
C TYR D 590 -20.93 15.32 -51.55
N ARG D 591 -20.16 16.28 -50.99
CA ARG D 591 -19.03 16.21 -50.03
C ARG D 591 -17.74 15.76 -50.73
N ALA D 592 -17.85 15.10 -51.87
CA ALA D 592 -16.92 15.14 -52.98
C ALA D 592 -15.50 14.61 -52.76
N PHE D 593 -15.10 14.33 -51.51
CA PHE D 593 -13.84 13.69 -51.06
C PHE D 593 -12.63 14.00 -51.92
N MET D 594 -12.42 15.29 -52.18
CA MET D 594 -11.67 15.69 -53.36
C MET D 594 -10.19 15.47 -53.20
N ASP D 595 -9.63 15.75 -52.00
CA ASP D 595 -8.29 16.31 -51.80
C ASP D 595 -8.23 17.73 -52.34
N MET D 596 -8.30 18.71 -51.41
CA MET D 596 -7.84 20.08 -51.64
C MET D 596 -8.94 20.89 -52.32
N LYS D 597 -10.14 20.78 -51.77
CA LYS D 597 -11.32 21.55 -52.17
C LYS D 597 -11.13 23.05 -51.99
N ILE D 598 -11.51 23.82 -53.01
CA ILE D 598 -11.77 25.26 -52.89
C ILE D 598 -12.98 25.60 -53.72
N ARG D 599 -13.96 26.26 -53.11
CA ARG D 599 -15.11 26.79 -53.83
C ARG D 599 -14.66 28.05 -54.54
N TYR D 600 -14.23 27.88 -55.77
CA TYR D 600 -13.75 29.00 -56.57
C TYR D 600 -14.84 29.45 -57.52
N THR D 601 -15.46 30.59 -57.21
CA THR D 601 -16.31 31.24 -58.17
C THR D 601 -15.45 31.80 -59.30
N ILE D 602 -16.04 31.88 -60.48
CA ILE D 602 -15.34 32.24 -61.71
C ILE D 602 -15.53 33.73 -61.94
N PRO D 603 -14.46 34.50 -62.23
CA PRO D 603 -14.64 35.93 -62.49
C PRO D 603 -15.31 36.21 -63.82
N SER D 604 -15.49 37.49 -64.11
CA SER D 604 -16.23 37.90 -65.31
C SER D 604 -15.42 37.61 -66.57
N GLY D 605 -14.19 38.11 -66.64
CA GLY D 605 -13.43 37.90 -67.85
C GLY D 605 -12.57 36.67 -67.79
N THR D 606 -13.13 35.54 -68.24
CA THR D 606 -12.39 34.34 -68.58
C THR D 606 -12.82 33.75 -69.91
N TYR D 607 -14.04 34.00 -70.35
CA TYR D 607 -14.58 33.34 -71.53
C TYR D 607 -14.25 34.11 -72.80
N ASN D 608 -13.93 33.35 -73.85
CA ASN D 608 -13.84 33.88 -75.20
C ASN D 608 -14.69 33.01 -76.14
N ASP D 609 -15.54 33.67 -76.94
CA ASP D 609 -16.49 32.91 -77.75
C ASP D 609 -15.86 32.43 -79.05
N ASP D 610 -14.59 32.77 -79.28
CA ASP D 610 -13.95 32.26 -80.48
C ASP D 610 -13.66 30.76 -80.36
N THR D 611 -12.88 30.35 -79.36
CA THR D 611 -12.54 28.94 -79.17
C THR D 611 -13.51 28.21 -78.26
N PHE D 612 -14.49 28.92 -77.69
CA PHE D 612 -15.55 28.39 -76.83
C PHE D 612 -14.95 27.65 -75.62
N THR D 613 -14.28 28.41 -74.77
CA THR D 613 -13.51 27.84 -73.68
C THR D 613 -13.40 28.86 -72.56
N THR D 614 -13.91 28.52 -71.37
CA THR D 614 -13.53 29.26 -70.19
C THR D 614 -12.24 28.66 -69.65
N SER D 615 -11.32 29.52 -69.24
CA SER D 615 -10.02 29.08 -68.81
C SER D 615 -9.72 29.72 -67.47
N ILE D 616 -9.14 28.94 -66.56
CA ILE D 616 -8.88 29.37 -65.21
C ILE D 616 -7.37 29.30 -64.95
N HIS D 617 -6.82 30.39 -64.46
CA HIS D 617 -5.44 30.41 -64.03
C HIS D 617 -5.38 29.82 -62.63
N ILE D 618 -4.54 28.80 -62.45
CA ILE D 618 -4.60 27.98 -61.23
C ILE D 618 -4.13 28.71 -59.97
N PRO D 619 -3.00 29.43 -59.90
CA PRO D 619 -2.73 30.16 -58.66
C PRO D 619 -3.54 31.43 -58.47
N THR D 620 -4.45 31.80 -59.38
CA THR D 620 -5.44 32.80 -59.04
C THR D 620 -6.54 32.21 -58.18
N ILE D 621 -6.65 30.89 -58.14
CA ILE D 621 -7.51 30.22 -57.18
C ILE D 621 -6.81 30.13 -55.84
N TYR D 622 -5.51 29.86 -55.86
CA TYR D 622 -4.78 29.38 -54.71
C TYR D 622 -3.71 30.35 -54.26
N GLY D 623 -2.88 30.84 -55.18
CA GLY D 623 -1.62 31.43 -54.83
C GLY D 623 -0.46 30.48 -54.90
N ALA D 624 -0.66 29.29 -55.47
CA ALA D 624 0.38 28.28 -55.48
C ALA D 624 0.47 27.63 -56.85
N ASN D 625 1.70 27.30 -57.24
CA ASN D 625 1.96 26.47 -58.41
C ASN D 625 2.19 25.03 -57.96
N PHE D 626 1.86 24.10 -58.84
CA PHE D 626 1.77 22.70 -58.47
C PHE D 626 2.74 21.84 -59.24
N GLY D 627 3.23 20.80 -58.57
CA GLY D 627 4.04 19.81 -59.23
C GLY D 627 3.21 18.83 -60.05
N ARG D 628 2.39 18.01 -59.39
CA ARG D 628 1.68 16.94 -60.07
C ARG D 628 0.31 16.75 -59.46
N GLY D 629 -0.39 15.72 -59.91
CA GLY D 629 -1.70 15.39 -59.41
C GLY D 629 -2.73 15.48 -60.52
N LYS D 630 -3.91 14.97 -60.22
CA LYS D 630 -5.03 15.01 -61.16
C LYS D 630 -6.08 15.97 -60.61
N ILE D 631 -6.10 17.17 -61.16
CA ILE D 631 -7.05 18.19 -60.73
C ILE D 631 -8.41 17.84 -61.31
N THR D 632 -9.39 17.60 -60.44
CA THR D 632 -10.76 17.40 -60.86
C THR D 632 -11.58 18.62 -60.51
N VAL D 633 -12.59 18.90 -61.30
CA VAL D 633 -13.41 20.08 -61.13
C VAL D 633 -14.87 19.67 -61.02
N LEU D 634 -15.53 20.11 -59.96
CA LEU D 634 -16.88 19.68 -59.64
C LEU D 634 -17.80 20.88 -59.66
N GLU D 635 -18.94 20.72 -60.34
CA GLU D 635 -19.93 21.77 -60.46
C GLU D 635 -21.01 21.52 -59.42
N PRO D 636 -21.87 22.51 -59.15
CA PRO D 636 -23.08 22.23 -58.37
C PRO D 636 -24.06 21.33 -59.09
N ASP D 637 -23.93 21.25 -60.42
CA ASP D 637 -24.61 20.23 -61.20
C ASP D 637 -23.81 18.92 -61.12
N GLY D 638 -24.15 17.96 -61.96
CA GLY D 638 -23.48 16.69 -61.87
C GLY D 638 -22.21 16.59 -62.67
N LYS D 639 -21.67 17.71 -63.12
CA LYS D 639 -20.52 17.70 -64.01
C LYS D 639 -19.26 17.47 -63.21
N ILE D 640 -18.36 16.64 -63.72
CA ILE D 640 -17.02 16.43 -63.20
C ILE D 640 -16.09 16.30 -64.38
N THR D 641 -15.05 17.13 -64.43
CA THR D 641 -14.02 17.04 -65.44
C THR D 641 -12.69 16.74 -64.79
N VAL D 642 -11.95 15.80 -65.40
CA VAL D 642 -10.65 15.38 -64.89
C VAL D 642 -9.62 15.88 -65.89
N PHE D 643 -8.46 16.32 -65.38
CA PHE D 643 -7.56 17.10 -66.21
C PHE D 643 -6.19 16.51 -66.47
N GLU D 644 -5.67 15.64 -65.60
CA GLU D 644 -4.55 14.73 -65.91
C GLU D 644 -3.29 15.49 -66.32
N GLN D 645 -2.57 16.07 -65.34
CA GLN D 645 -1.49 17.04 -65.45
C GLN D 645 -0.54 16.89 -66.63
N PRO D 646 -0.21 17.99 -67.31
CA PRO D 646 0.59 17.91 -68.51
C PRO D 646 2.05 17.59 -68.20
N THR D 647 2.78 17.22 -69.24
CA THR D 647 4.21 16.96 -69.11
C THR D 647 4.91 18.27 -68.78
N ALA D 648 5.69 18.25 -67.70
CA ALA D 648 6.29 19.41 -67.04
C ALA D 648 5.24 20.43 -66.59
N GLY D 649 4.02 19.99 -66.30
CA GLY D 649 3.07 20.81 -65.58
C GLY D 649 3.31 20.69 -64.09
N TRP D 650 2.48 21.37 -63.30
CA TRP D 650 1.48 22.33 -63.73
C TRP D 650 2.10 23.72 -63.86
N ASN D 651 3.38 23.81 -63.50
CA ASN D 651 4.03 25.11 -63.36
C ASN D 651 4.27 25.78 -64.71
N SER D 652 4.37 24.98 -65.77
CA SER D 652 4.61 25.53 -67.09
C SER D 652 3.40 26.30 -67.60
N ASP D 653 2.22 25.68 -67.56
CA ASP D 653 1.00 26.32 -68.00
C ASP D 653 -0.13 26.03 -67.01
N PRO D 654 -0.25 26.81 -65.94
CA PRO D 654 -1.43 26.65 -65.09
C PRO D 654 -2.63 27.27 -65.77
N TRP D 655 -3.42 26.40 -66.41
CA TRP D 655 -4.57 26.81 -67.19
C TRP D 655 -5.59 25.69 -67.17
N LEU D 656 -6.79 26.04 -66.76
CA LEU D 656 -7.81 25.05 -66.45
C LEU D 656 -8.98 25.33 -67.39
N ARG D 657 -9.07 24.56 -68.47
CA ARG D 657 -9.96 24.84 -69.58
C ARG D 657 -11.16 23.90 -69.49
N LEU D 658 -12.36 24.46 -69.35
CA LEU D 658 -13.53 23.66 -69.00
C LEU D 658 -14.54 23.51 -70.13
N SER D 659 -15.19 24.62 -70.53
CA SER D 659 -16.39 24.60 -71.35
C SER D 659 -16.69 26.02 -71.78
N GLY D 660 -17.88 26.28 -72.32
CA GLY D 660 -18.16 27.66 -72.68
C GLY D 660 -18.40 28.60 -71.51
N ASN D 661 -19.59 28.57 -70.91
CA ASN D 661 -20.01 29.67 -70.05
C ASN D 661 -20.21 29.16 -68.63
N LEU D 662 -19.21 29.37 -67.78
CA LEU D 662 -19.27 28.85 -66.42
C LEU D 662 -18.95 29.94 -65.40
N GLU D 663 -19.40 31.18 -65.65
CA GLU D 663 -18.96 32.31 -64.85
C GLU D 663 -19.62 32.34 -63.48
N GLY D 664 -20.94 32.36 -63.42
CA GLY D 664 -21.58 32.40 -62.12
C GLY D 664 -21.81 31.06 -61.46
N ARG D 665 -20.98 30.05 -61.74
CA ARG D 665 -21.35 28.70 -61.39
C ARG D 665 -20.79 28.26 -60.03
N MET D 666 -19.91 29.10 -59.44
CA MET D 666 -19.24 28.88 -58.13
C MET D 666 -18.69 27.45 -57.98
N VAL D 667 -17.71 27.15 -58.83
CA VAL D 667 -17.35 25.76 -59.12
C VAL D 667 -16.39 25.25 -58.07
N TYR D 668 -16.34 23.93 -57.90
CA TYR D 668 -15.43 23.32 -56.93
C TYR D 668 -14.24 22.71 -57.63
N ILE D 669 -13.05 22.99 -57.10
CA ILE D 669 -11.79 22.54 -57.69
C ILE D 669 -10.97 21.83 -56.63
N GLY D 670 -10.52 20.62 -56.95
CA GLY D 670 -9.72 19.85 -56.03
C GLY D 670 -8.70 18.99 -56.76
N PHE D 671 -8.33 17.89 -56.10
CA PHE D 671 -7.42 16.90 -56.64
C PHE D 671 -8.10 15.55 -56.76
N ASN D 672 -7.31 14.50 -56.93
CA ASN D 672 -7.75 13.14 -56.62
C ASN D 672 -6.81 12.57 -55.56
N ILE D 673 -7.37 11.81 -54.63
CA ILE D 673 -6.58 11.01 -53.71
C ILE D 673 -6.25 9.70 -54.41
N ASN D 674 -5.12 9.11 -54.07
CA ASN D 674 -4.88 7.74 -54.46
C ASN D 674 -5.20 6.82 -53.30
N PHE D 675 -6.28 6.06 -53.43
CA PHE D 675 -6.67 5.07 -52.43
C PHE D 675 -6.19 3.72 -52.88
N VAL D 676 -5.39 3.06 -52.04
CA VAL D 676 -4.80 1.77 -52.33
C VAL D 676 -5.04 0.86 -51.14
N TYR D 677 -5.45 -0.38 -51.40
CA TYR D 677 -5.55 -1.36 -50.32
C TYR D 677 -5.31 -2.75 -50.88
N GLU D 678 -4.14 -3.33 -50.58
CA GLU D 678 -3.99 -4.73 -50.89
C GLU D 678 -4.69 -5.58 -49.85
N PHE D 679 -4.78 -6.87 -50.15
CA PHE D 679 -5.22 -7.86 -49.20
C PHE D 679 -4.07 -8.79 -48.89
N SER D 680 -4.15 -9.46 -47.74
CA SER D 680 -3.32 -10.62 -47.52
C SER D 680 -3.76 -11.72 -48.47
N LYS D 681 -2.82 -12.59 -48.84
CA LYS D 681 -3.15 -13.72 -49.70
C LYS D 681 -4.10 -14.65 -48.96
N PHE D 682 -5.21 -14.99 -49.61
CA PHE D 682 -6.35 -15.60 -48.94
C PHE D 682 -6.03 -17.04 -48.58
N LEU D 683 -5.28 -17.20 -47.50
CA LEU D 683 -5.00 -18.51 -46.94
C LEU D 683 -6.16 -18.93 -46.05
N ILE D 684 -6.01 -20.07 -45.39
CA ILE D 684 -7.03 -20.61 -44.50
C ILE D 684 -6.66 -20.15 -43.09
N LYS D 685 -7.20 -19.00 -42.71
CA LYS D 685 -7.01 -18.48 -41.36
C LYS D 685 -7.85 -19.29 -40.38
N GLN D 686 -7.21 -19.85 -39.37
CA GLN D 686 -7.89 -20.71 -38.40
C GLN D 686 -7.38 -20.44 -37.00
N THR D 687 -8.27 -20.05 -36.10
CA THR D 687 -7.87 -19.71 -34.74
C THR D 687 -7.89 -20.93 -33.83
N ALA D 688 -6.78 -21.66 -33.85
CA ALA D 688 -6.59 -22.83 -33.00
C ALA D 688 -5.10 -23.15 -32.91
N ASP D 689 -4.56 -23.21 -31.71
CA ASP D 689 -4.97 -24.16 -30.68
C ASP D 689 -5.37 -23.35 -29.44
N ASP D 690 -4.54 -22.37 -29.09
CA ASP D 690 -4.93 -21.19 -28.33
C ASP D 690 -5.62 -20.19 -29.23
N GLY D 691 -5.56 -18.91 -28.91
CA GLY D 691 -5.88 -17.92 -29.93
C GLY D 691 -4.73 -17.79 -30.93
N SER D 692 -4.41 -16.54 -31.32
CA SER D 692 -3.28 -16.23 -32.21
C SER D 692 -3.39 -16.97 -33.54
N THR D 693 -4.37 -16.54 -34.34
CA THR D 693 -4.84 -17.25 -35.54
C THR D 693 -3.72 -17.63 -36.49
N SER D 694 -3.51 -18.94 -36.65
CA SER D 694 -2.42 -19.47 -37.44
C SER D 694 -2.97 -20.15 -38.67
N THR D 695 -2.34 -19.93 -39.81
CA THR D 695 -2.78 -20.46 -41.09
C THR D 695 -2.47 -21.96 -41.17
N GLU D 696 -2.96 -22.58 -42.24
CA GLU D 696 -2.56 -23.93 -42.60
C GLU D 696 -2.26 -23.96 -44.08
N ASP D 697 -0.97 -24.00 -44.42
CA ASP D 697 -0.53 -24.02 -45.80
C ASP D 697 0.12 -25.38 -46.07
N ILE D 698 -0.71 -26.37 -46.35
CA ILE D 698 -0.24 -27.70 -46.67
C ILE D 698 -0.71 -28.16 -48.04
N GLY D 699 -2.00 -28.09 -48.31
CA GLY D 699 -2.52 -28.47 -49.59
C GLY D 699 -2.75 -27.25 -50.46
N ARG D 700 -2.94 -27.51 -51.74
CA ARG D 700 -3.21 -26.44 -52.68
C ARG D 700 -4.62 -25.91 -52.46
N LEU D 701 -4.71 -24.63 -52.16
CA LEU D 701 -5.99 -23.95 -52.00
C LEU D 701 -6.33 -23.32 -53.35
N GLN D 702 -7.09 -24.04 -54.16
CA GLN D 702 -7.57 -23.44 -55.39
C GLN D 702 -8.69 -22.47 -55.09
N LEU D 703 -8.40 -21.20 -55.25
CA LEU D 703 -9.24 -20.12 -54.79
C LEU D 703 -10.17 -19.74 -55.92
N ARG D 704 -11.41 -19.35 -55.58
CA ARG D 704 -12.35 -18.89 -56.59
C ARG D 704 -13.35 -17.94 -55.97
N ARG D 705 -13.52 -16.80 -56.62
CA ARG D 705 -14.57 -15.80 -56.40
C ARG D 705 -14.71 -15.36 -54.94
N ALA D 706 -13.68 -14.63 -54.51
CA ALA D 706 -13.80 -13.79 -53.33
C ALA D 706 -14.88 -12.74 -53.52
N TRP D 707 -15.46 -12.30 -52.42
CA TRP D 707 -16.55 -11.34 -52.51
C TRP D 707 -16.41 -10.25 -51.47
N VAL D 708 -16.70 -9.02 -51.88
CA VAL D 708 -16.56 -7.83 -51.05
C VAL D 708 -17.93 -7.21 -50.86
N ASN D 709 -18.36 -7.07 -49.61
CA ASN D 709 -19.60 -6.38 -49.31
C ASN D 709 -19.33 -4.98 -48.79
N TYR D 710 -20.28 -4.08 -49.04
CA TYR D 710 -20.02 -2.66 -48.89
C TYR D 710 -21.28 -1.95 -48.43
N GLU D 711 -21.09 -0.96 -47.58
CA GLU D 711 -22.17 -0.13 -47.06
C GLU D 711 -22.31 1.06 -48.01
N ASN D 712 -22.98 2.13 -47.57
CA ASN D 712 -23.58 3.14 -48.42
C ASN D 712 -22.57 4.01 -49.15
N SER D 713 -21.78 3.40 -50.03
CA SER D 713 -20.95 4.07 -51.04
C SER D 713 -20.42 3.03 -52.02
N GLY D 714 -19.71 3.50 -53.02
CA GLY D 714 -19.17 2.59 -54.01
C GLY D 714 -18.18 3.25 -54.95
N THR D 715 -18.04 2.63 -56.13
CA THR D 715 -17.13 3.01 -57.23
C THR D 715 -15.66 2.85 -56.87
N PHE D 716 -15.34 1.89 -56.01
CA PHE D 716 -13.98 1.36 -56.00
C PHE D 716 -13.82 0.38 -57.14
N ASP D 717 -12.59 0.11 -57.58
CA ASP D 717 -12.60 -0.83 -58.69
C ASP D 717 -12.60 -2.28 -58.23
N ILE D 718 -11.46 -2.98 -58.42
CA ILE D 718 -10.77 -4.05 -57.71
C ILE D 718 -9.71 -4.49 -58.70
N TYR D 719 -8.48 -4.72 -58.29
CA TYR D 719 -7.49 -5.27 -59.20
C TYR D 719 -7.09 -6.64 -58.67
N VAL D 720 -7.43 -7.69 -59.42
CA VAL D 720 -6.92 -9.02 -59.13
C VAL D 720 -5.69 -9.28 -59.96
N GLU D 721 -4.59 -9.63 -59.30
CA GLU D 721 -3.29 -9.69 -59.93
C GLU D 721 -2.70 -11.07 -59.66
N ASN D 722 -2.73 -11.92 -60.68
CA ASN D 722 -2.06 -13.21 -60.64
C ASN D 722 -0.64 -13.00 -61.15
N GLN D 723 0.09 -14.07 -61.48
CA GLN D 723 1.44 -13.90 -61.99
C GLN D 723 1.45 -13.24 -63.36
N SER D 724 0.50 -13.57 -64.21
CA SER D 724 0.46 -12.99 -65.55
C SER D 724 -0.94 -12.62 -66.03
N SER D 725 -1.92 -12.47 -65.14
CA SER D 725 -3.29 -12.30 -65.61
C SER D 725 -3.71 -10.84 -65.64
N ASN D 726 -3.70 -10.17 -64.48
CA ASN D 726 -4.08 -8.77 -64.30
C ASN D 726 -5.51 -8.46 -64.74
N TRP D 727 -6.50 -9.03 -64.07
CA TRP D 727 -7.88 -8.70 -64.32
C TRP D 727 -8.26 -7.52 -63.45
N LYS D 728 -9.15 -6.65 -63.94
CA LYS D 728 -9.62 -5.51 -63.15
C LYS D 728 -11.13 -5.53 -63.05
N TYR D 729 -11.64 -5.61 -61.85
CA TYR D 729 -13.06 -5.79 -61.61
C TYR D 729 -13.68 -4.47 -61.21
N THR D 730 -13.83 -3.56 -62.16
CA THR D 730 -14.37 -2.24 -61.84
C THR D 730 -15.81 -2.35 -61.40
N MET D 731 -16.22 -1.42 -60.57
CA MET D 731 -17.51 -1.44 -59.90
C MET D 731 -18.06 -0.02 -59.86
N ALA D 732 -19.37 0.13 -60.00
CA ALA D 732 -20.00 1.42 -59.85
C ALA D 732 -21.16 1.30 -58.88
N GLY D 733 -21.94 2.38 -58.79
CA GLY D 733 -22.65 2.69 -57.55
C GLY D 733 -23.74 1.69 -57.19
N ALA D 734 -24.84 1.68 -57.92
CA ALA D 734 -25.97 0.89 -57.48
C ALA D 734 -26.47 0.01 -58.61
N ARG D 735 -27.36 -0.90 -58.26
CA ARG D 735 -27.95 -1.81 -59.23
C ARG D 735 -29.07 -1.10 -59.98
N LEU D 736 -29.39 -1.63 -61.16
CA LEU D 736 -30.48 -1.07 -61.95
C LEU D 736 -31.81 -1.30 -61.26
N GLY D 737 -32.66 -0.28 -61.28
CA GLY D 737 -33.95 -0.37 -60.65
C GLY D 737 -33.94 -0.09 -59.16
N SER D 738 -32.77 0.07 -58.56
CA SER D 738 -32.69 0.42 -57.15
C SER D 738 -33.17 1.84 -56.94
N ASN D 739 -33.62 2.12 -55.72
CA ASN D 739 -34.01 3.50 -55.39
C ASN D 739 -32.79 4.38 -55.20
N THR D 740 -31.63 3.78 -54.93
CA THR D 740 -30.40 4.53 -54.80
C THR D 740 -29.94 5.04 -56.16
N LEU D 741 -30.04 4.20 -57.19
CA LEU D 741 -29.62 4.60 -58.52
C LEU D 741 -30.63 5.57 -59.12
N ARG D 742 -30.19 6.80 -59.34
CA ARG D 742 -31.05 7.87 -59.80
C ARG D 742 -30.44 8.49 -61.04
N ALA D 743 -31.27 9.17 -61.83
CA ALA D 743 -30.74 9.81 -63.03
C ALA D 743 -30.06 11.13 -62.71
N GLY D 744 -30.27 11.64 -61.50
CA GLY D 744 -29.23 12.44 -60.88
C GLY D 744 -29.49 12.65 -59.41
N ARG D 745 -28.60 12.03 -58.64
CA ARG D 745 -28.44 12.01 -57.19
C ARG D 745 -27.09 11.32 -57.05
N LEU D 746 -26.74 10.85 -55.87
CA LEU D 746 -25.57 10.00 -55.71
C LEU D 746 -25.83 8.58 -56.22
N ASN D 747 -24.74 7.90 -56.55
CA ASN D 747 -24.76 6.48 -56.86
C ASN D 747 -23.94 5.73 -55.82
N LEU D 748 -24.61 5.20 -54.80
CA LEU D 748 -23.85 4.63 -53.70
C LEU D 748 -24.03 3.12 -53.55
N GLY D 749 -25.23 2.64 -53.34
CA GLY D 749 -25.40 1.20 -53.27
C GLY D 749 -24.98 0.57 -51.95
N THR D 750 -25.32 -0.71 -51.82
CA THR D 750 -25.08 -1.50 -50.62
C THR D 750 -24.67 -2.89 -51.08
N GLY D 751 -23.84 -3.59 -50.30
CA GLY D 751 -23.25 -4.85 -50.73
C GLY D 751 -24.28 -5.97 -50.83
N GLN D 752 -23.81 -7.14 -51.27
CA GLN D 752 -22.42 -7.47 -51.53
C GLN D 752 -22.02 -7.29 -52.97
N TYR D 753 -20.81 -7.74 -53.30
CA TYR D 753 -20.34 -7.79 -54.68
C TYR D 753 -19.43 -9.00 -54.83
N ARG D 754 -19.77 -9.89 -55.76
CA ARG D 754 -19.03 -11.12 -55.98
C ARG D 754 -18.28 -11.01 -57.29
N PHE D 755 -17.04 -11.49 -57.29
CA PHE D 755 -16.14 -11.32 -58.42
C PHE D 755 -15.10 -12.44 -58.40
N PRO D 756 -14.81 -13.05 -59.55
CA PRO D 756 -13.94 -14.23 -59.60
C PRO D 756 -12.47 -13.94 -59.30
N VAL D 757 -11.92 -14.59 -58.28
CA VAL D 757 -10.48 -14.60 -58.06
C VAL D 757 -10.03 -16.03 -58.31
N VAL D 758 -9.67 -16.33 -59.55
CA VAL D 758 -9.44 -17.69 -60.00
C VAL D 758 -7.95 -17.98 -59.93
N GLY D 759 -7.59 -19.05 -59.23
CA GLY D 759 -6.24 -19.52 -59.25
C GLY D 759 -5.80 -19.97 -57.88
N ASN D 760 -4.50 -20.15 -57.74
CA ASN D 760 -3.92 -20.59 -56.48
C ASN D 760 -3.94 -19.44 -55.48
N ALA D 761 -3.96 -19.80 -54.19
CA ALA D 761 -4.00 -18.79 -53.14
C ALA D 761 -2.67 -18.09 -52.96
N LYS D 762 -1.57 -18.81 -53.15
CA LYS D 762 -0.24 -18.25 -52.96
C LYS D 762 0.14 -17.23 -54.02
N PHE D 763 -0.62 -17.12 -55.10
CA PHE D 763 -0.24 -16.28 -56.22
C PHE D 763 -1.20 -15.15 -56.52
N ASN D 764 -2.45 -15.22 -56.06
CA ASN D 764 -3.42 -14.16 -56.33
C ASN D 764 -3.31 -13.08 -55.28
N THR D 765 -3.10 -11.84 -55.73
CA THR D 765 -3.00 -10.67 -54.86
C THR D 765 -4.11 -9.71 -55.25
N VAL D 766 -5.24 -9.79 -54.55
CA VAL D 766 -6.34 -8.87 -54.81
C VAL D 766 -6.03 -7.52 -54.18
N TYR D 767 -6.26 -6.44 -54.92
CA TYR D 767 -6.08 -5.12 -54.33
C TYR D 767 -7.02 -4.11 -54.97
N ILE D 768 -7.26 -3.03 -54.24
CA ILE D 768 -8.28 -2.05 -54.58
C ILE D 768 -7.58 -0.71 -54.73
N LEU D 769 -7.17 -0.37 -55.94
CA LEU D 769 -6.95 1.02 -56.30
C LEU D 769 -8.26 1.59 -56.80
N SER D 770 -8.51 2.87 -56.54
CA SER D 770 -9.51 3.44 -57.42
C SER D 770 -9.08 4.70 -58.17
N ASP D 771 -9.30 5.82 -57.47
CA ASP D 771 -9.09 7.24 -57.74
C ASP D 771 -10.09 7.76 -56.71
N GLU D 772 -10.40 9.05 -56.66
CA GLU D 772 -11.72 9.54 -57.08
C GLU D 772 -12.16 10.84 -56.44
N THR D 773 -13.33 11.29 -56.86
CA THR D 773 -14.09 12.25 -56.10
C THR D 773 -15.22 11.62 -55.30
N THR D 774 -15.17 10.31 -55.01
CA THR D 774 -16.29 9.56 -54.47
C THR D 774 -15.85 8.65 -53.32
N PRO D 775 -16.63 8.54 -52.21
CA PRO D 775 -16.21 7.67 -51.10
C PRO D 775 -16.16 6.18 -51.41
N LEU D 776 -15.79 5.38 -50.42
CA LEU D 776 -16.13 3.97 -50.43
C LEU D 776 -16.23 3.48 -49.01
N ASN D 777 -16.85 2.31 -48.85
CA ASN D 777 -16.89 1.60 -47.59
C ASN D 777 -16.63 0.13 -47.90
N ILE D 778 -15.83 -0.53 -47.08
CA ILE D 778 -15.62 -1.96 -47.20
C ILE D 778 -15.89 -2.59 -45.84
N ILE D 779 -16.92 -3.43 -45.75
CA ILE D 779 -17.26 -3.95 -44.44
C ILE D 779 -16.51 -5.25 -44.19
N GLY D 780 -16.75 -6.25 -45.03
CA GLY D 780 -16.09 -7.53 -44.88
C GLY D 780 -15.63 -8.01 -46.24
N CYS D 781 -14.91 -9.13 -46.22
CA CYS D 781 -14.48 -9.78 -47.44
C CYS D 781 -14.51 -11.27 -47.21
N GLY D 782 -15.12 -12.01 -48.13
CA GLY D 782 -15.11 -13.45 -48.09
C GLY D 782 -14.29 -14.01 -49.23
N TRP D 783 -14.22 -15.33 -49.27
CA TRP D 783 -13.70 -16.07 -50.42
C TRP D 783 -14.19 -17.49 -50.29
N GLU D 784 -14.34 -18.16 -51.43
CA GLU D 784 -14.56 -19.59 -51.42
C GLU D 784 -13.49 -20.24 -52.27
N GLY D 785 -13.56 -21.56 -52.36
CA GLY D 785 -12.58 -22.25 -53.16
C GLY D 785 -12.36 -23.68 -52.74
N ASN D 786 -11.95 -24.51 -53.68
CA ASN D 786 -11.66 -25.91 -53.43
C ASN D 786 -10.41 -26.00 -52.57
N TYR D 787 -10.47 -26.78 -51.50
CA TYR D 787 -9.29 -27.06 -50.69
C TYR D 787 -9.06 -28.55 -50.65
N LEU D 788 -7.83 -28.97 -50.90
CA LEU D 788 -7.51 -30.39 -50.92
C LEU D 788 -6.08 -30.53 -50.40
N ARG D 789 -5.96 -30.85 -49.13
CA ARG D 789 -4.67 -31.26 -48.58
C ARG D 789 -4.63 -32.79 -48.58
N ARG D 790 -3.64 -33.33 -49.27
CA ARG D 790 -3.56 -34.79 -49.42
C ARG D 790 -3.14 -35.44 -48.12
N SER D 791 -2.05 -34.94 -47.55
CA SER D 791 -1.49 -35.43 -46.30
C SER D 791 -2.38 -34.97 -45.15
N SER D 792 -3.26 -35.86 -44.69
CA SER D 792 -4.18 -35.52 -43.61
C SER D 792 -3.41 -35.31 -42.32
N GLY D 793 -3.26 -34.04 -41.94
CA GLY D 793 -2.27 -33.67 -40.96
C GLY D 793 -2.65 -34.03 -39.53
N ILE D 794 -1.70 -33.72 -38.64
CA ILE D 794 -1.78 -33.90 -37.20
C ILE D 794 -2.08 -35.34 -36.81
N LEU E 3 -0.47 -40.56 -44.24
CA LEU E 3 0.65 -39.72 -44.64
C LEU E 3 0.41 -38.36 -44.02
N ILE E 4 1.27 -37.95 -43.10
CA ILE E 4 1.05 -36.71 -42.35
C ILE E 4 2.08 -35.69 -42.78
N SER E 5 1.88 -34.46 -42.32
CA SER E 5 2.73 -33.33 -42.65
C SER E 5 2.42 -32.18 -41.71
N GLN E 6 3.45 -31.39 -41.42
CA GLN E 6 3.22 -30.20 -40.62
C GLN E 6 4.32 -29.20 -40.92
N SER E 7 3.98 -27.93 -40.79
CA SER E 7 4.89 -26.85 -41.10
C SER E 7 5.29 -26.16 -39.81
N ILE E 8 6.59 -25.93 -39.67
CA ILE E 8 7.12 -25.15 -38.57
C ILE E 8 7.12 -23.70 -39.03
N LYS E 9 6.27 -22.88 -38.43
CA LYS E 9 5.94 -21.58 -39.01
C LYS E 9 7.09 -20.59 -38.84
N ASN E 10 7.74 -20.60 -37.68
CA ASN E 10 8.83 -19.68 -37.39
C ASN E 10 10.11 -20.48 -37.30
N LEU E 11 11.23 -19.78 -37.12
CA LEU E 11 12.48 -20.41 -36.75
C LEU E 11 13.17 -19.68 -35.61
N LYS E 12 12.41 -19.21 -34.63
CA LYS E 12 12.94 -18.49 -33.48
C LYS E 12 12.75 -19.29 -32.20
N GLY E 13 13.82 -19.91 -31.71
CA GLY E 13 15.11 -19.91 -32.36
C GLY E 13 16.21 -20.44 -31.49
N GLY E 14 17.35 -20.71 -32.09
CA GLY E 14 18.56 -20.92 -31.34
C GLY E 14 18.81 -22.35 -30.96
N ILE E 15 19.84 -22.52 -30.14
CA ILE E 15 20.26 -23.84 -29.69
C ILE E 15 19.19 -24.38 -28.76
N SER E 16 19.08 -25.70 -28.71
CA SER E 16 18.35 -26.35 -27.63
C SER E 16 19.04 -27.67 -27.34
N GLN E 17 19.91 -27.68 -26.34
CA GLN E 17 20.66 -28.88 -26.00
C GLN E 17 19.82 -29.89 -25.24
N GLN E 18 18.56 -29.56 -24.95
CA GLN E 18 17.58 -30.54 -24.51
C GLN E 18 17.36 -31.55 -25.62
N PRO E 19 17.19 -32.84 -25.31
CA PRO E 19 17.03 -33.85 -26.36
C PRO E 19 15.75 -33.68 -27.17
N ASP E 20 15.82 -34.12 -28.43
CA ASP E 20 14.92 -33.65 -29.47
C ASP E 20 13.50 -34.14 -29.34
N ILE E 21 13.26 -35.14 -28.50
CA ILE E 21 11.87 -35.56 -28.27
C ILE E 21 11.23 -34.70 -27.19
N LEU E 22 12.04 -33.86 -26.54
CA LEU E 22 11.50 -32.96 -25.53
C LEU E 22 11.30 -31.56 -26.10
N ARG E 23 12.19 -31.13 -27.00
CA ARG E 23 12.29 -29.71 -27.34
C ARG E 23 11.12 -29.28 -28.20
N TYR E 24 10.95 -27.96 -28.29
CA TYR E 24 9.90 -27.37 -29.09
C TYR E 24 10.29 -27.42 -30.56
N PRO E 25 9.36 -27.14 -31.47
CA PRO E 25 9.79 -26.65 -32.78
C PRO E 25 10.25 -25.20 -32.64
N ASP E 26 10.83 -24.69 -33.73
CA ASP E 26 11.58 -23.44 -33.93
C ASP E 26 13.00 -23.55 -33.38
N GLN E 27 13.35 -24.64 -32.70
CA GLN E 27 14.61 -24.74 -31.98
C GLN E 27 15.53 -25.70 -32.71
N GLY E 28 16.57 -25.16 -33.34
CA GLY E 28 17.55 -25.99 -34.00
C GLY E 28 18.54 -26.57 -33.01
N SER E 29 19.39 -27.46 -33.50
CA SER E 29 20.36 -28.11 -32.65
C SER E 29 21.71 -27.41 -32.67
N ARG E 30 22.05 -26.72 -33.75
CA ARG E 30 23.12 -25.74 -33.67
C ARG E 30 22.82 -24.61 -34.63
N GLN E 31 23.44 -23.47 -34.35
CA GLN E 31 23.20 -22.24 -35.10
C GLN E 31 24.38 -21.30 -34.89
N VAL E 32 25.05 -20.98 -36.00
CA VAL E 32 26.23 -20.12 -35.99
C VAL E 32 25.96 -18.98 -36.96
N ASN E 33 26.25 -17.75 -36.54
CA ASN E 33 26.13 -16.53 -37.34
C ASN E 33 24.71 -16.27 -37.80
N GLY E 34 23.74 -16.76 -37.04
CA GLY E 34 22.34 -16.55 -37.39
C GLY E 34 21.76 -15.35 -36.68
N TRP E 35 20.72 -14.78 -37.28
CA TRP E 35 20.03 -13.63 -36.71
C TRP E 35 18.53 -13.84 -36.84
N SER E 36 17.96 -14.47 -35.83
CA SER E 36 16.53 -14.80 -35.82
C SER E 36 15.73 -13.55 -35.50
N SER E 37 15.32 -12.83 -36.53
CA SER E 37 14.57 -11.60 -36.32
C SER E 37 13.10 -11.91 -36.00
N GLU E 38 12.32 -10.84 -35.85
CA GLU E 38 10.91 -11.01 -35.50
C GLU E 38 10.09 -11.46 -36.70
N THR E 39 10.11 -10.67 -37.79
CA THR E 39 9.32 -11.00 -38.97
C THR E 39 10.04 -11.96 -39.90
N GLU E 40 11.20 -11.56 -40.39
CA GLU E 40 12.07 -12.50 -41.07
C GLU E 40 12.66 -13.46 -40.05
N GLY E 41 12.92 -14.67 -40.49
CA GLY E 41 13.44 -15.67 -39.59
C GLY E 41 14.95 -15.59 -39.50
N LEU E 42 15.57 -16.71 -39.87
CA LEU E 42 17.02 -16.79 -39.90
C LEU E 42 17.60 -15.85 -40.94
N GLN E 43 18.62 -15.11 -40.55
CA GLN E 43 19.41 -14.29 -41.45
C GLN E 43 20.88 -14.48 -41.11
N LYS E 44 21.74 -14.06 -42.01
CA LYS E 44 23.13 -13.89 -41.64
C LYS E 44 23.29 -12.66 -40.77
N ARG E 45 24.19 -12.72 -39.82
CA ARG E 45 24.53 -11.52 -39.06
C ARG E 45 25.22 -10.52 -39.98
N PRO E 46 24.95 -9.23 -39.82
CA PRO E 46 25.55 -8.23 -40.70
C PRO E 46 27.05 -8.10 -40.45
N PRO E 47 27.82 -7.73 -41.47
CA PRO E 47 29.27 -7.95 -41.42
C PRO E 47 30.04 -6.93 -40.58
N LEU E 48 31.30 -7.23 -40.42
CA LEU E 48 32.15 -6.39 -39.65
C LEU E 48 32.81 -5.47 -40.63
N VAL E 49 32.43 -4.22 -40.59
CA VAL E 49 33.11 -3.23 -41.36
C VAL E 49 34.42 -3.01 -40.64
N PHE E 50 35.41 -2.44 -41.32
CA PHE E 50 36.79 -2.49 -40.83
C PHE E 50 37.42 -1.30 -40.09
N LEU E 51 36.61 -0.33 -39.68
CA LEU E 51 37.19 0.85 -39.07
C LEU E 51 37.70 0.37 -37.75
N ASN E 52 39.02 0.32 -37.60
CA ASN E 52 39.92 0.11 -38.70
C ASN E 52 40.99 -0.88 -38.29
N THR E 53 41.94 -0.48 -37.46
CA THR E 53 42.76 -1.45 -36.80
C THR E 53 43.47 -0.72 -35.70
N LEU E 54 43.98 -1.40 -34.67
CA LEU E 54 44.76 -0.69 -33.67
C LEU E 54 45.97 -1.35 -33.07
N GLY E 55 46.35 -2.52 -33.54
CA GLY E 55 47.29 -3.31 -32.77
C GLY E 55 48.03 -4.51 -33.31
N ASP E 56 48.90 -4.99 -32.43
CA ASP E 56 49.43 -6.32 -32.46
C ASP E 56 48.81 -6.95 -31.23
N ASN E 57 48.29 -8.17 -31.34
CA ASN E 57 47.94 -8.97 -30.17
C ASN E 57 48.86 -8.70 -28.98
N LEU E 60 46.95 -4.68 -27.52
CA LEU E 60 46.14 -4.17 -26.45
C LEU E 60 46.40 -5.18 -25.39
N GLY E 61 45.99 -4.91 -24.16
CA GLY E 61 46.43 -5.73 -23.05
C GLY E 61 45.96 -7.13 -23.34
N GLN E 62 46.70 -8.13 -22.89
CA GLN E 62 46.41 -9.48 -23.35
C GLN E 62 45.02 -9.93 -22.98
N ALA E 63 44.59 -9.67 -21.76
CA ALA E 63 43.19 -9.75 -21.42
C ALA E 63 42.89 -8.46 -20.73
N PRO E 64 42.09 -7.55 -21.43
CA PRO E 64 42.03 -6.23 -20.81
C PRO E 64 40.66 -5.99 -20.28
N TYR E 65 40.47 -4.87 -19.61
CA TYR E 65 39.13 -4.43 -19.23
C TYR E 65 38.78 -3.23 -20.11
N ILE E 66 37.79 -3.40 -20.97
CA ILE E 66 37.40 -2.39 -21.95
C ILE E 66 35.98 -1.94 -21.65
N HIS E 67 35.80 -0.63 -21.50
CA HIS E 67 34.53 -0.03 -21.14
C HIS E 67 34.43 1.33 -21.80
N LEU E 68 33.38 1.58 -22.57
CA LEU E 68 33.28 2.80 -23.37
C LEU E 68 32.79 3.96 -22.53
N ILE E 69 32.84 5.15 -23.12
CA ILE E 69 32.23 6.37 -22.59
C ILE E 69 31.33 6.93 -23.69
N ASN E 70 30.08 7.21 -23.35
CA ASN E 70 29.10 7.66 -24.32
C ASN E 70 28.46 8.94 -23.80
N ARG E 71 29.09 10.08 -24.06
CA ARG E 71 28.60 11.35 -23.54
C ARG E 71 27.64 12.02 -24.51
N ASP E 72 28.09 12.36 -25.72
CA ASP E 72 27.24 13.00 -26.71
C ASP E 72 27.29 12.22 -28.01
N GLU E 73 26.70 12.77 -29.06
CA GLU E 73 26.79 12.15 -30.37
C GLU E 73 28.16 12.36 -31.01
N HIS E 74 28.84 13.44 -30.64
CA HIS E 74 30.18 13.71 -31.14
C HIS E 74 31.23 13.27 -30.13
N GLU E 75 30.76 12.73 -29.00
CA GLU E 75 31.62 12.50 -27.84
C GLU E 75 31.39 11.07 -27.38
N GLN E 76 32.13 10.14 -27.98
CA GLN E 76 31.96 8.71 -27.78
C GLN E 76 33.32 8.04 -27.88
N TYR E 77 33.93 7.75 -26.73
CA TYR E 77 35.27 7.17 -26.72
C TYR E 77 35.27 5.84 -25.98
N TYR E 78 36.39 5.14 -26.06
CA TYR E 78 36.62 3.91 -25.31
C TYR E 78 37.46 4.17 -24.07
N ALA E 79 37.75 3.10 -23.35
CA ALA E 79 38.78 3.08 -22.31
C ALA E 79 39.27 1.64 -22.17
N VAL E 80 40.49 1.38 -22.62
CA VAL E 80 41.08 0.04 -22.56
C VAL E 80 42.00 0.01 -21.37
N PHE E 81 41.72 -0.86 -20.40
CA PHE E 81 42.53 -0.92 -19.19
C PHE E 81 43.44 -2.15 -19.28
N THR E 82 44.60 -1.94 -19.90
CA THR E 82 45.53 -3.03 -20.05
C THR E 82 46.25 -3.32 -18.73
N GLY E 83 47.13 -4.31 -18.78
CA GLY E 83 47.95 -4.61 -17.61
C GLY E 83 48.97 -3.53 -17.34
N SER E 84 49.37 -2.80 -18.39
CA SER E 84 50.34 -1.73 -18.20
C SER E 84 49.66 -0.43 -17.82
N GLY E 85 48.76 0.07 -18.66
CA GLY E 85 48.16 1.35 -18.38
C GLY E 85 46.92 1.63 -19.20
N ILE E 86 46.40 2.85 -19.04
CA ILE E 86 45.17 3.26 -19.71
C ILE E 86 45.48 3.54 -21.17
N ARG E 87 44.62 3.04 -22.06
CA ARG E 87 44.66 3.42 -23.47
C ARG E 87 43.25 3.69 -23.96
N VAL E 88 43.10 4.76 -24.72
CA VAL E 88 41.80 5.24 -25.16
C VAL E 88 41.77 5.34 -26.67
N PHE E 89 40.80 4.65 -27.28
CA PHE E 89 40.48 4.81 -28.68
C PHE E 89 39.20 5.61 -28.80
N ASP E 90 38.96 6.17 -29.98
CA ASP E 90 37.65 6.75 -30.24
C ASP E 90 36.74 5.70 -30.86
N LEU E 91 35.62 6.17 -31.42
CA LEU E 91 34.75 5.30 -32.17
C LEU E 91 34.99 5.41 -33.66
N SER E 92 36.20 5.83 -34.04
CA SER E 92 36.70 5.72 -35.40
C SER E 92 38.01 4.95 -35.42
N GLY E 93 38.58 4.69 -34.25
CA GLY E 93 39.64 3.71 -34.12
C GLY E 93 41.05 4.20 -33.95
N ASN E 94 41.30 5.51 -33.93
CA ASN E 94 42.66 6.00 -33.74
C ASN E 94 42.90 6.31 -32.27
N GLU E 95 44.16 6.25 -31.87
CA GLU E 95 44.51 6.43 -30.46
C GLU E 95 44.42 7.89 -30.07
N LYS E 96 44.06 8.12 -28.82
CA LYS E 96 44.17 9.44 -28.21
C LYS E 96 44.90 9.31 -26.88
N GLN E 97 45.68 10.33 -26.56
CA GLN E 97 46.68 10.25 -25.51
C GLN E 97 46.03 10.37 -24.14
N VAL E 98 46.58 9.62 -23.18
CA VAL E 98 46.28 9.81 -21.77
C VAL E 98 47.57 10.24 -21.09
N ARG E 99 47.44 10.83 -19.91
CA ARG E 99 48.60 11.32 -19.19
C ARG E 99 48.52 10.88 -17.74
N TYR E 100 49.68 10.65 -17.14
CA TYR E 100 49.78 10.24 -15.75
C TYR E 100 50.53 11.34 -15.00
N PRO E 101 49.84 12.40 -14.59
CA PRO E 101 50.54 13.47 -13.85
C PRO E 101 50.88 13.08 -12.43
N ASN E 102 50.30 12.00 -11.93
CA ASN E 102 50.47 11.60 -10.54
C ASN E 102 50.97 10.18 -10.41
N GLY E 103 51.58 9.62 -11.45
CA GLY E 103 51.98 8.24 -11.44
C GLY E 103 50.83 7.32 -11.75
N SER E 104 51.11 6.16 -12.34
CA SER E 104 50.01 5.25 -12.57
C SER E 104 49.70 4.53 -11.27
N ASN E 105 50.56 3.58 -10.89
CA ASN E 105 50.60 2.86 -9.61
C ASN E 105 49.25 2.22 -9.21
N TYR E 106 48.28 2.17 -10.12
CA TYR E 106 46.91 1.82 -9.78
C TYR E 106 46.28 0.91 -10.81
N ILE E 107 46.83 0.89 -12.02
CA ILE E 107 46.29 0.10 -13.12
C ILE E 107 47.15 -1.14 -13.33
N LYS E 108 48.37 -1.14 -12.82
CA LYS E 108 49.28 -2.27 -12.96
C LYS E 108 48.74 -3.45 -12.16
N THR E 109 48.14 -4.39 -12.88
CA THR E 109 47.44 -5.53 -12.29
C THR E 109 47.61 -6.69 -13.25
N ALA E 110 47.80 -7.89 -12.70
CA ALA E 110 47.88 -9.09 -13.54
C ALA E 110 46.54 -9.40 -14.18
N ASN E 111 45.43 -9.18 -13.48
CA ASN E 111 44.10 -9.47 -14.01
C ASN E 111 43.26 -8.21 -13.96
N PRO E 112 43.31 -7.38 -15.00
CA PRO E 112 42.55 -6.13 -14.96
C PRO E 112 41.05 -6.33 -15.20
N ARG E 113 40.66 -7.50 -15.68
CA ARG E 113 39.22 -7.79 -15.77
C ARG E 113 38.63 -8.04 -14.40
N ASN E 114 39.30 -8.86 -13.58
CA ASN E 114 38.77 -9.28 -12.30
C ASN E 114 38.96 -8.23 -11.22
N ASP E 115 39.69 -7.15 -11.50
CA ASP E 115 40.13 -6.26 -10.43
C ASP E 115 39.89 -4.79 -10.69
N LEU E 116 39.56 -4.37 -11.91
CA LEU E 116 39.29 -2.98 -12.17
C LEU E 116 37.82 -2.77 -12.49
N ARG E 117 37.33 -1.60 -12.09
CA ARG E 117 35.95 -1.21 -12.34
C ARG E 117 35.92 0.18 -12.94
N MET E 118 34.81 0.50 -13.58
CA MET E 118 34.65 1.84 -14.15
C MET E 118 33.18 2.23 -14.09
N VAL E 119 32.86 3.18 -13.22
CA VAL E 119 31.54 3.76 -13.19
C VAL E 119 31.62 5.14 -13.82
N THR E 120 30.71 5.42 -14.75
CA THR E 120 30.89 6.56 -15.64
C THR E 120 29.62 7.40 -15.69
N VAL E 121 29.76 8.68 -15.38
CA VAL E 121 28.70 9.65 -15.56
C VAL E 121 29.29 10.76 -16.43
N ALA E 122 28.46 11.73 -16.86
CA ALA E 122 28.92 12.75 -17.78
C ALA E 122 29.92 13.70 -17.13
N ASP E 123 29.87 13.84 -15.81
CA ASP E 123 30.79 14.74 -15.12
C ASP E 123 32.09 14.05 -14.74
N TYR E 124 32.05 12.78 -14.38
CA TYR E 124 33.22 12.08 -13.89
C TYR E 124 33.22 10.63 -14.39
N THR E 125 34.41 10.11 -14.62
CA THR E 125 34.61 8.74 -15.06
C THR E 125 35.46 8.02 -14.03
N PHE E 126 34.81 7.40 -13.05
CA PHE E 126 35.49 6.78 -11.94
C PHE E 126 36.22 5.52 -12.39
N ILE E 127 37.40 5.30 -11.83
CA ILE E 127 38.18 4.10 -12.11
C ILE E 127 38.59 3.50 -10.78
N VAL E 128 38.17 2.27 -10.54
CA VAL E 128 38.24 1.64 -9.22
C VAL E 128 39.13 0.41 -9.33
N ASN E 129 40.21 0.38 -8.57
CA ASN E 129 40.93 -0.86 -8.37
C ASN E 129 40.34 -1.58 -7.16
N ARG E 130 40.22 -2.90 -7.27
CA ARG E 130 39.63 -3.67 -6.19
C ARG E 130 40.70 -4.31 -5.32
N ASN E 131 41.93 -4.39 -5.82
CA ASN E 131 42.99 -4.99 -5.02
C ASN E 131 43.50 -4.02 -3.97
N VAL E 132 43.54 -2.73 -4.29
CA VAL E 132 44.16 -1.76 -3.39
C VAL E 132 43.21 -1.47 -2.24
N VAL E 133 43.79 -1.26 -1.06
CA VAL E 133 43.04 -0.92 0.15
C VAL E 133 43.48 0.47 0.58
N ALA E 134 42.53 1.27 1.04
CA ALA E 134 42.76 2.68 1.30
C ALA E 134 42.92 2.90 2.80
N GLN E 135 44.00 3.57 3.18
CA GLN E 135 44.33 3.81 4.58
C GLN E 135 44.25 5.28 4.88
N LYS E 136 44.40 5.61 6.16
CA LYS E 136 44.71 6.97 6.55
C LYS E 136 46.21 7.19 6.46
N ASN E 137 46.61 8.43 6.22
CA ASN E 137 48.04 8.78 6.17
C ASN E 137 48.43 9.46 7.46
N THR E 138 49.56 9.03 8.03
CA THR E 138 49.95 9.54 9.34
C THR E 138 50.75 10.82 9.23
N LYS E 139 50.95 11.34 8.01
CA LYS E 139 51.82 12.49 7.84
C LYS E 139 51.11 13.79 8.21
N SER E 140 49.89 13.96 7.70
CA SER E 140 49.15 15.20 7.90
C SER E 140 48.15 15.03 9.04
N VAL E 141 48.51 15.52 10.23
CA VAL E 141 47.60 15.58 11.36
C VAL E 141 47.24 17.03 11.57
N ASN E 142 46.31 17.29 12.50
CA ASN E 142 45.94 18.66 12.83
C ASN E 142 46.98 19.29 13.74
N LEU E 143 47.16 18.74 14.93
CA LEU E 143 48.20 19.17 15.85
C LEU E 143 49.08 17.97 16.16
N PRO E 144 50.41 18.16 16.25
CA PRO E 144 51.33 17.01 16.37
C PRO E 144 51.17 16.20 17.64
N ASN E 145 51.32 16.85 18.80
CA ASN E 145 51.10 16.16 20.07
C ASN E 145 49.91 16.75 20.82
N TYR E 146 49.99 18.04 21.14
CA TYR E 146 48.98 18.82 21.86
C TYR E 146 48.57 18.13 23.16
N ASN E 147 49.48 18.11 24.11
CA ASN E 147 49.08 17.89 25.48
C ASN E 147 48.07 18.98 25.83
N PRO E 148 46.79 18.63 26.06
CA PRO E 148 45.76 19.68 26.16
C PRO E 148 45.84 20.51 27.42
N ASN E 149 46.74 20.16 28.34
CA ASN E 149 46.98 21.00 29.50
C ASN E 149 47.83 22.21 29.15
N GLN E 150 48.62 22.13 28.07
CA GLN E 150 49.74 23.06 27.90
C GLN E 150 49.36 24.43 27.36
N ASP E 151 48.28 25.02 27.88
CA ASP E 151 47.93 26.44 27.97
C ASP E 151 46.56 26.58 28.60
N GLY E 152 46.16 27.80 28.91
CA GLY E 152 44.80 28.07 29.36
C GLY E 152 44.75 28.99 30.57
N LEU E 153 43.60 29.63 30.73
CA LEU E 153 43.55 31.07 30.83
C LEU E 153 42.63 31.49 31.98
N ILE E 154 42.86 32.69 32.52
CA ILE E 154 42.06 33.18 33.63
C ILE E 154 41.55 34.58 33.30
N ASN E 155 40.29 34.66 32.89
CA ASN E 155 39.68 35.94 32.57
C ASN E 155 39.37 36.71 33.85
N VAL E 156 39.57 38.01 33.80
CA VAL E 156 39.36 38.89 34.93
C VAL E 156 38.22 39.86 34.62
N ARG E 157 37.33 40.05 35.59
CA ARG E 157 36.18 40.93 35.45
C ARG E 157 35.91 41.66 36.76
N GLY E 158 36.49 42.85 36.91
CA GLY E 158 36.12 43.82 37.94
C GLY E 158 36.20 43.35 39.37
N GLY E 159 37.40 43.15 39.90
CA GLY E 159 37.55 42.65 41.26
C GLY E 159 37.21 43.71 42.29
N GLN E 160 36.15 43.46 43.05
CA GLN E 160 35.74 44.44 44.06
C GLN E 160 36.55 44.24 45.35
N TYR E 161 36.18 45.03 46.35
CA TYR E 161 37.08 45.36 47.44
C TYR E 161 37.12 44.26 48.50
N GLY E 162 38.33 43.82 48.83
CA GLY E 162 38.55 42.87 49.92
C GLY E 162 38.37 41.41 49.56
N ARG E 163 38.89 41.00 48.41
CA ARG E 163 38.73 39.63 47.92
C ARG E 163 40.08 39.09 47.50
N GLU E 164 40.61 38.14 48.28
CA GLU E 164 41.92 37.57 47.99
C GLU E 164 41.84 36.69 46.74
N LEU E 165 42.57 37.09 45.71
CA LEU E 165 42.67 36.35 44.47
C LEU E 165 44.00 35.63 44.46
N ILE E 166 43.97 34.29 44.42
CA ILE E 166 45.18 33.49 44.24
C ILE E 166 45.01 32.68 42.97
N VAL E 167 46.12 32.19 42.43
CA VAL E 167 46.11 31.24 41.33
C VAL E 167 46.88 30.01 41.80
N HIS E 168 46.22 28.85 41.73
CA HIS E 168 46.70 27.65 42.40
C HIS E 168 47.39 26.69 41.43
N ILE E 169 48.15 27.22 40.47
CA ILE E 169 48.88 26.38 39.53
C ILE E 169 49.97 25.61 40.25
N ASN E 170 50.06 24.30 39.96
CA ASN E 170 51.09 23.38 40.40
C ASN E 170 51.03 23.18 41.92
N GLY E 171 49.86 23.40 42.53
CA GLY E 171 49.67 23.24 43.95
C GLY E 171 50.00 24.47 44.78
N LYS E 172 50.92 25.30 44.32
CA LYS E 172 51.43 26.42 45.10
C LYS E 172 50.49 27.61 44.99
N ASP E 173 50.43 28.40 46.06
CA ASP E 173 49.66 29.63 46.04
C ASP E 173 50.43 30.71 45.30
N VAL E 174 50.07 30.92 44.03
CA VAL E 174 50.77 31.85 43.17
C VAL E 174 49.82 33.00 42.89
N ALA E 175 50.39 34.19 42.67
CA ALA E 175 49.67 35.43 42.31
C ALA E 175 48.67 35.83 43.37
N LYS E 176 49.15 36.16 44.56
CA LYS E 176 48.31 36.54 45.69
C LYS E 176 48.07 38.05 45.70
N TYR E 177 46.80 38.48 45.68
CA TYR E 177 46.46 39.87 45.88
C TYR E 177 44.99 39.97 46.29
N LYS E 178 44.69 40.88 47.23
CA LYS E 178 43.32 41.25 47.52
C LYS E 178 43.13 42.71 47.13
N ILE E 179 41.97 43.00 46.56
CA ILE E 179 41.68 44.38 46.16
C ILE E 179 41.34 45.16 47.43
N PRO E 180 42.08 46.22 47.74
CA PRO E 180 41.94 46.86 49.06
C PRO E 180 40.63 47.59 49.25
N ASP E 181 40.22 47.67 50.53
CA ASP E 181 38.99 48.31 51.00
C ASP E 181 38.92 49.76 50.52
N GLY E 182 37.73 50.17 50.09
CA GLY E 182 37.52 51.46 49.45
C GLY E 182 37.50 52.59 50.47
N SER E 183 38.60 53.33 50.51
CA SER E 183 38.64 54.61 51.18
C SER E 183 39.34 55.60 50.23
N GLN E 184 38.53 56.36 49.50
CA GLN E 184 38.22 56.01 48.11
C GLN E 184 39.28 56.11 47.00
N PRO E 185 40.11 57.20 46.88
CA PRO E 185 40.58 57.60 45.54
C PRO E 185 41.49 56.63 44.79
N GLU E 186 42.43 55.99 45.47
CA GLU E 186 43.30 55.03 44.77
C GLU E 186 42.61 53.69 44.59
N HIS E 187 41.51 53.46 45.32
CA HIS E 187 40.90 52.13 45.32
C HIS E 187 39.93 51.98 44.16
N VAL E 188 39.40 53.09 43.65
CA VAL E 188 38.41 52.98 42.58
C VAL E 188 39.11 52.80 41.24
N ASN E 189 40.35 53.29 41.14
CA ASN E 189 41.21 52.93 40.01
C ASN E 189 41.71 51.51 40.13
N ASN E 190 41.61 50.94 41.33
CA ASN E 190 42.15 49.62 41.62
C ASN E 190 41.14 48.53 41.28
N THR E 191 39.84 48.82 41.39
CA THR E 191 38.82 47.77 41.33
C THR E 191 38.61 47.22 39.93
N ASP E 192 39.29 47.76 38.92
CA ASP E 192 39.14 47.30 37.55
C ASP E 192 39.79 45.94 37.33
N ALA E 193 39.49 45.32 36.18
CA ALA E 193 40.11 44.06 35.83
C ALA E 193 41.44 44.27 35.14
N GLN E 194 41.62 45.43 34.51
CA GLN E 194 42.80 45.61 33.67
C GLN E 194 44.06 45.83 34.49
N TRP E 195 43.97 46.62 35.57
CA TRP E 195 45.13 46.83 36.41
C TRP E 195 45.52 45.55 37.15
N LEU E 196 44.53 44.73 37.49
CA LEU E 196 44.80 43.42 38.07
C LEU E 196 45.43 42.48 37.04
N ALA E 197 45.13 42.69 35.75
CA ALA E 197 45.55 41.76 34.71
C ALA E 197 47.06 41.75 34.53
N GLU E 198 47.72 42.85 34.89
CA GLU E 198 49.19 42.81 34.98
C GLU E 198 49.65 42.59 36.41
N GLU E 199 48.85 43.01 37.39
CA GLU E 199 49.25 42.84 38.79
C GLU E 199 49.24 41.37 39.20
N LEU E 200 48.25 40.61 38.73
CA LEU E 200 48.27 39.18 38.93
C LEU E 200 49.39 38.53 38.12
N ALA E 201 49.65 39.03 36.92
CA ALA E 201 50.57 38.37 36.01
C ALA E 201 52.03 38.64 36.38
N LYS E 202 52.31 39.78 37.00
CA LYS E 202 53.70 40.13 37.30
C LYS E 202 54.22 39.30 38.46
N GLN E 203 53.33 38.75 39.28
CA GLN E 203 53.78 37.83 40.32
C GLN E 203 53.97 36.43 39.76
N MET E 204 53.20 36.07 38.73
CA MET E 204 53.41 34.77 38.07
C MET E 204 54.62 34.79 37.16
N ARG E 205 55.16 35.97 36.85
CA ARG E 205 56.44 36.03 36.18
C ARG E 205 57.58 35.84 37.17
N THR E 206 57.34 36.15 38.44
CA THR E 206 58.36 35.90 39.46
C THR E 206 58.34 34.45 39.91
N ASN E 207 57.15 33.88 40.10
CA ASN E 207 57.00 32.53 40.61
C ASN E 207 56.78 31.57 39.45
N LEU E 208 57.64 30.56 39.36
CA LEU E 208 57.62 29.45 38.39
C LEU E 208 57.54 29.91 36.93
N SER E 209 57.97 31.14 36.60
CA SER E 209 59.33 31.68 36.35
C SER E 209 60.08 31.01 35.19
N ASP E 210 59.44 30.09 34.45
CA ASP E 210 60.14 29.40 33.38
C ASP E 210 59.43 29.59 32.06
N TRP E 211 58.33 30.33 32.06
CA TRP E 211 57.49 30.51 30.90
C TRP E 211 56.91 31.92 30.91
N THR E 212 56.50 32.41 29.74
CA THR E 212 56.15 33.82 29.59
C THR E 212 54.63 34.03 29.63
N VAL E 213 54.23 35.23 30.07
CA VAL E 213 52.83 35.57 30.28
C VAL E 213 52.48 36.72 29.34
N ASN E 214 51.27 36.68 28.78
CA ASN E 214 50.71 37.82 28.05
C ASN E 214 49.20 37.95 28.28
N VAL E 215 48.70 39.19 28.23
CA VAL E 215 47.31 39.50 28.55
C VAL E 215 46.73 40.43 27.49
N GLY E 216 45.60 40.05 26.89
CA GLY E 216 44.86 41.05 26.14
C GLY E 216 43.35 41.11 26.29
N GLN E 217 42.87 42.10 27.05
CA GLN E 217 41.50 42.57 27.32
C GLN E 217 40.62 41.57 28.05
N GLY E 218 40.62 40.34 27.55
CA GLY E 218 41.02 39.09 28.12
C GLY E 218 41.06 38.56 29.52
N PHE E 219 42.29 38.14 29.80
CA PHE E 219 42.61 36.89 30.44
C PHE E 219 43.92 37.04 31.20
N ILE E 220 44.46 35.90 31.61
CA ILE E 220 45.88 35.68 31.83
C ILE E 220 46.24 34.37 31.14
N HIS E 221 46.97 34.47 30.03
CA HIS E 221 47.24 33.30 29.18
C HIS E 221 48.42 32.54 29.75
N VAL E 222 48.14 31.69 30.73
CA VAL E 222 49.14 30.77 31.25
C VAL E 222 49.45 29.72 30.20
N THR E 223 50.75 29.48 29.95
CA THR E 223 51.25 28.52 28.97
C THR E 223 52.64 28.03 29.35
N ALA E 224 52.75 26.71 29.53
CA ALA E 224 53.95 26.10 30.10
C ALA E 224 54.90 25.61 29.01
N PRO E 225 56.18 25.32 29.34
CA PRO E 225 57.03 24.63 28.36
C PRO E 225 56.75 23.14 28.31
N SER E 226 57.54 22.40 27.54
CA SER E 226 57.23 21.00 27.25
C SER E 226 57.36 20.10 28.48
N GLY E 227 58.14 20.54 29.47
CA GLY E 227 58.38 19.69 30.63
C GLY E 227 57.24 19.68 31.63
N GLN E 228 56.64 20.85 31.86
CA GLN E 228 55.64 21.02 32.93
C GLN E 228 54.27 21.24 32.31
N GLN E 229 53.22 20.93 33.07
CA GLN E 229 51.85 21.20 32.66
C GLN E 229 51.08 21.87 33.80
N ILE E 230 49.81 22.16 33.54
CA ILE E 230 49.00 23.04 34.38
C ILE E 230 48.07 22.21 35.26
N ASP E 231 48.56 21.04 35.71
CA ASP E 231 47.84 20.19 36.64
C ASP E 231 47.42 20.94 37.91
N SER E 232 46.23 20.55 38.42
CA SER E 232 45.58 21.16 39.59
C SER E 232 45.32 22.65 39.39
N PHE E 233 44.61 22.99 38.32
CA PHE E 233 44.41 24.37 37.92
C PHE E 233 43.12 24.92 38.49
N THR E 234 43.20 25.53 39.67
CA THR E 234 42.09 26.28 40.24
C THR E 234 42.56 27.69 40.51
N THR E 235 41.60 28.60 40.65
CA THR E 235 41.88 30.02 40.83
C THR E 235 40.76 30.66 41.63
N LYS E 236 41.06 30.97 42.89
CA LYS E 236 40.06 31.39 43.87
C LYS E 236 39.51 32.76 43.50
N ASP E 237 38.25 33.02 43.89
CA ASP E 237 37.52 34.15 43.34
C ASP E 237 37.19 35.20 44.39
N GLY E 238 37.03 34.77 45.64
CA GLY E 238 36.69 35.72 46.71
C GLY E 238 35.25 36.18 46.73
N TYR E 239 34.78 36.75 45.62
CA TYR E 239 33.38 37.03 45.36
C TYR E 239 32.76 35.74 44.79
N ALA E 240 31.59 35.84 44.18
CA ALA E 240 30.99 34.72 43.45
C ALA E 240 31.84 34.34 42.23
N ASP E 241 31.36 33.33 41.51
CA ASP E 241 32.06 32.81 40.33
C ASP E 241 32.19 33.83 39.20
N GLN E 242 31.36 34.88 39.21
CA GLN E 242 31.39 35.89 38.16
C GLN E 242 32.47 36.94 38.37
N LEU E 243 33.42 36.70 39.27
CA LEU E 243 34.50 37.66 39.50
C LEU E 243 35.67 37.37 38.57
N ILE E 244 36.31 36.21 38.73
CA ILE E 244 37.30 35.70 37.80
C ILE E 244 37.03 34.21 37.64
N ASN E 245 37.49 33.64 36.53
CA ASN E 245 37.26 32.25 36.24
C ASN E 245 38.50 31.57 35.68
N PRO E 246 38.96 30.50 36.30
CA PRO E 246 39.90 29.60 35.62
C PRO E 246 39.16 28.81 34.56
N VAL E 247 39.38 29.17 33.31
CA VAL E 247 38.73 28.49 32.19
C VAL E 247 39.80 27.80 31.36
N THR E 248 39.51 26.56 30.97
CA THR E 248 40.48 25.70 30.31
C THR E 248 40.01 25.31 28.92
N HIS E 249 40.66 24.32 28.31
CA HIS E 249 40.34 23.80 26.99
C HIS E 249 39.06 22.96 26.95
N TYR E 250 38.27 22.94 28.01
CA TYR E 250 37.07 22.12 28.10
C TYR E 250 35.97 22.94 28.76
N ALA E 251 35.01 23.40 27.97
CA ALA E 251 33.86 24.06 28.55
C ALA E 251 32.67 23.12 28.55
N GLN E 252 31.67 23.44 29.37
CA GLN E 252 30.52 22.56 29.52
C GLN E 252 29.32 23.04 28.73
N SER E 253 29.39 24.22 28.14
CA SER E 253 28.35 24.74 27.26
C SER E 253 28.98 25.77 26.34
N PHE E 254 28.21 26.18 25.32
CA PHE E 254 28.69 27.25 24.45
C PHE E 254 28.55 28.61 25.10
N SER E 255 27.58 28.76 25.99
CA SER E 255 27.39 30.04 26.67
C SER E 255 28.50 30.30 27.67
N LYS E 256 28.91 29.28 28.40
CA LYS E 256 30.05 29.40 29.31
C LYS E 256 31.33 29.29 28.49
N LEU E 257 31.82 30.42 28.03
CA LEU E 257 32.95 30.47 27.10
C LEU E 257 33.67 31.79 27.27
N PRO E 258 35.01 31.81 27.28
CA PRO E 258 35.72 33.05 27.59
C PRO E 258 35.61 34.05 26.46
N PRO E 259 35.64 35.36 26.77
CA PRO E 259 35.43 36.37 25.72
C PRO E 259 36.55 36.48 24.70
N ASN E 260 37.80 36.65 25.11
CA ASN E 260 38.86 36.85 24.11
C ASN E 260 39.49 35.52 23.75
N ALA E 261 40.21 34.86 24.69
CA ALA E 261 40.83 33.54 24.53
C ALA E 261 41.71 33.46 23.29
N PRO E 262 42.94 33.98 23.33
CA PRO E 262 43.60 34.53 22.12
C PRO E 262 43.85 33.50 21.02
N ASN E 263 44.19 34.03 19.83
CA ASN E 263 43.80 33.46 18.53
C ASN E 263 44.14 31.98 18.37
N GLY E 264 45.26 31.53 18.92
CA GLY E 264 45.60 30.13 18.81
C GLY E 264 45.09 29.29 19.96
N TYR E 265 43.77 29.05 20.01
CA TYR E 265 43.15 28.42 21.17
C TYR E 265 41.94 27.59 20.76
N MET E 266 41.75 26.44 21.40
CA MET E 266 40.67 25.51 21.10
C MET E 266 39.99 25.10 22.39
N VAL E 267 38.67 24.85 22.32
CA VAL E 267 37.90 24.32 23.44
C VAL E 267 37.13 23.10 22.95
N LYS E 268 37.23 22.00 23.71
CA LYS E 268 36.32 20.88 23.57
C LYS E 268 35.01 21.22 24.29
N ILE E 269 34.00 21.62 23.53
CA ILE E 269 32.67 21.78 24.10
C ILE E 269 32.09 20.40 24.38
N VAL E 270 31.76 20.15 25.65
CA VAL E 270 31.20 18.88 26.05
C VAL E 270 29.69 19.07 26.02
N GLY E 271 28.96 17.96 26.08
CA GLY E 271 27.51 18.03 26.02
C GLY E 271 26.93 18.71 27.25
N ASP E 272 25.83 19.43 27.03
CA ASP E 272 25.11 20.15 28.07
C ASP E 272 24.28 19.23 28.96
N ALA E 273 24.15 17.95 28.57
CA ALA E 273 23.27 16.95 29.16
C ALA E 273 21.81 17.42 29.16
N SER E 274 21.44 18.21 28.15
CA SER E 274 20.08 18.67 27.95
C SER E 274 19.57 18.34 26.55
N LYS E 275 20.45 18.32 25.57
CA LYS E 275 20.13 17.85 24.23
C LYS E 275 20.92 16.58 23.95
N SER E 276 20.49 15.85 22.94
CA SER E 276 21.21 14.67 22.47
C SER E 276 22.37 15.11 21.58
N ALA E 277 23.41 15.66 22.18
CA ALA E 277 24.48 16.31 21.43
C ALA E 277 25.79 15.57 21.66
N ASP E 278 26.64 15.59 20.64
CA ASP E 278 27.99 15.06 20.77
C ASP E 278 28.92 16.16 21.28
N GLN E 279 30.21 15.92 21.20
CA GLN E 279 31.21 16.77 21.82
C GLN E 279 32.07 17.39 20.73
N TYR E 280 31.65 18.54 20.24
CA TYR E 280 32.28 19.24 19.13
C TYR E 280 33.32 20.22 19.67
N TYR E 281 34.21 20.66 18.78
CA TYR E 281 35.28 21.57 19.17
C TYR E 281 35.06 22.87 18.40
N VAL E 282 35.60 23.97 18.92
CA VAL E 282 35.22 25.29 18.41
C VAL E 282 36.37 26.01 17.71
N ARG E 283 37.52 26.21 18.39
CA ARG E 283 38.70 26.88 17.82
C ARG E 283 38.43 28.31 17.34
N TYR E 284 38.40 29.25 18.29
CA TYR E 284 38.60 30.68 18.06
C TYR E 284 39.76 30.89 17.09
N ASP E 285 39.58 31.81 16.14
CA ASP E 285 40.49 31.84 14.98
C ASP E 285 40.98 33.26 14.71
N ALA E 286 40.65 34.19 15.59
CA ALA E 286 39.78 35.27 15.15
C ALA E 286 40.16 36.14 13.96
N GLU E 287 40.91 37.22 14.23
CA GLU E 287 40.85 38.53 13.54
C GLU E 287 39.45 39.19 13.57
N ARG E 288 38.47 38.53 14.23
CA ARG E 288 37.06 38.78 14.22
C ARG E 288 36.48 37.90 15.33
N LYS E 289 35.83 38.51 16.33
CA LYS E 289 35.54 37.78 17.57
C LYS E 289 34.41 36.78 17.37
N VAL E 290 34.80 35.53 17.06
CA VAL E 290 33.92 34.48 16.55
C VAL E 290 34.47 33.12 16.96
N TRP E 291 33.61 32.24 17.46
CA TRP E 291 33.93 30.85 17.71
C TRP E 291 33.31 29.99 16.62
N THR E 292 34.16 29.38 15.78
CA THR E 292 33.77 28.54 14.66
C THR E 292 33.60 27.09 15.12
N GLU E 293 33.63 26.14 14.17
CA GLU E 293 33.75 24.72 14.49
C GLU E 293 34.76 24.08 13.57
N THR E 294 35.78 23.43 14.16
CA THR E 294 36.89 22.90 13.38
C THR E 294 37.15 21.43 13.71
N LEU E 295 38.26 20.94 13.17
CA LEU E 295 38.69 19.56 13.36
C LEU E 295 39.18 19.31 14.78
N GLY E 296 39.20 18.04 15.18
CA GLY E 296 39.86 17.62 16.39
C GLY E 296 41.35 17.90 16.38
N TRP E 297 41.94 17.93 17.57
CA TRP E 297 43.33 18.35 17.67
C TRP E 297 44.28 17.23 17.27
N ASN E 298 44.01 16.00 17.68
CA ASN E 298 45.00 14.95 17.49
C ASN E 298 44.64 14.09 16.28
N THR E 299 43.36 14.02 15.96
CA THR E 299 42.94 13.19 14.84
C THR E 299 43.36 13.82 13.52
N GLU E 300 43.54 12.97 12.51
CA GLU E 300 44.12 13.41 11.26
C GLU E 300 43.05 13.42 10.18
N ASP E 301 43.24 14.30 9.19
CA ASP E 301 42.13 14.77 8.38
C ASP E 301 41.87 13.88 7.17
N GLN E 302 42.92 13.41 6.51
CA GLN E 302 42.78 12.87 5.17
C GLN E 302 43.06 11.38 5.11
N VAL E 303 42.54 10.77 4.04
CA VAL E 303 42.84 9.40 3.63
C VAL E 303 44.19 9.38 2.92
N LEU E 304 44.69 8.17 2.60
CA LEU E 304 46.00 8.04 1.94
C LEU E 304 45.98 8.61 0.53
N TRP E 305 44.79 8.80 -0.05
CA TRP E 305 44.47 9.85 -1.02
C TRP E 305 45.03 9.58 -2.41
N GLU E 306 45.81 8.52 -2.58
CA GLU E 306 46.09 8.02 -3.91
C GLU E 306 45.44 6.66 -4.12
N THR E 307 45.32 5.89 -3.04
CA THR E 307 44.68 4.58 -3.09
C THR E 307 43.17 4.69 -3.31
N MET E 308 42.62 5.89 -3.14
CA MET E 308 41.23 6.17 -3.43
C MET E 308 40.97 6.05 -4.93
N PRO E 309 39.71 5.87 -5.37
CA PRO E 309 39.47 5.70 -6.81
C PRO E 309 39.73 6.96 -7.61
N HIS E 310 40.41 6.79 -8.74
CA HIS E 310 40.84 7.87 -9.60
C HIS E 310 39.79 8.17 -10.65
N ALA E 311 40.14 9.04 -11.59
CA ALA E 311 39.28 9.38 -12.70
C ALA E 311 40.09 9.87 -13.88
N LEU E 312 39.50 9.80 -15.06
CA LEU E 312 40.07 10.40 -16.26
C LEU E 312 39.15 11.50 -16.77
N VAL E 313 39.75 12.62 -17.18
CA VAL E 313 39.04 13.83 -17.57
C VAL E 313 39.42 14.13 -19.02
N ARG E 314 38.46 14.66 -19.79
CA ARG E 314 38.63 14.82 -21.23
C ARG E 314 39.62 15.94 -21.58
N ALA E 315 40.01 16.73 -20.59
CA ALA E 315 40.15 18.22 -20.54
C ALA E 315 40.62 18.78 -21.88
N ALA E 316 40.07 19.93 -22.31
CA ALA E 316 39.72 20.25 -23.69
C ALA E 316 40.88 20.36 -24.66
N ASP E 317 42.11 19.98 -24.27
CA ASP E 317 43.17 19.79 -25.26
C ASP E 317 42.80 18.68 -26.24
N GLY E 318 42.03 17.69 -25.79
CA GLY E 318 41.59 16.62 -26.64
C GLY E 318 42.07 15.28 -26.11
N ASN E 319 43.06 15.33 -25.24
CA ASN E 319 43.70 14.15 -24.68
C ASN E 319 43.29 14.01 -23.23
N PHE E 320 43.30 12.78 -22.73
CA PHE E 320 42.87 12.52 -21.37
C PHE E 320 44.02 12.68 -20.39
N ASP E 321 43.68 12.63 -19.11
CA ASP E 321 44.66 12.60 -18.04
C ASP E 321 44.07 11.86 -16.85
N PHE E 322 44.81 10.87 -16.37
CA PHE E 322 44.39 9.97 -15.31
C PHE E 322 44.91 10.49 -13.98
N LYS E 323 44.03 11.11 -13.19
CA LYS E 323 44.44 11.87 -12.02
C LYS E 323 43.79 11.32 -10.77
N TRP E 324 44.38 11.61 -9.60
CA TRP E 324 43.57 11.59 -8.39
C TRP E 324 42.70 12.83 -8.37
N LEU E 325 41.52 12.69 -7.78
CA LEU E 325 40.63 13.80 -7.51
C LEU E 325 40.74 14.12 -6.04
N GLU E 326 40.45 15.37 -5.68
CA GLU E 326 40.62 15.79 -4.30
C GLU E 326 39.55 15.16 -3.42
N TRP E 327 39.94 14.90 -2.17
CA TRP E 327 39.05 14.33 -1.17
C TRP E 327 38.96 15.31 -0.03
N SER E 328 37.74 15.70 0.31
CA SER E 328 37.54 16.74 1.30
C SER E 328 37.94 16.24 2.68
N PRO E 329 38.79 16.97 3.39
CA PRO E 329 39.31 16.48 4.67
C PRO E 329 38.26 16.55 5.75
N LYS E 330 38.37 15.63 6.70
CA LYS E 330 37.63 15.70 7.96
C LYS E 330 37.94 16.99 8.68
N SER E 331 36.92 17.85 8.85
CA SER E 331 37.05 18.90 9.85
C SER E 331 35.66 19.25 10.37
N CYS E 332 35.21 18.51 11.38
CA CYS E 332 34.14 18.99 12.23
C CYS E 332 34.33 18.56 13.69
N GLY E 333 35.11 17.51 13.96
CA GLY E 333 35.33 17.06 15.31
C GLY E 333 36.38 15.98 15.38
N ASP E 334 36.37 15.26 16.51
CA ASP E 334 37.41 14.27 16.80
C ASP E 334 37.00 12.86 16.38
N VAL E 335 37.79 11.89 16.82
CA VAL E 335 37.47 10.48 16.67
C VAL E 335 37.21 9.89 18.05
N ASP E 336 36.05 9.25 18.23
CA ASP E 336 35.02 9.11 17.20
C ASP E 336 33.70 9.78 17.51
N THR E 337 33.66 11.09 17.27
CA THR E 337 32.45 11.76 16.84
C THR E 337 32.42 11.84 15.32
N ASN E 338 33.58 12.01 14.71
CA ASN E 338 33.81 11.60 13.33
C ASN E 338 34.52 10.26 13.37
N PRO E 339 33.82 9.14 13.22
CA PRO E 339 34.52 7.88 13.03
C PRO E 339 35.16 7.87 11.65
N TRP E 340 36.20 7.07 11.51
CA TRP E 340 36.70 6.78 10.18
C TRP E 340 35.63 6.01 9.42
N PRO E 341 35.34 6.40 8.17
CA PRO E 341 34.36 5.65 7.37
C PRO E 341 34.88 4.24 7.11
N SER E 342 33.96 3.29 7.14
CA SER E 342 34.32 1.89 7.34
C SER E 342 35.00 1.23 6.15
N PHE E 343 35.41 1.95 5.12
CA PHE E 343 36.27 1.41 4.09
C PHE E 343 37.74 1.66 4.35
N VAL E 344 38.09 2.20 5.53
CA VAL E 344 39.45 2.65 5.78
C VAL E 344 40.39 1.51 6.13
N GLY E 345 39.88 0.28 6.25
CA GLY E 345 40.73 -0.87 6.47
C GLY E 345 40.73 -1.82 5.29
N SER E 346 39.65 -1.80 4.51
CA SER E 346 39.43 -2.77 3.45
C SER E 346 39.42 -2.05 2.10
N SER E 347 39.06 -2.81 1.06
CA SER E 347 39.06 -2.30 -0.30
C SER E 347 37.69 -1.75 -0.67
N ILE E 348 37.68 -0.87 -1.66
CA ILE E 348 36.44 -0.35 -2.21
C ILE E 348 36.23 -0.93 -3.60
N ASN E 349 34.97 -0.94 -4.02
CA ASN E 349 34.57 -1.40 -5.35
C ASN E 349 33.17 -0.90 -5.65
N ASP E 350 32.90 -0.70 -6.94
CA ASP E 350 31.55 -0.54 -7.51
C ASP E 350 30.85 0.68 -6.92
N VAL E 351 31.35 1.85 -7.30
CA VAL E 351 30.87 3.13 -6.76
C VAL E 351 29.43 3.37 -7.18
N PHE E 352 28.60 3.76 -6.20
CA PHE E 352 27.21 4.16 -6.45
C PHE E 352 27.12 5.43 -7.28
N PHE E 353 25.87 5.77 -7.59
CA PHE E 353 25.32 7.13 -7.60
C PHE E 353 23.88 6.95 -7.10
N PHE E 354 23.70 7.00 -5.79
CA PHE E 354 22.39 6.68 -5.24
C PHE E 354 21.53 7.92 -5.07
N ARG E 355 22.18 9.06 -4.86
CA ARG E 355 21.49 10.31 -4.55
C ARG E 355 22.34 11.36 -5.26
N ASN E 356 22.23 12.63 -4.91
CA ASN E 356 23.38 13.52 -5.04
C ASN E 356 24.43 13.28 -3.96
N ARG E 357 24.24 12.26 -3.12
CA ARG E 357 25.33 11.58 -2.42
C ARG E 357 26.17 10.75 -3.40
N LEU E 358 27.25 10.19 -2.88
CA LEU E 358 28.13 9.30 -3.64
C LEU E 358 28.46 8.11 -2.73
N GLY E 359 28.33 6.91 -3.26
CA GLY E 359 28.49 5.74 -2.41
C GLY E 359 29.64 4.81 -2.72
N PHE E 360 30.13 4.13 -1.69
CA PHE E 360 31.17 3.14 -1.81
C PHE E 360 30.63 1.81 -1.32
N LEU E 361 31.26 0.73 -1.75
CA LEU E 361 30.93 -0.60 -1.26
C LEU E 361 32.18 -1.23 -0.69
N SER E 362 32.07 -1.81 0.50
CA SER E 362 33.11 -2.67 1.03
C SER E 362 32.43 -3.90 1.62
N GLY E 363 33.23 -4.83 2.13
CA GLY E 363 32.65 -6.03 2.71
C GLY E 363 32.77 -6.03 4.22
N GLU E 364 31.67 -5.79 4.94
CA GLU E 364 30.36 -5.45 4.38
C GLU E 364 30.01 -4.04 4.73
N ASN E 365 30.03 -3.12 3.76
CA ASN E 365 29.86 -1.71 4.11
C ASN E 365 29.16 -0.95 2.98
N ILE E 366 28.33 0.01 3.38
CA ILE E 366 27.80 1.02 2.47
C ILE E 366 28.27 2.37 3.01
N ILE E 367 28.96 3.15 2.19
CA ILE E 367 29.50 4.43 2.61
C ILE E 367 28.99 5.50 1.66
N LEU E 368 27.89 6.14 2.03
CA LEU E 368 27.34 7.24 1.24
C LEU E 368 27.95 8.56 1.68
N SER E 369 27.94 9.54 0.79
CA SER E 369 28.49 10.85 1.07
C SER E 369 27.46 11.75 1.73
N ARG E 370 27.82 13.03 1.87
CA ARG E 370 26.81 14.03 2.14
C ARG E 370 26.17 14.45 0.83
N THR E 371 24.97 15.01 0.89
CA THR E 371 24.24 15.34 -0.32
C THR E 371 24.82 16.58 -0.97
N ALA E 372 24.52 16.74 -2.27
CA ALA E 372 24.71 17.95 -3.07
C ALA E 372 26.18 18.29 -3.34
N LYS E 373 27.11 17.55 -2.73
CA LYS E 373 28.51 17.66 -3.05
C LYS E 373 29.15 16.29 -2.87
N TYR E 374 30.06 15.97 -3.77
CA TYR E 374 30.69 14.66 -3.73
C TYR E 374 31.99 14.73 -2.96
N PHE E 375 32.48 13.55 -2.59
CA PHE E 375 33.80 13.30 -2.02
C PHE E 375 33.95 13.99 -0.66
N ASN E 376 32.86 14.12 0.09
CA ASN E 376 32.92 14.62 1.47
C ASN E 376 32.12 13.64 2.31
N PHE E 377 32.81 12.65 2.88
CA PHE E 377 32.22 11.58 3.65
C PHE E 377 32.21 11.87 5.14
N TYR E 378 32.09 13.13 5.53
CA TYR E 378 32.05 13.52 6.92
C TYR E 378 30.90 14.51 7.11
N PRO E 379 30.35 14.63 8.31
CA PRO E 379 29.30 15.62 8.54
C PRO E 379 29.84 17.03 8.41
N ALA E 380 28.93 17.95 8.07
CA ALA E 380 29.30 19.36 7.97
C ALA E 380 29.61 19.93 9.34
N SER E 381 28.89 19.49 10.36
CA SER E 381 29.07 19.97 11.72
C SER E 381 28.55 18.91 12.68
N ILE E 382 29.19 18.80 13.83
CA ILE E 382 28.69 17.97 14.92
C ILE E 382 28.15 18.83 16.05
N ALA E 383 27.65 20.03 15.74
CA ALA E 383 26.75 20.70 16.65
C ALA E 383 25.53 19.84 16.92
N ASN E 384 25.03 19.20 15.86
CA ASN E 384 24.04 18.13 15.92
C ASN E 384 24.14 17.32 14.64
N LEU E 385 23.46 16.18 14.63
CA LEU E 385 23.17 15.54 13.34
C LEU E 385 22.13 16.41 12.66
N SER E 386 22.52 17.10 11.60
CA SER E 386 21.62 18.05 10.97
C SER E 386 20.60 17.33 10.09
N ASP E 387 21.08 16.76 9.00
CA ASP E 387 20.39 15.91 8.05
C ASP E 387 21.55 15.42 7.21
N ASP E 388 21.28 14.81 6.04
CA ASP E 388 22.20 14.68 4.87
C ASP E 388 23.63 14.27 5.23
N ASP E 389 23.79 13.50 6.30
CA ASP E 389 25.08 13.09 6.78
C ASP E 389 25.62 11.97 5.90
N PRO E 390 26.91 11.66 5.99
CA PRO E 390 27.38 10.40 5.43
C PRO E 390 26.74 9.22 6.16
N ILE E 391 26.54 8.14 5.41
CA ILE E 391 25.76 7.01 5.87
C ILE E 391 26.65 5.78 5.93
N ASP E 392 26.71 5.14 7.09
CA ASP E 392 27.51 3.94 7.29
C ASP E 392 26.58 2.86 7.86
N VAL E 393 25.89 2.16 6.96
CA VAL E 393 25.15 0.95 7.31
C VAL E 393 25.92 -0.24 6.72
N ALA E 394 26.08 -1.27 7.53
CA ALA E 394 27.00 -2.31 7.08
C ALA E 394 26.32 -3.32 6.17
N VAL E 395 25.50 -4.20 6.74
CA VAL E 395 24.74 -5.21 6.01
C VAL E 395 23.76 -5.80 7.02
N SER E 396 22.73 -6.50 6.55
CA SER E 396 21.78 -7.14 7.44
C SER E 396 21.58 -8.63 7.17
N THR E 397 22.65 -9.40 7.05
CA THR E 397 22.52 -10.81 6.71
C THR E 397 23.24 -11.70 7.71
N ASN E 398 22.99 -13.01 7.59
CA ASN E 398 23.63 -14.00 8.45
C ASN E 398 24.68 -14.82 7.74
N ARG E 399 25.04 -14.48 6.51
CA ARG E 399 26.01 -15.24 5.74
C ARG E 399 26.95 -14.26 5.05
N ILE E 400 28.23 -14.64 4.97
CA ILE E 400 29.32 -13.79 4.51
C ILE E 400 29.07 -13.30 3.08
N ALA E 401 28.99 -11.99 2.89
CA ALA E 401 28.69 -11.40 1.60
C ALA E 401 29.65 -10.25 1.32
N ILE E 402 30.81 -10.57 0.78
CA ILE E 402 31.70 -9.55 0.23
C ILE E 402 30.99 -8.90 -0.94
N LEU E 403 30.88 -7.57 -0.90
CA LEU E 403 29.75 -6.88 -1.50
C LEU E 403 30.14 -6.17 -2.78
N LYS E 404 29.87 -6.83 -3.91
CA LYS E 404 30.20 -6.41 -5.26
C LYS E 404 29.07 -5.60 -5.87
N TYR E 405 28.97 -5.63 -7.21
CA TYR E 405 28.22 -4.73 -8.10
C TYR E 405 26.87 -4.27 -7.58
N ALA E 406 26.54 -3.03 -7.90
CA ALA E 406 25.22 -2.49 -7.62
C ALA E 406 24.56 -2.01 -8.90
N VAL E 407 23.32 -2.42 -9.12
CA VAL E 407 22.57 -2.04 -10.31
C VAL E 407 21.18 -1.55 -9.92
N PRO E 408 20.67 -0.49 -10.52
CA PRO E 408 19.32 -0.03 -10.18
C PRO E 408 18.27 -0.57 -11.14
N PHE E 409 17.06 -0.90 -10.64
CA PHE E 409 15.89 -1.01 -11.51
C PHE E 409 14.60 -0.88 -10.71
N SER E 410 13.70 -0.06 -11.26
CA SER E 410 12.24 0.00 -11.09
C SER E 410 11.73 0.54 -9.78
N GLU E 411 12.50 0.48 -8.70
CA GLU E 411 12.09 1.17 -7.48
C GLU E 411 13.29 1.74 -6.76
N GLU E 412 14.45 1.14 -7.00
CA GLU E 412 15.50 1.03 -5.98
C GLU E 412 16.86 0.99 -6.63
N LEU E 413 17.89 1.23 -5.81
CA LEU E 413 19.18 0.59 -6.06
C LEU E 413 19.23 -0.71 -5.30
N LEU E 414 20.13 -1.58 -5.73
CA LEU E 414 19.88 -3.00 -5.56
C LEU E 414 21.25 -3.66 -5.68
N ILE E 415 21.82 -4.09 -4.54
CA ILE E 415 23.27 -4.07 -4.38
C ILE E 415 23.86 -5.47 -4.30
N TRP E 416 24.25 -6.02 -5.43
CA TRP E 416 24.47 -7.46 -5.55
C TRP E 416 25.79 -7.90 -4.97
N SER E 417 25.73 -8.57 -3.83
CA SER E 417 26.77 -9.52 -3.47
C SER E 417 26.54 -10.82 -4.21
N ASP E 418 27.47 -11.75 -4.08
CA ASP E 418 27.11 -13.13 -4.37
C ASP E 418 26.24 -13.67 -3.26
N GLU E 419 25.30 -14.54 -3.65
CA GLU E 419 24.45 -15.34 -2.76
C GLU E 419 23.48 -14.46 -1.94
N ALA E 420 23.33 -13.20 -2.32
CA ALA E 420 22.42 -12.27 -1.67
C ALA E 420 22.13 -11.19 -2.71
N GLN E 421 20.92 -10.63 -2.68
CA GLN E 421 20.78 -9.57 -3.68
C GLN E 421 20.70 -8.13 -3.17
N PHE E 422 19.58 -7.63 -2.63
CA PHE E 422 19.39 -6.79 -1.43
C PHE E 422 18.20 -5.88 -1.69
N VAL E 423 17.86 -4.99 -0.75
CA VAL E 423 17.02 -3.83 -1.02
C VAL E 423 17.65 -2.62 -0.36
N LEU E 424 17.93 -1.57 -1.14
CA LEU E 424 18.48 -0.33 -0.57
C LEU E 424 17.41 0.75 -0.62
N THR E 425 16.70 0.94 0.50
CA THR E 425 15.74 2.04 0.62
C THR E 425 15.93 2.70 1.98
N ALA E 426 15.05 3.64 2.27
CA ALA E 426 14.84 4.15 3.61
C ALA E 426 13.36 4.05 3.93
N SER E 427 13.01 4.36 5.18
CA SER E 427 11.61 4.44 5.54
C SER E 427 10.96 5.68 4.95
N GLY E 428 11.46 6.86 5.31
CA GLY E 428 11.05 8.08 4.67
C GLY E 428 12.15 8.65 3.80
N THR E 429 12.64 9.84 4.17
CA THR E 429 13.80 10.41 3.50
C THR E 429 15.07 9.78 4.05
N LEU E 430 16.19 10.06 3.39
CA LEU E 430 17.46 9.46 3.77
C LEU E 430 18.14 10.28 4.85
N THR E 431 18.34 9.67 6.01
CA THR E 431 19.30 10.13 7.00
C THR E 431 20.31 9.02 7.20
N SER E 432 21.20 9.22 8.17
CA SER E 432 22.10 8.13 8.54
C SER E 432 21.38 7.06 9.35
N LYS E 433 20.21 7.40 9.89
CA LYS E 433 19.47 6.45 10.71
C LYS E 433 18.28 5.85 9.97
N SER E 434 18.18 6.10 8.66
CA SER E 434 16.94 5.80 7.96
C SER E 434 17.08 4.60 7.02
N VAL E 435 18.30 4.28 6.62
CA VAL E 435 18.57 3.39 5.48
C VAL E 435 18.20 1.96 5.86
N GLU E 436 17.44 1.30 4.97
CA GLU E 436 16.86 0.01 5.30
C GLU E 436 17.89 -1.12 5.15
N LEU E 437 18.36 -1.36 3.92
CA LEU E 437 19.43 -2.32 3.60
C LEU E 437 19.10 -3.74 4.07
N ASN E 438 18.13 -4.37 3.41
CA ASN E 438 17.71 -5.72 3.79
C ASN E 438 17.60 -6.63 2.58
N LEU E 439 17.45 -7.92 2.86
CA LEU E 439 17.67 -8.98 1.88
C LEU E 439 16.47 -9.07 0.92
N THR E 440 16.75 -9.56 -0.29
CA THR E 440 15.69 -9.89 -1.24
C THR E 440 15.63 -11.38 -1.54
N THR E 441 16.69 -11.94 -2.10
CA THR E 441 16.76 -13.36 -2.45
C THR E 441 18.17 -13.85 -2.13
N GLN E 442 18.46 -15.10 -2.48
CA GLN E 442 19.82 -15.62 -2.31
C GLN E 442 20.28 -16.37 -3.56
N PHE E 443 19.99 -15.82 -4.74
CA PHE E 443 20.52 -16.39 -5.96
C PHE E 443 22.02 -16.13 -6.06
N ASP E 444 22.74 -17.09 -6.64
CA ASP E 444 24.19 -17.03 -6.72
C ASP E 444 24.61 -16.32 -8.00
N VAL E 445 25.43 -15.29 -7.85
CA VAL E 445 25.90 -14.47 -8.96
C VAL E 445 27.41 -14.36 -8.87
N GLN E 446 28.11 -14.81 -9.90
CA GLN E 446 29.54 -14.56 -9.94
C GLN E 446 29.76 -13.12 -10.37
N ASP E 447 30.83 -12.52 -9.87
CA ASP E 447 31.06 -11.10 -10.04
C ASP E 447 32.39 -10.89 -10.75
N ARG E 448 32.33 -10.98 -12.07
CA ARG E 448 33.38 -10.57 -12.98
C ARG E 448 32.86 -9.67 -14.09
N ALA E 449 31.62 -9.87 -14.52
CA ALA E 449 30.98 -9.03 -15.52
C ALA E 449 29.85 -8.27 -14.84
N ARG E 450 29.74 -6.99 -15.15
CA ARG E 450 28.65 -6.21 -14.61
C ARG E 450 27.34 -6.64 -15.26
N PRO E 451 26.30 -6.93 -14.49
CA PRO E 451 25.03 -7.37 -15.08
C PRO E 451 24.32 -6.23 -15.79
N PHE E 452 24.06 -6.43 -17.08
CA PHE E 452 23.69 -5.37 -17.99
C PHE E 452 22.18 -5.27 -18.10
N GLY E 453 21.71 -4.05 -18.36
CA GLY E 453 20.43 -3.55 -18.85
C GLY E 453 19.25 -4.27 -18.23
N ILE E 454 18.24 -4.57 -19.06
CA ILE E 454 18.13 -4.10 -20.45
C ILE E 454 16.86 -3.32 -20.59
N GLY E 455 15.73 -3.95 -20.30
CA GLY E 455 14.48 -3.25 -20.25
C GLY E 455 13.96 -3.22 -18.83
N ARG E 456 12.96 -4.02 -18.54
CA ARG E 456 12.49 -4.21 -17.19
C ARG E 456 13.33 -5.24 -16.44
N ASN E 457 14.03 -6.10 -17.17
CA ASN E 457 14.82 -7.19 -16.60
C ASN E 457 16.24 -6.72 -16.36
N VAL E 458 16.96 -7.47 -15.51
CA VAL E 458 18.41 -7.35 -15.41
C VAL E 458 18.97 -8.76 -15.51
N TYR E 459 19.99 -8.95 -16.33
CA TYR E 459 20.48 -10.28 -16.69
C TYR E 459 21.75 -10.61 -15.91
N PHE E 460 21.73 -11.74 -15.21
CA PHE E 460 22.86 -12.16 -14.39
C PHE E 460 24.00 -12.69 -15.25
N ALA E 461 24.98 -13.24 -14.54
CA ALA E 461 25.85 -14.28 -15.03
C ALA E 461 26.15 -15.18 -13.83
N SER E 462 25.73 -16.45 -13.92
CA SER E 462 25.80 -17.30 -12.75
C SER E 462 26.87 -18.37 -12.91
N PRO E 463 27.64 -18.67 -11.85
CA PRO E 463 28.76 -19.59 -12.01
C PRO E 463 28.30 -21.04 -11.88
N ARG E 464 28.89 -21.90 -12.68
CA ARG E 464 28.87 -23.33 -12.45
C ARG E 464 30.26 -23.88 -12.69
N SER E 465 30.34 -25.19 -12.75
CA SER E 465 31.50 -25.87 -13.31
C SER E 465 30.97 -26.84 -14.37
N SER E 466 31.32 -26.62 -15.63
CA SER E 466 32.11 -25.49 -16.08
C SER E 466 31.38 -24.80 -17.22
N PHE E 467 30.09 -24.60 -17.02
CA PHE E 467 29.19 -24.08 -18.05
C PHE E 467 28.22 -23.13 -17.34
N THR E 468 28.31 -21.83 -17.61
CA THR E 468 27.52 -20.87 -16.86
C THR E 468 26.03 -20.97 -17.18
N SER E 469 25.25 -20.36 -16.30
CA SER E 469 23.81 -20.56 -16.22
C SER E 469 23.12 -19.21 -16.05
N ILE E 470 23.41 -18.29 -16.97
CA ILE E 470 22.90 -16.91 -17.00
C ILE E 470 21.41 -16.79 -16.75
N HIS E 471 21.03 -16.03 -15.74
CA HIS E 471 19.64 -15.89 -15.34
C HIS E 471 19.03 -14.59 -15.85
N ARG E 472 17.81 -14.33 -15.42
CA ARG E 472 17.08 -13.12 -15.77
C ARG E 472 16.35 -12.64 -14.53
N TYR E 473 16.78 -11.53 -13.98
CA TYR E 473 16.24 -11.04 -12.72
C TYR E 473 15.17 -10.00 -13.03
N TYR E 474 14.03 -10.11 -12.35
CA TYR E 474 12.88 -9.28 -12.68
C TYR E 474 11.95 -9.25 -11.49
N ALA E 475 11.13 -8.19 -11.44
CA ALA E 475 10.08 -8.08 -10.45
C ALA E 475 8.88 -8.90 -10.90
N VAL E 476 8.31 -9.67 -9.98
CA VAL E 476 7.14 -10.48 -10.33
C VAL E 476 5.93 -9.58 -10.52
N GLN E 477 4.87 -10.16 -11.09
CA GLN E 477 3.70 -9.35 -11.40
C GLN E 477 2.78 -9.15 -10.20
N ASP E 478 2.55 -10.19 -9.40
CA ASP E 478 1.46 -10.10 -8.45
C ASP E 478 1.84 -9.36 -7.17
N VAL E 479 3.02 -9.61 -6.62
CA VAL E 479 3.39 -8.91 -5.39
C VAL E 479 3.89 -7.53 -5.82
N SER E 480 4.00 -6.60 -4.87
CA SER E 480 4.58 -5.30 -5.19
C SER E 480 6.10 -5.37 -5.30
N SER E 481 6.74 -5.96 -4.29
CA SER E 481 8.19 -5.83 -4.13
C SER E 481 8.82 -7.18 -3.86
N VAL E 482 8.48 -8.18 -4.66
CA VAL E 482 9.14 -9.48 -4.62
C VAL E 482 9.72 -9.77 -5.99
N LYS E 483 11.00 -10.15 -6.02
CA LYS E 483 11.70 -10.36 -7.27
C LYS E 483 12.03 -11.83 -7.44
N ASN E 484 12.28 -12.22 -8.69
CA ASN E 484 12.56 -13.60 -9.03
C ASN E 484 13.57 -13.63 -10.15
N ALA E 485 14.34 -14.70 -10.22
CA ALA E 485 15.43 -14.82 -11.18
C ALA E 485 15.27 -16.12 -11.96
N GLU E 486 14.62 -16.04 -13.13
CA GLU E 486 14.48 -17.18 -13.99
C GLU E 486 15.78 -17.45 -14.72
N ASP E 487 16.09 -18.73 -14.92
CA ASP E 487 17.19 -19.11 -15.80
C ASP E 487 16.71 -19.03 -17.25
N ILE E 488 17.45 -18.31 -18.08
CA ILE E 488 17.21 -18.30 -19.51
C ILE E 488 18.16 -19.19 -20.27
N THR E 489 19.06 -19.88 -19.56
CA THR E 489 19.82 -20.99 -20.11
C THR E 489 19.31 -22.32 -19.60
N SER E 490 18.06 -22.37 -19.15
CA SER E 490 17.51 -23.59 -18.57
C SER E 490 17.37 -24.69 -19.61
N HIS E 491 17.19 -24.32 -20.87
CA HIS E 491 17.11 -25.29 -21.96
C HIS E 491 18.40 -25.36 -22.77
N VAL E 492 19.34 -24.45 -22.55
CA VAL E 492 20.66 -24.55 -23.18
C VAL E 492 21.69 -24.48 -22.06
N PRO E 493 21.88 -25.53 -21.27
CA PRO E 493 22.69 -25.37 -20.05
C PRO E 493 24.18 -25.44 -20.25
N ASN E 494 24.64 -26.20 -21.24
CA ASN E 494 26.05 -26.59 -21.32
C ASN E 494 26.81 -25.85 -22.40
N TYR E 495 26.64 -24.54 -22.50
CA TYR E 495 26.90 -23.88 -23.78
C TYR E 495 27.90 -22.76 -23.66
N ILE E 496 28.03 -22.16 -22.49
CA ILE E 496 28.83 -20.95 -22.29
C ILE E 496 29.98 -21.30 -21.35
N PRO E 497 31.23 -21.11 -21.77
CA PRO E 497 32.34 -21.89 -21.20
C PRO E 497 32.93 -21.45 -19.86
N ASN E 498 32.17 -20.69 -19.06
CA ASN E 498 32.49 -20.38 -17.65
C ASN E 498 33.73 -19.52 -17.52
N GLY E 499 33.75 -18.42 -18.25
CA GLY E 499 34.37 -17.21 -17.76
C GLY E 499 33.73 -16.05 -18.48
N VAL E 500 33.09 -15.18 -17.71
CA VAL E 500 32.24 -14.14 -18.28
C VAL E 500 32.77 -12.80 -17.84
N PHE E 501 33.31 -12.04 -18.79
CA PHE E 501 33.93 -10.76 -18.49
C PHE E 501 33.11 -9.59 -18.99
N SER E 502 32.07 -9.85 -19.76
CA SER E 502 31.23 -8.78 -20.28
C SER E 502 29.87 -9.34 -20.61
N ILE E 503 28.85 -8.50 -20.46
CA ILE E 503 27.52 -8.75 -20.98
C ILE E 503 27.16 -7.51 -21.78
N CYS E 504 27.14 -7.64 -23.10
CA CYS E 504 27.04 -6.45 -23.95
C CYS E 504 25.62 -5.91 -23.99
N GLY E 505 24.70 -6.66 -24.59
CA GLY E 505 23.31 -6.27 -24.65
C GLY E 505 23.01 -5.05 -25.51
N SER E 506 21.72 -4.91 -25.83
CA SER E 506 21.18 -3.68 -26.40
C SER E 506 19.67 -3.68 -26.19
N GLY E 507 19.03 -2.54 -26.41
CA GLY E 507 17.61 -2.45 -26.17
C GLY E 507 16.79 -2.19 -27.42
N THR E 508 17.40 -1.56 -28.42
CA THR E 508 16.68 -1.24 -29.65
C THR E 508 16.39 -2.51 -30.45
N GLU E 509 17.42 -3.32 -30.67
CA GLU E 509 17.22 -4.56 -31.41
C GLU E 509 16.83 -5.71 -30.48
N ASN E 510 16.57 -5.40 -29.21
CA ASN E 510 15.95 -6.26 -28.22
C ASN E 510 16.73 -7.53 -27.95
N PHE E 511 18.06 -7.48 -28.00
CA PHE E 511 18.81 -8.69 -27.70
C PHE E 511 19.86 -8.47 -26.62
N CYS E 512 20.06 -9.50 -25.81
CA CYS E 512 21.20 -9.59 -24.93
C CYS E 512 22.30 -10.33 -25.66
N SER E 513 23.54 -10.11 -25.25
CA SER E 513 24.67 -10.79 -25.85
C SER E 513 25.81 -10.85 -24.86
N VAL E 514 26.33 -12.05 -24.64
CA VAL E 514 27.27 -12.31 -23.55
C VAL E 514 28.54 -12.88 -24.13
N LEU E 515 29.65 -12.17 -23.93
CA LEU E 515 30.93 -12.73 -24.32
C LEU E 515 31.41 -13.71 -23.28
N SER E 516 32.38 -14.53 -23.66
CA SER E 516 32.89 -15.52 -22.73
C SER E 516 34.40 -15.55 -22.83
N HIS E 517 35.03 -16.00 -21.76
CA HIS E 517 36.44 -16.37 -21.81
C HIS E 517 36.59 -17.77 -21.23
N GLY E 518 36.22 -18.76 -22.02
CA GLY E 518 36.69 -20.12 -21.89
C GLY E 518 36.85 -20.65 -23.30
N ASP E 519 36.36 -19.84 -24.23
CA ASP E 519 36.36 -20.07 -25.67
C ASP E 519 36.12 -18.71 -26.31
N PRO E 520 37.13 -17.85 -26.40
CA PRO E 520 36.90 -16.42 -26.62
C PRO E 520 36.54 -16.04 -28.04
N SER E 521 36.48 -16.99 -28.97
CA SER E 521 36.27 -16.64 -30.37
C SER E 521 34.82 -16.44 -30.74
N LYS E 522 33.89 -16.57 -29.80
CA LYS E 522 32.48 -16.44 -30.11
C LYS E 522 31.81 -15.36 -29.27
N ILE E 523 30.82 -14.70 -29.87
CA ILE E 523 29.90 -13.83 -29.15
C ILE E 523 28.56 -14.56 -29.09
N PHE E 524 28.17 -14.93 -27.88
CA PHE E 524 26.87 -15.55 -27.73
C PHE E 524 25.78 -14.50 -27.87
N MET E 525 24.60 -14.93 -28.30
CA MET E 525 23.47 -14.04 -28.51
C MET E 525 22.27 -14.51 -27.72
N TYR E 526 21.35 -13.58 -27.48
CA TYR E 526 20.08 -13.90 -26.86
C TYR E 526 19.04 -12.94 -27.41
N LYS E 527 18.37 -13.34 -28.49
CA LYS E 527 17.38 -12.52 -29.14
C LYS E 527 16.02 -12.81 -28.53
N PHE E 528 15.32 -11.77 -28.09
CA PHE E 528 14.05 -11.95 -27.44
C PHE E 528 13.13 -10.79 -27.80
N LEU E 529 11.85 -10.97 -27.54
CA LEU E 529 10.93 -9.83 -27.55
C LEU E 529 9.78 -10.17 -26.61
N TYR E 530 9.15 -9.12 -26.10
CA TYR E 530 8.03 -9.24 -25.19
C TYR E 530 6.79 -8.67 -25.84
N LEU E 531 5.73 -9.46 -25.90
CA LEU E 531 4.43 -8.99 -26.33
C LEU E 531 3.41 -9.46 -25.31
N ASN E 532 2.56 -8.54 -24.87
CA ASN E 532 1.53 -8.75 -23.85
C ASN E 532 2.12 -9.28 -22.55
N GLU E 533 3.28 -8.72 -22.16
CA GLU E 533 4.06 -9.04 -20.97
C GLU E 533 4.51 -10.49 -20.94
N GLU E 534 4.60 -11.14 -22.09
CA GLU E 534 4.94 -12.55 -22.18
C GLU E 534 6.14 -12.71 -23.09
N LEU E 535 7.01 -13.66 -22.76
CA LEU E 535 8.10 -14.00 -23.64
C LEU E 535 7.54 -14.71 -24.86
N ARG E 536 8.08 -14.39 -26.04
CA ARG E 536 7.71 -15.09 -27.26
C ARG E 536 8.91 -15.58 -28.06
N GLN E 537 10.14 -15.33 -27.61
CA GLN E 537 11.29 -15.75 -28.38
C GLN E 537 12.47 -15.99 -27.45
N GLN E 538 12.87 -17.24 -27.31
CA GLN E 538 14.18 -17.59 -26.81
C GLN E 538 15.13 -17.82 -27.98
N SER E 539 16.38 -17.40 -27.81
CA SER E 539 17.37 -17.61 -28.86
C SER E 539 18.74 -17.67 -28.23
N TRP E 540 19.60 -18.52 -28.78
CA TRP E 540 20.99 -18.59 -28.39
C TRP E 540 21.81 -18.94 -29.62
N SER E 541 22.84 -18.15 -29.88
CA SER E 541 23.56 -18.34 -31.13
C SER E 541 24.99 -17.85 -30.97
N HIS E 542 25.91 -18.60 -31.55
CA HIS E 542 27.24 -18.07 -31.75
C HIS E 542 27.19 -16.97 -32.79
N TRP E 543 28.06 -15.99 -32.64
CA TRP E 543 28.63 -15.32 -33.80
C TRP E 543 30.11 -15.67 -33.85
N ASP E 544 30.54 -16.16 -35.00
CA ASP E 544 31.89 -16.69 -35.10
C ASP E 544 32.61 -15.88 -36.17
N PHE E 545 33.84 -15.47 -35.86
CA PHE E 545 34.59 -14.56 -36.70
C PHE E 545 35.82 -15.19 -37.33
N GLY E 546 36.14 -16.41 -36.98
CA GLY E 546 37.29 -17.07 -37.56
C GLY E 546 37.75 -18.20 -36.66
N GLU E 547 38.90 -18.77 -37.04
CA GLU E 547 39.44 -19.89 -36.29
C GLU E 547 40.05 -19.43 -34.97
N ASN E 548 41.02 -18.53 -35.05
CA ASN E 548 41.59 -17.90 -33.86
C ASN E 548 41.36 -16.40 -33.97
N VAL E 549 40.18 -15.95 -33.57
CA VAL E 549 39.89 -14.52 -33.48
C VAL E 549 39.36 -14.29 -32.07
N GLN E 550 40.24 -13.96 -31.14
CA GLN E 550 39.82 -13.69 -29.78
C GLN E 550 39.08 -12.36 -29.73
N VAL E 551 37.89 -12.38 -29.14
CA VAL E 551 36.96 -11.26 -29.22
C VAL E 551 37.00 -10.50 -27.91
N LEU E 552 37.45 -9.26 -27.96
CA LEU E 552 37.31 -8.40 -26.79
C LEU E 552 35.90 -7.81 -26.76
N ALA E 553 35.61 -7.09 -25.67
CA ALA E 553 34.22 -6.80 -25.34
C ALA E 553 33.59 -5.81 -26.30
N CYS E 554 32.66 -6.30 -27.09
CA CYS E 554 31.82 -5.45 -27.91
C CYS E 554 30.85 -4.69 -27.03
N GLN E 555 30.56 -3.45 -27.45
CA GLN E 555 29.51 -2.67 -26.83
C GLN E 555 28.68 -2.07 -27.95
N SER E 556 27.43 -1.79 -27.65
CA SER E 556 26.46 -1.47 -28.68
C SER E 556 25.86 -0.10 -28.47
N ILE E 557 26.39 0.90 -29.18
CA ILE E 557 25.65 2.12 -29.41
C ILE E 557 24.43 1.79 -30.26
N SER E 558 23.37 2.60 -30.12
CA SER E 558 21.95 2.24 -30.23
C SER E 558 21.58 1.12 -31.20
N SER E 559 22.12 1.16 -32.40
CA SER E 559 21.92 0.05 -33.33
C SER E 559 23.19 -0.32 -34.05
N ASP E 560 24.35 -0.07 -33.44
CA ASP E 560 25.64 -0.34 -34.03
C ASP E 560 26.51 -1.10 -33.04
N MET E 561 26.89 -2.32 -33.39
CA MET E 561 27.71 -3.15 -32.52
C MET E 561 29.17 -2.90 -32.88
N TYR E 562 29.94 -2.35 -31.94
CA TYR E 562 31.35 -2.06 -32.16
C TYR E 562 32.21 -3.10 -31.45
N VAL E 563 32.98 -3.86 -32.24
CA VAL E 563 33.67 -5.06 -31.74
C VAL E 563 35.18 -4.84 -31.82
N ILE E 564 35.90 -5.36 -30.83
CA ILE E 564 37.36 -5.36 -30.81
C ILE E 564 37.84 -6.80 -30.84
N LEU E 565 38.77 -7.11 -31.75
CA LEU E 565 39.18 -8.49 -31.99
C LEU E 565 40.69 -8.64 -31.83
N ARG E 566 41.16 -9.87 -31.67
CA ARG E 566 42.57 -10.19 -31.78
C ARG E 566 42.76 -11.21 -32.90
N ASN E 567 44.01 -11.45 -33.30
CA ASN E 567 44.23 -12.04 -34.61
C ASN E 567 45.03 -13.37 -34.60
N GLU E 568 46.25 -13.44 -34.03
CA GLU E 568 46.93 -12.67 -32.99
C GLU E 568 48.15 -11.89 -33.51
N PHE E 569 48.03 -11.33 -34.70
CA PHE E 569 49.08 -10.47 -35.21
C PHE E 569 48.81 -9.01 -34.88
N ASN E 570 47.56 -8.57 -35.05
CA ASN E 570 47.18 -7.19 -34.78
C ASN E 570 45.72 -7.15 -34.34
N THR E 571 45.42 -6.25 -33.40
CA THR E 571 44.05 -6.06 -32.97
C THR E 571 43.44 -4.97 -33.84
N PHE E 572 42.11 -4.87 -33.84
CA PHE E 572 41.41 -3.86 -34.61
C PHE E 572 39.97 -3.71 -34.13
N LEU E 573 39.45 -2.49 -34.26
CA LEU E 573 38.05 -2.18 -33.96
C LEU E 573 37.21 -2.62 -35.15
N ALA E 574 35.93 -2.89 -34.92
CA ALA E 574 35.08 -3.38 -35.98
C ALA E 574 33.63 -3.10 -35.69
N ARG E 575 32.91 -2.56 -36.69
CA ARG E 575 31.52 -2.19 -36.52
C ARG E 575 30.59 -3.23 -37.15
N ILE E 576 29.52 -3.56 -36.42
CA ILE E 576 28.41 -4.34 -36.95
C ILE E 576 27.17 -3.48 -36.88
N SER E 577 26.55 -3.26 -38.04
CA SER E 577 25.41 -2.36 -38.15
C SER E 577 24.18 -3.16 -38.57
N PHE E 578 23.11 -3.07 -37.78
CA PHE E 578 21.89 -3.84 -38.03
C PHE E 578 20.96 -3.07 -38.96
N THR E 579 21.48 -2.69 -40.11
CA THR E 579 20.72 -1.93 -41.07
C THR E 579 20.31 -2.86 -42.20
N LYS E 580 19.04 -2.79 -42.59
CA LYS E 580 18.44 -3.88 -43.34
C LYS E 580 18.79 -3.80 -44.83
N ASN E 581 18.37 -2.72 -45.49
CA ASN E 581 18.40 -2.63 -46.95
C ASN E 581 19.42 -1.57 -47.35
N ALA E 582 20.58 -1.62 -46.71
CA ALA E 582 21.53 -0.52 -46.76
C ALA E 582 22.72 -0.84 -47.65
N ILE E 583 23.67 0.07 -47.62
CA ILE E 583 24.97 -0.04 -48.28
C ILE E 583 26.02 0.32 -47.24
N ASP E 584 27.00 -0.57 -47.06
CA ASP E 584 28.06 -0.29 -46.10
C ASP E 584 29.00 0.79 -46.58
N LEU E 585 29.58 0.59 -47.76
CA LEU E 585 30.65 1.46 -48.24
C LEU E 585 30.26 1.95 -49.62
N GLN E 586 30.53 3.23 -49.88
CA GLN E 586 30.02 3.89 -51.08
C GLN E 586 30.63 3.30 -52.35
N GLY E 587 29.77 2.78 -53.22
CA GLY E 587 30.19 2.09 -54.42
C GLY E 587 29.79 0.63 -54.49
N GLU E 588 28.88 0.18 -53.63
CA GLU E 588 28.24 -1.11 -53.81
C GLU E 588 27.32 -1.05 -55.03
N PRO E 589 26.84 -2.19 -55.58
CA PRO E 589 26.42 -3.57 -55.29
C PRO E 589 27.33 -4.40 -54.39
N TYR E 590 26.78 -5.15 -53.43
CA TYR E 590 25.35 -5.28 -53.18
C TYR E 590 24.94 -5.41 -51.70
N ARG E 591 25.70 -4.73 -50.82
CA ARG E 591 25.80 -4.79 -49.34
C ARG E 591 26.59 -6.02 -48.88
N ALA E 592 26.68 -7.04 -49.72
CA ALA E 592 27.79 -7.96 -49.84
C ALA E 592 28.14 -8.86 -48.64
N PHE E 593 27.53 -8.62 -47.46
CA PHE E 593 27.59 -9.41 -46.21
C PHE E 593 28.91 -10.12 -45.97
N MET E 594 30.00 -9.36 -46.09
CA MET E 594 31.28 -9.96 -46.40
C MET E 594 31.89 -10.69 -45.23
N ASP E 595 31.77 -10.11 -44.01
CA ASP E 595 32.79 -10.16 -42.94
C ASP E 595 34.02 -9.37 -43.37
N MET E 596 34.13 -8.14 -42.82
CA MET E 596 35.41 -7.41 -42.74
C MET E 596 35.66 -6.68 -44.05
N LYS E 597 34.63 -5.97 -44.52
CA LYS E 597 34.69 -5.09 -45.68
C LYS E 597 35.68 -3.94 -45.50
N ILE E 598 36.48 -3.70 -46.53
CA ILE E 598 37.22 -2.45 -46.72
C ILE E 598 37.18 -2.09 -48.19
N ARG E 599 36.75 -0.86 -48.48
CA ARG E 599 36.83 -0.34 -49.84
C ARG E 599 38.26 0.07 -50.10
N TYR E 600 39.03 -0.85 -50.64
CA TYR E 600 40.43 -0.59 -50.92
C TYR E 600 40.60 -0.26 -52.39
N THR E 601 40.83 1.01 -52.68
CA THR E 601 41.27 1.40 -54.01
C THR E 601 42.70 0.90 -54.22
N ILE E 602 43.03 0.62 -55.47
CA ILE E 602 44.29 -0.02 -55.84
C ILE E 602 45.27 1.08 -56.23
N PRO E 603 46.51 1.05 -55.72
CA PRO E 603 47.47 2.08 -56.12
C PRO E 603 47.96 1.93 -57.55
N SER E 604 48.85 2.83 -57.96
CA SER E 604 49.32 2.86 -59.34
C SER E 604 50.22 1.67 -59.63
N GLY E 605 51.28 1.50 -58.83
CA GLY E 605 52.18 0.41 -59.13
C GLY E 605 51.83 -0.87 -58.41
N THR E 606 51.02 -1.70 -59.06
CA THR E 606 50.83 -3.10 -58.69
C THR E 606 50.89 -4.02 -59.89
N TYR E 607 50.58 -3.54 -61.08
CA TYR E 607 50.47 -4.38 -62.25
C TYR E 607 51.79 -4.58 -62.95
N ASN E 608 52.02 -5.80 -63.42
CA ASN E 608 53.10 -6.11 -64.33
C ASN E 608 52.56 -6.87 -65.54
N ASP E 609 52.91 -6.41 -66.75
CA ASP E 609 52.30 -6.98 -67.95
C ASP E 609 53.01 -8.26 -68.37
N ASP E 610 54.06 -8.65 -67.66
CA ASP E 610 54.70 -9.91 -68.00
C ASP E 610 53.83 -11.10 -67.63
N THR E 611 53.48 -11.25 -66.35
CA THR E 611 52.67 -12.37 -65.89
C THR E 611 51.17 -12.06 -65.89
N PHE E 612 50.80 -10.82 -66.24
CA PHE E 612 49.41 -10.35 -66.36
C PHE E 612 48.65 -10.56 -65.05
N THR E 613 49.08 -9.85 -64.02
CA THR E 613 48.59 -10.06 -62.67
C THR E 613 48.73 -8.78 -61.86
N THR E 614 47.62 -8.23 -61.39
CA THR E 614 47.71 -7.25 -60.32
C THR E 614 47.77 -8.00 -59.00
N SER E 615 48.64 -7.53 -58.11
CA SER E 615 48.84 -8.20 -56.85
C SER E 615 48.75 -7.18 -55.73
N ILE E 616 48.10 -7.57 -54.64
CA ILE E 616 47.83 -6.68 -53.53
C ILE E 616 48.49 -7.24 -52.29
N HIS E 617 49.26 -6.41 -51.61
CA HIS E 617 49.83 -6.77 -50.33
C HIS E 617 48.76 -6.55 -49.27
N ILE E 618 48.46 -7.58 -48.49
CA ILE E 618 47.27 -7.58 -47.62
C ILE E 618 47.37 -6.59 -46.46
N PRO E 619 48.43 -6.50 -45.64
CA PRO E 619 48.42 -5.44 -44.62
C PRO E 619 48.71 -4.04 -45.14
N THR E 620 48.90 -3.84 -46.44
CA THR E 620 48.82 -2.49 -46.97
C THR E 620 47.39 -2.03 -47.13
N ILE E 621 46.44 -2.97 -47.09
CA ILE E 621 45.03 -2.63 -46.99
C ILE E 621 44.67 -2.33 -45.54
N TYR E 622 45.24 -3.10 -44.63
CA TYR E 622 44.74 -3.21 -43.27
C TYR E 622 45.75 -2.70 -42.24
N GLY E 623 46.99 -3.14 -42.33
CA GLY E 623 47.91 -3.05 -41.23
C GLY E 623 47.98 -4.30 -40.39
N ALA E 624 47.39 -5.40 -40.86
CA ALA E 624 47.32 -6.62 -40.06
C ALA E 624 47.64 -7.82 -40.92
N ASN E 625 48.32 -8.79 -40.31
CA ASN E 625 48.52 -10.11 -40.89
C ASN E 625 47.49 -11.07 -40.33
N PHE E 626 47.15 -12.08 -41.12
CA PHE E 626 45.99 -12.91 -40.84
C PHE E 626 46.36 -14.37 -40.64
N GLY E 627 45.63 -15.02 -39.76
CA GLY E 627 45.77 -16.44 -39.59
C GLY E 627 45.09 -17.24 -40.69
N ARG E 628 43.76 -17.18 -40.76
CA ARG E 628 43.02 -18.04 -41.69
C ARG E 628 41.81 -17.28 -42.22
N GLY E 629 40.98 -17.99 -42.97
CA GLY E 629 39.78 -17.43 -43.53
C GLY E 629 39.82 -17.48 -45.04
N LYS E 630 38.68 -17.22 -45.65
CA LYS E 630 38.56 -17.16 -47.10
C LYS E 630 38.32 -15.73 -47.52
N ILE E 631 39.37 -15.07 -48.00
CA ILE E 631 39.28 -13.69 -48.44
C ILE E 631 38.59 -13.67 -49.78
N THR E 632 37.45 -13.00 -49.85
CA THR E 632 36.76 -12.78 -51.11
C THR E 632 36.90 -11.33 -51.52
N VAL E 633 36.93 -11.09 -52.82
CA VAL E 633 37.15 -9.75 -53.35
C VAL E 633 36.01 -9.39 -54.28
N LEU E 634 35.39 -8.25 -54.04
CA LEU E 634 34.18 -7.85 -54.75
C LEU E 634 34.46 -6.55 -55.49
N GLU E 635 34.07 -6.53 -56.75
CA GLU E 635 34.26 -5.37 -57.62
C GLU E 635 32.96 -4.58 -57.64
N PRO E 636 32.98 -3.34 -58.12
CA PRO E 636 31.72 -2.65 -58.42
C PRO E 636 30.96 -3.27 -59.57
N ASP E 637 31.66 -4.05 -60.40
CA ASP E 637 31.01 -4.91 -61.37
C ASP E 637 30.57 -6.20 -60.67
N GLY E 638 30.19 -7.21 -61.44
CA GLY E 638 29.68 -8.41 -60.82
C GLY E 638 30.75 -9.43 -60.47
N LYS E 639 32.01 -9.02 -60.48
CA LYS E 639 33.10 -9.98 -60.29
C LYS E 639 33.25 -10.27 -58.80
N ILE E 640 33.48 -11.55 -58.48
CA ILE E 640 33.83 -12.01 -57.14
C ILE E 640 34.87 -13.10 -57.30
N THR E 641 36.00 -12.93 -56.64
CA THR E 641 37.05 -13.94 -56.63
C THR E 641 37.26 -14.41 -55.20
N VAL E 642 37.38 -15.73 -55.04
CA VAL E 642 37.56 -16.35 -53.74
C VAL E 642 38.99 -16.91 -53.73
N PHE E 643 39.65 -16.82 -52.57
CA PHE E 643 41.10 -17.02 -52.56
C PHE E 643 41.61 -18.19 -51.75
N GLU E 644 40.88 -18.63 -50.70
CA GLU E 644 41.08 -19.94 -50.08
C GLU E 644 42.49 -20.11 -49.51
N GLN E 645 42.77 -19.49 -48.36
CA GLN E 645 44.06 -19.27 -47.70
C GLN E 645 45.10 -20.37 -47.86
N PRO E 646 46.34 -20.02 -48.17
CA PRO E 646 47.38 -21.02 -48.43
C PRO E 646 47.82 -21.72 -47.15
N THR E 647 48.51 -22.84 -47.35
CA THR E 647 49.07 -23.56 -46.23
C THR E 647 50.16 -22.71 -45.57
N ALA E 648 50.02 -22.52 -44.25
CA ALA E 648 50.77 -21.57 -43.43
C ALA E 648 50.63 -20.14 -43.93
N GLY E 649 49.50 -19.80 -44.57
CA GLY E 649 49.13 -18.42 -44.79
C GLY E 649 48.43 -17.88 -43.57
N TRP E 650 48.00 -16.62 -43.64
CA TRP E 650 48.29 -15.67 -44.71
C TRP E 650 49.60 -14.95 -44.45
N ASN E 651 50.20 -15.24 -43.29
CA ASN E 651 51.34 -14.46 -42.80
C ASN E 651 52.60 -14.74 -43.62
N SER E 652 52.68 -15.92 -44.24
CA SER E 652 53.85 -16.25 -45.04
C SER E 652 53.93 -15.41 -46.29
N ASP E 653 52.85 -15.36 -47.06
CA ASP E 653 52.80 -14.57 -48.28
C ASP E 653 51.48 -13.82 -48.38
N PRO E 654 51.36 -12.65 -47.76
CA PRO E 654 50.16 -11.86 -48.00
C PRO E 654 50.25 -11.21 -49.37
N TRP E 655 49.57 -11.84 -50.32
CA TRP E 655 49.59 -11.43 -51.70
C TRP E 655 48.28 -11.84 -52.34
N LEU E 656 47.63 -10.86 -52.93
CA LEU E 656 46.25 -11.01 -53.39
C LEU E 656 46.26 -10.78 -54.89
N ARG E 657 46.26 -11.86 -55.67
CA ARG E 657 46.51 -11.82 -57.10
C ARG E 657 45.19 -11.97 -57.84
N LEU E 658 44.81 -10.96 -58.62
CA LEU E 658 43.45 -10.91 -59.16
C LEU E 658 43.38 -11.14 -60.67
N SER E 659 43.93 -10.24 -61.47
CA SER E 659 43.66 -10.14 -62.90
C SER E 659 44.64 -9.15 -63.49
N GLY E 660 44.42 -8.72 -64.73
CA GLY E 660 45.35 -7.73 -65.26
C GLY E 660 45.23 -6.34 -64.68
N ASN E 661 44.24 -5.56 -65.09
CA ASN E 661 44.27 -4.11 -64.85
C ASN E 661 43.10 -3.72 -63.98
N LEU E 662 43.36 -3.56 -62.68
CA LEU E 662 42.30 -3.25 -61.74
C LEU E 662 42.66 -2.06 -60.87
N GLU E 663 43.34 -1.06 -61.43
CA GLU E 663 43.91 0.02 -60.63
C GLU E 663 42.85 1.00 -60.13
N GLY E 664 42.10 1.60 -61.04
CA GLY E 664 41.10 2.55 -60.59
C GLY E 664 39.77 1.96 -60.20
N ARG E 665 39.72 0.71 -59.75
CA ARG E 665 38.45 0.01 -59.68
C ARG E 665 37.78 0.12 -58.31
N MET E 666 38.51 0.67 -57.32
CA MET E 666 38.08 0.87 -55.91
C MET E 666 37.39 -0.37 -55.33
N VAL E 667 38.17 -1.44 -55.21
CA VAL E 667 37.61 -2.78 -55.09
C VAL E 667 37.27 -3.06 -53.63
N TYR E 668 36.36 -3.99 -53.39
CA TYR E 668 35.97 -4.36 -52.03
C TYR E 668 36.61 -5.68 -51.63
N ILE E 669 37.19 -5.71 -50.43
CA ILE E 669 37.89 -6.88 -49.93
C ILE E 669 37.35 -7.23 -48.57
N GLY E 670 36.98 -8.51 -48.40
CA GLY E 670 36.46 -8.97 -47.14
C GLY E 670 36.85 -10.41 -46.87
N PHE E 671 36.00 -11.08 -46.08
CA PHE E 671 36.14 -12.49 -45.74
C PHE E 671 34.94 -13.28 -46.23
N ASN E 672 34.78 -14.49 -45.73
CA ASN E 672 33.50 -15.18 -45.74
C ASN E 672 33.10 -15.49 -44.31
N ILE E 673 31.82 -15.37 -44.01
CA ILE E 673 31.27 -15.84 -42.75
C ILE E 673 30.96 -17.32 -42.93
N ASN E 674 31.04 -18.08 -41.85
CA ASN E 674 30.48 -19.42 -41.88
C ASN E 674 29.10 -19.40 -41.22
N PHE E 675 28.08 -19.58 -42.05
CA PHE E 675 26.71 -19.66 -41.57
C PHE E 675 26.32 -21.12 -41.45
N VAL E 676 25.91 -21.53 -40.25
CA VAL E 676 25.55 -22.91 -39.97
C VAL E 676 24.22 -22.90 -39.24
N TYR E 677 23.30 -23.80 -39.64
CA TYR E 677 22.06 -23.96 -38.90
C TYR E 677 21.56 -25.40 -39.04
N GLU E 678 21.70 -26.17 -37.97
CA GLU E 678 21.02 -27.46 -37.99
C GLU E 678 19.55 -27.29 -37.70
N PHE E 679 18.82 -28.36 -37.91
CA PHE E 679 17.43 -28.46 -37.49
C PHE E 679 17.32 -29.51 -36.40
N SER E 680 16.25 -29.41 -35.62
CA SER E 680 15.85 -30.54 -34.80
C SER E 680 15.37 -31.65 -35.72
N LYS E 681 15.52 -32.89 -35.26
CA LYS E 681 15.05 -34.02 -36.03
C LYS E 681 13.53 -33.96 -36.12
N PHE E 682 13.01 -34.07 -37.34
CA PHE E 682 11.63 -33.72 -37.66
C PHE E 682 10.69 -34.77 -37.08
N LEU E 683 10.45 -34.67 -35.79
CA LEU E 683 9.47 -35.49 -35.12
C LEU E 683 8.09 -34.87 -35.29
N ILE E 684 7.10 -35.50 -34.65
CA ILE E 684 5.72 -35.01 -34.74
C ILE E 684 5.50 -34.13 -33.52
N LYS E 685 5.76 -32.83 -33.69
CA LYS E 685 5.50 -31.86 -32.64
C LYS E 685 4.00 -31.63 -32.51
N GLN E 686 3.47 -31.81 -31.31
CA GLN E 686 2.04 -31.70 -31.07
C GLN E 686 1.78 -31.02 -29.73
N THR E 687 1.07 -29.89 -29.76
CA THR E 687 0.83 -29.15 -28.54
C THR E 687 -0.44 -29.60 -27.84
N ALA E 688 -0.30 -30.64 -27.03
CA ALA E 688 -1.38 -31.18 -26.22
C ALA E 688 -0.80 -32.02 -25.09
N ASP E 689 -1.16 -31.69 -23.85
CA ASP E 689 -2.54 -31.72 -23.37
C ASP E 689 -2.86 -30.33 -22.84
N ASP E 690 -1.95 -29.76 -22.06
CA ASP E 690 -1.79 -28.33 -21.88
C ASP E 690 -1.05 -27.72 -23.06
N GLY E 691 -0.34 -26.62 -22.86
CA GLY E 691 0.65 -26.25 -23.86
C GLY E 691 1.88 -27.13 -23.77
N SER E 692 3.07 -26.51 -23.87
CA SER E 692 4.37 -27.19 -23.71
C SER E 692 4.50 -28.38 -24.68
N THR E 693 4.65 -28.04 -25.96
CA THR E 693 4.53 -28.96 -27.10
C THR E 693 5.40 -30.19 -26.95
N SER E 694 4.75 -31.35 -26.83
CA SER E 694 5.42 -32.61 -26.57
C SER E 694 5.29 -33.51 -27.79
N THR E 695 6.39 -34.17 -28.15
CA THR E 695 6.45 -35.02 -29.32
C THR E 695 5.68 -36.32 -29.07
N GLU E 696 5.56 -37.11 -30.13
CA GLU E 696 5.08 -38.49 -30.02
C GLU E 696 6.00 -39.37 -30.84
N ASP E 697 6.85 -40.12 -30.16
CA ASP E 697 7.81 -41.02 -30.82
C ASP E 697 7.43 -42.45 -30.46
N ILE E 698 6.45 -42.99 -31.18
CA ILE E 698 6.02 -44.36 -31.00
C ILE E 698 6.15 -45.17 -32.26
N GLY E 699 5.61 -44.70 -33.37
CA GLY E 699 5.74 -45.41 -34.62
C GLY E 699 6.84 -44.82 -35.47
N ARG E 700 7.23 -45.57 -36.48
CA ARG E 700 8.25 -45.12 -37.39
C ARG E 700 7.70 -44.00 -38.27
N LEU E 701 8.33 -42.84 -38.21
CA LEU E 701 7.97 -41.71 -39.05
C LEU E 701 8.88 -41.76 -40.27
N GLN E 702 8.41 -42.38 -41.33
CA GLN E 702 9.16 -42.34 -42.58
C GLN E 702 9.01 -40.98 -43.22
N LEU E 703 10.09 -40.21 -43.20
CA LEU E 703 10.08 -38.80 -43.54
C LEU E 703 10.38 -38.68 -45.02
N ARG E 704 9.77 -37.70 -45.68
CA ARG E 704 10.06 -37.46 -47.09
C ARG E 704 9.80 -36.00 -47.43
N ARG E 705 10.78 -35.38 -48.06
CA ARG E 705 10.73 -34.07 -48.71
C ARG E 705 10.19 -32.96 -47.82
N ALA E 706 11.02 -32.63 -46.83
CA ALA E 706 10.88 -31.36 -46.13
C ALA E 706 11.07 -30.21 -47.11
N TRP E 707 10.47 -29.07 -46.77
CA TRP E 707 10.52 -27.93 -47.66
C TRP E 707 10.78 -26.65 -46.90
N VAL E 708 11.63 -25.80 -47.46
CA VAL E 708 12.05 -24.54 -46.85
C VAL E 708 11.60 -23.39 -47.73
N ASN E 709 10.80 -22.48 -47.17
CA ASN E 709 10.40 -21.28 -47.89
C ASN E 709 11.20 -20.08 -47.41
N TYR E 710 11.38 -19.12 -48.31
CA TYR E 710 12.38 -18.09 -48.12
C TYR E 710 11.89 -16.78 -48.72
N GLU E 711 12.20 -15.68 -48.05
CA GLU E 711 11.88 -14.34 -48.52
C GLU E 711 13.06 -13.86 -49.35
N ASN E 712 13.15 -12.55 -49.59
CA ASN E 712 13.91 -11.95 -50.67
C ASN E 712 15.43 -12.08 -50.50
N SER E 713 15.93 -13.32 -50.53
CA SER E 713 17.34 -13.66 -50.68
C SER E 713 17.46 -15.16 -50.93
N GLY E 714 18.68 -15.61 -51.16
CA GLY E 714 18.89 -17.01 -51.41
C GLY E 714 20.36 -17.40 -51.40
N THR E 715 20.64 -18.51 -52.09
CA THR E 715 21.96 -19.16 -52.24
C THR E 715 22.50 -19.73 -50.93
N PHE E 716 21.62 -20.16 -50.04
CA PHE E 716 22.02 -21.14 -49.03
C PHE E 716 22.05 -22.51 -49.67
N ASP E 717 22.80 -23.46 -49.08
CA ASP E 717 22.75 -24.72 -49.82
C ASP E 717 21.57 -25.60 -49.40
N ILE E 718 21.85 -26.69 -48.70
CA ILE E 718 21.18 -27.44 -47.62
C ILE E 718 21.98 -28.72 -47.55
N TYR E 719 22.32 -29.21 -46.37
CA TYR E 719 22.98 -30.51 -46.27
C TYR E 719 22.04 -31.45 -45.54
N VAL E 720 21.56 -32.47 -46.24
CA VAL E 720 20.81 -33.55 -45.59
C VAL E 720 21.77 -34.68 -45.29
N GLU E 721 21.82 -35.08 -44.03
CA GLU E 721 22.84 -36.00 -43.52
C GLU E 721 22.13 -37.16 -42.84
N ASN E 722 22.07 -38.29 -43.52
CA ASN E 722 21.59 -39.53 -42.95
C ASN E 722 22.79 -40.24 -42.30
N GLN E 723 22.67 -41.52 -41.95
CA GLN E 723 23.80 -42.24 -41.36
C GLN E 723 24.94 -42.40 -42.35
N SER E 724 24.62 -42.67 -43.60
CA SER E 724 25.66 -42.89 -44.61
C SER E 724 25.37 -42.24 -45.95
N SER E 725 24.46 -41.27 -46.04
CA SER E 725 24.04 -40.80 -47.35
C SER E 725 24.78 -39.53 -47.77
N ASN E 726 24.63 -38.44 -46.98
CA ASN E 726 25.23 -37.13 -47.21
C ASN E 726 24.85 -36.51 -48.55
N TRP E 727 23.59 -36.19 -48.75
CA TRP E 727 23.16 -35.48 -49.94
C TRP E 727 23.27 -33.99 -49.66
N LYS E 728 23.59 -33.19 -50.69
CA LYS E 728 23.66 -31.74 -50.54
C LYS E 728 22.76 -31.07 -51.55
N TYR E 729 21.80 -30.31 -51.05
CA TYR E 729 20.76 -29.72 -51.89
C TYR E 729 21.06 -28.26 -52.12
N THR E 730 22.06 -27.98 -52.95
CA THR E 730 22.46 -26.60 -53.19
C THR E 730 21.35 -25.84 -53.91
N MET E 731 21.30 -24.55 -53.67
CA MET E 731 20.23 -23.68 -54.12
C MET E 731 20.82 -22.36 -54.56
N ALA E 732 20.25 -21.76 -55.60
CA ALA E 732 20.67 -20.44 -56.02
C ALA E 732 19.43 -19.56 -56.16
N GLY E 733 19.66 -18.37 -56.72
CA GLY E 733 18.83 -17.22 -56.38
C GLY E 733 17.38 -17.32 -56.83
N ALA E 734 17.14 -17.24 -58.12
CA ALA E 734 15.76 -17.13 -58.58
C ALA E 734 15.49 -18.15 -59.67
N ARG E 735 14.22 -18.28 -60.01
CA ARG E 735 13.80 -19.20 -61.05
C ARG E 735 14.01 -18.56 -62.41
N LEU E 736 14.10 -19.40 -63.44
CA LEU E 736 14.26 -18.91 -64.80
C LEU E 736 13.01 -18.17 -65.25
N GLY E 737 13.21 -17.05 -65.93
CA GLY E 737 12.10 -16.26 -66.39
C GLY E 737 11.53 -15.30 -65.37
N SER E 738 11.97 -15.39 -64.12
CA SER E 738 11.52 -14.46 -63.10
C SER E 738 12.08 -13.08 -63.38
N ASN E 739 11.38 -12.06 -62.85
CA ASN E 739 11.88 -10.70 -62.98
C ASN E 739 13.04 -10.46 -62.04
N THR E 740 13.15 -11.28 -60.99
CA THR E 740 14.28 -11.15 -60.07
C THR E 740 15.56 -11.64 -60.72
N LEU E 741 15.48 -12.75 -61.45
CA LEU E 741 16.66 -13.28 -62.12
C LEU E 741 17.03 -12.43 -63.32
N ARG E 742 18.20 -11.79 -63.23
CA ARG E 742 18.65 -10.83 -64.23
C ARG E 742 20.04 -11.24 -64.70
N ALA E 743 20.41 -10.77 -65.88
CA ALA E 743 21.74 -11.10 -66.39
C ALA E 743 22.81 -10.24 -65.76
N GLY E 744 22.42 -9.16 -65.09
CA GLY E 744 23.20 -8.70 -63.96
C GLY E 744 22.43 -7.69 -63.13
N ARG E 745 22.14 -8.15 -61.93
CA ARG E 745 21.46 -7.53 -60.79
C ARG E 745 21.70 -8.55 -59.70
N LEU E 746 20.99 -8.47 -58.58
CA LEU E 746 21.00 -9.53 -57.59
C LEU E 746 20.20 -10.74 -58.05
N ASN E 747 20.53 -11.88 -57.46
CA ASN E 747 19.76 -13.11 -57.62
C ASN E 747 19.20 -13.50 -56.26
N LEU E 748 17.95 -13.12 -55.99
CA LEU E 748 17.44 -13.32 -54.64
C LEU E 748 16.29 -14.32 -54.57
N GLY E 749 15.19 -14.07 -55.25
CA GLY E 749 14.12 -15.05 -55.24
C GLY E 749 13.27 -15.04 -53.98
N THR E 750 12.18 -15.80 -54.05
CA THR E 750 11.19 -15.91 -52.99
C THR E 750 10.75 -17.36 -52.94
N GLY E 751 10.35 -17.86 -51.76
CA GLY E 751 10.08 -19.28 -51.57
C GLY E 751 8.83 -19.74 -52.30
N GLN E 752 8.56 -21.04 -52.21
CA GLN E 752 9.25 -22.02 -51.37
C GLN E 752 10.34 -22.76 -52.12
N TYR E 753 10.89 -23.78 -51.46
CA TYR E 753 11.81 -24.71 -52.09
C TYR E 753 11.63 -26.09 -51.48
N ARG E 754 11.34 -27.07 -52.32
CA ARG E 754 11.06 -28.42 -51.87
C ARG E 754 12.22 -29.31 -52.25
N PHE E 755 12.61 -30.21 -51.35
CA PHE E 755 13.80 -31.02 -51.51
C PHE E 755 13.64 -32.29 -50.70
N PRO E 756 14.00 -33.45 -51.25
CA PRO E 756 13.74 -34.74 -50.60
C PRO E 756 14.60 -35.00 -49.37
N VAL E 757 13.96 -35.21 -48.22
CA VAL E 757 14.65 -35.73 -47.03
C VAL E 757 14.10 -37.13 -46.81
N VAL E 758 14.74 -38.12 -47.40
CA VAL E 758 14.21 -39.47 -47.48
C VAL E 758 14.82 -40.29 -46.36
N GLY E 759 13.97 -40.90 -45.54
CA GLY E 759 14.43 -41.84 -44.56
C GLY E 759 13.69 -41.69 -43.26
N ASN E 760 14.22 -42.32 -42.23
CA ASN E 760 13.62 -42.27 -40.92
C ASN E 760 13.83 -40.90 -40.30
N ALA E 761 12.94 -40.53 -39.39
CA ALA E 761 13.02 -39.23 -38.73
C ALA E 761 14.14 -39.16 -37.71
N LYS E 762 14.39 -40.27 -37.02
CA LYS E 762 15.38 -40.32 -35.96
C LYS E 762 16.82 -40.22 -36.50
N PHE E 763 17.02 -40.36 -37.80
CA PHE E 763 18.35 -40.45 -38.37
C PHE E 763 18.69 -39.32 -39.33
N ASN E 764 17.71 -38.62 -39.89
CA ASN E 764 17.99 -37.55 -40.84
C ASN E 764 18.23 -36.24 -40.09
N THR E 765 19.38 -35.62 -40.33
CA THR E 765 19.75 -34.35 -39.71
C THR E 765 19.95 -33.34 -40.83
N VAL E 766 18.91 -32.57 -41.14
CA VAL E 766 19.03 -31.54 -42.16
C VAL E 766 19.76 -30.34 -41.57
N TYR E 767 20.71 -29.79 -42.32
CA TYR E 767 21.37 -28.58 -41.87
C TYR E 767 21.83 -27.73 -43.04
N ILE E 768 22.02 -26.45 -42.76
CA ILE E 768 22.26 -25.45 -43.79
C ILE E 768 23.61 -24.79 -43.48
N LEU E 769 24.68 -25.32 -44.05
CA LEU E 769 25.89 -24.53 -44.23
C LEU E 769 25.78 -23.79 -45.54
N SER E 770 26.35 -22.59 -45.62
CA SER E 770 26.60 -22.17 -46.98
C SER E 770 28.04 -21.77 -47.28
N ASP E 771 28.30 -20.49 -47.01
CA ASP E 771 29.47 -19.63 -47.13
C ASP E 771 28.73 -18.30 -47.15
N GLU E 772 29.37 -17.17 -47.42
CA GLU E 772 29.16 -16.44 -48.68
C GLU E 772 29.43 -14.95 -48.62
N THR E 773 29.28 -14.32 -49.77
CA THR E 773 29.09 -12.89 -49.84
C THR E 773 27.63 -12.50 -50.05
N THR E 774 26.67 -13.37 -49.72
CA THR E 774 25.27 -13.19 -50.11
C THR E 774 24.35 -13.49 -48.93
N PRO E 775 23.27 -12.69 -48.70
CA PRO E 775 22.36 -12.98 -47.57
C PRO E 775 21.58 -14.27 -47.66
N LEU E 776 20.75 -14.56 -46.65
CA LEU E 776 19.66 -15.49 -46.83
C LEU E 776 18.55 -15.11 -45.86
N ASN E 777 17.37 -15.64 -46.13
CA ASN E 777 16.23 -15.54 -45.23
C ASN E 777 15.58 -16.91 -45.18
N ILE E 778 15.18 -17.35 -44.00
CA ILE E 778 14.42 -18.59 -43.85
C ILE E 778 13.17 -18.27 -43.05
N ILE E 779 12.00 -18.42 -43.65
CA ILE E 779 10.79 -18.03 -42.96
C ILE E 779 10.25 -19.20 -42.17
N GLY E 780 9.90 -20.27 -42.87
CA GLY E 780 9.36 -21.45 -42.23
C GLY E 780 9.98 -22.68 -42.82
N CYS E 781 9.65 -23.82 -42.22
CA CYS E 781 10.10 -25.11 -42.72
C CYS E 781 8.99 -26.12 -42.50
N GLY E 782 8.65 -26.87 -43.55
CA GLY E 782 7.70 -27.94 -43.42
C GLY E 782 8.38 -29.28 -43.60
N TRP E 783 7.58 -30.34 -43.50
CA TRP E 783 7.97 -31.67 -43.89
C TRP E 783 6.71 -32.48 -44.07
N GLU E 784 6.77 -33.49 -44.93
CA GLU E 784 5.71 -34.47 -44.99
C GLU E 784 6.32 -35.84 -44.79
N GLY E 785 5.48 -36.86 -44.83
CA GLY E 785 5.98 -38.20 -44.64
C GLY E 785 4.95 -39.17 -44.11
N ASN E 786 5.13 -40.44 -44.43
CA ASN E 786 4.25 -41.49 -43.96
C ASN E 786 4.46 -41.67 -42.46
N TYR E 787 3.37 -41.70 -41.71
CA TYR E 787 3.43 -42.00 -40.29
C TYR E 787 2.56 -43.21 -40.01
N LEU E 788 3.11 -44.17 -39.29
CA LEU E 788 2.38 -45.40 -38.99
C LEU E 788 2.81 -45.86 -37.61
N ARG E 789 2.02 -45.53 -36.59
CA ARG E 789 2.19 -46.11 -35.28
C ARG E 789 1.23 -47.27 -35.15
N ARG E 790 1.78 -48.46 -34.90
CA ARG E 790 0.96 -49.67 -34.86
C ARG E 790 0.11 -49.69 -33.61
N SER E 791 0.74 -49.49 -32.47
CA SER E 791 0.09 -49.49 -31.17
C SER E 791 -0.69 -48.19 -31.02
N SER E 792 -2.00 -48.25 -31.26
CA SER E 792 -2.85 -47.08 -31.19
C SER E 792 -2.93 -46.60 -29.76
N GLY E 793 -2.23 -45.52 -29.46
CA GLY E 793 -1.94 -45.16 -28.09
C GLY E 793 -3.11 -44.57 -27.34
N ILE E 794 -2.83 -44.31 -26.05
CA ILE E 794 -3.74 -43.68 -25.08
C ILE E 794 -5.05 -44.46 -24.94
N LEU F 3 -4.57 -52.67 -28.45
CA LEU F 3 -3.19 -52.72 -27.99
C LEU F 3 -2.75 -51.28 -27.82
N ILE F 4 -2.47 -50.87 -26.59
CA ILE F 4 -2.16 -49.47 -26.31
C ILE F 4 -0.69 -49.35 -25.93
N SER F 5 -0.24 -48.10 -25.85
CA SER F 5 1.15 -47.79 -25.53
C SER F 5 1.24 -46.32 -25.18
N GLN F 6 2.18 -46.01 -24.30
CA GLN F 6 2.43 -44.61 -23.98
C GLN F 6 3.86 -44.48 -23.48
N SER F 7 4.43 -43.31 -23.71
CA SER F 7 5.79 -43.04 -23.34
C SER F 7 5.83 -42.03 -22.21
N ILE F 8 6.62 -42.34 -21.19
CA ILE F 8 6.87 -41.41 -20.10
C ILE F 8 8.06 -40.56 -20.53
N LYS F 9 7.81 -39.28 -20.77
CA LYS F 9 8.78 -38.45 -21.49
C LYS F 9 9.98 -38.11 -20.62
N ASN F 10 9.75 -37.81 -19.35
CA ASN F 10 10.80 -37.43 -18.43
C ASN F 10 10.96 -38.53 -17.39
N LEU F 11 11.94 -38.38 -16.52
CA LEU F 11 12.03 -39.19 -15.32
C LEU F 11 12.31 -38.36 -14.08
N LYS F 12 11.70 -37.19 -13.98
CA LYS F 12 11.89 -36.28 -12.86
C LYS F 12 10.59 -36.17 -12.05
N GLY F 13 10.54 -36.83 -10.89
CA GLY F 13 11.60 -37.70 -10.43
C GLY F 13 11.41 -38.13 -8.99
N GLY F 14 12.18 -39.12 -8.58
CA GLY F 14 12.33 -39.41 -7.18
C GLY F 14 11.34 -40.41 -6.65
N ILE F 15 11.38 -40.53 -5.32
CA ILE F 15 10.52 -41.48 -4.62
C ILE F 15 9.09 -40.97 -4.70
N SER F 16 8.14 -41.89 -4.65
CA SER F 16 6.76 -41.52 -4.39
C SER F 16 6.14 -42.66 -3.60
N GLN F 17 6.10 -42.53 -2.29
CA GLN F 17 5.56 -43.57 -1.43
C GLN F 17 4.04 -43.59 -1.43
N GLN F 18 3.41 -42.67 -2.15
CA GLN F 18 2.00 -42.77 -2.48
C GLN F 18 1.78 -44.01 -3.35
N PRO F 19 0.67 -44.74 -3.16
CA PRO F 19 0.47 -45.97 -3.94
C PRO F 19 0.28 -45.71 -5.43
N ASP F 20 0.67 -46.71 -6.23
CA ASP F 20 1.02 -46.50 -7.62
C ASP F 20 -0.17 -46.20 -8.52
N ILE F 21 -1.39 -46.43 -8.04
CA ILE F 21 -2.55 -46.05 -8.85
C ILE F 21 -2.89 -44.59 -8.61
N LEU F 22 -2.23 -43.96 -7.63
CA LEU F 22 -2.45 -42.54 -7.38
C LEU F 22 -1.36 -41.69 -8.02
N ARG F 23 -0.13 -42.20 -8.03
CA ARG F 23 1.03 -41.36 -8.29
C ARG F 23 1.11 -40.96 -9.76
N TYR F 24 1.92 -39.95 -10.03
CA TYR F 24 2.13 -39.46 -11.37
C TYR F 24 3.06 -40.41 -12.11
N PRO F 25 3.20 -40.26 -13.43
CA PRO F 25 4.43 -40.73 -14.07
C PRO F 25 5.56 -39.78 -13.73
N ASP F 26 6.78 -40.19 -14.12
CA ASP F 26 8.11 -39.66 -13.80
C ASP F 26 8.54 -40.06 -12.40
N GLN F 27 7.68 -40.70 -11.60
CA GLN F 27 7.95 -40.94 -10.19
C GLN F 27 8.21 -42.42 -9.97
N GLY F 28 9.46 -42.77 -9.70
CA GLY F 28 9.80 -44.15 -9.40
C GLY F 28 9.47 -44.49 -7.98
N SER F 29 9.61 -45.78 -7.65
CA SER F 29 9.28 -46.23 -6.32
C SER F 29 10.51 -46.28 -5.41
N ARG F 30 11.70 -46.47 -5.97
CA ARG F 30 12.90 -46.12 -5.21
C ARG F 30 13.96 -45.64 -6.17
N GLN F 31 14.92 -44.89 -5.62
CA GLN F 31 15.98 -44.26 -6.38
C GLN F 31 17.14 -43.94 -5.46
N VAL F 32 18.28 -44.54 -5.76
CA VAL F 32 19.50 -44.40 -4.98
C VAL F 32 20.58 -43.92 -5.93
N ASN F 33 21.35 -42.90 -5.50
CA ASN F 33 22.48 -42.33 -6.22
C ASN F 33 22.10 -41.76 -7.59
N GLY F 34 20.85 -41.33 -7.72
CA GLY F 34 20.38 -40.78 -8.97
C GLY F 34 20.49 -39.27 -8.98
N TRP F 35 20.59 -38.70 -10.18
CA TRP F 35 20.67 -37.26 -10.35
C TRP F 35 19.76 -36.85 -11.49
N SER F 36 18.51 -36.57 -11.16
CA SER F 36 17.49 -36.21 -12.16
C SER F 36 17.71 -34.77 -12.58
N SER F 37 18.48 -34.57 -13.64
CA SER F 37 18.75 -33.22 -14.12
C SER F 37 17.57 -32.68 -14.93
N GLU F 38 17.75 -31.47 -15.45
CA GLU F 38 16.68 -30.83 -16.21
C GLU F 38 16.55 -31.43 -17.59
N THR F 39 17.62 -31.40 -18.38
CA THR F 39 17.57 -31.90 -19.75
C THR F 39 17.82 -33.40 -19.82
N GLU F 40 18.99 -33.84 -19.36
CA GLU F 40 19.20 -35.26 -19.15
C GLU F 40 18.38 -35.71 -17.96
N GLY F 41 17.95 -36.96 -17.99
CA GLY F 41 17.12 -37.47 -16.93
C GLY F 41 17.96 -38.00 -15.80
N LEU F 42 17.77 -39.29 -15.52
CA LEU F 42 18.54 -39.98 -14.50
C LEU F 42 20.01 -40.04 -14.88
N GLN F 43 20.87 -39.72 -13.92
CA GLN F 43 22.31 -39.89 -14.05
C GLN F 43 22.81 -40.48 -12.75
N LYS F 44 24.03 -40.98 -12.78
CA LYS F 44 24.74 -41.26 -11.54
C LYS F 44 25.19 -39.95 -10.91
N ARG F 45 25.17 -39.90 -9.58
CA ARG F 45 25.75 -38.76 -8.91
C ARG F 45 27.26 -38.76 -9.12
N PRO F 46 27.87 -37.59 -9.28
CA PRO F 46 29.32 -37.54 -9.53
C PRO F 46 30.10 -37.96 -8.30
N PRO F 47 31.31 -38.51 -8.48
CA PRO F 47 31.95 -39.26 -7.41
C PRO F 47 32.60 -38.39 -6.34
N LEU F 48 33.14 -39.08 -5.34
CA LEU F 48 33.86 -38.41 -4.30
C LEU F 48 35.35 -38.54 -4.53
N VAL F 49 35.99 -37.43 -4.80
CA VAL F 49 37.42 -37.41 -4.83
C VAL F 49 37.90 -37.47 -3.40
N PHE F 50 39.16 -37.82 -3.16
CA PHE F 50 39.59 -38.18 -1.82
C PHE F 50 40.32 -37.18 -0.90
N LEU F 51 40.37 -35.91 -1.30
CA LEU F 51 41.18 -34.97 -0.53
C LEU F 51 40.45 -34.87 0.78
N ASN F 52 41.04 -35.39 1.84
CA ASN F 52 41.97 -36.48 1.75
C ASN F 52 41.70 -37.48 2.86
N THR F 53 42.05 -37.15 4.09
CA THR F 53 41.53 -37.90 5.22
C THR F 53 41.83 -37.08 6.43
N LEU F 54 41.14 -37.30 7.54
CA LEU F 54 41.52 -36.56 8.75
C LEU F 54 41.44 -37.27 10.09
N GLY F 55 41.13 -38.56 10.12
CA GLY F 55 40.72 -39.15 11.36
C GLY F 55 40.62 -40.63 11.60
N ASP F 56 40.33 -40.92 12.86
CA ASP F 56 39.76 -42.15 13.31
C ASP F 56 38.37 -41.74 13.75
N ASN F 57 37.34 -42.49 13.38
CA ASN F 57 36.02 -42.35 13.99
C ASN F 57 36.09 -41.93 15.45
N LEU F 60 36.94 -37.34 14.86
CA LEU F 60 36.27 -36.07 14.97
C LEU F 60 35.22 -36.40 15.96
N GLY F 61 34.53 -35.39 16.48
CA GLY F 61 33.66 -35.62 17.62
C GLY F 61 32.67 -36.65 17.20
N GLN F 62 32.17 -37.46 18.13
CA GLN F 62 31.36 -38.58 17.71
C GLN F 62 30.10 -38.16 16.99
N ALA F 63 29.42 -37.13 17.48
CA ALA F 63 28.42 -36.45 16.71
C ALA F 63 28.66 -34.97 16.88
N PRO F 64 29.17 -34.29 15.76
CA PRO F 64 29.62 -32.93 16.07
C PRO F 64 28.84 -31.92 15.31
N TYR F 65 29.08 -30.64 15.57
CA TYR F 65 28.43 -29.54 14.86
C TYR F 65 29.46 -28.94 13.93
N ILE F 66 29.24 -29.09 12.62
CA ILE F 66 30.19 -28.66 11.61
C ILE F 66 29.54 -27.57 10.76
N HIS F 67 30.22 -26.43 10.65
CA HIS F 67 29.73 -25.26 9.94
C HIS F 67 30.90 -24.53 9.33
N LEU F 68 30.87 -24.29 8.02
CA LEU F 68 32.02 -23.74 7.32
C LEU F 68 32.07 -22.23 7.47
N ILE F 69 33.18 -21.66 7.01
CA ILE F 69 33.37 -20.22 6.87
C ILE F 69 33.79 -19.98 5.42
N ASN F 70 33.11 -19.06 4.74
CA ASN F 70 33.36 -18.79 3.33
C ASN F 70 33.57 -17.30 3.14
N ARG F 71 34.80 -16.84 3.35
CA ARG F 71 35.09 -15.42 3.27
C ARG F 71 35.51 -14.99 1.86
N ASP F 72 36.59 -15.55 1.34
CA ASP F 72 37.04 -15.21 -0.01
C ASP F 72 37.21 -16.47 -0.83
N GLU F 73 37.79 -16.33 -2.02
CA GLU F 73 38.10 -17.51 -2.83
C GLU F 73 39.32 -18.25 -2.30
N HIS F 74 40.23 -17.53 -1.63
CA HIS F 74 41.40 -18.15 -1.03
C HIS F 74 41.17 -18.40 0.44
N GLU F 75 39.99 -18.05 0.93
CA GLU F 75 39.73 -18.00 2.37
C GLU F 75 38.42 -18.74 2.62
N GLN F 76 38.53 -20.06 2.79
CA GLN F 76 37.39 -20.96 2.90
C GLN F 76 37.77 -22.09 3.85
N TYR F 77 37.34 -21.99 5.10
CA TYR F 77 37.69 -22.98 6.11
C TYR F 77 36.44 -23.60 6.71
N TYR F 78 36.65 -24.65 7.49
CA TYR F 78 35.59 -25.30 8.28
C TYR F 78 35.60 -24.82 9.71
N ALA F 79 34.69 -25.39 10.51
CA ALA F 79 34.73 -25.32 11.97
C ALA F 79 33.98 -26.52 12.51
N VAL F 80 34.71 -27.47 13.09
CA VAL F 80 34.14 -28.69 13.63
C VAL F 80 34.03 -28.50 15.13
N PHE F 81 32.81 -28.55 15.66
CA PHE F 81 32.60 -28.32 17.09
C PHE F 81 32.35 -29.68 17.75
N THR F 82 33.45 -30.32 18.14
CA THR F 82 33.34 -31.61 18.77
C THR F 82 32.86 -31.47 20.22
N GLY F 83 32.73 -32.61 20.89
CA GLY F 83 32.40 -32.58 22.30
C GLY F 83 33.54 -32.07 23.15
N SER F 84 34.78 -32.21 22.66
CA SER F 84 35.93 -31.74 23.41
C SER F 84 36.21 -30.27 23.10
N GLY F 85 36.46 -29.94 21.84
CA GLY F 85 36.81 -28.57 21.52
C GLY F 85 36.73 -28.26 20.04
N ILE F 86 37.15 -27.04 19.70
CA ILE F 86 37.08 -26.55 18.34
C ILE F 86 38.18 -27.22 17.52
N ARG F 87 37.83 -27.68 16.32
CA ARG F 87 38.81 -28.13 15.34
C ARG F 87 38.46 -27.57 13.98
N VAL F 88 39.46 -27.09 13.26
CA VAL F 88 39.27 -26.39 12.00
C VAL F 88 40.10 -27.08 10.91
N PHE F 89 39.42 -27.48 9.84
CA PHE F 89 40.06 -27.95 8.63
C PHE F 89 39.94 -26.86 7.58
N ASP F 90 40.76 -26.94 6.54
CA ASP F 90 40.55 -26.08 5.39
C ASP F 90 39.67 -26.80 4.37
N LEU F 91 39.63 -26.25 3.16
CA LEU F 91 38.95 -26.92 2.07
C LEU F 91 39.93 -27.71 1.20
N SER F 92 41.07 -28.08 1.77
CA SER F 92 41.97 -29.06 1.19
C SER F 92 42.20 -30.21 2.16
N GLY F 93 41.76 -30.06 3.40
CA GLY F 93 41.64 -31.17 4.31
C GLY F 93 42.67 -31.32 5.42
N ASN F 94 43.64 -30.42 5.52
CA ASN F 94 44.63 -30.52 6.59
C ASN F 94 44.22 -29.66 7.76
N GLU F 95 44.68 -30.03 8.95
CA GLU F 95 44.27 -29.33 10.17
C GLU F 95 44.98 -28.00 10.28
N LYS F 96 44.28 -27.03 10.88
CA LYS F 96 44.90 -25.78 11.29
C LYS F 96 44.54 -25.51 12.75
N GLN F 97 45.49 -24.91 13.46
CA GLN F 97 45.46 -24.86 14.91
C GLN F 97 44.47 -23.82 15.39
N VAL F 98 43.80 -24.12 16.50
CA VAL F 98 43.04 -23.13 17.25
C VAL F 98 43.69 -23.02 18.62
N ARG F 99 43.41 -21.92 19.31
CA ARG F 99 44.01 -21.67 20.61
C ARG F 99 42.93 -21.24 21.58
N TYR F 100 43.13 -21.60 22.85
CA TYR F 100 42.20 -21.24 23.92
C TYR F 100 42.95 -20.36 24.91
N PRO F 101 43.05 -19.06 24.63
CA PRO F 101 43.77 -18.18 25.56
C PRO F 101 42.99 -17.88 26.82
N ASN F 102 41.70 -18.20 26.83
CA ASN F 102 40.82 -17.88 27.95
C ASN F 102 40.10 -19.09 28.49
N GLY F 103 40.60 -20.29 28.24
CA GLY F 103 39.92 -21.50 28.63
C GLY F 103 38.83 -21.85 27.64
N SER F 104 38.53 -23.14 27.51
CA SER F 104 37.44 -23.48 26.62
C SER F 104 36.13 -23.24 27.35
N ASN F 105 35.79 -24.12 28.30
CA ASN F 105 34.69 -24.04 29.27
C ASN F 105 33.32 -23.75 28.61
N TYR F 106 33.21 -23.83 27.29
CA TYR F 106 32.03 -23.34 26.59
C TYR F 106 31.62 -24.29 25.48
N ILE F 107 32.53 -25.14 25.02
CA ILE F 107 32.26 -26.07 23.93
C ILE F 107 32.05 -27.47 24.48
N LYS F 108 32.46 -27.72 25.71
CA LYS F 108 32.30 -29.03 26.34
C LYS F 108 30.82 -29.30 26.58
N THR F 109 30.23 -30.11 25.72
CA THR F 109 28.81 -30.37 25.70
C THR F 109 28.62 -31.81 25.23
N ALA F 110 27.66 -32.51 25.83
CA ALA F 110 27.34 -33.86 25.39
C ALA F 110 26.73 -33.86 23.99
N ASN F 111 25.90 -32.88 23.68
CA ASN F 111 25.24 -32.80 22.38
C ASN F 111 25.57 -31.47 21.73
N PRO F 112 26.66 -31.39 20.98
CA PRO F 112 27.04 -30.11 20.38
C PRO F 112 26.20 -29.74 19.17
N ARG F 113 25.45 -30.70 18.62
CA ARG F 113 24.51 -30.37 17.56
C ARG F 113 23.31 -29.61 18.11
N ASN F 114 22.75 -30.10 19.21
CA ASN F 114 21.51 -29.54 19.74
C ASN F 114 21.76 -28.29 20.56
N ASP F 115 23.01 -27.92 20.82
CA ASP F 115 23.30 -26.90 21.82
C ASP F 115 24.26 -25.82 21.37
N LEU F 116 24.97 -25.99 20.26
CA LEU F 116 25.87 -24.96 19.79
C LEU F 116 25.35 -24.33 18.50
N ARG F 117 25.64 -23.05 18.35
CA ARG F 117 25.25 -22.30 17.16
C ARG F 117 26.45 -21.55 16.64
N MET F 118 26.37 -21.15 15.37
CA MET F 118 27.44 -20.37 14.77
C MET F 118 26.86 -19.43 13.73
N VAL F 119 26.85 -18.14 14.04
CA VAL F 119 26.49 -17.14 13.08
C VAL F 119 27.77 -16.45 12.61
N THR F 120 27.91 -16.32 11.30
CA THR F 120 29.20 -15.99 10.74
C THR F 120 29.07 -14.85 9.74
N VAL F 121 29.83 -13.78 9.96
CA VAL F 121 29.97 -12.69 9.01
C VAL F 121 31.47 -12.54 8.75
N ALA F 122 31.85 -11.69 7.80
CA ALA F 122 33.26 -11.57 7.42
C ALA F 122 34.11 -10.96 8.52
N ASP F 123 33.49 -10.16 9.40
CA ASP F 123 34.24 -9.53 10.46
C ASP F 123 34.33 -10.40 11.71
N TYR F 124 33.28 -11.17 12.02
CA TYR F 124 33.23 -11.94 13.24
C TYR F 124 32.53 -13.27 12.99
N THR F 125 32.98 -14.29 13.72
CA THR F 125 32.41 -15.62 13.65
C THR F 125 31.89 -16.00 15.02
N PHE F 126 30.63 -15.70 15.27
CA PHE F 126 30.03 -15.89 16.59
C PHE F 126 29.84 -17.37 16.87
N ILE F 127 30.07 -17.75 18.12
CA ILE F 127 29.86 -19.12 18.57
C ILE F 127 29.01 -19.08 19.83
N VAL F 128 27.85 -19.71 19.77
CA VAL F 128 26.81 -19.55 20.78
C VAL F 128 26.54 -20.90 21.42
N ASN F 129 26.74 -20.99 22.73
CA ASN F 129 26.23 -22.13 23.46
C ASN F 129 24.82 -21.81 23.93
N ARG F 130 23.94 -22.81 23.87
CA ARG F 130 22.55 -22.59 24.25
C ARG F 130 22.29 -23.07 25.65
N ASN F 131 23.18 -23.91 26.19
CA ASN F 131 22.96 -24.41 27.54
C ASN F 131 23.34 -23.36 28.57
N VAL F 132 24.38 -22.57 28.30
CA VAL F 132 24.90 -21.66 29.30
C VAL F 132 23.98 -20.45 29.40
N VAL F 133 23.83 -19.94 30.62
CA VAL F 133 23.03 -18.76 30.90
C VAL F 133 23.96 -17.68 31.43
N ALA F 134 23.72 -16.44 31.00
CA ALA F 134 24.64 -15.34 31.26
C ALA F 134 24.10 -14.50 32.40
N GLN F 135 24.95 -14.25 33.40
CA GLN F 135 24.58 -13.50 34.58
C GLN F 135 25.36 -12.20 34.65
N LYS F 136 24.99 -11.39 35.63
CA LYS F 136 25.86 -10.29 36.02
C LYS F 136 26.89 -10.80 37.03
N ASN F 137 28.05 -10.17 37.06
CA ASN F 137 29.09 -10.53 38.01
C ASN F 137 29.11 -9.52 39.15
N THR F 138 29.16 -10.03 40.39
CA THR F 138 29.05 -9.16 41.54
C THR F 138 30.39 -8.57 41.94
N LYS F 139 31.45 -8.90 41.22
CA LYS F 139 32.79 -8.48 41.64
C LYS F 139 33.05 -7.02 41.29
N SER F 140 32.75 -6.62 40.06
CA SER F 140 33.04 -5.28 39.59
C SER F 140 31.79 -4.41 39.68
N VAL F 141 31.70 -3.60 40.73
CA VAL F 141 30.66 -2.60 40.86
C VAL F 141 31.30 -1.24 40.65
N ASN F 142 30.48 -0.19 40.63
CA ASN F 142 31.01 1.16 40.49
C ASN F 142 31.54 1.66 41.83
N LEU F 143 30.66 1.77 42.83
CA LEU F 143 31.07 2.12 44.17
C LEU F 143 30.62 1.00 45.10
N PRO F 144 31.43 0.63 46.10
CA PRO F 144 31.13 -0.56 46.92
C PRO F 144 29.86 -0.45 47.75
N ASN F 145 29.76 0.55 48.62
CA ASN F 145 28.54 0.76 49.38
C ASN F 145 27.89 2.09 49.02
N TYR F 146 28.63 3.20 49.21
CA TYR F 146 28.20 4.56 48.94
C TYR F 146 26.86 4.88 49.60
N ASN F 147 26.87 4.97 50.92
CA ASN F 147 25.80 5.67 51.59
C ASN F 147 25.77 7.09 51.04
N PRO F 148 24.72 7.48 50.31
CA PRO F 148 24.77 8.76 49.57
C PRO F 148 24.72 9.99 50.45
N ASN F 149 24.53 9.80 51.76
CA ASN F 149 24.62 10.93 52.68
C ASN F 149 26.07 11.30 52.97
N GLN F 150 27.01 10.35 52.78
CA GLN F 150 28.32 10.50 53.40
C GLN F 150 29.29 11.41 52.66
N ASP F 151 28.81 12.58 52.21
CA ASP F 151 29.50 13.84 51.94
C ASP F 151 28.50 14.84 51.37
N GLY F 152 28.92 16.10 51.22
CA GLY F 152 28.11 17.10 50.55
C GLY F 152 28.07 18.41 51.30
N LEU F 153 27.76 19.46 50.54
CA LEU F 153 28.63 20.63 50.48
C LEU F 153 27.80 21.91 50.59
N ILE F 154 28.44 22.99 51.05
CA ILE F 154 27.75 24.26 51.22
C ILE F 154 28.55 25.35 50.54
N ASN F 155 28.12 25.74 49.34
CA ASN F 155 28.77 26.80 48.60
C ASN F 155 28.45 28.16 49.21
N VAL F 156 29.46 29.02 49.23
CA VAL F 156 29.33 30.35 49.82
C VAL F 156 29.48 31.40 48.72
N ARG F 157 28.62 32.41 48.75
CA ARG F 157 28.63 33.48 47.76
C ARG F 157 28.29 34.82 48.43
N GLY F 158 29.32 35.53 48.87
CA GLY F 158 29.21 36.94 49.26
C GLY F 158 28.22 37.29 50.35
N GLY F 159 28.50 36.88 51.59
CA GLY F 159 27.56 37.14 52.66
C GLY F 159 27.54 38.61 53.07
N GLN F 160 26.38 39.25 52.86
CA GLN F 160 26.29 40.66 53.21
C GLN F 160 25.96 40.82 54.69
N TYR F 161 25.76 42.09 55.08
CA TYR F 161 25.91 42.51 56.46
C TYR F 161 24.68 42.19 57.29
N GLY F 162 24.90 41.51 58.42
CA GLY F 162 23.84 41.27 59.39
C GLY F 162 22.97 40.06 59.10
N ARG F 163 23.57 38.95 58.71
CA ARG F 163 22.84 37.74 58.35
C ARG F 163 23.45 36.55 59.07
N GLU F 164 22.73 36.00 60.04
CA GLU F 164 23.23 34.88 60.80
C GLU F 164 23.24 33.61 59.96
N LEU F 165 24.44 33.09 59.73
CA LEU F 165 24.63 31.86 58.99
C LEU F 165 24.92 30.75 59.99
N ILE F 166 24.05 29.74 60.02
CA ILE F 166 24.29 28.54 60.81
C ILE F 166 24.31 27.36 59.87
N VAL F 167 24.89 26.25 60.31
CA VAL F 167 24.81 24.98 59.61
C VAL F 167 24.19 23.96 60.55
N HIS F 168 23.11 23.34 60.11
CA HIS F 168 22.24 22.57 61.01
C HIS F 168 22.49 21.07 60.89
N ILE F 169 23.75 20.66 60.74
CA ILE F 169 24.09 19.24 60.65
C ILE F 169 23.82 18.57 61.99
N ASN F 170 23.17 17.40 61.93
CA ASN F 170 22.91 16.49 63.05
C ASN F 170 21.98 17.15 64.07
N GLY F 171 21.16 18.11 63.65
CA GLY F 171 20.21 18.79 64.50
C GLY F 171 20.78 19.99 65.24
N LYS F 172 22.08 19.99 65.52
CA LYS F 172 22.70 21.01 66.35
C LYS F 172 23.00 22.25 65.52
N ASP F 173 22.95 23.41 66.17
CA ASP F 173 23.34 24.65 65.53
C ASP F 173 24.85 24.76 65.49
N VAL F 174 25.43 24.43 64.34
CA VAL F 174 26.88 24.40 64.17
C VAL F 174 27.24 25.53 63.22
N ALA F 175 28.45 26.08 63.39
CA ALA F 175 29.04 27.11 62.55
C ALA F 175 28.20 28.39 62.54
N LYS F 176 28.08 29.03 63.70
CA LYS F 176 27.28 30.25 63.85
C LYS F 176 28.14 31.49 63.60
N TYR F 177 27.73 32.32 62.64
CA TYR F 177 28.34 33.64 62.44
C TYR F 177 27.38 34.53 61.68
N LYS F 178 27.34 35.81 62.04
CA LYS F 178 26.67 36.82 61.25
C LYS F 178 27.70 37.79 60.74
N ILE F 179 27.54 38.22 59.49
CA ILE F 179 28.48 39.18 58.91
C ILE F 179 28.17 40.56 59.50
N PRO F 180 29.12 41.20 60.18
CA PRO F 180 28.79 42.40 60.96
C PRO F 180 28.42 43.61 60.10
N ASP F 181 27.61 44.49 60.70
CA ASP F 181 27.10 45.73 60.10
C ASP F 181 28.26 46.60 59.61
N GLY F 182 28.08 47.20 58.43
CA GLY F 182 29.14 47.92 57.76
C GLY F 182 29.35 49.29 58.37
N SER F 183 30.43 49.41 59.14
CA SER F 183 30.95 50.70 59.55
C SER F 183 32.46 50.67 59.33
N GLN F 184 32.88 51.20 58.19
CA GLN F 184 33.19 50.38 57.03
C GLN F 184 34.42 49.44 57.00
N PRO F 185 35.66 49.85 57.45
CA PRO F 185 36.86 49.27 56.81
C PRO F 185 37.11 47.78 57.01
N GLU F 186 36.87 47.25 58.21
CA GLU F 186 37.08 45.80 58.40
C GLU F 186 35.91 45.00 57.87
N HIS F 187 34.78 45.65 57.61
CA HIS F 187 33.56 44.93 57.26
C HIS F 187 33.51 44.62 55.76
N VAL F 188 34.21 45.42 54.95
CA VAL F 188 34.13 45.22 53.51
C VAL F 188 35.09 44.10 53.09
N ASN F 189 36.15 43.90 53.88
CA ASN F 189 36.97 42.70 53.72
C ASN F 189 36.26 41.47 54.27
N ASN F 190 35.21 41.70 55.08
CA ASN F 190 34.50 40.62 55.74
C ASN F 190 33.40 40.06 54.86
N THR F 191 32.81 40.89 53.99
CA THR F 191 31.58 40.49 53.29
C THR F 191 31.82 39.45 52.20
N ASP F 192 33.07 39.07 51.95
CA ASP F 192 33.37 38.09 50.92
C ASP F 192 32.96 36.68 51.32
N ALA F 193 32.98 35.77 50.35
CA ALA F 193 32.66 34.37 50.63
C ALA F 193 33.90 33.62 51.08
N GLN F 194 35.09 34.10 50.70
CA GLN F 194 36.29 33.31 50.94
C GLN F 194 36.71 33.37 52.40
N TRP F 195 36.62 34.54 53.02
CA TRP F 195 36.99 34.64 54.44
C TRP F 195 36.00 33.88 55.31
N LEU F 196 34.73 33.85 54.89
CA LEU F 196 33.73 33.04 55.58
C LEU F 196 33.98 31.56 55.39
N ALA F 197 34.61 31.19 54.26
CA ALA F 197 34.76 29.78 53.89
C ALA F 197 35.70 29.05 54.85
N GLU F 198 36.61 29.78 55.50
CA GLU F 198 37.34 29.17 56.61
C GLU F 198 36.73 29.54 57.95
N GLU F 199 36.05 30.69 58.04
CA GLU F 199 35.46 31.10 59.31
C GLU F 199 34.28 30.20 59.68
N LEU F 200 33.48 29.81 58.70
CA LEU F 200 32.44 28.82 58.95
C LEU F 200 33.06 27.46 59.24
N ALA F 201 34.14 27.12 58.55
CA ALA F 201 34.68 25.76 58.62
C ALA F 201 35.48 25.54 59.89
N LYS F 202 36.08 26.60 60.45
CA LYS F 202 36.92 26.43 61.63
C LYS F 202 36.07 26.17 62.87
N GLN F 203 34.80 26.55 62.84
CA GLN F 203 33.91 26.19 63.94
C GLN F 203 33.40 24.77 63.79
N MET F 204 33.26 24.30 62.55
CA MET F 204 32.86 22.91 62.33
C MET F 204 34.01 21.95 62.56
N ARG F 205 35.24 22.46 62.64
CA ARG F 205 36.33 21.61 63.08
C ARG F 205 36.35 21.49 64.60
N THR F 206 35.76 22.47 65.29
CA THR F 206 35.64 22.37 66.75
C THR F 206 34.45 21.52 67.14
N ASN F 207 33.33 21.69 66.46
CA ASN F 207 32.09 21.00 66.81
C ASN F 207 31.93 19.78 65.91
N LEU F 208 31.79 18.60 66.53
CA LEU F 208 31.55 17.28 65.91
C LEU F 208 32.56 16.93 64.81
N SER F 209 33.77 17.52 64.80
CA SER F 209 35.01 17.21 65.56
C SER F 209 35.57 15.80 65.33
N ASP F 210 35.00 15.02 64.42
CA ASP F 210 35.47 13.65 64.23
C ASP F 210 35.88 13.42 62.79
N TRP F 211 35.76 14.45 61.96
CA TRP F 211 36.00 14.36 60.53
C TRP F 211 36.60 15.67 60.03
N THR F 212 37.28 15.61 58.90
CA THR F 212 38.08 16.75 58.44
C THR F 212 37.37 17.57 57.37
N VAL F 213 37.70 18.85 57.31
CA VAL F 213 37.04 19.82 56.43
C VAL F 213 38.07 20.35 55.45
N ASN F 214 37.66 20.56 54.20
CA ASN F 214 38.46 21.26 53.21
C ASN F 214 37.59 22.12 52.29
N VAL F 215 38.15 23.24 51.81
CA VAL F 215 37.40 24.22 51.02
C VAL F 215 38.23 24.63 49.80
N GLY F 216 37.66 24.52 48.60
CA GLY F 216 38.29 25.20 47.49
C GLY F 216 37.41 25.96 46.50
N GLN F 217 37.42 27.30 46.62
CA GLN F 217 36.81 28.36 45.80
C GLN F 217 35.29 28.35 45.74
N GLY F 218 34.74 27.17 45.49
CA GLY F 218 33.85 26.35 46.25
C GLY F 218 32.82 26.64 47.28
N PHE F 219 33.09 25.95 48.39
CA PHE F 219 32.11 25.20 49.16
C PHE F 219 32.55 25.14 50.61
N ILE F 220 31.89 24.26 51.34
CA ILE F 220 32.44 23.61 52.53
C ILE F 220 32.14 22.13 52.40
N HIS F 221 33.17 21.32 52.14
CA HIS F 221 32.98 19.90 51.81
C HIS F 221 32.86 19.12 53.12
N VAL F 222 31.65 19.10 53.65
CA VAL F 222 31.33 18.25 54.78
C VAL F 222 31.35 16.78 54.35
N THR F 223 32.06 15.95 55.13
CA THR F 223 32.19 14.52 54.85
C THR F 223 32.45 13.75 56.15
N ALA F 224 31.56 12.80 56.44
CA ALA F 224 31.54 12.13 57.74
C ALA F 224 32.30 10.80 57.69
N PRO F 225 32.67 10.22 58.86
CA PRO F 225 33.19 8.84 58.83
C PRO F 225 32.07 7.82 58.69
N SER F 226 32.42 6.52 58.77
CA SER F 226 31.48 5.46 58.44
C SER F 226 30.34 5.35 59.45
N GLY F 227 30.55 5.85 60.66
CA GLY F 227 29.54 5.70 61.70
C GLY F 227 28.40 6.69 61.58
N GLN F 228 28.70 7.94 61.25
CA GLN F 228 27.71 9.02 61.26
C GLN F 228 27.41 9.46 59.83
N GLN F 229 26.24 10.04 59.63
CA GLN F 229 25.86 10.62 58.34
C GLN F 229 25.28 12.01 58.55
N ILE F 230 24.90 12.65 57.44
CA ILE F 230 24.60 14.07 57.38
C ILE F 230 23.08 14.29 57.39
N ASP F 231 22.36 13.42 58.12
CA ASP F 231 20.93 13.56 58.32
C ASP F 231 20.53 14.94 58.84
N SER F 232 19.37 15.41 58.38
CA SER F 232 18.80 16.74 58.68
C SER F 232 19.74 17.86 58.27
N PHE F 233 20.11 17.88 56.98
CA PHE F 233 21.11 18.80 56.48
C PHE F 233 20.46 20.05 55.91
N THR F 234 20.30 21.07 56.75
CA THR F 234 19.87 22.39 56.31
C THR F 234 20.94 23.39 56.73
N THR F 235 20.91 24.55 56.08
CA THR F 235 21.91 25.58 56.31
C THR F 235 21.30 26.95 56.02
N LYS F 236 21.02 27.70 57.09
CA LYS F 236 20.24 28.94 57.04
C LYS F 236 21.03 30.01 56.29
N ASP F 237 20.29 30.93 55.65
CA ASP F 237 20.91 31.80 54.66
C ASP F 237 20.87 33.27 55.09
N GLY F 238 19.87 33.65 55.87
CA GLY F 238 19.76 35.04 56.31
C GLY F 238 19.24 36.00 55.26
N TYR F 239 19.92 36.07 54.12
CA TYR F 239 19.45 36.74 52.92
C TYR F 239 18.56 35.76 52.17
N ALA F 240 18.28 36.00 50.89
CA ALA F 240 17.58 35.05 50.04
C ALA F 240 18.43 33.79 49.81
N ASP F 241 17.87 32.86 49.05
CA ASP F 241 18.52 31.57 48.76
C ASP F 241 19.84 31.72 47.99
N GLN F 242 20.06 32.86 47.34
CA GLN F 242 21.27 33.09 46.56
C GLN F 242 22.46 33.52 47.41
N LEU F 243 22.38 33.39 48.74
CA LEU F 243 23.48 33.77 49.60
C LEU F 243 24.43 32.60 49.81
N ILE F 244 23.94 31.55 50.46
CA ILE F 244 24.63 30.26 50.56
C ILE F 244 23.58 29.18 50.34
N ASN F 245 24.03 27.99 49.95
CA ASN F 245 23.12 26.90 49.67
C ASN F 245 23.67 25.59 50.21
N PRO F 246 22.91 24.90 51.05
CA PRO F 246 23.19 23.49 51.30
C PRO F 246 22.80 22.66 50.08
N VAL F 247 23.79 22.20 49.34
CA VAL F 247 23.56 21.40 48.15
C VAL F 247 24.12 20.01 48.38
N THR F 248 23.35 19.00 47.99
CA THR F 248 23.67 17.61 48.28
C THR F 248 23.86 16.81 47.00
N HIS F 249 23.88 15.49 47.11
CA HIS F 249 24.03 14.57 45.99
C HIS F 249 22.79 14.44 45.11
N TYR F 250 21.79 15.31 45.29
CA TYR F 250 20.55 15.24 44.55
C TYR F 250 20.13 16.66 44.16
N ALA F 251 20.31 17.01 42.90
CA ALA F 251 19.80 18.29 42.43
C ALA F 251 18.52 18.08 41.64
N GLN F 252 17.75 19.16 41.48
CA GLN F 252 16.46 19.05 40.82
C GLN F 252 16.50 19.52 39.38
N SER F 253 17.62 20.08 38.93
CA SER F 253 17.83 20.46 37.55
C SER F 253 19.32 20.51 37.28
N PHE F 254 19.68 20.63 36.00
CA PHE F 254 21.09 20.78 35.67
C PHE F 254 21.58 22.20 35.93
N SER F 255 20.68 23.18 35.84
CA SER F 255 21.07 24.56 36.09
C SER F 255 21.35 24.79 37.57
N LYS F 256 20.53 24.22 38.44
CA LYS F 256 20.80 24.28 39.88
C LYS F 256 21.85 23.24 40.23
N LEU F 257 23.10 23.66 40.19
CA LEU F 257 24.23 22.76 40.34
C LEU F 257 25.41 23.53 40.89
N PRO F 258 26.16 22.99 41.85
CA PRO F 258 27.21 23.78 42.49
C PRO F 258 28.39 24.00 41.57
N PRO F 259 29.10 25.13 41.71
CA PRO F 259 30.18 25.45 40.76
C PRO F 259 31.41 24.55 40.84
N ASN F 260 32.01 24.35 42.02
CA ASN F 260 33.23 23.55 42.07
C ASN F 260 32.90 22.09 42.35
N ALA F 261 32.37 21.78 43.55
CA ALA F 261 31.95 20.44 43.98
C ALA F 261 33.01 19.38 43.76
N PRO F 262 34.03 19.26 44.63
CA PRO F 262 35.37 18.79 44.22
C PRO F 262 35.39 17.36 43.70
N ASN F 263 36.54 17.02 43.08
CA ASN F 263 36.60 16.09 41.93
C ASN F 263 35.91 14.76 42.16
N GLY F 264 35.97 14.23 43.38
CA GLY F 264 35.29 12.97 43.65
C GLY F 264 33.86 13.14 44.13
N TYR F 265 32.94 13.53 43.24
CA TYR F 265 31.59 13.91 43.65
C TYR F 265 30.59 13.59 42.54
N MET F 266 29.40 13.12 42.94
CA MET F 266 28.35 12.73 42.03
C MET F 266 27.03 13.36 42.46
N VAL F 267 26.18 13.69 41.49
CA VAL F 267 24.83 14.18 41.74
C VAL F 267 23.84 13.34 40.94
N LYS F 268 22.80 12.86 41.61
CA LYS F 268 21.62 12.34 40.93
C LYS F 268 20.75 13.50 40.49
N ILE F 269 20.84 13.85 39.19
CA ILE F 269 19.90 14.81 38.63
C ILE F 269 18.54 14.16 38.51
N VAL F 270 17.55 14.76 39.17
CA VAL F 270 16.19 14.24 39.14
C VAL F 270 15.49 15.01 38.03
N GLY F 271 14.32 14.51 37.62
CA GLY F 271 13.59 15.15 36.54
C GLY F 271 13.09 16.52 36.93
N ASP F 272 13.06 17.42 35.94
CA ASP F 272 12.61 18.79 36.11
C ASP F 272 11.09 18.89 36.18
N ALA F 273 10.38 17.79 35.90
CA ALA F 273 8.93 17.71 35.76
C ALA F 273 8.42 18.67 34.69
N SER F 274 9.25 18.91 33.67
CA SER F 274 8.89 19.72 32.51
C SER F 274 9.10 19.00 31.21
N LYS F 275 10.08 18.11 31.15
CA LYS F 275 10.29 17.21 30.02
C LYS F 275 10.03 15.79 30.48
N SER F 276 9.83 14.90 29.51
CA SER F 276 9.69 13.48 29.78
C SER F 276 11.08 12.87 29.96
N ALA F 277 11.72 13.15 31.09
CA ALA F 277 13.11 12.80 31.29
C ALA F 277 13.25 11.81 32.42
N ASP F 278 14.26 10.95 32.34
CA ASP F 278 14.59 10.05 33.42
C ASP F 278 15.57 10.74 34.36
N GLN F 279 16.18 9.97 35.24
CA GLN F 279 16.98 10.50 36.34
C GLN F 279 18.42 10.06 36.16
N TYR F 280 19.19 10.86 35.43
CA TYR F 280 20.56 10.55 35.07
C TYR F 280 21.50 11.13 36.11
N TYR F 281 22.74 10.64 36.11
CA TYR F 281 23.75 11.06 37.08
C TYR F 281 24.86 11.74 36.31
N VAL F 282 25.61 12.62 36.97
CA VAL F 282 26.53 13.49 36.26
C VAL F 282 28.00 13.21 36.56
N ARG F 283 28.43 13.21 37.83
CA ARG F 283 29.80 12.94 38.24
C ARG F 283 30.85 13.88 37.63
N TYR F 284 30.95 15.09 38.19
CA TYR F 284 32.12 15.96 38.07
C TYR F 284 33.40 15.14 38.21
N ASP F 285 34.39 15.41 37.37
CA ASP F 285 35.51 14.48 37.21
C ASP F 285 36.85 15.20 37.28
N ALA F 286 36.83 16.48 37.60
CA ALA F 286 37.28 17.44 36.60
C ALA F 286 38.66 17.33 35.98
N GLU F 287 39.66 17.98 36.63
CA GLU F 287 40.83 18.62 36.02
C GLU F 287 40.46 19.72 34.99
N ARG F 288 39.16 19.97 34.80
CA ARG F 288 38.54 20.76 33.77
C ARG F 288 37.06 20.90 34.19
N LYS F 289 36.59 22.14 34.38
CA LYS F 289 35.33 22.34 35.08
C LYS F 289 34.13 21.96 34.20
N VAL F 290 33.69 20.71 34.34
CA VAL F 290 32.77 20.02 33.43
C VAL F 290 31.98 18.97 34.20
N TRP F 291 30.67 18.93 33.99
CA TRP F 291 29.81 17.87 34.49
C TRP F 291 29.46 16.94 33.33
N THR F 292 29.96 15.70 33.40
CA THR F 292 29.77 14.65 32.40
C THR F 292 28.49 13.88 32.69
N GLU F 293 28.37 12.68 32.13
CA GLU F 293 27.33 11.72 32.52
C GLU F 293 27.95 10.33 32.66
N THR F 294 27.79 9.72 33.82
CA THR F 294 28.46 8.46 34.12
C THR F 294 27.48 7.41 34.62
N LEU F 295 28.05 6.30 35.09
CA LEU F 295 27.29 5.17 35.62
C LEU F 295 26.67 5.49 36.98
N GLY F 296 25.64 4.73 37.34
CA GLY F 296 25.11 4.74 38.69
C GLY F 296 26.14 4.33 39.73
N TRP F 297 25.88 4.70 40.98
CA TRP F 297 26.88 4.49 42.01
C TRP F 297 26.89 3.04 42.50
N ASN F 298 25.71 2.43 42.65
CA ASN F 298 25.68 1.13 43.30
C ASN F 298 25.52 0.02 42.27
N THR F 299 24.94 0.34 41.12
CA THR F 299 24.73 -0.67 40.10
C THR F 299 26.04 -1.04 39.45
N GLU F 300 26.11 -2.25 38.94
CA GLU F 300 27.36 -2.81 38.44
C GLU F 300 27.32 -2.90 36.92
N ASP F 301 28.50 -2.82 36.32
CA ASP F 301 28.60 -2.40 34.94
C ASP F 301 28.49 -3.57 33.96
N GLN F 302 29.11 -4.70 34.29
CA GLN F 302 29.36 -5.72 33.28
C GLN F 302 28.57 -7.00 33.55
N VAL F 303 28.43 -7.77 32.48
CA VAL F 303 27.90 -9.13 32.49
C VAL F 303 29.00 -10.09 32.97
N LEU F 304 28.66 -11.37 33.19
CA LEU F 304 29.63 -12.35 33.67
C LEU F 304 30.72 -12.63 32.64
N TRP F 305 30.47 -12.29 31.36
CA TRP F 305 31.47 -11.85 30.39
C TRP F 305 32.32 -12.99 29.84
N GLU F 306 32.14 -14.21 30.35
CA GLU F 306 32.66 -15.36 29.66
C GLU F 306 31.51 -16.22 29.14
N THR F 307 30.39 -16.21 29.86
CA THR F 307 29.20 -16.94 29.45
C THR F 307 28.54 -16.33 28.21
N MET F 308 28.93 -15.12 27.86
CA MET F 308 28.48 -14.46 26.65
C MET F 308 29.03 -15.21 25.42
N PRO F 309 28.44 -15.04 24.23
CA PRO F 309 28.92 -15.79 23.07
C PRO F 309 30.30 -15.35 22.62
N HIS F 310 31.13 -16.34 22.33
CA HIS F 310 32.53 -16.14 21.97
C HIS F 310 32.67 -16.01 20.46
N ALA F 311 33.92 -15.97 20.00
CA ALA F 311 34.23 -15.91 18.58
C ALA F 311 35.61 -16.49 18.32
N LEU F 312 35.83 -16.89 17.06
CA LEU F 312 37.16 -17.28 16.61
C LEU F 312 37.63 -16.33 15.52
N VAL F 313 38.90 -15.95 15.59
CA VAL F 313 39.50 -14.93 14.73
C VAL F 313 40.64 -15.60 13.97
N ARG F 314 40.84 -15.18 12.71
CA ARG F 314 41.79 -15.87 11.83
C ARG F 314 43.24 -15.61 12.21
N ALA F 315 43.48 -14.68 13.13
CA ALA F 315 44.50 -13.61 13.17
C ALA F 315 45.82 -14.05 12.52
N ALA F 316 46.47 -13.17 11.77
CA ALA F 316 47.20 -13.48 10.53
C ALA F 316 48.42 -14.38 10.68
N ASP F 317 48.66 -14.98 11.85
CA ASP F 317 49.61 -16.08 11.94
C ASP F 317 49.19 -17.26 11.06
N GLY F 318 47.88 -17.45 10.89
CA GLY F 318 47.36 -18.50 10.05
C GLY F 318 46.49 -19.44 10.85
N ASN F 319 46.63 -19.37 12.17
CA ASN F 319 45.93 -20.25 13.09
C ASN F 319 44.86 -19.45 13.82
N PHE F 320 43.81 -20.13 14.24
CA PHE F 320 42.71 -19.45 14.91
C PHE F 320 42.96 -19.33 16.40
N ASP F 321 42.08 -18.57 17.05
CA ASP F 321 42.06 -18.47 18.50
C ASP F 321 40.64 -18.16 18.95
N PHE F 322 40.17 -18.99 19.89
CA PHE F 322 38.79 -18.95 20.38
C PHE F 322 38.75 -18.11 21.65
N LYS F 323 38.27 -16.87 21.52
CA LYS F 323 38.39 -15.88 22.59
C LYS F 323 37.03 -15.38 23.02
N TRP F 324 36.95 -14.82 24.24
CA TRP F 324 35.88 -13.89 24.51
C TRP F 324 36.19 -12.57 23.82
N LEU F 325 35.14 -11.89 23.39
CA LEU F 325 35.23 -10.54 22.86
C LEU F 325 34.75 -9.59 23.95
N GLU F 326 35.23 -8.35 23.90
CA GLU F 326 34.89 -7.41 24.97
C GLU F 326 33.43 -6.99 24.85
N TRP F 327 32.84 -6.72 26.01
CA TRP F 327 31.47 -6.28 26.12
C TRP F 327 31.48 -4.92 26.78
N SER F 328 30.88 -3.93 26.12
CA SER F 328 30.94 -2.57 26.58
C SER F 328 30.13 -2.41 27.87
N PRO F 329 30.73 -1.87 28.92
CA PRO F 329 30.05 -1.81 30.21
C PRO F 329 28.95 -0.76 30.22
N LYS F 330 27.92 -1.02 31.02
CA LYS F 330 26.91 -0.02 31.36
C LYS F 330 27.57 1.19 31.99
N SER F 331 27.47 2.35 31.32
CA SER F 331 27.73 3.60 32.05
C SER F 331 26.92 4.70 31.39
N CYS F 332 25.67 4.84 31.82
CA CYS F 332 24.94 6.09 31.62
C CYS F 332 24.03 6.44 32.80
N GLY F 333 23.65 5.45 33.60
CA GLY F 333 22.79 5.70 34.74
C GLY F 333 22.62 4.47 35.62
N ASP F 334 21.57 4.51 36.45
CA ASP F 334 21.34 3.48 37.45
C ASP F 334 20.42 2.37 36.95
N VAL F 335 19.98 1.53 37.89
CA VAL F 335 18.97 0.51 37.65
C VAL F 335 17.72 0.89 38.46
N ASP F 336 16.57 0.99 37.80
CA ASP F 336 16.44 0.80 36.37
C ASP F 336 15.98 2.02 35.58
N THR F 337 16.93 2.90 35.31
CA THR F 337 16.92 3.69 34.09
C THR F 337 17.73 3.00 33.01
N ASN F 338 18.81 2.33 33.40
CA ASN F 338 19.36 1.23 32.63
C ASN F 338 18.86 -0.06 33.26
N PRO F 339 17.82 -0.68 32.73
CA PRO F 339 17.48 -2.03 33.19
C PRO F 339 18.53 -3.00 32.69
N TRP F 340 18.65 -4.11 33.39
CA TRP F 340 19.42 -5.21 32.83
C TRP F 340 18.71 -5.73 31.58
N PRO F 341 19.44 -5.95 30.49
CA PRO F 341 18.81 -6.50 29.29
C PRO F 341 18.31 -7.91 29.56
N SER F 342 17.16 -8.22 29.00
CA SER F 342 16.33 -9.32 29.48
C SER F 342 16.90 -10.70 29.19
N PHE F 343 18.12 -10.86 28.72
CA PHE F 343 18.77 -12.15 28.65
C PHE F 343 19.62 -12.45 29.87
N VAL F 344 19.56 -11.60 30.90
CA VAL F 344 20.49 -11.70 32.02
C VAL F 344 20.08 -12.78 33.01
N GLY F 345 18.94 -13.43 32.81
CA GLY F 345 18.55 -14.54 33.63
C GLY F 345 18.52 -15.85 32.88
N SER F 346 18.32 -15.78 31.58
CA SER F 346 18.12 -16.95 30.74
C SER F 346 19.26 -17.10 29.74
N SER F 347 19.10 -18.03 28.82
CA SER F 347 20.13 -18.35 27.84
C SER F 347 19.91 -17.54 26.56
N ILE F 348 20.99 -17.37 25.80
CA ILE F 348 20.92 -16.74 24.50
C ILE F 348 21.14 -17.78 23.42
N ASN F 349 20.64 -17.47 22.23
CA ASN F 349 20.79 -18.33 21.06
C ASN F 349 20.48 -17.51 19.81
N ASP F 350 21.13 -17.90 18.70
CA ASP F 350 20.79 -17.50 17.33
C ASP F 350 20.88 -15.98 17.16
N VAL F 351 22.12 -15.50 17.19
CA VAL F 351 22.42 -14.08 17.12
C VAL F 351 21.98 -13.50 15.78
N PHE F 352 21.28 -12.36 15.83
CA PHE F 352 20.90 -11.59 14.65
C PHE F 352 22.10 -11.01 13.93
N PHE F 353 21.79 -10.39 12.79
CA PHE F 353 22.38 -9.13 12.30
C PHE F 353 21.20 -8.42 11.63
N PHE F 354 20.46 -7.64 12.41
CA PHE F 354 19.24 -7.05 11.88
C PHE F 354 19.49 -5.66 11.30
N ARG F 355 20.50 -4.98 11.82
CA ARG F 355 20.77 -3.59 11.48
C ARG F 355 22.30 -3.52 11.51
N ASN F 356 22.89 -2.33 11.60
CA ASN F 356 24.17 -2.23 12.27
C ASN F 356 24.05 -2.30 13.79
N ARG F 357 22.85 -2.57 14.30
CA ARG F 357 22.66 -3.18 15.62
C ARG F 357 23.09 -4.65 15.60
N LEU F 358 23.06 -5.27 16.77
CA LEU F 358 23.34 -6.70 16.93
C LEU F 358 22.29 -7.26 17.87
N GLY F 359 21.69 -8.38 17.50
CA GLY F 359 20.58 -8.90 18.27
C GLY F 359 20.77 -10.24 18.93
N PHE F 360 20.07 -10.44 20.05
CA PHE F 360 20.06 -11.69 20.79
C PHE F 360 18.64 -12.20 20.83
N LEU F 361 18.50 -13.50 21.05
CA LEU F 361 17.20 -14.11 21.24
C LEU F 361 17.20 -14.83 22.58
N SER F 362 16.15 -14.62 23.36
CA SER F 362 15.89 -15.44 24.53
C SER F 362 14.41 -15.77 24.54
N GLY F 363 13.98 -16.56 25.51
CA GLY F 363 12.58 -16.91 25.60
C GLY F 363 11.87 -16.21 26.73
N GLU F 364 11.05 -15.20 26.43
CA GLU F 364 10.83 -14.68 25.08
C GLU F 364 11.39 -13.29 24.98
N ASN F 365 12.49 -13.09 24.26
CA ASN F 365 13.15 -11.79 24.28
C ASN F 365 13.83 -11.50 22.96
N ILE F 366 13.79 -10.23 22.57
CA ILE F 366 14.62 -9.69 21.49
C ILE F 366 15.48 -8.60 22.11
N ILE F 367 16.81 -8.72 21.98
CA ILE F 367 17.73 -7.78 22.58
C ILE F 367 18.62 -7.23 21.48
N LEU F 368 18.25 -6.10 20.90
CA LEU F 368 19.06 -5.44 19.89
C LEU F 368 20.04 -4.48 20.54
N SER F 369 21.14 -4.19 19.85
CA SER F 369 22.17 -3.29 20.35
C SER F 369 21.84 -1.84 20.01
N ARG F 370 22.80 -0.97 20.28
CA ARG F 370 22.76 0.36 19.68
C ARG F 370 23.35 0.27 18.28
N THR F 371 23.01 1.23 17.43
CA THR F 371 23.43 1.18 16.04
C THR F 371 24.91 1.53 15.92
N ALA F 372 25.50 1.12 14.79
CA ALA F 372 26.81 1.55 14.29
C ALA F 372 27.99 1.05 15.13
N LYS F 373 27.72 0.41 16.27
CA LYS F 373 28.74 -0.26 17.04
C LYS F 373 28.10 -1.47 17.71
N TYR F 374 28.86 -2.55 17.77
CA TYR F 374 28.34 -3.78 18.33
C TYR F 374 28.71 -3.89 19.80
N PHE F 375 28.02 -4.79 20.48
CA PHE F 375 28.29 -5.25 21.83
C PHE F 375 28.15 -4.11 22.85
N ASN F 376 27.24 -3.17 22.58
CA ASN F 376 26.90 -2.13 23.55
C ASN F 376 25.38 -2.09 23.63
N PHE F 377 24.83 -2.85 24.59
CA PHE F 377 23.40 -3.01 24.76
C PHE F 377 22.82 -2.04 25.77
N TYR F 378 23.40 -0.85 25.88
CA TYR F 378 22.91 0.18 26.79
C TYR F 378 22.81 1.49 26.03
N PRO F 379 21.98 2.42 26.47
CA PRO F 379 21.93 3.73 25.81
C PRO F 379 23.22 4.50 26.01
N ALA F 380 23.48 5.41 25.06
CA ALA F 380 24.67 6.25 25.16
C ALA F 380 24.52 7.25 26.30
N SER F 381 23.31 7.74 26.53
CA SER F 381 23.03 8.71 27.57
C SER F 381 21.56 8.62 27.93
N ILE F 382 21.25 8.85 29.21
CA ILE F 382 19.87 8.98 29.65
C ILE F 382 19.56 10.43 30.01
N ALA F 383 20.23 11.39 29.35
CA ALA F 383 19.70 12.73 29.29
C ALA F 383 18.32 12.73 28.66
N ASN F 384 18.16 11.92 27.61
CA ASN F 384 16.88 11.57 27.01
C ASN F 384 17.05 10.27 26.25
N LEU F 385 15.94 9.69 25.83
CA LEU F 385 16.01 8.70 24.78
C LEU F 385 16.34 9.45 23.50
N SER F 386 17.56 9.25 22.99
CA SER F 386 18.00 10.03 21.84
C SER F 386 17.40 9.48 20.56
N ASP F 387 17.86 8.29 20.19
CA ASP F 387 17.41 7.46 19.08
C ASP F 387 18.15 6.18 19.36
N ASP F 388 18.20 5.24 18.39
CA ASP F 388 19.22 4.16 18.24
C ASP F 388 19.57 3.43 19.55
N ASP F 389 18.61 3.34 20.46
CA ASP F 389 18.81 2.72 21.74
C ASP F 389 18.83 1.21 21.58
N PRO F 390 19.30 0.47 22.59
CA PRO F 390 19.02 -0.96 22.62
C PRO F 390 17.53 -1.21 22.74
N ILE F 391 17.09 -2.32 22.16
CA ILE F 391 15.67 -2.60 22.00
C ILE F 391 15.34 -3.88 22.75
N ASP F 392 14.36 -3.80 23.65
CA ASP F 392 13.90 -4.94 24.44
C ASP F 392 12.40 -5.08 24.24
N VAL F 393 12.00 -5.76 23.18
CA VAL F 393 10.63 -6.18 22.96
C VAL F 393 10.58 -7.68 23.19
N ALA F 394 9.58 -8.14 23.93
CA ALA F 394 9.63 -9.52 24.35
C ALA F 394 9.06 -10.46 23.30
N VAL F 395 7.74 -10.48 23.16
CA VAL F 395 7.03 -11.29 22.19
C VAL F 395 5.58 -10.82 22.22
N SER F 396 4.78 -11.14 21.21
CA SER F 396 3.38 -10.77 21.18
C SER F 396 2.43 -11.94 20.96
N THR F 397 2.60 -13.04 21.69
CA THR F 397 1.77 -14.23 21.45
C THR F 397 1.07 -14.69 22.72
N ASN F 398 0.13 -15.62 22.55
CA ASN F 398 -0.60 -16.21 23.68
C ASN F 398 -0.19 -17.63 23.98
N ARG F 399 0.87 -18.14 23.36
CA ARG F 399 1.30 -19.52 23.57
C ARG F 399 2.81 -19.52 23.70
N ILE F 400 3.32 -20.38 24.58
CA ILE F 400 4.73 -20.44 24.97
C ILE F 400 5.63 -20.70 23.78
N ALA F 401 6.54 -19.77 23.51
CA ALA F 401 7.42 -19.85 22.35
C ALA F 401 8.85 -19.53 22.76
N ILE F 402 9.57 -20.55 23.24
CA ILE F 402 11.01 -20.42 23.44
C ILE F 402 11.64 -20.23 22.06
N LEU F 403 12.42 -19.17 21.92
CA LEU F 403 12.55 -18.46 20.65
C LEU F 403 13.89 -18.73 19.99
N LYS F 404 13.88 -19.70 19.06
CA LYS F 404 15.04 -20.21 18.33
C LYS F 404 15.25 -19.42 17.04
N TYR F 405 15.85 -20.09 16.04
CA TYR F 405 16.47 -19.56 14.82
C TYR F 405 15.77 -18.36 14.19
N ALA F 406 16.55 -17.45 13.64
CA ALA F 406 16.03 -16.34 12.86
C ALA F 406 16.63 -16.35 11.47
N VAL F 407 15.77 -16.26 10.45
CA VAL F 407 16.21 -16.26 9.05
C VAL F 407 15.56 -15.10 8.31
N PRO F 408 16.29 -14.39 7.45
CA PRO F 408 15.66 -13.31 6.69
C PRO F 408 15.20 -13.75 5.31
N PHE F 409 14.06 -13.24 4.82
CA PHE F 409 13.78 -13.27 3.38
C PHE F 409 12.74 -12.22 3.01
N SER F 410 13.04 -11.50 1.92
CA SER F 410 12.19 -10.76 1.00
C SER F 410 11.59 -9.46 1.51
N GLU F 411 11.44 -9.29 2.81
CA GLU F 411 11.04 -7.99 3.32
C GLU F 411 11.72 -7.70 4.64
N GLU F 412 12.08 -8.77 5.36
CA GLU F 412 12.08 -8.77 6.81
C GLU F 412 13.14 -9.71 7.34
N LEU F 413 13.46 -9.54 8.62
CA LEU F 413 13.88 -10.69 9.41
C LEU F 413 12.67 -11.31 10.06
N LEU F 414 12.82 -12.56 10.47
CA LEU F 414 11.67 -13.44 10.51
C LEU F 414 12.06 -14.57 11.45
N ILE F 415 11.52 -14.55 12.68
CA ILE F 415 12.26 -15.07 13.83
C ILE F 415 11.62 -16.33 14.40
N TRP F 416 12.06 -17.49 13.92
CA TRP F 416 11.30 -18.72 14.09
C TRP F 416 11.45 -19.31 15.48
N SER F 417 10.39 -19.22 16.27
CA SER F 417 10.17 -20.18 17.33
C SER F 417 9.56 -21.45 16.72
N ASP F 418 9.41 -22.47 17.55
CA ASP F 418 8.46 -23.51 17.18
C ASP F 418 7.04 -22.99 17.37
N GLU F 419 6.15 -23.44 16.49
CA GLU F 419 4.70 -23.24 16.55
C GLU F 419 4.32 -21.74 16.37
N ALA F 420 5.26 -20.93 15.91
CA ALA F 420 5.02 -19.52 15.65
C ALA F 420 6.10 -19.10 14.65
N GLN F 421 5.78 -18.16 13.76
CA GLN F 421 6.90 -17.81 12.90
C GLN F 421 7.54 -16.45 13.10
N PHE F 422 6.98 -15.31 12.64
CA PHE F 422 6.81 -14.00 13.28
C PHE F 422 6.88 -12.94 12.19
N VAL F 423 6.79 -11.65 12.54
CA VAL F 423 7.21 -10.56 11.67
C VAL F 423 8.02 -9.58 12.51
N LEU F 424 9.26 -9.30 12.10
CA LEU F 424 10.09 -8.31 12.80
C LEU F 424 10.23 -7.07 11.93
N THR F 425 9.39 -6.07 12.19
CA THR F 425 9.50 -4.78 11.51
C THR F 425 9.35 -3.67 12.55
N ALA F 426 9.34 -2.44 12.05
CA ALA F 426 8.87 -1.29 12.79
C ALA F 426 7.81 -0.58 11.97
N SER F 427 7.18 0.44 12.57
CA SER F 427 6.26 1.26 11.81
C SER F 427 7.03 2.18 10.86
N GLY F 428 7.89 3.02 11.39
CA GLY F 428 8.80 3.80 10.56
C GLY F 428 10.23 3.33 10.72
N THR F 429 11.09 4.19 11.24
CA THR F 429 12.44 3.80 11.56
C THR F 429 12.46 3.07 12.90
N LEU F 430 13.60 2.47 13.22
CA LEU F 430 13.72 1.68 14.44
C LEU F 430 14.09 2.56 15.62
N THR F 431 13.20 2.60 16.61
CA THR F 431 13.55 3.04 17.95
C THR F 431 13.27 1.88 18.89
N SER F 432 13.41 2.14 20.19
CA SER F 432 13.01 1.14 21.16
C SER F 432 11.49 1.06 21.28
N LYS F 433 10.78 2.07 20.80
CA LYS F 433 9.33 2.08 20.91
C LYS F 433 8.66 1.75 19.58
N SER F 434 9.43 1.32 18.58
CA SER F 434 8.90 1.26 17.22
C SER F 434 8.67 -0.16 16.75
N VAL F 435 9.34 -1.13 17.37
CA VAL F 435 9.49 -2.48 16.82
C VAL F 435 8.16 -3.22 16.91
N GLU F 436 7.76 -3.84 15.80
CA GLU F 436 6.42 -4.41 15.71
C GLU F 436 6.33 -5.76 16.41
N LEU F 437 7.05 -6.76 15.91
CA LEU F 437 7.19 -8.10 16.52
C LEU F 437 5.83 -8.79 16.70
N ASN F 438 5.22 -9.19 15.58
CA ASN F 438 3.91 -9.83 15.64
C ASN F 438 3.86 -11.09 14.78
N LEU F 439 2.79 -11.86 14.96
CA LEU F 439 2.72 -13.24 14.50
C LEU F 439 2.49 -13.29 12.99
N THR F 440 2.94 -14.38 12.37
CA THR F 440 2.61 -14.66 10.98
C THR F 440 1.76 -15.92 10.81
N THR F 441 2.27 -17.08 11.23
CA THR F 441 1.55 -18.34 11.14
C THR F 441 1.85 -19.14 12.39
N GLN F 442 1.38 -20.38 12.44
CA GLN F 442 1.70 -21.26 13.57
C GLN F 442 2.10 -22.65 13.08
N PHE F 443 2.90 -22.72 12.02
CA PHE F 443 3.45 -23.98 11.59
C PHE F 443 4.51 -24.47 12.56
N ASP F 444 4.57 -25.79 12.74
CA ASP F 444 5.46 -26.40 13.72
C ASP F 444 6.81 -26.69 13.09
N VAL F 445 7.88 -26.18 13.70
CA VAL F 445 9.24 -26.33 13.21
C VAL F 445 10.11 -26.83 14.35
N GLN F 446 10.73 -28.00 14.17
CA GLN F 446 11.72 -28.43 15.13
C GLN F 446 12.99 -27.65 14.90
N ASP F 447 13.73 -27.40 15.97
CA ASP F 447 14.88 -26.51 15.93
C ASP F 447 16.12 -27.28 16.37
N ARG F 448 16.70 -27.99 15.41
CA ARG F 448 18.02 -28.58 15.51
C ARG F 448 18.88 -28.25 14.30
N ALA F 449 18.27 -28.10 13.12
CA ALA F 449 18.98 -27.70 11.91
C ALA F 449 18.51 -26.31 11.53
N ARG F 450 19.43 -25.45 11.16
CA ARG F 450 19.07 -24.12 10.69
C ARG F 450 18.38 -24.24 9.33
N PRO F 451 17.23 -23.61 9.15
CA PRO F 451 16.53 -23.71 7.86
C PRO F 451 17.25 -22.91 6.78
N PHE F 452 17.61 -23.61 5.71
CA PHE F 452 18.57 -23.11 4.74
C PHE F 452 17.85 -22.46 3.58
N GLY F 453 18.52 -21.47 2.97
CA GLY F 453 18.38 -20.80 1.69
C GLY F 453 16.94 -20.54 1.33
N ILE F 454 16.61 -20.75 0.05
CA ILE F 454 17.57 -21.06 -1.02
C ILE F 454 17.43 -20.00 -2.09
N GLY F 455 16.24 -19.86 -2.64
CA GLY F 455 15.97 -18.77 -3.56
C GLY F 455 15.00 -17.81 -2.93
N ARG F 456 13.76 -17.85 -3.41
CA ARG F 456 12.68 -17.12 -2.78
C ARG F 456 12.10 -17.87 -1.59
N ASN F 457 12.29 -19.18 -1.54
CA ASN F 457 11.72 -20.03 -0.51
C ASN F 457 12.70 -20.17 0.64
N VAL F 458 12.19 -20.60 1.79
CA VAL F 458 13.01 -21.07 2.89
C VAL F 458 12.45 -22.42 3.32
N TYR F 459 13.32 -23.41 3.50
CA TYR F 459 12.91 -24.79 3.68
C TYR F 459 12.99 -25.18 5.15
N PHE F 460 11.89 -25.67 5.70
CA PHE F 460 11.83 -26.06 7.10
C PHE F 460 12.55 -27.36 7.36
N ALA F 461 12.38 -27.83 8.58
CA ALA F 461 12.42 -29.23 8.94
C ALA F 461 11.40 -29.44 10.05
N SER F 462 10.39 -30.25 9.78
CA SER F 462 9.25 -30.33 10.69
C SER F 462 9.24 -31.67 11.42
N PRO F 463 8.93 -31.68 12.71
CA PRO F 463 9.03 -32.93 13.48
C PRO F 463 7.77 -33.76 13.34
N ARG F 464 7.93 -35.06 13.26
CA ARG F 464 6.87 -36.01 13.50
C ARG F 464 7.41 -37.14 14.37
N SER F 465 6.63 -38.19 14.47
CA SER F 465 7.11 -39.47 14.95
C SER F 465 6.71 -40.50 13.91
N SER F 466 7.70 -41.12 13.26
CA SER F 466 9.12 -40.83 13.44
C SER F 466 9.73 -40.60 12.07
N PHE F 467 9.05 -39.79 11.27
CA PHE F 467 9.41 -39.54 9.88
C PHE F 467 9.13 -38.06 9.62
N THR F 468 10.18 -37.27 9.42
CA THR F 468 9.97 -35.82 9.30
C THR F 468 9.25 -35.43 8.02
N SER F 469 8.76 -34.19 8.03
CA SER F 469 7.79 -33.69 7.08
C SER F 469 8.20 -32.31 6.61
N ILE F 470 9.43 -32.20 6.11
CA ILE F 470 10.07 -30.97 5.64
C ILE F 470 9.18 -30.12 4.73
N HIS F 471 8.96 -28.88 5.11
CA HIS F 471 8.07 -27.99 4.40
C HIS F 471 8.85 -27.01 3.52
N ARG F 472 8.11 -26.08 2.93
CA ARG F 472 8.68 -25.03 2.08
C ARG F 472 7.95 -23.75 2.38
N TYR F 473 8.64 -22.80 3.01
CA TYR F 473 8.02 -21.58 3.47
C TYR F 473 8.26 -20.50 2.41
N TYR F 474 7.21 -19.76 2.07
CA TYR F 474 7.29 -18.81 0.97
C TYR F 474 6.18 -17.79 1.13
N ALA F 475 6.38 -16.63 0.51
CA ALA F 475 5.37 -15.59 0.44
C ALA F 475 4.40 -15.94 -0.68
N VAL F 476 3.10 -15.80 -0.41
CA VAL F 476 2.10 -16.10 -1.42
C VAL F 476 2.10 -15.01 -2.48
N GLN F 477 1.43 -15.29 -3.59
CA GLN F 477 1.47 -14.35 -4.70
C GLN F 477 0.47 -13.21 -4.53
N ASP F 478 -0.75 -13.49 -4.08
CA ASP F 478 -1.79 -12.47 -4.21
C ASP F 478 -1.73 -11.42 -3.10
N VAL F 479 -1.53 -11.84 -1.85
CA VAL F 479 -1.48 -10.85 -0.77
C VAL F 479 -0.09 -10.23 -0.80
N SER F 480 0.10 -9.11 -0.12
CA SER F 480 1.44 -8.53 -0.03
C SER F 480 2.29 -9.27 0.99
N SER F 481 1.76 -9.47 2.20
CA SER F 481 2.56 -9.91 3.34
C SER F 481 1.89 -11.05 4.07
N VAL F 482 1.45 -12.07 3.33
CA VAL F 482 0.95 -13.30 3.92
C VAL F 482 1.79 -14.46 3.39
N LYS F 483 2.27 -15.30 4.31
CA LYS F 483 3.16 -16.39 3.97
C LYS F 483 2.46 -17.72 4.18
N ASN F 484 2.98 -18.74 3.52
CA ASN F 484 2.40 -20.08 3.56
C ASN F 484 3.53 -21.10 3.50
N ALA F 485 3.29 -22.26 4.09
CA ALA F 485 4.30 -23.30 4.20
C ALA F 485 3.77 -24.61 3.63
N GLU F 486 4.05 -24.85 2.35
CA GLU F 486 3.66 -26.10 1.73
C GLU F 486 4.58 -27.22 2.16
N ASP F 487 4.03 -28.41 2.33
CA ASP F 487 4.83 -29.60 2.53
C ASP F 487 5.36 -30.07 1.18
N ILE F 488 6.66 -30.26 1.09
CA ILE F 488 7.27 -30.88 -0.10
C ILE F 488 7.59 -32.34 0.12
N THR F 489 7.29 -32.88 1.31
CA THR F 489 7.26 -34.30 1.55
C THR F 489 5.85 -34.83 1.63
N SER F 490 4.88 -34.11 1.04
CA SER F 490 3.49 -34.51 1.14
C SER F 490 3.21 -35.81 0.38
N HIS F 491 4.01 -36.09 -0.64
CA HIS F 491 3.88 -37.33 -1.39
C HIS F 491 4.96 -38.34 -1.03
N VAL F 492 5.97 -37.95 -0.27
CA VAL F 492 6.97 -38.90 0.24
C VAL F 492 7.01 -38.70 1.76
N PRO F 493 6.03 -39.18 2.51
CA PRO F 493 5.95 -38.77 3.93
C PRO F 493 6.85 -39.57 4.86
N ASN F 494 7.11 -40.84 4.56
CA ASN F 494 7.68 -41.76 5.52
C ASN F 494 9.14 -42.07 5.28
N TYR F 495 9.96 -41.06 4.99
CA TYR F 495 11.18 -41.33 4.25
C TYR F 495 12.42 -40.85 4.97
N ILE F 496 12.28 -39.85 5.84
CA ILE F 496 13.42 -39.18 6.47
C ILE F 496 13.36 -39.45 7.97
N PRO F 497 14.39 -40.05 8.56
CA PRO F 497 14.21 -40.82 9.80
C PRO F 497 14.13 -40.06 11.13
N ASN F 498 13.81 -38.77 11.09
CA ASN F 498 13.47 -37.96 12.27
C ASN F 498 14.67 -37.77 13.20
N GLY F 499 15.77 -37.31 12.62
CA GLY F 499 16.66 -36.42 13.34
C GLY F 499 17.43 -35.64 12.30
N VAL F 500 17.25 -34.33 12.32
CA VAL F 500 17.74 -33.48 11.24
C VAL F 500 18.69 -32.46 11.84
N PHE F 501 19.97 -32.60 11.52
CA PHE F 501 21.00 -31.75 12.08
C PHE F 501 21.57 -30.78 11.07
N SER F 502 21.22 -30.92 9.80
CA SER F 502 21.71 -30.03 8.77
C SER F 502 20.76 -30.03 7.59
N ILE F 503 20.65 -28.89 6.93
CA ILE F 503 20.02 -28.79 5.62
C ILE F 503 21.04 -28.10 4.73
N CYS F 504 21.62 -28.87 3.81
CA CYS F 504 22.77 -28.36 3.07
C CYS F 504 22.36 -27.38 1.98
N GLY F 505 21.66 -27.86 0.96
CA GLY F 505 21.16 -27.00 -0.10
C GLY F 505 22.23 -26.39 -0.99
N SER F 506 21.77 -25.92 -2.16
CA SER F 506 22.56 -25.04 -3.02
C SER F 506 21.62 -24.29 -3.95
N GLY F 507 22.13 -23.29 -4.64
CA GLY F 507 21.27 -22.49 -5.50
C GLY F 507 21.61 -22.58 -6.96
N THR F 508 22.88 -22.87 -7.27
CA THR F 508 23.31 -22.95 -8.66
C THR F 508 22.73 -24.18 -9.33
N GLU F 509 22.88 -25.35 -8.70
CA GLU F 509 22.34 -26.57 -9.28
C GLU F 509 20.90 -26.79 -8.84
N ASN F 510 20.31 -25.81 -8.16
CA ASN F 510 18.88 -25.70 -7.85
C ASN F 510 18.36 -26.85 -7.01
N PHE F 511 19.15 -27.40 -6.10
CA PHE F 511 18.63 -28.47 -5.28
C PHE F 511 18.81 -28.19 -3.80
N CYS F 512 17.83 -28.64 -3.02
CA CYS F 512 17.95 -28.75 -1.58
C CYS F 512 18.45 -30.13 -1.25
N SER F 513 19.09 -30.29 -0.10
CA SER F 513 19.58 -31.58 0.33
C SER F 513 19.67 -31.61 1.85
N VAL F 514 19.06 -32.62 2.45
CA VAL F 514 18.86 -32.65 3.89
C VAL F 514 19.49 -33.92 4.44
N LEU F 515 20.48 -33.76 5.32
CA LEU F 515 21.02 -34.91 6.01
C LEU F 515 20.10 -35.32 7.14
N SER F 516 20.31 -36.54 7.63
CA SER F 516 19.47 -37.02 8.71
C SER F 516 20.34 -37.74 9.71
N HIS F 517 19.85 -37.81 10.94
CA HIS F 517 20.42 -38.71 11.93
C HIS F 517 19.29 -39.53 12.54
N GLY F 518 18.84 -40.52 11.79
CA GLY F 518 18.14 -41.68 12.31
C GLY F 518 18.60 -42.84 11.48
N ASP F 519 19.34 -42.51 10.43
CA ASP F 519 19.93 -43.41 9.44
C ASP F 519 21.00 -42.61 8.72
N PRO F 520 22.17 -42.43 9.34
CA PRO F 520 23.09 -41.37 8.93
C PRO F 520 23.86 -41.65 7.64
N SER F 521 23.68 -42.81 7.01
CA SER F 521 24.51 -43.16 5.88
C SER F 521 24.01 -42.59 4.56
N LYS F 522 22.94 -41.82 4.57
CA LYS F 522 22.40 -41.28 3.34
C LYS F 522 22.31 -39.77 3.37
N ILE F 523 22.49 -39.16 2.20
CA ILE F 523 22.18 -37.75 1.99
C ILE F 523 20.93 -37.69 1.12
N PHE F 524 19.85 -37.21 1.69
CA PHE F 524 18.64 -37.04 0.92
C PHE F 524 18.79 -35.85 -0.03
N MET F 525 18.07 -35.91 -1.14
CA MET F 525 18.14 -34.87 -2.15
C MET F 525 16.76 -34.30 -2.43
N TYR F 526 16.73 -33.10 -2.98
CA TYR F 526 15.49 -32.49 -3.44
C TYR F 526 15.83 -31.61 -4.63
N LYS F 527 15.73 -32.17 -5.83
CA LYS F 527 16.06 -31.47 -7.06
C LYS F 527 14.80 -30.82 -7.58
N PHE F 528 14.87 -29.52 -7.84
CA PHE F 528 13.70 -28.77 -8.28
C PHE F 528 14.14 -27.71 -9.27
N LEU F 529 13.17 -27.16 -10.00
CA LEU F 529 13.41 -25.93 -10.74
C LEU F 529 12.08 -25.22 -10.88
N TYR F 530 12.15 -23.90 -11.04
CA TYR F 530 10.97 -23.07 -11.21
C TYR F 530 11.00 -22.44 -12.59
N LEU F 531 9.92 -22.62 -13.33
CA LEU F 531 9.71 -21.93 -14.59
C LEU F 531 8.32 -21.34 -14.58
N ASN F 532 8.23 -20.06 -14.95
CA ASN F 532 6.99 -19.28 -14.96
C ASN F 532 6.32 -19.26 -13.60
N GLU F 533 7.14 -19.14 -12.53
CA GLU F 533 6.75 -19.11 -11.12
C GLU F 533 6.03 -20.37 -10.69
N GLU F 534 6.23 -21.48 -11.38
CA GLU F 534 5.55 -22.73 -11.10
C GLU F 534 6.58 -23.81 -10.87
N LEU F 535 6.28 -24.71 -9.95
CA LEU F 535 7.12 -25.89 -9.77
C LEU F 535 6.96 -26.81 -10.97
N ARG F 536 8.07 -27.39 -11.42
CA ARG F 536 8.03 -28.37 -12.49
C ARG F 536 8.77 -29.65 -12.16
N GLN F 537 9.39 -29.76 -10.98
CA GLN F 537 10.16 -30.96 -10.66
C GLN F 537 10.19 -31.16 -9.15
N GLN F 538 9.52 -32.21 -8.69
CA GLN F 538 9.77 -32.76 -7.38
C GLN F 538 10.74 -33.93 -7.50
N SER F 539 11.62 -34.06 -6.52
CA SER F 539 12.58 -35.16 -6.53
C SER F 539 12.98 -35.47 -5.10
N TRP F 540 13.17 -36.74 -4.82
CA TRP F 540 13.71 -37.18 -3.54
C TRP F 540 14.56 -38.41 -3.79
N SER F 541 15.78 -38.39 -3.29
CA SER F 541 16.70 -39.46 -3.62
C SER F 541 17.74 -39.61 -2.52
N HIS F 542 18.05 -40.86 -2.22
CA HIS F 542 19.24 -41.13 -1.45
C HIS F 542 20.47 -40.81 -2.28
N TRP F 543 21.52 -40.36 -1.61
CA TRP F 543 22.87 -40.68 -2.05
C TRP F 543 23.49 -41.60 -1.02
N ASP F 544 23.99 -42.74 -1.48
CA ASP F 544 24.46 -43.75 -0.55
C ASP F 544 25.93 -43.99 -0.82
N PHE F 545 26.73 -44.04 0.24
CA PHE F 545 28.17 -44.09 0.13
C PHE F 545 28.77 -45.40 0.62
N GLY F 546 27.96 -46.29 1.16
CA GLY F 546 28.46 -47.56 1.63
C GLY F 546 27.53 -48.15 2.67
N GLU F 547 27.98 -49.25 3.25
CA GLU F 547 27.16 -49.94 4.24
C GLU F 547 27.14 -49.19 5.56
N ASN F 548 28.31 -48.95 6.14
CA ASN F 548 28.44 -48.12 7.34
C ASN F 548 29.34 -46.96 7.00
N VAL F 549 28.78 -45.92 6.40
CA VAL F 549 29.49 -44.67 6.17
C VAL F 549 28.64 -43.56 6.74
N GLN F 550 28.88 -43.21 8.00
CA GLN F 550 28.12 -42.15 8.63
C GLN F 550 28.55 -40.81 8.05
N VAL F 551 27.58 -40.02 7.60
CA VAL F 551 27.83 -38.83 6.81
C VAL F 551 27.68 -37.62 7.70
N LEU F 552 28.77 -36.89 7.91
CA LEU F 552 28.66 -35.59 8.56
C LEU F 552 28.24 -34.54 7.54
N ALA F 553 28.00 -33.33 8.03
CA ALA F 553 27.25 -32.35 7.25
C ALA F 553 28.04 -31.83 6.07
N CYS F 554 27.60 -32.20 4.88
CA CYS F 554 28.12 -31.62 3.67
C CYS F 554 27.62 -30.19 3.52
N GLN F 555 28.48 -29.36 2.95
CA GLN F 555 28.10 -28.01 2.57
C GLN F 555 28.59 -27.77 1.16
N SER F 556 27.93 -26.88 0.45
CA SER F 556 28.12 -26.76 -0.98
C SER F 556 28.58 -25.37 -1.35
N ILE F 557 29.88 -25.21 -1.53
CA ILE F 557 30.40 -24.07 -2.30
C ILE F 557 29.93 -24.25 -3.75
N SER F 558 29.80 -23.12 -4.46
CA SER F 558 28.83 -22.85 -5.53
C SER F 558 28.38 -24.02 -6.39
N SER F 559 29.33 -24.84 -6.84
CA SER F 559 28.96 -26.04 -7.57
C SER F 559 29.80 -27.24 -7.13
N ASP F 560 30.28 -27.22 -5.89
CA ASP F 560 31.14 -28.27 -5.36
C ASP F 560 30.61 -28.70 -4.00
N MET F 561 30.21 -29.96 -3.89
CA MET F 561 29.68 -30.50 -2.63
C MET F 561 30.84 -31.11 -1.86
N TYR F 562 31.16 -30.53 -0.70
CA TYR F 562 32.24 -31.03 0.13
C TYR F 562 31.68 -31.81 1.32
N VAL F 563 32.00 -33.10 1.38
CA VAL F 563 31.35 -34.04 2.30
C VAL F 563 32.37 -34.56 3.30
N ILE F 564 31.92 -34.76 4.54
CA ILE F 564 32.74 -35.36 5.60
C ILE F 564 32.08 -36.67 6.02
N LEU F 565 32.85 -37.74 6.07
CA LEU F 565 32.31 -39.08 6.29
C LEU F 565 32.97 -39.75 7.49
N ARG F 566 32.34 -40.79 8.02
CA ARG F 566 32.97 -41.68 8.97
C ARG F 566 32.98 -43.10 8.40
N ASN F 567 33.73 -44.00 9.03
CA ASN F 567 34.12 -45.21 8.31
C ASN F 567 33.70 -46.53 8.98
N GLU F 568 34.04 -46.83 10.25
CA GLU F 568 34.40 -46.00 11.41
C GLU F 568 35.85 -46.19 11.88
N PHE F 569 36.75 -46.32 10.91
CA PHE F 569 38.16 -46.37 11.25
C PHE F 569 38.79 -44.99 11.20
N ASN F 570 38.48 -44.21 10.16
CA ASN F 570 39.03 -42.88 9.97
C ASN F 570 38.03 -42.01 9.24
N THR F 571 37.97 -40.74 9.61
CA THR F 571 37.11 -39.79 8.93
C THR F 571 37.92 -39.16 7.81
N PHE F 572 37.25 -38.52 6.86
CA PHE F 572 37.92 -37.85 5.75
C PHE F 572 36.96 -36.90 5.04
N LEU F 573 37.53 -35.83 4.49
CA LEU F 573 36.82 -34.85 3.70
C LEU F 573 36.66 -35.43 2.29
N ALA F 574 35.65 -34.97 1.56
CA ALA F 574 35.40 -35.53 0.23
C ALA F 574 34.63 -34.55 -0.62
N ARG F 575 35.08 -34.35 -1.85
CA ARG F 575 34.47 -33.40 -2.77
C ARG F 575 33.59 -34.10 -3.80
N ILE F 576 32.40 -33.54 -4.03
CA ILE F 576 31.54 -33.92 -5.14
C ILE F 576 31.39 -32.73 -6.05
N SER F 577 31.78 -32.87 -7.30
CA SER F 577 31.78 -31.77 -8.26
C SER F 577 30.79 -32.07 -9.38
N PHE F 578 29.84 -31.14 -9.59
CA PHE F 578 28.79 -31.35 -10.59
C PHE F 578 29.25 -30.84 -11.95
N THR F 579 30.38 -31.36 -12.40
CA THR F 579 30.95 -30.95 -13.67
C THR F 579 30.68 -32.05 -14.68
N LYS F 580 30.22 -31.66 -15.87
CA LYS F 580 29.55 -32.62 -16.75
C LYS F 580 30.56 -33.44 -17.54
N ASN F 581 31.37 -32.79 -18.37
CA ASN F 581 32.19 -33.47 -19.37
C ASN F 581 33.65 -33.32 -19.00
N ALA F 582 33.94 -33.51 -17.71
CA ALA F 582 35.21 -33.11 -17.15
C ALA F 582 36.12 -34.30 -16.90
N ILE F 583 37.24 -34.01 -16.25
CA ILE F 583 38.22 -34.97 -15.78
C ILE F 583 38.51 -34.62 -14.34
N ASP F 584 38.39 -35.60 -13.44
CA ASP F 584 38.66 -35.35 -12.03
C ASP F 584 40.15 -35.19 -11.76
N LEU F 585 40.95 -36.17 -12.15
CA LEU F 585 42.34 -36.22 -11.79
C LEU F 585 43.16 -36.38 -13.06
N GLN F 586 44.28 -35.66 -13.13
CA GLN F 586 45.04 -35.55 -14.38
C GLN F 586 45.64 -36.90 -14.78
N GLY F 587 45.26 -37.37 -15.96
CA GLY F 587 45.66 -38.68 -16.45
C GLY F 587 44.51 -39.63 -16.69
N GLU F 588 43.27 -39.15 -16.72
CA GLU F 588 42.16 -39.95 -17.20
C GLU F 588 42.32 -40.14 -18.73
N PRO F 589 41.57 -41.06 -19.37
CA PRO F 589 40.29 -41.79 -19.38
C PRO F 589 39.79 -42.34 -18.05
N TYR F 590 38.51 -42.19 -17.72
CA TYR F 590 37.49 -41.55 -18.57
C TYR F 590 36.42 -40.72 -17.83
N ARG F 591 36.85 -40.08 -16.71
CA ARG F 591 36.12 -39.42 -15.60
C ARG F 591 35.52 -40.45 -14.64
N ALA F 592 35.33 -41.68 -15.09
CA ALA F 592 35.40 -42.91 -14.31
C ALA F 592 34.39 -43.12 -13.18
N PHE F 593 33.61 -42.09 -12.81
CA PHE F 593 32.49 -42.07 -11.84
C PHE F 593 32.64 -43.05 -10.68
N MET F 594 33.80 -42.99 -10.04
CA MET F 594 34.28 -44.15 -9.29
C MET F 594 33.55 -44.35 -7.99
N ASP F 595 33.24 -43.25 -7.27
CA ASP F 595 33.22 -43.19 -5.80
C ASP F 595 34.64 -43.32 -5.27
N MET F 596 35.23 -42.17 -4.88
CA MET F 596 36.38 -42.11 -3.97
C MET F 596 37.68 -42.34 -4.74
N LYS F 597 37.80 -41.60 -5.85
CA LYS F 597 39.00 -41.55 -6.68
C LYS F 597 40.21 -41.01 -5.92
N ILE F 598 41.35 -41.70 -6.08
CA ILE F 598 42.68 -41.16 -5.77
C ILE F 598 43.65 -41.61 -6.83
N ARG F 599 44.36 -40.67 -7.43
CA ARG F 599 45.43 -40.98 -8.36
C ARG F 599 46.63 -41.41 -7.54
N TYR F 600 46.74 -42.70 -7.32
CA TYR F 600 47.83 -43.24 -6.52
C TYR F 600 48.89 -43.81 -7.44
N THR F 601 50.00 -43.10 -7.56
CA THR F 601 51.17 -43.66 -8.19
C THR F 601 51.74 -44.75 -7.29
N ILE F 602 52.39 -45.73 -7.91
CA ILE F 602 52.86 -46.92 -7.22
C ILE F 602 54.33 -46.72 -6.86
N PRO F 603 54.74 -46.99 -5.62
CA PRO F 603 56.15 -46.83 -5.27
C PRO F 603 57.05 -47.88 -5.91
N SER F 604 58.36 -47.78 -5.62
CA SER F 604 59.34 -48.65 -6.25
C SER F 604 59.21 -50.08 -5.73
N GLY F 605 59.27 -50.25 -4.41
CA GLY F 605 59.22 -51.60 -3.90
C GLY F 605 57.82 -52.04 -3.56
N THR F 606 57.15 -52.66 -4.53
CA THR F 606 55.95 -53.44 -4.32
C THR F 606 55.98 -54.77 -5.05
N TYR F 607 56.74 -54.88 -6.13
CA TYR F 607 56.72 -56.06 -6.97
C TYR F 607 57.68 -57.12 -6.49
N ASN F 608 57.24 -58.37 -6.57
CA ASN F 608 58.11 -59.52 -6.42
C ASN F 608 57.93 -60.48 -7.60
N ASP F 609 59.03 -60.89 -8.22
CA ASP F 609 58.94 -61.67 -9.45
C ASP F 609 58.71 -63.15 -9.16
N ASP F 610 58.68 -63.53 -7.89
CA ASP F 610 58.39 -64.92 -7.57
C ASP F 610 56.92 -65.25 -7.86
N THR F 611 55.98 -64.58 -7.21
CA THR F 611 54.56 -64.83 -7.39
C THR F 611 53.94 -63.98 -8.49
N PHE F 612 54.72 -63.05 -9.08
CA PHE F 612 54.31 -62.18 -10.19
C PHE F 612 53.08 -61.36 -9.81
N THR F 613 53.26 -60.48 -8.83
CA THR F 613 52.16 -59.75 -8.23
C THR F 613 52.66 -58.45 -7.64
N THR F 614 52.15 -57.32 -8.15
CA THR F 614 52.32 -56.08 -7.41
C THR F 614 51.18 -55.98 -6.40
N SER F 615 51.52 -55.56 -5.20
CA SER F 615 50.56 -55.51 -4.11
C SER F 615 50.60 -54.13 -3.48
N ILE F 616 49.42 -53.61 -3.16
CA ILE F 616 49.29 -52.26 -2.64
C ILE F 616 48.66 -52.33 -1.26
N HIS F 617 49.29 -51.69 -0.29
CA HIS F 617 48.71 -51.55 1.04
C HIS F 617 47.72 -50.39 0.98
N ILE F 618 46.48 -50.66 1.39
CA ILE F 618 45.38 -49.72 1.14
C ILE F 618 45.48 -48.42 1.95
N PRO F 619 45.73 -48.39 3.27
CA PRO F 619 45.88 -47.07 3.91
C PRO F 619 47.23 -46.41 3.64
N THR F 620 48.13 -47.00 2.86
CA THR F 620 49.25 -46.21 2.35
C THR F 620 48.82 -45.34 1.19
N ILE F 621 47.66 -45.62 0.61
CA ILE F 621 47.05 -44.73 -0.36
C ILE F 621 46.31 -43.62 0.37
N TYR F 622 45.65 -43.97 1.47
CA TYR F 622 44.61 -43.16 2.07
C TYR F 622 44.99 -42.69 3.47
N GLY F 623 45.43 -43.58 4.31
CA GLY F 623 45.45 -43.35 5.74
C GLY F 623 44.23 -43.89 6.45
N ALA F 624 43.42 -44.71 5.78
CA ALA F 624 42.18 -45.19 6.36
C ALA F 624 42.00 -46.66 6.08
N ASN F 625 41.43 -47.37 7.05
CA ASN F 625 40.98 -48.74 6.89
C ASN F 625 39.49 -48.75 6.60
N PHE F 626 39.05 -49.76 5.88
CA PHE F 626 37.71 -49.76 5.29
C PHE F 626 36.86 -50.91 5.80
N GLY F 627 35.58 -50.65 5.93
CA GLY F 627 34.64 -51.69 6.23
C GLY F 627 34.31 -52.55 5.05
N ARG F 628 33.63 -52.00 4.04
CA ARG F 628 33.13 -52.79 2.92
C ARG F 628 33.23 -51.98 1.63
N GLY F 629 32.68 -52.54 0.58
CA GLY F 629 32.65 -51.90 -0.72
C GLY F 629 33.43 -52.72 -1.73
N LYS F 630 33.26 -52.34 -3.00
CA LYS F 630 33.97 -52.99 -4.09
C LYS F 630 35.00 -52.03 -4.65
N ILE F 631 36.25 -52.21 -4.28
CA ILE F 631 37.33 -51.35 -4.73
C ILE F 631 37.65 -51.73 -6.17
N THR F 632 37.49 -50.78 -7.08
CA THR F 632 37.89 -50.96 -8.46
C THR F 632 39.13 -50.14 -8.74
N VAL F 633 39.96 -50.63 -9.64
CA VAL F 633 41.23 -49.98 -9.94
C VAL F 633 41.31 -49.70 -11.43
N LEU F 634 41.59 -48.45 -11.78
CA LEU F 634 41.54 -48.00 -13.16
C LEU F 634 42.91 -47.52 -13.56
N GLU F 635 43.36 -47.98 -14.73
CA GLU F 635 44.66 -47.62 -15.27
C GLU F 635 44.47 -46.50 -16.27
N PRO F 636 45.55 -45.80 -16.68
CA PRO F 636 45.45 -44.91 -17.82
C PRO F 636 45.20 -45.64 -19.13
N ASP F 637 45.50 -46.93 -19.15
CA ASP F 637 45.07 -47.81 -20.23
C ASP F 637 43.63 -48.23 -19.97
N GLY F 638 43.15 -49.22 -20.71
CA GLY F 638 41.76 -49.60 -20.57
C GLY F 638 41.51 -50.64 -19.50
N LYS F 639 42.48 -50.87 -18.62
CA LYS F 639 42.37 -51.95 -17.65
C LYS F 639 41.50 -51.48 -16.49
N ILE F 640 40.62 -52.37 -16.02
CA ILE F 640 39.83 -52.18 -14.81
C ILE F 640 39.78 -53.53 -14.10
N THR F 641 40.19 -53.55 -12.84
CA THR F 641 40.11 -54.73 -12.02
C THR F 641 39.19 -54.47 -10.84
N VAL F 642 38.30 -55.42 -10.56
CA VAL F 642 37.34 -55.32 -9.47
C VAL F 642 37.76 -56.33 -8.42
N PHE F 643 37.61 -55.96 -7.14
CA PHE F 643 38.27 -56.71 -6.09
C PHE F 643 37.37 -57.39 -5.08
N GLU F 644 36.15 -56.89 -4.84
CA GLU F 644 35.08 -57.64 -4.18
C GLU F 644 35.47 -58.08 -2.76
N GLN F 645 35.43 -57.15 -1.80
CA GLN F 645 35.97 -57.20 -0.43
C GLN F 645 35.91 -58.55 0.27
N PRO F 646 36.99 -58.96 0.92
CA PRO F 646 37.04 -60.29 1.54
C PRO F 646 36.18 -60.34 2.79
N THR F 647 35.93 -61.58 3.24
CA THR F 647 35.20 -61.80 4.48
C THR F 647 36.02 -61.29 5.64
N ALA F 648 35.40 -60.41 6.45
CA ALA F 648 36.02 -59.60 7.49
C ALA F 648 37.14 -58.72 6.94
N GLY F 649 37.05 -58.31 5.67
CA GLY F 649 37.87 -57.23 5.16
C GLY F 649 37.20 -55.90 5.47
N TRP F 650 37.83 -54.80 5.03
CA TRP F 650 39.16 -54.77 4.43
C TRP F 650 40.23 -54.63 5.51
N ASN F 651 39.78 -54.52 6.75
CA ASN F 651 40.67 -54.18 7.85
C ASN F 651 41.61 -55.32 8.21
N SER F 652 41.21 -56.56 7.91
CA SER F 652 42.04 -57.72 8.22
C SER F 652 43.28 -57.75 7.35
N ASP F 653 43.11 -57.64 6.03
CA ASP F 653 44.22 -57.64 5.10
C ASP F 653 44.02 -56.57 4.04
N PRO F 654 44.41 -55.33 4.30
CA PRO F 654 44.38 -54.34 3.24
C PRO F 654 45.54 -54.58 2.29
N TRP F 655 45.23 -55.26 1.19
CA TRP F 655 46.23 -55.66 0.21
C TRP F 655 45.56 -55.73 -1.14
N LEU F 656 46.13 -55.02 -2.10
CA LEU F 656 45.50 -54.79 -3.38
C LEU F 656 46.43 -55.37 -4.43
N ARG F 657 46.12 -56.58 -4.89
CA ARG F 657 47.01 -57.38 -5.72
C ARG F 657 46.54 -57.31 -7.17
N LEU F 658 47.39 -56.79 -8.06
CA LEU F 658 46.95 -56.44 -9.41
C LEU F 658 47.53 -57.35 -10.48
N SER F 659 48.84 -57.31 -10.71
CA SER F 659 49.47 -57.85 -11.90
C SER F 659 50.98 -57.82 -11.68
N GLY F 660 51.76 -58.02 -12.73
CA GLY F 660 53.19 -57.94 -12.51
C GLY F 660 53.75 -56.55 -12.27
N ASN F 661 53.92 -55.76 -13.32
CA ASN F 661 54.76 -54.56 -13.23
C ASN F 661 53.92 -53.33 -13.48
N LEU F 662 53.51 -52.67 -12.40
CA LEU F 662 52.64 -51.51 -12.53
C LEU F 662 53.18 -50.31 -11.76
N GLU F 663 54.50 -50.14 -11.73
CA GLU F 663 55.12 -49.17 -10.83
C GLU F 663 54.92 -47.73 -11.30
N GLY F 664 55.35 -47.41 -12.51
CA GLY F 664 55.20 -46.06 -12.98
C GLY F 664 53.86 -45.73 -13.62
N ARG F 665 52.78 -46.43 -13.26
CA ARG F 665 51.58 -46.38 -14.08
C ARG F 665 50.59 -45.33 -13.60
N MET F 666 50.84 -44.72 -12.42
CA MET F 666 50.02 -43.67 -11.77
C MET F 666 48.53 -44.02 -11.78
N VAL F 667 48.20 -45.09 -11.07
CA VAL F 667 46.95 -45.81 -11.28
C VAL F 667 45.83 -45.14 -10.49
N TYR F 668 44.59 -45.33 -10.92
CA TYR F 668 43.44 -44.76 -10.23
C TYR F 668 42.72 -45.81 -9.41
N ILE F 669 42.41 -45.47 -8.16
CA ILE F 669 41.79 -46.40 -7.23
C ILE F 669 40.55 -45.74 -6.64
N GLY F 670 39.44 -46.47 -6.70
CA GLY F 670 38.19 -45.96 -6.17
C GLY F 670 37.33 -47.07 -5.61
N PHE F 671 36.02 -46.81 -5.63
CA PHE F 671 35.00 -47.77 -5.20
C PHE F 671 34.06 -48.10 -6.34
N ASN F 672 32.92 -48.69 -6.02
CA ASN F 672 31.76 -48.68 -6.90
C ASN F 672 30.61 -48.02 -6.17
N ILE F 673 29.82 -47.22 -6.88
CA ILE F 673 28.56 -46.71 -6.37
C ILE F 673 27.51 -47.79 -6.61
N ASN F 674 26.51 -47.84 -5.75
CA ASN F 674 25.33 -48.63 -6.08
C ASN F 674 24.24 -47.71 -6.62
N PHE F 675 23.97 -47.83 -7.91
CA PHE F 675 22.91 -47.07 -8.55
C PHE F 675 21.68 -47.94 -8.64
N VAL F 676 20.57 -47.47 -8.08
CA VAL F 676 19.31 -48.22 -8.05
C VAL F 676 18.21 -47.27 -8.50
N TYR F 677 17.31 -47.78 -9.37
CA TYR F 677 16.15 -46.99 -9.74
C TYR F 677 15.00 -47.94 -10.08
N GLU F 678 14.02 -48.04 -9.20
CA GLU F 678 12.81 -48.73 -9.60
C GLU F 678 11.95 -47.82 -10.47
N PHE F 679 10.94 -48.44 -11.07
CA PHE F 679 9.90 -47.71 -11.76
C PHE F 679 8.59 -47.90 -11.01
N SER F 680 7.66 -46.98 -11.25
CA SER F 680 6.28 -47.25 -10.89
C SER F 680 5.75 -48.35 -11.79
N LYS F 681 4.79 -49.11 -11.28
CA LYS F 681 4.18 -50.16 -12.07
C LYS F 681 3.42 -49.52 -13.23
N PHE F 682 3.68 -50.01 -14.44
CA PHE F 682 3.30 -49.31 -15.67
C PHE F 682 1.80 -49.40 -15.88
N LEU F 683 1.07 -48.58 -15.15
CA LEU F 683 -0.36 -48.45 -15.34
C LEU F 683 -0.64 -47.49 -16.48
N ILE F 684 -1.92 -47.21 -16.71
CA ILE F 684 -2.33 -46.31 -17.78
C ILE F 684 -2.49 -44.93 -17.14
N LYS F 685 -1.42 -44.15 -17.17
CA LYS F 685 -1.45 -42.78 -16.68
C LYS F 685 -2.20 -41.90 -17.68
N GLN F 686 -3.23 -41.22 -17.20
CA GLN F 686 -4.08 -40.41 -18.07
C GLN F 686 -4.46 -39.11 -17.38
N THR F 687 -4.10 -37.99 -17.98
CA THR F 687 -4.36 -36.70 -17.36
C THR F 687 -5.73 -36.15 -17.75
N ALA F 688 -6.74 -36.58 -17.00
CA ALA F 688 -8.12 -36.12 -17.19
C ALA F 688 -8.92 -36.43 -15.93
N ASP F 689 -9.54 -35.40 -15.34
CA ASP F 689 -10.57 -34.60 -16.00
C ASP F 689 -10.10 -33.14 -15.95
N ASP F 690 -9.62 -32.72 -14.79
CA ASP F 690 -8.69 -31.60 -14.64
C ASP F 690 -7.27 -32.07 -14.98
N GLY F 691 -6.26 -31.42 -14.42
CA GLY F 691 -4.96 -32.07 -14.43
C GLY F 691 -4.89 -33.21 -13.41
N SER F 692 -3.77 -33.30 -12.68
CA SER F 692 -3.58 -34.28 -11.60
C SER F 692 -3.79 -35.71 -12.09
N THR F 693 -2.82 -36.17 -12.91
CA THR F 693 -2.92 -37.39 -13.73
C THR F 693 -3.33 -38.61 -12.91
N SER F 694 -4.50 -39.14 -13.22
CA SER F 694 -5.08 -40.25 -12.47
C SER F 694 -5.12 -41.48 -13.35
N THR F 695 -4.76 -42.62 -12.77
CA THR F 695 -4.69 -43.88 -13.49
C THR F 695 -6.09 -44.41 -13.78
N GLU F 696 -6.15 -45.50 -14.55
CA GLU F 696 -7.37 -46.27 -14.72
C GLU F 696 -7.02 -47.74 -14.58
N ASP F 697 -7.37 -48.32 -13.44
CA ASP F 697 -7.10 -49.72 -13.16
C ASP F 697 -8.43 -50.46 -13.09
N ILE F 698 -8.95 -50.82 -14.25
CA ILE F 698 -10.18 -51.57 -14.34
C ILE F 698 -10.01 -52.88 -15.06
N GLY F 699 -9.43 -52.87 -16.26
CA GLY F 699 -9.19 -54.08 -17.00
C GLY F 699 -7.77 -54.53 -16.83
N ARG F 700 -7.52 -55.78 -17.21
CA ARG F 700 -6.18 -56.33 -17.14
C ARG F 700 -5.32 -55.70 -18.22
N LEU F 701 -4.23 -55.05 -17.80
CA LEU F 701 -3.26 -54.47 -18.71
C LEU F 701 -2.17 -55.52 -18.92
N GLN F 702 -2.29 -56.32 -19.96
CA GLN F 702 -1.21 -57.23 -20.28
C GLN F 702 -0.08 -56.47 -20.94
N LEU F 703 1.01 -56.34 -20.20
CA LEU F 703 2.10 -55.45 -20.53
C LEU F 703 3.10 -56.24 -21.36
N ARG F 704 3.75 -55.58 -22.32
CA ARG F 704 4.78 -56.23 -23.11
C ARG F 704 5.77 -55.19 -23.62
N ARG F 705 7.05 -55.47 -23.41
CA ARG F 705 8.21 -54.78 -23.99
C ARG F 705 8.18 -53.26 -23.82
N ALA F 706 8.35 -52.87 -22.56
CA ALA F 706 8.75 -51.52 -22.26
C ALA F 706 10.11 -51.21 -22.88
N TRP F 707 10.34 -49.93 -23.15
CA TRP F 707 11.58 -49.54 -23.82
C TRP F 707 12.18 -48.31 -23.18
N VAL F 708 13.50 -48.31 -23.02
CA VAL F 708 14.24 -47.23 -22.38
C VAL F 708 15.19 -46.61 -23.40
N ASN F 709 15.05 -45.31 -23.64
CA ASN F 709 15.99 -44.62 -24.50
C ASN F 709 16.98 -43.80 -23.67
N TYR F 710 18.17 -43.61 -24.24
CA TYR F 710 19.29 -43.15 -23.46
C TYR F 710 20.19 -42.27 -24.32
N GLU F 711 20.74 -41.24 -23.70
CA GLU F 711 21.67 -40.33 -24.35
C GLU F 711 23.08 -40.88 -24.12
N ASN F 712 24.11 -40.05 -24.30
CA ASN F 712 25.48 -40.47 -24.54
C ASN F 712 26.15 -41.12 -23.34
N SER F 713 25.63 -42.28 -22.92
CA SER F 713 26.28 -43.21 -22.00
C SER F 713 25.48 -44.51 -21.99
N GLY F 714 25.98 -45.48 -21.23
CA GLY F 714 25.32 -46.76 -21.16
C GLY F 714 25.87 -47.66 -20.09
N THR F 715 25.65 -48.97 -20.28
CA THR F 715 26.03 -50.09 -19.40
C THR F 715 25.29 -50.08 -18.07
N PHE F 716 24.06 -49.59 -18.06
CA PHE F 716 23.14 -49.97 -17.00
C PHE F 716 22.57 -51.35 -17.32
N ASP F 717 22.08 -52.08 -16.32
CA ASP F 717 21.60 -53.38 -16.78
C ASP F 717 20.16 -53.33 -17.28
N ILE F 718 19.23 -53.92 -16.51
CA ILE F 718 17.82 -53.65 -16.20
C ILE F 718 17.40 -54.92 -15.49
N TYR F 719 16.66 -54.83 -14.40
CA TYR F 719 16.13 -56.03 -13.76
C TYR F 719 14.61 -55.98 -13.86
N VAL F 720 14.03 -56.90 -14.63
CA VAL F 720 12.59 -57.07 -14.64
C VAL F 720 12.21 -58.16 -13.66
N GLU F 721 11.33 -57.84 -12.72
CA GLU F 721 11.04 -58.72 -11.59
C GLU F 721 9.55 -58.95 -11.54
N ASN F 722 9.12 -60.12 -11.98
CA ASN F 722 7.74 -60.57 -11.84
C ASN F 722 7.63 -61.26 -10.48
N GLN F 723 6.53 -62.01 -10.24
CA GLN F 723 6.40 -62.72 -8.98
C GLN F 723 7.41 -63.83 -8.84
N SER F 724 7.71 -64.53 -9.92
CA SER F 724 8.66 -65.64 -9.87
C SER F 724 9.60 -65.71 -11.05
N SER F 725 9.78 -64.65 -11.82
CA SER F 725 10.52 -64.77 -13.07
C SER F 725 11.98 -64.33 -12.91
N ASN F 726 12.20 -63.06 -12.55
CA ASN F 726 13.52 -62.45 -12.37
C ASN F 726 14.40 -62.50 -13.61
N TRP F 727 14.01 -61.82 -14.67
CA TRP F 727 14.84 -61.71 -15.86
C TRP F 727 15.74 -60.50 -15.68
N LYS F 728 16.96 -60.54 -16.22
CA LYS F 728 17.87 -59.41 -16.16
C LYS F 728 18.33 -59.03 -17.56
N TYR F 729 18.03 -57.81 -17.95
CA TYR F 729 18.27 -57.35 -19.31
C TYR F 729 19.51 -56.50 -19.35
N THR F 730 20.68 -57.12 -19.23
CA THR F 730 21.93 -56.38 -19.21
C THR F 730 22.17 -55.71 -20.55
N MET F 731 22.87 -54.58 -20.51
CA MET F 731 23.06 -53.71 -21.65
C MET F 731 24.49 -53.19 -21.63
N ALA F 732 25.09 -53.02 -22.79
CA ALA F 732 26.40 -52.41 -22.87
C ALA F 732 26.36 -51.31 -23.91
N GLY F 733 27.55 -50.78 -24.22
CA GLY F 733 27.66 -49.39 -24.65
C GLY F 733 27.03 -49.09 -25.99
N ALA F 734 27.61 -49.59 -27.08
CA ALA F 734 27.15 -49.16 -28.38
C ALA F 734 26.89 -50.36 -29.27
N ARG F 735 26.26 -50.09 -30.41
CA ARG F 735 25.95 -51.13 -31.36
C ARG F 735 27.19 -51.44 -32.20
N LEU F 736 27.20 -52.62 -32.80
CA LEU F 736 28.31 -53.01 -33.67
C LEU F 736 28.33 -52.15 -34.92
N GLY F 737 29.52 -51.73 -35.33
CA GLY F 737 29.65 -50.91 -36.49
C GLY F 737 29.44 -49.42 -36.26
N SER F 738 28.99 -49.04 -35.06
CA SER F 738 28.83 -47.64 -34.74
C SER F 738 30.19 -46.97 -34.63
N ASN F 739 30.20 -45.65 -34.82
CA ASN F 739 31.44 -44.90 -34.65
C ASN F 739 31.76 -44.73 -33.18
N THR F 740 30.75 -44.87 -32.32
CA THR F 740 31.00 -44.79 -30.89
C THR F 740 31.71 -46.03 -30.38
N LEU F 741 31.33 -47.20 -30.88
CA LEU F 741 31.97 -48.43 -30.47
C LEU F 741 33.36 -48.55 -31.09
N ARG F 742 34.38 -48.52 -30.24
CA ARG F 742 35.76 -48.49 -30.68
C ARG F 742 36.51 -49.62 -29.97
N ALA F 743 37.63 -50.03 -30.56
CA ALA F 743 38.41 -51.10 -29.95
C ALA F 743 39.25 -50.57 -28.80
N GLY F 744 39.40 -49.25 -28.69
CA GLY F 744 39.56 -48.67 -27.37
C GLY F 744 39.37 -47.17 -27.41
N ARG F 745 38.29 -46.77 -26.76
CA ARG F 745 37.75 -45.45 -26.49
C ARG F 745 36.65 -45.76 -25.49
N LEU F 746 35.74 -44.84 -25.23
CA LEU F 746 34.55 -45.14 -24.46
C LEU F 746 33.55 -45.95 -25.27
N ASN F 747 32.67 -46.65 -24.55
CA ASN F 747 31.51 -47.33 -25.12
C ASN F 747 30.26 -46.70 -24.56
N LEU F 748 29.68 -45.75 -25.28
CA LEU F 748 28.57 -45.01 -24.69
C LEU F 748 27.24 -45.23 -25.41
N GLY F 749 27.13 -44.93 -26.69
CA GLY F 749 25.89 -45.21 -27.37
C GLY F 749 24.78 -44.20 -27.10
N THR F 750 23.71 -44.35 -27.89
CA THR F 750 22.55 -43.48 -27.85
C THR F 750 21.32 -44.36 -28.02
N GLY F 751 20.17 -43.98 -27.47
CA GLY F 751 19.00 -44.83 -27.42
C GLY F 751 18.37 -45.01 -28.80
N GLN F 752 17.32 -45.83 -28.84
CA GLN F 752 16.65 -46.44 -27.69
C GLN F 752 17.14 -47.83 -27.39
N TYR F 753 16.45 -48.50 -26.47
CA TYR F 753 16.68 -49.91 -26.19
C TYR F 753 15.36 -50.56 -25.80
N ARG F 754 14.97 -51.60 -26.53
CA ARG F 754 13.70 -52.28 -26.33
C ARG F 754 13.96 -53.63 -25.70
N PHE F 755 13.13 -54.01 -24.74
CA PHE F 755 13.34 -55.20 -23.94
C PHE F 755 12.00 -55.68 -23.40
N PRO F 756 11.73 -56.98 -23.46
CA PRO F 756 10.41 -57.51 -23.10
C PRO F 756 10.09 -57.44 -21.62
N VAL F 757 9.02 -56.76 -21.25
CA VAL F 757 8.44 -56.84 -19.91
C VAL F 757 7.10 -57.55 -20.05
N VAL F 758 7.12 -58.86 -19.94
CA VAL F 758 5.98 -59.69 -20.27
C VAL F 758 5.21 -59.99 -19.01
N GLY F 759 3.93 -59.69 -19.01
CA GLY F 759 3.07 -60.09 -17.92
C GLY F 759 2.09 -59.01 -17.57
N ASN F 760 1.45 -59.19 -16.42
CA ASN F 760 0.46 -58.23 -15.95
C ASN F 760 1.17 -56.97 -15.46
N ALA F 761 0.45 -55.85 -15.49
CA ALA F 761 1.03 -54.58 -15.06
C ALA F 761 1.15 -54.49 -13.55
N LYS F 762 0.22 -55.07 -12.81
CA LYS F 762 0.21 -55.00 -11.36
C LYS F 762 1.34 -55.81 -10.72
N PHE F 763 2.03 -56.65 -11.48
CA PHE F 763 3.00 -57.56 -10.92
C PHE F 763 4.42 -57.35 -11.42
N ASN F 764 4.62 -56.70 -12.55
CA ASN F 764 5.96 -56.48 -13.07
C ASN F 764 6.57 -55.22 -12.47
N THR F 765 7.73 -55.35 -11.85
CA THR F 765 8.47 -54.25 -11.25
C THR F 765 9.81 -54.14 -11.96
N VAL F 766 9.89 -53.28 -12.96
CA VAL F 766 11.15 -53.07 -13.66
C VAL F 766 12.04 -52.17 -12.82
N TYR F 767 13.32 -52.54 -12.68
CA TYR F 767 14.25 -51.69 -11.98
C TYR F 767 15.65 -51.83 -12.53
N ILE F 768 16.46 -50.81 -12.28
CA ILE F 768 17.78 -50.67 -12.89
C ILE F 768 18.79 -50.58 -11.75
N LEU F 769 19.34 -51.72 -11.35
CA LEU F 769 20.62 -51.74 -10.67
C LEU F 769 21.72 -51.80 -11.70
N SER F 770 22.86 -51.16 -11.43
CA SER F 770 23.97 -51.65 -12.23
C SER F 770 25.18 -52.11 -11.42
N ASP F 771 26.04 -51.11 -11.14
CA ASP F 771 27.31 -51.02 -10.44
C ASP F 771 27.77 -49.72 -11.08
N GLU F 772 29.01 -49.27 -10.88
CA GLU F 772 30.02 -49.28 -11.97
C GLU F 772 31.11 -48.24 -11.82
N THR F 773 32.03 -48.29 -12.78
CA THR F 773 32.89 -47.17 -13.05
C THR F 773 32.44 -46.36 -14.27
N THR F 774 31.17 -46.45 -14.67
CA THR F 774 30.71 -45.91 -15.95
C THR F 774 29.39 -45.15 -15.77
N PRO F 775 29.19 -43.98 -16.44
CA PRO F 775 27.93 -43.24 -16.27
C PRO F 775 26.69 -43.93 -16.81
N LEU F 776 25.54 -43.28 -16.69
CA LEU F 776 24.40 -43.61 -17.53
C LEU F 776 23.54 -42.38 -17.68
N ASN F 777 22.67 -42.42 -18.67
CA ASN F 777 21.64 -41.41 -18.87
C ASN F 777 20.36 -42.14 -19.20
N ILE F 778 19.23 -41.70 -18.64
CA ILE F 778 17.93 -42.24 -19.00
C ILE F 778 17.03 -41.06 -19.35
N ILE F 779 16.59 -40.99 -20.60
CA ILE F 779 15.82 -39.83 -21.01
C ILE F 779 14.35 -40.08 -20.77
N GLY F 780 13.80 -41.10 -21.44
CA GLY F 780 12.41 -41.43 -21.30
C GLY F 780 12.24 -42.92 -21.17
N CYS F 781 11.02 -43.34 -20.91
CA CYS F 781 10.68 -44.75 -20.86
C CYS F 781 9.29 -44.93 -21.44
N GLY F 782 9.13 -45.87 -22.35
CA GLY F 782 7.83 -46.21 -22.88
C GLY F 782 7.43 -47.60 -22.42
N TRP F 783 6.24 -48.01 -22.86
CA TRP F 783 5.78 -49.38 -22.76
C TRP F 783 4.64 -49.54 -23.74
N GLU F 784 4.45 -50.77 -24.22
CA GLU F 784 3.25 -51.08 -24.96
C GLU F 784 2.58 -52.27 -24.29
N GLY F 785 1.47 -52.71 -24.86
CA GLY F 785 0.78 -53.82 -24.27
C GLY F 785 -0.69 -53.85 -24.58
N ASN F 786 -1.26 -55.05 -24.58
CA ASN F 786 -2.69 -55.23 -24.81
C ASN F 786 -3.45 -54.69 -23.61
N TYR F 787 -4.46 -53.88 -23.87
CA TYR F 787 -5.36 -53.41 -22.82
C TYR F 787 -6.78 -53.82 -23.16
N LEU F 788 -7.47 -54.41 -22.20
CA LEU F 788 -8.83 -54.86 -22.43
C LEU F 788 -9.60 -54.69 -21.13
N ARG F 789 -10.33 -53.60 -21.01
CA ARG F 789 -11.29 -53.44 -19.94
C ARG F 789 -12.66 -53.86 -20.46
N ARG F 790 -13.25 -54.86 -19.81
CA ARG F 790 -14.52 -55.39 -20.29
C ARG F 790 -15.65 -54.41 -20.04
N SER F 791 -15.75 -53.96 -18.79
CA SER F 791 -16.77 -53.01 -18.35
C SER F 791 -16.43 -51.63 -18.90
N SER F 792 -17.07 -51.26 -20.00
CA SER F 792 -16.81 -49.98 -20.64
C SER F 792 -17.28 -48.85 -19.73
N GLY F 793 -16.34 -48.19 -19.09
CA GLY F 793 -16.64 -47.36 -17.95
C GLY F 793 -17.28 -46.03 -18.31
N ILE F 794 -17.61 -45.30 -17.24
CA ILE F 794 -18.21 -43.96 -17.26
C ILE F 794 -19.51 -43.91 -18.03
#